data_9KMD
#
_entry.id   9KMD
#
_cell.length_a   1.00
_cell.length_b   1.00
_cell.length_c   1.00
_cell.angle_alpha   90.00
_cell.angle_beta   90.00
_cell.angle_gamma   90.00
#
_symmetry.space_group_name_H-M   'P 1'
#
loop_
_entity.id
_entity.type
_entity.pdbx_description
1 polymer 'Outer mitochondrial transmembrane helix translocase'
2 polymer 'An unknown peptide substrate'
3 non-polymer "ADENOSINE-5'-TRIPHOSPHATE"
4 non-polymer 'MAGNESIUM ION'
#
loop_
_entity_poly.entity_id
_entity_poly.type
_entity_poly.pdbx_seq_one_letter_code
_entity_poly.pdbx_strand_id
1 'polypeptide(L)'
;DVESGPLSGKSRESKAKQSLQWEKLVKRSPALAEVTLDAYERTILSSIVTPDEINITFQDIGGLDPLISDLHESVIYPLM
MPEVYSNSPLLQAPSGVLLYGPPGCGKTMLAKALAKESGANFISIRMSSIMDKWYGESNKIVDAMFSLANKLQPCIIFID
QIDSFLRERSSTDHEVTATLKAEFMTLWDGLLNNGRVMIIGATNRINDIDDAFLRRLPKRFLVSLPGSDQRYKILSVLLK
DTKLDEDEFDLQLIADNTKGFSGSDLKELCREAALDAAKEYIKQKRQLIDSGTIDVNDTSSLKIRPLKTKDFTKKLRMDA
TSTLSSQPLD
;
A,B,C,D,E,F,G,H,I
2 'polypeptide(L)'
;(UNK)(UNK)(UNK)(UNK)(UNK)(UNK)(UNK)(UNK)(UNK)(UNK)(UNK)(UNK)(UNK)(UNK)(UNK)(UNK)
(UNK)(UNK)(UNK)(UNK)
;
J
#
loop_
_chem_comp.id
_chem_comp.type
_chem_comp.name
_chem_comp.formula
ATP non-polymer ADENOSINE-5'-TRIPHOSPHATE 'C10 H16 N5 O13 P3'
MG non-polymer 'MAGNESIUM ION' 'Mg 2'
#
# COMPACT_ATOMS: atom_id res chain seq x y z
N LEU A 7 -10.19 -12.81 -4.90
CA LEU A 7 -9.69 -13.52 -6.07
C LEU A 7 -9.66 -15.02 -5.79
N SER A 8 -10.03 -15.81 -6.80
CA SER A 8 -10.08 -17.27 -6.69
C SER A 8 -8.74 -17.93 -6.97
N GLY A 9 -7.72 -17.17 -7.34
CA GLY A 9 -6.42 -17.74 -7.66
C GLY A 9 -5.56 -18.11 -6.47
N LYS A 10 -6.04 -17.90 -5.25
CA LYS A 10 -5.28 -18.27 -4.07
C LYS A 10 -5.35 -19.77 -3.79
N SER A 11 -6.42 -20.44 -4.22
CA SER A 11 -6.61 -21.85 -3.92
C SER A 11 -5.62 -22.71 -4.70
N ARG A 12 -5.07 -23.73 -4.03
CA ARG A 12 -4.12 -24.62 -4.67
C ARG A 12 -4.77 -25.40 -5.82
N GLU A 13 -5.99 -25.88 -5.59
CA GLU A 13 -6.71 -26.61 -6.64
C GLU A 13 -7.03 -25.71 -7.82
N SER A 14 -7.39 -24.45 -7.55
CA SER A 14 -7.65 -23.51 -8.63
C SER A 14 -6.39 -23.23 -9.44
N LYS A 15 -5.25 -23.07 -8.77
CA LYS A 15 -3.99 -22.87 -9.48
C LYS A 15 -3.64 -24.08 -10.34
N ALA A 16 -3.85 -25.29 -9.80
CA ALA A 16 -3.60 -26.50 -10.58
C ALA A 16 -4.50 -26.57 -11.81
N LYS A 17 -5.78 -26.21 -11.65
CA LYS A 17 -6.69 -26.22 -12.78
C LYS A 17 -6.29 -25.18 -13.82
N GLN A 18 -5.87 -24.00 -13.38
CA GLN A 18 -5.41 -22.97 -14.31
C GLN A 18 -4.20 -23.43 -15.09
N SER A 19 -3.25 -24.09 -14.41
CA SER A 19 -2.08 -24.62 -15.11
C SER A 19 -2.46 -25.68 -16.12
N LEU A 20 -3.39 -26.57 -15.76
CA LEU A 20 -3.83 -27.60 -16.69
C LEU A 20 -4.52 -27.01 -17.91
N GLN A 21 -5.41 -26.04 -17.70
CA GLN A 21 -6.09 -25.39 -18.83
C GLN A 21 -5.11 -24.64 -19.71
N TRP A 22 -4.15 -23.94 -19.10
CA TRP A 22 -3.16 -23.22 -19.89
C TRP A 22 -2.31 -24.18 -20.72
N GLU A 23 -1.93 -25.32 -20.15
CA GLU A 23 -1.15 -26.29 -20.90
C GLU A 23 -1.96 -26.88 -22.04
N LYS A 24 -3.26 -27.11 -21.82
CA LYS A 24 -4.11 -27.58 -22.91
C LYS A 24 -4.22 -26.55 -24.03
N LEU A 25 -4.34 -25.27 -23.67
CA LEU A 25 -4.39 -24.22 -24.68
C LEU A 25 -3.09 -24.10 -25.45
N VAL A 26 -1.95 -24.20 -24.75
CA VAL A 26 -0.65 -24.09 -25.40
C VAL A 26 -0.41 -25.29 -26.31
N LYS A 27 -0.86 -26.48 -25.90
CA LYS A 27 -0.78 -27.65 -26.76
C LYS A 27 -1.64 -27.48 -27.99
N ARG A 28 -2.84 -26.89 -27.83
CA ARG A 28 -3.70 -26.64 -28.97
C ARG A 28 -3.10 -25.59 -29.90
N SER A 29 -2.65 -24.48 -29.34
CA SER A 29 -2.04 -23.38 -30.12
C SER A 29 -0.63 -23.15 -29.63
N PRO A 30 0.40 -23.63 -30.34
CA PRO A 30 1.78 -23.43 -29.88
C PRO A 30 2.21 -21.97 -29.86
N ALA A 31 1.52 -21.08 -30.57
CA ALA A 31 1.85 -19.67 -30.54
C ALA A 31 1.50 -18.99 -29.21
N LEU A 32 0.77 -19.68 -28.33
CA LEU A 32 0.39 -19.12 -27.05
C LEU A 32 1.49 -19.23 -26.01
N ALA A 33 2.62 -19.86 -26.33
CA ALA A 33 3.70 -20.01 -25.36
C ALA A 33 4.29 -18.66 -24.97
N GLU A 34 4.47 -17.77 -25.94
CA GLU A 34 5.05 -16.46 -25.69
C GLU A 34 4.06 -15.48 -25.08
N VAL A 35 2.78 -15.83 -24.99
CA VAL A 35 1.76 -14.94 -24.47
C VAL A 35 1.83 -14.94 -22.95
N THR A 36 1.93 -13.74 -22.36
CA THR A 36 1.91 -13.57 -20.92
C THR A 36 0.51 -13.15 -20.47
N LEU A 37 0.15 -13.52 -19.25
CA LEU A 37 -1.18 -13.27 -18.73
C LEU A 37 -1.10 -12.53 -17.40
N ASP A 38 -2.10 -11.68 -17.17
CA ASP A 38 -2.28 -11.04 -15.88
C ASP A 38 -2.79 -12.06 -14.87
N ALA A 39 -2.79 -11.66 -13.60
CA ALA A 39 -3.33 -12.52 -12.55
C ALA A 39 -4.83 -12.75 -12.75
N TYR A 40 -5.57 -11.70 -13.07
CA TYR A 40 -7.01 -11.83 -13.26
C TYR A 40 -7.33 -12.69 -14.48
N GLU A 41 -6.55 -12.56 -15.55
CA GLU A 41 -6.68 -13.47 -16.68
C GLU A 41 -6.35 -14.89 -16.29
N ARG A 42 -5.40 -15.08 -15.36
CA ARG A 42 -5.11 -16.42 -14.87
C ARG A 42 -6.31 -17.00 -14.14
N THR A 43 -7.02 -16.19 -13.36
CA THR A 43 -8.25 -16.70 -12.72
C THR A 43 -9.33 -17.00 -13.77
N ILE A 44 -9.41 -16.18 -14.83
CA ILE A 44 -10.36 -16.48 -15.90
C ILE A 44 -10.00 -17.77 -16.61
N LEU A 45 -8.72 -18.13 -16.62
CA LEU A 45 -8.25 -19.36 -17.25
C LEU A 45 -8.88 -20.61 -16.64
N SER A 46 -9.38 -20.52 -15.41
CA SER A 46 -10.04 -21.66 -14.79
C SER A 46 -11.38 -21.97 -15.42
N SER A 47 -11.98 -21.03 -16.12
CA SER A 47 -13.29 -21.21 -16.74
C SER A 47 -13.20 -21.66 -18.19
N ILE A 48 -12.00 -21.93 -18.70
CA ILE A 48 -11.81 -22.21 -20.12
C ILE A 48 -12.11 -23.68 -20.39
N VAL A 49 -12.95 -23.93 -21.38
CA VAL A 49 -13.38 -25.29 -21.73
C VAL A 49 -12.62 -25.67 -23.00
N THR A 50 -11.48 -26.31 -22.82
CA THR A 50 -10.70 -26.81 -23.94
C THR A 50 -11.37 -28.06 -24.52
N PRO A 51 -10.96 -28.47 -25.74
CA PRO A 51 -11.41 -29.78 -26.26
C PRO A 51 -10.96 -30.95 -25.41
N ASP A 52 -11.35 -32.16 -25.81
CA ASP A 52 -11.14 -33.44 -25.12
C ASP A 52 -11.70 -33.44 -23.70
N GLU A 53 -12.55 -32.46 -23.39
CA GLU A 53 -13.39 -32.48 -22.21
C GLU A 53 -14.86 -32.64 -22.54
N ILE A 54 -15.25 -32.34 -23.78
CA ILE A 54 -16.64 -32.38 -24.23
C ILE A 54 -16.83 -33.63 -25.08
N ASN A 55 -17.84 -34.42 -24.75
CA ASN A 55 -18.18 -35.62 -25.49
C ASN A 55 -19.24 -35.39 -26.55
N ILE A 56 -19.65 -34.14 -26.76
CA ILE A 56 -20.72 -33.81 -27.69
C ILE A 56 -20.11 -33.35 -29.00
N THR A 57 -20.49 -34.01 -30.09
CA THR A 57 -20.04 -33.65 -31.43
C THR A 57 -21.24 -33.10 -32.19
N PHE A 58 -20.95 -32.43 -33.32
CA PHE A 58 -22.03 -31.91 -34.16
C PHE A 58 -22.89 -33.01 -34.75
N GLN A 59 -22.33 -34.22 -34.91
CA GLN A 59 -23.11 -35.36 -35.36
C GLN A 59 -23.96 -35.97 -34.27
N ASP A 60 -23.82 -35.51 -33.03
CA ASP A 60 -24.63 -36.03 -31.91
C ASP A 60 -25.90 -35.22 -31.73
N ILE A 61 -26.09 -34.19 -32.54
CA ILE A 61 -27.28 -33.35 -32.46
C ILE A 61 -28.18 -33.68 -33.64
N GLY A 62 -29.43 -34.01 -33.36
CA GLY A 62 -30.37 -34.34 -34.41
C GLY A 62 -31.43 -33.26 -34.62
N GLY A 63 -32.08 -33.30 -35.76
CA GLY A 63 -33.15 -32.34 -36.06
C GLY A 63 -32.70 -30.99 -36.57
N LEU A 64 -31.80 -30.32 -35.85
CA LEU A 64 -31.37 -28.97 -36.17
C LEU A 64 -30.14 -28.96 -37.08
N ASP A 65 -29.97 -29.98 -37.92
CA ASP A 65 -28.86 -30.00 -38.87
C ASP A 65 -28.87 -28.82 -39.84
N PRO A 66 -30.00 -28.35 -40.39
CA PRO A 66 -29.95 -27.07 -41.13
C PRO A 66 -29.47 -25.91 -40.28
N LEU A 67 -29.87 -25.84 -39.01
CA LEU A 67 -29.36 -24.79 -38.14
C LEU A 67 -27.87 -25.01 -37.86
N ILE A 68 -27.44 -26.27 -37.80
CA ILE A 68 -26.02 -26.57 -37.62
C ILE A 68 -25.22 -26.06 -38.82
N SER A 69 -25.70 -26.31 -40.03
CA SER A 69 -25.00 -25.84 -41.22
C SER A 69 -25.02 -24.32 -41.34
N ASP A 70 -26.15 -23.69 -41.00
CA ASP A 70 -26.21 -22.23 -41.00
C ASP A 70 -25.26 -21.64 -39.97
N LEU A 71 -25.23 -22.22 -38.78
CA LEU A 71 -24.30 -21.77 -37.73
C LEU A 71 -22.87 -21.93 -38.18
N HIS A 72 -22.55 -23.05 -38.82
CA HIS A 72 -21.22 -23.26 -39.39
C HIS A 72 -20.87 -22.14 -40.36
N GLU A 73 -21.65 -22.03 -41.44
CA GLU A 73 -21.34 -21.10 -42.54
C GLU A 73 -21.41 -19.64 -42.13
N SER A 74 -22.09 -19.30 -41.04
CA SER A 74 -22.20 -17.91 -40.64
C SER A 74 -21.37 -17.56 -39.41
N VAL A 75 -20.82 -18.56 -38.70
CA VAL A 75 -20.13 -18.29 -37.45
C VAL A 75 -18.74 -18.91 -37.47
N ILE A 76 -18.66 -20.22 -37.72
CA ILE A 76 -17.43 -20.95 -37.46
C ILE A 76 -16.40 -20.66 -38.55
N TYR A 77 -16.79 -20.87 -39.81
CA TYR A 77 -15.90 -20.55 -40.92
C TYR A 77 -15.53 -19.06 -41.00
N PRO A 78 -16.45 -18.08 -40.80
CA PRO A 78 -15.99 -16.68 -40.75
C PRO A 78 -15.00 -16.40 -39.63
N LEU A 79 -15.11 -17.11 -38.50
CA LEU A 79 -14.21 -16.88 -37.38
C LEU A 79 -12.91 -17.67 -37.53
N MET A 80 -13.01 -18.96 -37.84
CA MET A 80 -11.85 -19.84 -37.87
C MET A 80 -11.10 -19.84 -39.20
N MET A 81 -11.68 -19.29 -40.26
CA MET A 81 -11.00 -19.17 -41.56
C MET A 81 -11.09 -17.73 -42.03
N PRO A 82 -10.32 -16.82 -41.43
CA PRO A 82 -10.35 -15.43 -41.89
C PRO A 82 -9.69 -15.23 -43.25
N GLU A 83 -8.85 -16.17 -43.70
CA GLU A 83 -8.21 -16.02 -45.00
C GLU A 83 -9.22 -16.14 -46.14
N VAL A 84 -10.17 -17.07 -46.02
CA VAL A 84 -11.20 -17.21 -47.05
C VAL A 84 -12.09 -15.98 -47.08
N TYR A 85 -12.46 -15.45 -45.92
CA TYR A 85 -13.42 -14.37 -45.80
C TYR A 85 -12.75 -12.99 -45.79
N SER A 86 -11.44 -12.91 -45.99
CA SER A 86 -10.72 -11.66 -45.86
C SER A 86 -10.81 -10.78 -47.09
N ASN A 87 -11.45 -11.24 -48.17
CA ASN A 87 -11.57 -10.42 -49.37
C ASN A 87 -12.43 -9.19 -49.11
N SER A 88 -13.50 -9.35 -48.35
CA SER A 88 -14.42 -8.26 -48.04
C SER A 88 -14.41 -7.96 -46.55
N PRO A 89 -14.57 -6.70 -46.16
CA PRO A 89 -14.65 -6.36 -44.73
C PRO A 89 -16.02 -6.58 -44.12
N LEU A 90 -17.00 -7.07 -44.88
CA LEU A 90 -18.31 -7.40 -44.36
C LEU A 90 -18.48 -8.88 -44.05
N LEU A 91 -17.44 -9.69 -44.28
CA LEU A 91 -17.54 -11.13 -44.14
C LEU A 91 -17.03 -11.63 -42.80
N GLN A 92 -16.74 -10.73 -41.85
CA GLN A 92 -16.22 -11.16 -40.57
C GLN A 92 -17.31 -11.84 -39.74
N ALA A 93 -16.86 -12.52 -38.69
CA ALA A 93 -17.75 -13.26 -37.82
C ALA A 93 -18.62 -12.29 -37.02
N PRO A 94 -19.80 -12.74 -36.58
CA PRO A 94 -20.63 -11.87 -35.73
C PRO A 94 -19.95 -11.58 -34.40
N SER A 95 -20.20 -10.38 -33.88
CA SER A 95 -19.68 -10.02 -32.57
C SER A 95 -20.35 -10.83 -31.47
N GLY A 96 -21.58 -11.26 -31.69
CA GLY A 96 -22.28 -12.07 -30.72
C GLY A 96 -23.22 -13.03 -31.41
N VAL A 97 -23.53 -14.13 -30.73
CA VAL A 97 -24.42 -15.15 -31.25
C VAL A 97 -25.37 -15.55 -30.13
N LEU A 98 -26.66 -15.65 -30.47
CA LEU A 98 -27.70 -15.96 -29.50
C LEU A 98 -28.39 -17.26 -29.88
N LEU A 99 -28.57 -18.13 -28.90
CA LEU A 99 -29.39 -19.33 -29.03
C LEU A 99 -30.57 -19.18 -28.07
N TYR A 100 -31.77 -19.11 -28.61
CA TYR A 100 -32.97 -18.87 -27.81
C TYR A 100 -34.08 -19.80 -28.26
N GLY A 101 -35.01 -20.04 -27.34
CA GLY A 101 -36.14 -20.91 -27.59
C GLY A 101 -36.69 -21.48 -26.31
N PRO A 102 -37.33 -22.65 -26.40
CA PRO A 102 -37.81 -23.33 -25.19
C PRO A 102 -36.73 -24.19 -24.57
N PRO A 103 -36.86 -24.53 -23.29
CA PRO A 103 -35.84 -25.36 -22.64
C PRO A 103 -35.81 -26.78 -23.20
N GLY A 104 -34.62 -27.38 -23.15
CA GLY A 104 -34.45 -28.75 -23.56
C GLY A 104 -34.44 -28.98 -25.06
N CYS A 105 -34.09 -27.98 -25.85
CA CYS A 105 -34.07 -28.12 -27.30
C CYS A 105 -32.67 -28.27 -27.89
N GLY A 106 -31.64 -28.33 -27.05
CA GLY A 106 -30.29 -28.58 -27.53
C GLY A 106 -29.40 -27.37 -27.66
N LYS A 107 -29.74 -26.25 -27.02
CA LYS A 107 -28.87 -25.08 -27.06
C LYS A 107 -27.54 -25.37 -26.36
N THR A 108 -27.59 -26.05 -25.22
CA THR A 108 -26.36 -26.37 -24.50
C THR A 108 -25.49 -27.34 -25.28
N MET A 109 -26.10 -28.33 -25.96
CA MET A 109 -25.31 -29.15 -26.86
C MET A 109 -24.76 -28.37 -28.04
N LEU A 110 -25.48 -27.35 -28.50
CA LEU A 110 -24.94 -26.55 -29.59
C LEU A 110 -23.69 -25.82 -29.14
N ALA A 111 -23.72 -25.28 -27.92
CA ALA A 111 -22.51 -24.68 -27.34
C ALA A 111 -21.40 -25.71 -27.14
N LYS A 112 -21.76 -26.92 -26.69
CA LYS A 112 -20.76 -27.95 -26.44
C LYS A 112 -20.10 -28.42 -27.73
N ALA A 113 -20.88 -28.61 -28.79
CA ALA A 113 -20.34 -29.01 -30.08
C ALA A 113 -19.52 -27.89 -30.68
N LEU A 114 -19.92 -26.64 -30.43
CA LEU A 114 -19.09 -25.50 -30.84
C LEU A 114 -17.76 -25.51 -30.10
N ALA A 115 -17.78 -25.83 -28.80
CA ALA A 115 -16.55 -25.90 -28.02
C ALA A 115 -15.63 -27.01 -28.52
N LYS A 116 -16.20 -28.17 -28.86
CA LYS A 116 -15.38 -29.30 -29.26
C LYS A 116 -14.89 -29.18 -30.70
N GLU A 117 -15.72 -28.64 -31.60
CA GLU A 117 -15.50 -28.80 -33.02
C GLU A 117 -15.06 -27.55 -33.76
N SER A 118 -15.39 -26.36 -33.26
CA SER A 118 -15.04 -25.13 -33.98
C SER A 118 -13.53 -24.94 -34.07
N GLY A 119 -12.82 -25.19 -32.97
CA GLY A 119 -11.39 -24.96 -32.91
C GLY A 119 -10.99 -23.69 -32.23
N ALA A 120 -11.95 -22.84 -31.85
CA ALA A 120 -11.65 -21.65 -31.09
C ALA A 120 -11.59 -21.96 -29.60
N ASN A 121 -10.77 -21.19 -28.89
CA ASN A 121 -10.71 -21.31 -27.44
C ASN A 121 -12.05 -20.93 -26.83
N PHE A 122 -12.50 -21.73 -25.87
CA PHE A 122 -13.85 -21.62 -25.33
C PHE A 122 -13.76 -21.19 -23.87
N ILE A 123 -14.46 -20.11 -23.53
CA ILE A 123 -14.56 -19.63 -22.16
C ILE A 123 -16.02 -19.72 -21.76
N SER A 124 -16.30 -20.53 -20.74
CA SER A 124 -17.65 -20.66 -20.21
C SER A 124 -17.68 -19.99 -18.85
N ILE A 125 -18.30 -18.81 -18.78
CA ILE A 125 -18.35 -18.04 -17.55
C ILE A 125 -19.75 -18.12 -16.98
N ARG A 126 -19.91 -17.63 -15.75
CA ARG A 126 -21.18 -17.66 -15.05
C ARG A 126 -21.24 -16.49 -14.10
N MET A 127 -22.44 -16.15 -13.65
CA MET A 127 -22.59 -15.06 -12.71
C MET A 127 -21.90 -15.43 -11.39
N SER A 128 -22.03 -16.69 -10.98
CA SER A 128 -21.39 -17.10 -9.73
C SER A 128 -19.88 -17.01 -9.83
N SER A 129 -19.31 -17.32 -10.99
CA SER A 129 -17.87 -17.25 -11.19
C SER A 129 -17.39 -15.88 -11.61
N ILE A 130 -18.27 -14.88 -11.65
CA ILE A 130 -17.87 -13.53 -12.04
C ILE A 130 -18.03 -12.52 -10.90
N MET A 131 -18.85 -12.80 -9.90
CA MET A 131 -19.05 -11.89 -8.79
C MET A 131 -17.99 -12.12 -7.71
N ASP A 132 -17.47 -11.04 -7.17
CA ASP A 132 -16.44 -11.09 -6.15
C ASP A 132 -16.87 -10.25 -4.96
N LYS A 133 -16.29 -10.58 -3.80
CA LYS A 133 -16.67 -9.91 -2.56
C LYS A 133 -16.08 -8.51 -2.45
N TRP A 134 -14.87 -8.32 -2.95
CA TRP A 134 -14.22 -7.03 -2.79
C TRP A 134 -14.74 -6.03 -3.83
N TYR A 135 -14.47 -4.75 -3.58
CA TYR A 135 -14.97 -3.69 -4.43
C TYR A 135 -14.14 -3.57 -5.70
N GLY A 136 -14.81 -3.56 -6.84
CA GLY A 136 -14.16 -3.36 -8.11
C GLY A 136 -13.51 -4.58 -8.71
N GLU A 137 -13.58 -5.73 -8.03
CA GLU A 137 -12.94 -6.93 -8.56
C GLU A 137 -13.76 -7.58 -9.66
N SER A 138 -15.08 -7.42 -9.63
CA SER A 138 -15.92 -7.98 -10.69
C SER A 138 -15.66 -7.31 -12.03
N ASN A 139 -15.51 -5.98 -12.02
CA ASN A 139 -15.22 -5.27 -13.26
C ASN A 139 -13.84 -5.63 -13.79
N LYS A 140 -12.85 -5.76 -12.90
CA LYS A 140 -11.52 -6.17 -13.33
C LYS A 140 -11.54 -7.59 -13.88
N ILE A 141 -12.36 -8.45 -13.29
CA ILE A 141 -12.49 -9.82 -13.76
C ILE A 141 -13.11 -9.86 -15.17
N VAL A 142 -14.14 -9.03 -15.40
CA VAL A 142 -14.75 -8.95 -16.72
C VAL A 142 -13.76 -8.40 -17.75
N ASP A 143 -13.02 -7.36 -17.36
CA ASP A 143 -12.01 -6.79 -18.26
C ASP A 143 -10.93 -7.81 -18.58
N ALA A 144 -10.53 -8.61 -17.59
CA ALA A 144 -9.56 -9.66 -17.83
C ALA A 144 -10.12 -10.76 -18.72
N MET A 145 -11.41 -11.03 -18.61
CA MET A 145 -12.02 -12.02 -19.49
C MET A 145 -11.91 -11.56 -20.93
N PHE A 146 -12.24 -10.29 -21.17
CA PHE A 146 -12.21 -9.78 -22.54
C PHE A 146 -10.78 -9.67 -23.05
N SER A 147 -9.84 -9.25 -22.19
CA SER A 147 -8.45 -9.17 -22.62
C SER A 147 -7.86 -10.55 -22.89
N LEU A 148 -8.25 -11.55 -22.11
CA LEU A 148 -7.80 -12.92 -22.35
C LEU A 148 -8.37 -13.45 -23.65
N ALA A 149 -9.65 -13.21 -23.90
CA ALA A 149 -10.26 -13.66 -25.14
C ALA A 149 -9.61 -12.97 -26.34
N ASN A 150 -9.16 -11.73 -26.15
CA ASN A 150 -8.39 -11.08 -27.21
C ASN A 150 -7.02 -11.73 -27.37
N LYS A 151 -6.40 -12.12 -26.25
CA LYS A 151 -5.07 -12.74 -26.32
C LYS A 151 -5.13 -14.09 -27.02
N LEU A 152 -6.13 -14.92 -26.70
CA LEU A 152 -6.39 -16.14 -27.44
C LEU A 152 -7.28 -15.77 -28.61
N GLN A 153 -6.63 -15.30 -29.69
CA GLN A 153 -7.30 -14.48 -30.70
C GLN A 153 -8.57 -15.08 -31.28
N PRO A 154 -8.63 -16.37 -31.70
CA PRO A 154 -9.94 -16.98 -31.95
C PRO A 154 -10.52 -17.51 -30.64
N CYS A 155 -11.52 -16.82 -30.12
CA CYS A 155 -12.09 -17.18 -28.82
C CYS A 155 -13.60 -17.05 -28.85
N ILE A 156 -14.28 -17.99 -28.21
CA ILE A 156 -15.73 -17.97 -28.06
C ILE A 156 -16.04 -17.97 -26.58
N ILE A 157 -16.62 -16.88 -26.10
CA ILE A 157 -17.02 -16.75 -24.70
C ILE A 157 -18.47 -17.21 -24.59
N PHE A 158 -18.72 -18.16 -23.70
CA PHE A 158 -20.05 -18.72 -23.52
C PHE A 158 -20.66 -18.24 -22.21
N ILE A 159 -21.91 -17.81 -22.27
CA ILE A 159 -22.67 -17.44 -21.07
C ILE A 159 -23.96 -18.26 -21.11
N ASP A 160 -23.95 -19.40 -20.42
CA ASP A 160 -25.18 -20.18 -20.28
C ASP A 160 -26.15 -19.43 -19.39
N GLN A 161 -27.44 -19.49 -19.76
CA GLN A 161 -28.50 -18.72 -19.12
C GLN A 161 -28.16 -17.23 -19.14
N ILE A 162 -27.98 -16.72 -20.36
CA ILE A 162 -27.56 -15.33 -20.56
C ILE A 162 -28.65 -14.33 -20.23
N ASP A 163 -29.89 -14.79 -20.03
CA ASP A 163 -30.95 -13.87 -19.61
C ASP A 163 -30.66 -13.28 -18.25
N SER A 164 -30.15 -14.09 -17.32
CA SER A 164 -29.84 -13.60 -15.98
C SER A 164 -28.58 -12.73 -15.98
N PHE A 165 -27.58 -13.12 -16.76
CA PHE A 165 -26.33 -12.34 -16.80
C PHE A 165 -26.54 -11.01 -17.49
N LEU A 166 -27.41 -10.96 -18.51
CA LEU A 166 -27.65 -9.75 -19.27
C LEU A 166 -29.09 -9.27 -19.09
N ARG A 167 -29.55 -9.25 -17.84
CA ARG A 167 -30.91 -8.80 -17.55
C ARG A 167 -31.10 -7.35 -17.95
N GLU A 168 -32.34 -6.99 -18.25
CA GLU A 168 -32.66 -5.60 -18.58
C GLU A 168 -32.39 -4.72 -17.37
N ARG A 169 -31.61 -3.66 -17.61
CA ARG A 169 -31.25 -2.75 -16.52
C ARG A 169 -32.45 -2.05 -15.94
N SER A 170 -32.49 -1.95 -14.62
CA SER A 170 -33.57 -1.26 -13.93
C SER A 170 -33.06 -0.86 -12.56
N SER A 171 -33.89 -0.08 -11.84
CA SER A 171 -33.48 0.44 -10.55
C SER A 171 -33.33 -0.66 -9.51
N THR A 172 -34.05 -1.77 -9.69
CA THR A 172 -33.96 -2.88 -8.73
C THR A 172 -32.61 -3.58 -8.78
N ASP A 173 -31.85 -3.41 -9.86
CA ASP A 173 -30.56 -4.07 -9.99
C ASP A 173 -29.54 -3.50 -9.02
N HIS A 174 -28.68 -4.38 -8.51
CA HIS A 174 -27.62 -3.97 -7.59
C HIS A 174 -26.59 -3.13 -8.32
N GLU A 175 -25.85 -2.32 -7.55
CA GLU A 175 -24.85 -1.44 -8.12
C GLU A 175 -23.71 -2.24 -8.76
N VAL A 176 -23.27 -3.31 -8.10
CA VAL A 176 -22.20 -4.14 -8.64
C VAL A 176 -22.64 -4.80 -9.94
N THR A 177 -23.87 -5.33 -9.97
CA THR A 177 -24.38 -5.96 -11.18
C THR A 177 -24.53 -4.95 -12.31
N ALA A 178 -25.03 -3.75 -12.00
CA ALA A 178 -25.22 -2.73 -13.03
C ALA A 178 -23.88 -2.28 -13.62
N THR A 179 -22.88 -2.05 -12.76
CA THR A 179 -21.58 -1.63 -13.28
C THR A 179 -20.87 -2.77 -13.98
N LEU A 180 -21.11 -4.02 -13.58
CA LEU A 180 -20.60 -5.17 -14.30
C LEU A 180 -21.18 -5.25 -15.70
N LYS A 181 -22.49 -5.05 -15.83
CA LYS A 181 -23.12 -5.08 -17.14
C LYS A 181 -22.66 -3.93 -18.02
N ALA A 182 -22.44 -2.75 -17.43
CA ALA A 182 -21.93 -1.63 -18.21
C ALA A 182 -20.50 -1.88 -18.68
N GLU A 183 -19.67 -2.48 -17.83
CA GLU A 183 -18.32 -2.84 -18.26
C GLU A 183 -18.36 -3.89 -19.36
N PHE A 184 -19.26 -4.86 -19.25
CA PHE A 184 -19.42 -5.87 -20.30
C PHE A 184 -19.84 -5.23 -21.62
N MET A 185 -20.75 -4.26 -21.55
CA MET A 185 -21.13 -3.51 -22.74
C MET A 185 -19.95 -2.77 -23.34
N THR A 186 -19.17 -2.10 -22.50
CA THR A 186 -18.07 -1.28 -22.99
C THR A 186 -17.01 -2.13 -23.67
N LEU A 187 -16.68 -3.28 -23.09
CA LEU A 187 -15.68 -4.13 -23.71
C LEU A 187 -16.23 -4.90 -24.92
N TRP A 188 -17.52 -5.25 -24.89
CA TRP A 188 -18.11 -6.01 -25.98
C TRP A 188 -18.16 -5.21 -27.26
N ASP A 189 -18.67 -3.99 -27.20
CA ASP A 189 -18.72 -3.08 -28.35
C ASP A 189 -18.43 -1.68 -27.82
N GLY A 190 -17.16 -1.29 -27.86
CA GLY A 190 -16.76 -0.01 -27.34
C GLY A 190 -15.76 0.69 -28.22
N LEU A 191 -14.99 1.62 -27.63
CA LEU A 191 -14.01 2.37 -28.40
C LEU A 191 -12.93 1.45 -28.96
N LEU A 192 -12.49 0.49 -28.16
CA LEU A 192 -11.45 -0.44 -28.58
C LEU A 192 -12.12 -1.67 -29.17
N ASN A 193 -11.99 -1.84 -30.49
CA ASN A 193 -12.56 -2.99 -31.17
C ASN A 193 -11.86 -4.26 -30.72
N ASN A 194 -12.65 -5.29 -30.42
CA ASN A 194 -12.09 -6.57 -30.04
C ASN A 194 -11.54 -7.28 -31.28
N GLY A 195 -10.76 -8.33 -31.04
CA GLY A 195 -10.24 -9.12 -32.12
C GLY A 195 -11.27 -10.10 -32.63
N ARG A 196 -10.87 -11.35 -32.85
CA ARG A 196 -11.81 -12.37 -33.27
C ARG A 196 -12.49 -12.98 -32.06
N VAL A 197 -13.09 -12.14 -31.21
CA VAL A 197 -13.74 -12.56 -29.98
C VAL A 197 -15.23 -12.59 -30.22
N MET A 198 -15.87 -13.68 -29.85
CA MET A 198 -17.31 -13.85 -30.05
C MET A 198 -17.94 -14.29 -28.74
N ILE A 199 -18.99 -13.60 -28.31
CA ILE A 199 -19.69 -13.93 -27.08
C ILE A 199 -21.01 -14.60 -27.45
N ILE A 200 -21.22 -15.81 -26.97
CA ILE A 200 -22.38 -16.62 -27.29
C ILE A 200 -23.12 -16.94 -26.00
N GLY A 201 -24.45 -16.91 -26.06
CA GLY A 201 -25.25 -17.26 -24.91
C GLY A 201 -26.46 -18.06 -25.33
N ALA A 202 -26.89 -18.93 -24.42
CA ALA A 202 -28.12 -19.70 -24.58
C ALA A 202 -29.12 -19.21 -23.54
N THR A 203 -30.35 -18.93 -23.99
CA THR A 203 -31.37 -18.42 -23.10
C THR A 203 -32.71 -19.04 -23.44
N ASN A 204 -33.60 -19.08 -22.45
CA ASN A 204 -34.97 -19.53 -22.63
C ASN A 204 -35.93 -18.37 -22.85
N ARG A 205 -35.69 -17.25 -22.18
CA ARG A 205 -36.53 -16.07 -22.32
C ARG A 205 -35.80 -15.02 -23.12
N ILE A 206 -36.40 -14.56 -24.22
CA ILE A 206 -35.74 -13.58 -25.08
C ILE A 206 -36.09 -12.15 -24.68
N ASN A 207 -37.13 -11.93 -23.89
CA ASN A 207 -37.49 -10.59 -23.48
C ASN A 207 -36.71 -10.11 -22.27
N ASP A 208 -36.05 -11.02 -21.54
CA ASP A 208 -35.27 -10.61 -20.38
C ASP A 208 -33.92 -10.02 -20.77
N ILE A 209 -33.50 -10.21 -22.02
CA ILE A 209 -32.22 -9.67 -22.47
C ILE A 209 -32.37 -8.17 -22.69
N ASP A 210 -31.38 -7.41 -22.21
CA ASP A 210 -31.36 -5.98 -22.44
C ASP A 210 -31.23 -5.68 -23.92
N ASP A 211 -31.89 -4.61 -24.38
CA ASP A 211 -31.85 -4.26 -25.79
C ASP A 211 -30.43 -3.91 -26.22
N ALA A 212 -29.68 -3.23 -25.36
CA ALA A 212 -28.29 -2.92 -25.65
C ALA A 212 -27.40 -4.15 -25.64
N PHE A 213 -27.87 -5.25 -25.05
CA PHE A 213 -27.18 -6.52 -25.16
C PHE A 213 -27.73 -7.37 -26.30
N LEU A 214 -29.00 -7.17 -26.66
CA LEU A 214 -29.55 -7.84 -27.84
C LEU A 214 -28.88 -7.34 -29.12
N ARG A 215 -28.60 -6.04 -29.19
CA ARG A 215 -27.89 -5.51 -30.35
C ARG A 215 -26.47 -6.05 -30.46
N ARG A 216 -25.90 -6.51 -29.35
CA ARG A 216 -24.57 -7.10 -29.34
C ARG A 216 -24.58 -8.57 -29.70
N LEU A 217 -25.76 -9.16 -29.89
CA LEU A 217 -25.93 -10.52 -30.39
C LEU A 217 -26.65 -10.44 -31.73
N PRO A 218 -25.95 -9.99 -32.79
CA PRO A 218 -26.63 -9.80 -34.08
C PRO A 218 -27.16 -11.08 -34.69
N LYS A 219 -26.48 -12.21 -34.50
CA LYS A 219 -26.89 -13.49 -35.05
C LYS A 219 -27.67 -14.25 -33.99
N ARG A 220 -28.97 -14.41 -34.19
CA ARG A 220 -29.83 -15.12 -33.25
C ARG A 220 -30.34 -16.38 -33.91
N PHE A 221 -30.17 -17.51 -33.22
CA PHE A 221 -30.62 -18.81 -33.70
C PHE A 221 -31.77 -19.27 -32.84
N LEU A 222 -32.92 -19.49 -33.48
CA LEU A 222 -34.11 -19.97 -32.79
C LEU A 222 -34.04 -21.50 -32.75
N VAL A 223 -33.55 -22.04 -31.65
CA VAL A 223 -33.57 -23.49 -31.44
C VAL A 223 -34.91 -23.79 -30.80
N SER A 224 -35.93 -23.89 -31.64
CA SER A 224 -37.31 -24.01 -31.20
C SER A 224 -37.68 -25.48 -31.02
N LEU A 225 -38.96 -25.75 -30.85
CA LEU A 225 -39.43 -27.12 -30.77
C LEU A 225 -39.21 -27.82 -32.11
N PRO A 226 -38.89 -29.10 -32.12
CA PRO A 226 -38.59 -29.79 -33.38
C PRO A 226 -39.83 -29.95 -34.25
N GLY A 227 -39.60 -30.00 -35.57
CA GLY A 227 -40.62 -30.46 -36.48
C GLY A 227 -40.67 -31.98 -36.51
N SER A 228 -41.67 -32.50 -37.24
CA SER A 228 -41.88 -33.95 -37.28
C SER A 228 -40.67 -34.66 -37.87
N ASP A 229 -40.12 -34.14 -38.96
CA ASP A 229 -38.86 -34.66 -39.48
C ASP A 229 -37.72 -34.43 -38.49
N GLN A 230 -37.73 -33.29 -37.80
CA GLN A 230 -36.73 -33.03 -36.77
C GLN A 230 -36.88 -33.99 -35.60
N ARG A 231 -38.12 -34.30 -35.19
CA ARG A 231 -38.31 -35.33 -34.16
C ARG A 231 -37.81 -36.69 -34.62
N TYR A 232 -38.03 -37.02 -35.89
CA TYR A 232 -37.52 -38.28 -36.43
C TYR A 232 -36.00 -38.33 -36.38
N LYS A 233 -35.34 -37.23 -36.75
CA LYS A 233 -33.88 -37.17 -36.69
C LYS A 233 -33.38 -37.25 -35.25
N ILE A 234 -34.07 -36.59 -34.32
CA ILE A 234 -33.67 -36.64 -32.91
C ILE A 234 -33.79 -38.06 -32.37
N LEU A 235 -34.90 -38.73 -32.69
CA LEU A 235 -35.09 -40.11 -32.23
C LEU A 235 -34.08 -41.05 -32.87
N SER A 236 -33.72 -40.80 -34.13
CA SER A 236 -32.72 -41.63 -34.80
C SER A 236 -31.33 -41.45 -34.16
N VAL A 237 -30.99 -40.20 -33.83
CA VAL A 237 -29.68 -39.94 -33.21
C VAL A 237 -29.64 -40.51 -31.80
N LEU A 238 -30.70 -40.29 -31.02
CA LEU A 238 -30.71 -40.73 -29.63
C LEU A 238 -30.70 -42.25 -29.52
N LEU A 239 -31.43 -42.94 -30.40
CA LEU A 239 -31.49 -44.39 -30.38
C LEU A 239 -30.40 -45.05 -31.21
N LYS A 240 -29.31 -44.34 -31.50
CA LYS A 240 -28.19 -44.95 -32.19
C LYS A 240 -27.45 -45.89 -31.25
N ASP A 241 -26.63 -46.76 -31.86
CA ASP A 241 -25.90 -47.87 -31.21
C ASP A 241 -26.77 -48.65 -30.23
N THR A 242 -28.06 -48.76 -30.52
CA THR A 242 -29.01 -49.47 -29.68
C THR A 242 -29.74 -50.50 -30.54
N LYS A 243 -29.97 -51.67 -29.98
CA LYS A 243 -30.63 -52.75 -30.70
C LYS A 243 -32.10 -52.41 -30.91
N LEU A 244 -32.53 -52.39 -32.16
CA LEU A 244 -33.90 -52.08 -32.53
C LEU A 244 -34.46 -53.18 -33.41
N ASP A 245 -35.77 -53.42 -33.27
CA ASP A 245 -36.44 -54.44 -34.07
C ASP A 245 -36.52 -54.00 -35.53
N GLU A 246 -36.34 -54.94 -36.44
CA GLU A 246 -36.34 -54.62 -37.86
C GLU A 246 -37.76 -54.38 -38.38
N ASP A 247 -38.75 -55.05 -37.79
CA ASP A 247 -40.13 -54.92 -38.25
C ASP A 247 -41.05 -54.34 -37.19
N GLU A 248 -40.98 -54.84 -35.95
CA GLU A 248 -41.86 -54.35 -34.89
C GLU A 248 -41.57 -52.89 -34.56
N PHE A 249 -40.31 -52.51 -34.50
CA PHE A 249 -39.95 -51.14 -34.19
C PHE A 249 -40.16 -50.25 -35.40
N ASP A 250 -40.88 -49.14 -35.21
CA ASP A 250 -41.16 -48.19 -36.27
C ASP A 250 -41.06 -46.79 -35.67
N LEU A 251 -40.15 -45.97 -36.18
CA LEU A 251 -39.94 -44.65 -35.62
C LEU A 251 -40.95 -43.62 -36.12
N GLN A 252 -41.69 -43.94 -37.19
CA GLN A 252 -42.58 -42.97 -37.80
C GLN A 252 -43.72 -42.59 -36.86
N LEU A 253 -44.44 -43.59 -36.33
CA LEU A 253 -45.54 -43.26 -35.43
C LEU A 253 -45.05 -42.82 -34.06
N ILE A 254 -43.81 -43.18 -33.70
CA ILE A 254 -43.21 -42.61 -32.48
C ILE A 254 -43.01 -41.11 -32.64
N ALA A 255 -42.52 -40.68 -33.80
CA ALA A 255 -42.38 -39.26 -34.06
C ALA A 255 -43.74 -38.58 -34.19
N ASP A 256 -44.71 -39.26 -34.80
CA ASP A 256 -46.01 -38.65 -35.06
C ASP A 256 -46.82 -38.49 -33.78
N ASN A 257 -46.70 -39.44 -32.84
CA ASN A 257 -47.46 -39.36 -31.60
C ASN A 257 -46.88 -38.32 -30.65
N THR A 258 -45.59 -38.04 -30.75
CA THR A 258 -44.92 -37.10 -29.84
C THR A 258 -45.31 -35.68 -30.25
N LYS A 259 -46.35 -35.16 -29.62
CA LYS A 259 -46.86 -33.82 -29.87
C LYS A 259 -46.55 -32.93 -28.69
N GLY A 260 -45.98 -31.75 -28.96
CA GLY A 260 -45.61 -30.83 -27.90
C GLY A 260 -44.53 -31.35 -26.98
N PHE A 261 -43.58 -32.14 -27.53
CA PHE A 261 -42.51 -32.74 -26.75
C PHE A 261 -41.18 -32.16 -27.22
N SER A 262 -40.39 -31.66 -26.28
CA SER A 262 -39.10 -31.09 -26.60
C SER A 262 -38.05 -32.20 -26.71
N GLY A 263 -36.80 -31.79 -26.99
CA GLY A 263 -35.72 -32.76 -27.09
C GLY A 263 -35.42 -33.43 -25.76
N SER A 264 -35.54 -32.68 -24.66
CA SER A 264 -35.44 -33.29 -23.34
C SER A 264 -36.57 -34.27 -23.10
N ASP A 265 -37.78 -33.94 -23.55
CA ASP A 265 -38.92 -34.85 -23.41
C ASP A 265 -38.73 -36.10 -24.25
N LEU A 266 -38.18 -35.95 -25.47
CA LEU A 266 -37.86 -37.12 -26.29
C LEU A 266 -36.78 -37.96 -25.63
N LYS A 267 -35.79 -37.33 -25.00
CA LYS A 267 -34.79 -38.06 -24.25
C LYS A 267 -35.41 -38.83 -23.10
N GLU A 268 -36.35 -38.20 -22.38
CA GLU A 268 -36.99 -38.87 -21.26
C GLU A 268 -37.81 -40.06 -21.71
N LEU A 269 -38.53 -39.90 -22.83
CA LEU A 269 -39.31 -41.01 -23.39
C LEU A 269 -38.40 -42.15 -23.83
N CYS A 270 -37.28 -41.82 -24.49
CA CYS A 270 -36.34 -42.85 -24.91
C CYS A 270 -35.71 -43.55 -23.72
N ARG A 271 -35.38 -42.79 -22.66
CA ARG A 271 -34.79 -43.39 -21.48
C ARG A 271 -35.76 -44.33 -20.77
N GLU A 272 -37.03 -43.91 -20.65
CA GLU A 272 -38.02 -44.78 -20.03
C GLU A 272 -38.27 -46.04 -20.86
N ALA A 273 -38.36 -45.88 -22.18
CA ALA A 273 -38.59 -47.03 -23.06
C ALA A 273 -37.40 -47.99 -23.03
N ALA A 274 -36.19 -47.46 -22.91
CA ALA A 274 -35.02 -48.33 -22.79
C ALA A 274 -34.95 -48.97 -21.42
N LEU A 275 -35.37 -48.26 -20.38
CA LEU A 275 -35.20 -48.75 -19.02
C LEU A 275 -36.19 -49.86 -18.70
N ASP A 276 -37.44 -49.74 -19.19
CA ASP A 276 -38.40 -50.80 -18.92
C ASP A 276 -37.99 -52.12 -19.58
N ALA A 277 -37.37 -52.03 -20.77
CA ALA A 277 -36.88 -53.23 -21.43
C ALA A 277 -35.60 -53.75 -20.79
N ALA A 278 -34.71 -52.84 -20.36
CA ALA A 278 -33.45 -53.26 -19.76
C ALA A 278 -33.62 -53.80 -18.35
N LYS A 279 -34.74 -53.50 -17.69
CA LYS A 279 -35.02 -54.10 -16.39
C LYS A 279 -35.16 -55.62 -16.53
N GLU A 280 -35.73 -56.08 -17.64
CA GLU A 280 -35.79 -57.52 -17.90
C GLU A 280 -34.40 -58.11 -18.07
N TYR A 281 -33.49 -57.39 -18.73
CA TYR A 281 -32.11 -57.85 -18.86
C TYR A 281 -31.42 -57.89 -17.50
N ILE A 282 -31.66 -56.89 -16.66
CA ILE A 282 -31.09 -56.88 -15.31
C ILE A 282 -31.61 -58.06 -14.49
N LYS A 283 -32.92 -58.35 -14.62
CA LYS A 283 -33.50 -59.50 -13.92
C LYS A 283 -32.91 -60.81 -14.43
N GLN A 284 -32.67 -60.92 -15.73
CA GLN A 284 -32.04 -62.12 -16.27
C GLN A 284 -30.61 -62.27 -15.77
N LYS A 285 -29.89 -61.15 -15.63
CA LYS A 285 -28.57 -61.18 -15.03
C LYS A 285 -28.64 -61.64 -13.58
N ARG A 286 -29.64 -61.19 -12.84
CA ARG A 286 -29.79 -61.60 -11.45
C ARG A 286 -30.06 -63.09 -11.33
N GLN A 287 -30.88 -63.65 -12.22
CA GLN A 287 -31.21 -65.06 -12.19
C GLN A 287 -30.01 -65.91 -12.60
N ARG A 305 -33.21 -59.17 -26.90
CA ARG A 305 -34.40 -58.35 -26.91
C ARG A 305 -34.08 -56.96 -27.44
N PRO A 306 -34.41 -56.71 -28.71
CA PRO A 306 -34.28 -55.37 -29.26
C PRO A 306 -35.33 -54.44 -28.69
N LEU A 307 -35.00 -53.15 -28.68
CA LEU A 307 -35.97 -52.14 -28.24
C LEU A 307 -37.11 -52.06 -29.24
N LYS A 308 -38.34 -51.93 -28.73
CA LYS A 308 -39.52 -51.96 -29.57
C LYS A 308 -40.35 -50.70 -29.37
N THR A 309 -41.22 -50.44 -30.36
CA THR A 309 -42.05 -49.25 -30.38
C THR A 309 -43.10 -49.27 -29.25
N LYS A 310 -43.59 -50.45 -28.88
CA LYS A 310 -44.66 -50.56 -27.89
C LYS A 310 -44.23 -49.98 -26.55
N ASP A 311 -42.95 -50.11 -26.21
CA ASP A 311 -42.43 -49.51 -24.98
C ASP A 311 -42.52 -47.99 -25.03
N PHE A 312 -42.20 -47.41 -26.18
CA PHE A 312 -42.33 -45.96 -26.35
C PHE A 312 -43.79 -45.53 -26.27
N THR A 313 -44.69 -46.30 -26.88
CA THR A 313 -46.10 -45.92 -26.90
C THR A 313 -46.76 -46.08 -25.54
N LYS A 314 -46.24 -46.99 -24.71
CA LYS A 314 -46.79 -47.17 -23.37
C LYS A 314 -46.64 -45.91 -22.53
N LYS A 315 -45.47 -45.26 -22.61
CA LYS A 315 -45.25 -44.03 -21.87
C LYS A 315 -45.93 -42.83 -22.50
N LEU A 316 -46.32 -42.93 -23.77
CA LEU A 316 -46.96 -41.82 -24.46
C LEU A 316 -48.39 -41.60 -23.95
N ARG A 317 -48.80 -40.34 -23.94
CA ARG A 317 -50.14 -39.96 -23.52
C ARG A 317 -50.82 -39.07 -24.56
N PRO B 6 -0.68 4.33 -6.61
CA PRO B 6 -1.00 3.81 -7.94
C PRO B 6 -1.73 2.47 -7.86
N LEU B 7 -0.98 1.40 -7.56
CA LEU B 7 -1.45 0.04 -7.31
C LEU B 7 -2.14 -0.59 -8.52
N SER B 8 -2.05 0.01 -9.70
CA SER B 8 -2.56 -0.57 -10.93
C SER B 8 -1.57 -0.55 -12.07
N GLY B 9 -0.63 0.39 -12.07
CA GLY B 9 0.40 0.46 -13.08
C GLY B 9 1.69 -0.18 -12.61
N LYS B 10 1.60 -1.09 -11.65
CA LYS B 10 2.78 -1.79 -11.15
C LYS B 10 3.18 -2.95 -12.06
N SER B 11 2.24 -3.56 -12.77
CA SER B 11 2.56 -4.69 -13.62
C SER B 11 3.39 -4.24 -14.82
N ARG B 12 4.28 -5.12 -15.28
CA ARG B 12 5.22 -4.75 -16.33
C ARG B 12 4.52 -4.49 -17.65
N GLU B 13 3.45 -5.23 -17.94
CA GLU B 13 2.70 -4.98 -19.17
C GLU B 13 2.01 -3.63 -19.12
N SER B 14 1.48 -3.26 -17.95
CA SER B 14 0.83 -1.95 -17.81
C SER B 14 1.83 -0.81 -17.95
N LYS B 15 3.05 -0.98 -17.39
CA LYS B 15 4.08 0.04 -17.56
C LYS B 15 4.48 0.18 -19.02
N ALA B 16 4.57 -0.93 -19.74
CA ALA B 16 4.88 -0.88 -21.17
C ALA B 16 3.78 -0.16 -21.93
N LYS B 17 2.52 -0.44 -21.60
CA LYS B 17 1.41 0.24 -22.25
C LYS B 17 1.44 1.73 -21.97
N GLN B 18 1.75 2.11 -20.73
CA GLN B 18 1.82 3.53 -20.37
C GLN B 18 2.95 4.23 -21.10
N SER B 19 4.10 3.57 -21.22
CA SER B 19 5.20 4.17 -21.97
C SER B 19 4.85 4.32 -23.45
N LEU B 20 4.17 3.33 -24.03
CA LEU B 20 3.74 3.45 -25.43
C LEU B 20 2.79 4.62 -25.62
N GLN B 21 1.79 4.73 -24.74
CA GLN B 21 0.81 5.81 -24.89
C GLN B 21 1.44 7.17 -24.65
N TRP B 22 2.35 7.27 -23.68
CA TRP B 22 3.02 8.54 -23.45
C TRP B 22 3.92 8.93 -24.61
N GLU B 23 4.61 7.96 -25.21
CA GLU B 23 5.43 8.25 -26.38
C GLU B 23 4.58 8.73 -27.53
N LYS B 24 3.43 8.09 -27.73
CA LYS B 24 2.51 8.53 -28.78
C LYS B 24 1.99 9.94 -28.51
N LEU B 25 1.66 10.24 -27.26
CA LEU B 25 1.16 11.56 -26.91
C LEU B 25 2.22 12.63 -27.14
N VAL B 26 3.47 12.34 -26.76
CA VAL B 26 4.55 13.30 -26.97
C VAL B 26 4.84 13.48 -28.46
N LYS B 27 4.72 12.41 -29.24
CA LYS B 27 4.89 12.52 -30.69
C LYS B 27 3.82 13.40 -31.30
N ARG B 28 2.56 13.23 -30.87
CA ARG B 28 1.49 14.06 -31.40
C ARG B 28 1.62 15.50 -30.93
N SER B 29 1.90 15.71 -29.65
CA SER B 29 2.05 17.04 -29.06
C SER B 29 3.44 17.17 -28.47
N PRO B 30 4.40 17.75 -29.19
CA PRO B 30 5.77 17.85 -28.66
C PRO B 30 5.90 18.71 -27.42
N ALA B 31 4.91 19.56 -27.13
CA ALA B 31 4.97 20.37 -25.92
C ALA B 31 4.75 19.55 -24.65
N LEU B 32 4.29 18.30 -24.78
CA LEU B 32 4.05 17.45 -23.62
C LEU B 32 5.33 16.84 -23.07
N ALA B 33 6.48 17.06 -23.71
CA ALA B 33 7.72 16.45 -23.24
C ALA B 33 8.12 16.98 -21.88
N GLU B 34 7.90 18.27 -21.64
CA GLU B 34 8.25 18.87 -20.37
C GLU B 34 7.20 18.60 -19.29
N VAL B 35 6.08 18.00 -19.63
CA VAL B 35 5.02 17.71 -18.67
C VAL B 35 5.38 16.44 -17.92
N THR B 36 5.36 16.53 -16.59
CA THR B 36 5.65 15.38 -15.74
C THR B 36 4.37 14.89 -15.09
N LEU B 37 4.24 13.59 -14.87
CA LEU B 37 3.04 13.00 -14.31
C LEU B 37 3.35 12.28 -13.01
N ASP B 38 2.34 12.19 -12.15
CA ASP B 38 2.45 11.45 -10.91
C ASP B 38 2.18 9.97 -11.16
N ALA B 39 2.26 9.17 -10.09
CA ALA B 39 2.04 7.73 -10.24
C ALA B 39 0.60 7.41 -10.61
N TYR B 40 -0.36 8.13 -10.01
CA TYR B 40 -1.76 7.89 -10.34
C TYR B 40 -2.09 8.39 -11.73
N GLU B 41 -1.53 9.53 -12.14
CA GLU B 41 -1.71 10.01 -13.51
C GLU B 41 -1.10 9.04 -14.51
N ARG B 42 0.07 8.48 -14.18
N ARG B 42 0.07 8.48 -14.18
CA ARG B 42 0.66 7.45 -15.03
CA ARG B 42 0.66 7.46 -15.04
C ARG B 42 -0.22 6.22 -15.09
C ARG B 42 -0.22 6.22 -15.09
N THR B 43 -0.90 5.89 -14.00
CA THR B 43 -1.86 4.79 -14.03
C THR B 43 -3.01 5.11 -14.99
N ILE B 44 -3.46 6.37 -14.99
CA ILE B 44 -4.49 6.81 -15.93
C ILE B 44 -3.99 6.74 -17.37
N LEU B 45 -2.68 6.88 -17.58
CA LEU B 45 -2.13 6.90 -18.94
C LEU B 45 -2.44 5.66 -19.73
N SER B 46 -2.67 4.52 -19.07
CA SER B 46 -3.03 3.31 -19.80
C SER B 46 -4.41 3.42 -20.43
N SER B 47 -5.23 4.37 -19.98
CA SER B 47 -6.55 4.61 -20.57
C SER B 47 -6.51 5.61 -21.72
N ILE B 48 -5.36 6.22 -22.00
CA ILE B 48 -5.24 7.13 -23.12
C ILE B 48 -5.39 6.34 -24.41
N VAL B 49 -6.25 6.82 -25.31
CA VAL B 49 -6.53 6.12 -26.56
C VAL B 49 -6.19 7.05 -27.72
N THR B 50 -5.16 6.70 -28.46
CA THR B 50 -4.59 7.47 -29.56
C THR B 50 -5.38 7.23 -30.84
N PRO B 51 -5.27 8.13 -31.83
CA PRO B 51 -5.96 7.91 -33.11
C PRO B 51 -5.48 6.69 -33.87
N ASP B 52 -4.30 6.16 -33.56
CA ASP B 52 -3.83 4.96 -34.24
C ASP B 52 -4.66 3.74 -33.84
N GLU B 53 -5.20 3.73 -32.63
CA GLU B 53 -5.99 2.59 -32.18
C GLU B 53 -7.34 2.53 -32.88
N ILE B 54 -7.89 3.68 -33.26
CA ILE B 54 -9.18 3.74 -33.93
C ILE B 54 -8.94 3.70 -35.43
N ASN B 55 -9.55 2.72 -36.10
CA ASN B 55 -9.52 2.62 -37.55
C ASN B 55 -10.82 3.11 -38.17
N ILE B 56 -11.45 4.11 -37.55
CA ILE B 56 -12.80 4.53 -37.89
C ILE B 56 -12.82 6.05 -38.00
N THR B 57 -13.26 6.56 -39.14
CA THR B 57 -13.26 7.97 -39.46
C THR B 57 -14.69 8.48 -39.41
N PHE B 58 -14.85 9.80 -39.41
CA PHE B 58 -16.18 10.40 -39.49
C PHE B 58 -16.84 10.10 -40.83
N GLN B 59 -16.07 9.67 -41.81
CA GLN B 59 -16.63 9.35 -43.12
C GLN B 59 -17.41 8.04 -43.07
N ASP B 60 -17.05 7.18 -42.12
CA ASP B 60 -17.72 5.89 -41.96
C ASP B 60 -19.02 6.02 -41.17
N ILE B 61 -19.48 7.25 -40.96
CA ILE B 61 -20.72 7.50 -40.24
C ILE B 61 -21.76 7.95 -41.26
N GLY B 62 -22.85 7.22 -41.38
CA GLY B 62 -23.90 7.53 -42.32
C GLY B 62 -25.19 7.88 -41.61
N GLY B 63 -25.92 8.83 -42.17
CA GLY B 63 -27.18 9.23 -41.58
C GLY B 63 -27.06 10.14 -40.38
N LEU B 64 -25.85 10.61 -40.06
CA LEU B 64 -25.65 11.52 -38.93
C LEU B 64 -24.91 12.79 -39.35
N ASP B 65 -24.95 13.14 -40.64
CA ASP B 65 -24.26 14.32 -41.12
C ASP B 65 -24.72 15.62 -40.44
N PRO B 66 -26.03 15.89 -40.26
CA PRO B 66 -26.38 17.06 -39.44
C PRO B 66 -25.86 16.96 -38.01
N LEU B 67 -25.92 15.76 -37.41
CA LEU B 67 -25.39 15.58 -36.07
C LEU B 67 -23.88 15.77 -36.04
N ILE B 68 -23.18 15.30 -37.06
CA ILE B 68 -21.72 15.47 -37.12
C ILE B 68 -21.37 16.94 -37.29
N SER B 69 -22.09 17.67 -38.14
CA SER B 69 -21.81 19.09 -38.33
C SER B 69 -22.11 19.89 -37.06
N ASP B 70 -23.22 19.58 -36.39
CA ASP B 70 -23.53 20.23 -35.13
C ASP B 70 -22.47 19.93 -34.08
N LEU B 71 -22.08 18.66 -33.98
CA LEU B 71 -21.07 18.24 -33.02
C LEU B 71 -19.75 18.96 -33.29
N HIS B 72 -19.35 19.06 -34.55
CA HIS B 72 -18.16 19.78 -34.93
C HIS B 72 -18.27 21.25 -34.52
N GLU B 73 -19.20 21.98 -35.12
CA GLU B 73 -19.25 23.43 -34.97
C GLU B 73 -19.67 23.88 -33.58
N SER B 74 -20.12 22.98 -32.70
CA SER B 74 -20.44 23.37 -31.34
C SER B 74 -19.55 22.72 -30.29
N VAL B 75 -18.72 21.75 -30.67
CA VAL B 75 -17.97 20.98 -29.70
C VAL B 75 -16.50 20.88 -30.09
N ILE B 76 -16.22 20.49 -31.33
CA ILE B 76 -14.86 20.17 -31.73
C ILE B 76 -14.07 21.45 -31.90
N TYR B 77 -14.58 22.35 -32.73
CA TYR B 77 -13.89 23.61 -32.98
C TYR B 77 -13.80 24.53 -31.77
N PRO B 78 -14.84 24.70 -30.92
CA PRO B 78 -14.61 25.46 -29.68
C PRO B 78 -13.57 24.85 -28.76
N LEU B 79 -13.47 23.52 -28.73
CA LEU B 79 -12.44 22.89 -27.90
C LEU B 79 -11.08 22.96 -28.58
N MET B 80 -11.01 22.76 -29.89
CA MET B 80 -9.74 22.62 -30.57
C MET B 80 -9.21 23.90 -31.18
N MET B 81 -10.08 24.88 -31.39
CA MET B 81 -9.68 26.17 -31.96
C MET B 81 -10.06 27.35 -31.01
N PRO B 82 -9.44 27.44 -29.80
CA PRO B 82 -9.86 28.51 -28.87
C PRO B 82 -9.49 29.89 -29.35
N GLU B 83 -8.50 30.02 -30.24
CA GLU B 83 -8.14 31.33 -30.77
C GLU B 83 -9.23 31.87 -31.68
N VAL B 84 -9.86 31.00 -32.47
CA VAL B 84 -10.95 31.41 -33.34
C VAL B 84 -12.15 31.87 -32.52
N TYR B 85 -12.42 31.17 -31.43
CA TYR B 85 -13.59 31.41 -30.60
C TYR B 85 -13.30 32.33 -29.43
N SER B 86 -12.23 33.10 -29.49
CA SER B 86 -11.83 33.98 -28.39
C SER B 86 -12.43 35.37 -28.48
N ASN B 87 -13.26 35.63 -29.49
CA ASN B 87 -13.92 36.94 -29.59
C ASN B 87 -14.87 37.16 -28.42
N SER B 88 -15.60 36.11 -28.03
CA SER B 88 -16.49 36.17 -26.89
C SER B 88 -16.17 35.03 -25.93
N PRO B 89 -16.23 35.27 -24.63
CA PRO B 89 -16.04 34.17 -23.67
C PRO B 89 -17.21 33.19 -23.65
N LEU B 90 -18.33 33.53 -24.28
CA LEU B 90 -19.43 32.58 -24.38
C LEU B 90 -19.14 31.48 -25.38
N LEU B 91 -18.25 31.73 -26.34
CA LEU B 91 -17.91 30.72 -27.34
C LEU B 91 -16.91 29.72 -26.78
N GLN B 92 -17.37 28.79 -25.95
CA GLN B 92 -16.50 27.81 -25.33
C GLN B 92 -17.04 26.42 -25.58
N ALA B 93 -16.16 25.44 -25.43
CA ALA B 93 -16.57 24.05 -25.48
C ALA B 93 -17.43 23.71 -24.27
N PRO B 94 -18.37 22.78 -24.40
CA PRO B 94 -19.15 22.37 -23.23
C PRO B 94 -18.27 21.67 -22.21
N SER B 95 -18.65 21.80 -20.95
CA SER B 95 -17.94 21.07 -19.90
C SER B 95 -18.17 19.57 -20.04
N GLY B 96 -19.29 19.18 -20.65
CA GLY B 96 -19.57 17.78 -20.90
C GLY B 96 -20.43 17.63 -22.13
N VAL B 97 -20.40 16.43 -22.71
CA VAL B 97 -21.22 16.11 -23.86
C VAL B 97 -21.79 14.71 -23.66
N LEU B 98 -23.08 14.55 -23.91
CA LEU B 98 -23.75 13.27 -23.78
C LEU B 98 -24.22 12.82 -25.16
N LEU B 99 -23.93 11.57 -25.49
CA LEU B 99 -24.44 10.93 -26.70
C LEU B 99 -25.42 9.87 -26.23
N TYR B 100 -26.68 10.23 -26.14
CA TYR B 100 -27.71 9.34 -25.66
C TYR B 100 -28.66 8.98 -26.79
N GLY B 101 -29.11 7.73 -26.80
CA GLY B 101 -30.01 7.26 -27.81
C GLY B 101 -30.26 5.78 -27.72
N PRO B 102 -31.17 5.26 -28.53
CA PRO B 102 -31.45 3.83 -28.52
C PRO B 102 -30.21 3.05 -28.97
N PRO B 103 -30.06 1.82 -28.49
CA PRO B 103 -28.83 1.07 -28.79
C PRO B 103 -28.66 0.78 -30.27
N GLY B 104 -27.41 0.79 -30.70
CA GLY B 104 -27.05 0.46 -32.07
C GLY B 104 -27.12 1.59 -33.06
N CYS B 105 -27.30 2.83 -32.61
CA CYS B 105 -27.44 3.95 -33.52
C CYS B 105 -26.14 4.71 -33.76
N GLY B 106 -25.06 4.37 -33.07
CA GLY B 106 -23.76 4.93 -33.42
C GLY B 106 -23.17 5.94 -32.47
N LYS B 107 -23.45 5.81 -31.17
CA LYS B 107 -22.83 6.69 -30.19
C LYS B 107 -21.35 6.39 -30.04
N THR B 108 -20.99 5.10 -29.93
CA THR B 108 -19.59 4.75 -29.85
C THR B 108 -18.89 4.93 -31.19
N MET B 109 -19.64 4.91 -32.29
CA MET B 109 -19.07 5.29 -33.59
C MET B 109 -18.61 6.75 -33.56
N LEU B 110 -19.46 7.64 -33.05
CA LEU B 110 -19.09 9.05 -32.93
C LEU B 110 -17.93 9.22 -31.95
N ALA B 111 -17.92 8.41 -30.89
CA ALA B 111 -16.80 8.46 -29.94
C ALA B 111 -15.50 8.02 -30.58
N LYS B 112 -15.52 6.96 -31.39
CA LYS B 112 -14.32 6.53 -32.09
C LYS B 112 -13.84 7.58 -33.08
N ALA B 113 -14.78 8.19 -33.81
CA ALA B 113 -14.40 9.26 -34.74
C ALA B 113 -13.83 10.45 -34.00
N LEU B 114 -14.34 10.74 -32.81
CA LEU B 114 -13.79 11.81 -31.98
C LEU B 114 -12.40 11.46 -31.48
N ALA B 115 -12.17 10.18 -31.16
CA ALA B 115 -10.83 9.76 -30.77
C ALA B 115 -9.86 9.90 -31.92
N LYS B 116 -10.30 9.58 -33.14
CA LYS B 116 -9.42 9.64 -34.29
C LYS B 116 -9.34 11.05 -34.88
N GLU B 117 -10.46 11.58 -35.35
CA GLU B 117 -10.43 12.79 -36.17
C GLU B 117 -10.16 14.04 -35.34
N SER B 118 -10.83 14.15 -34.20
CA SER B 118 -10.63 15.32 -33.35
C SER B 118 -9.23 15.32 -32.79
N GLY B 119 -8.61 16.50 -32.75
CA GLY B 119 -7.26 16.61 -32.24
C GLY B 119 -7.15 16.29 -30.78
N ALA B 120 -8.24 16.39 -30.04
CA ALA B 120 -8.17 16.22 -28.60
C ALA B 120 -7.65 14.88 -28.14
N ASN B 121 -6.80 14.90 -27.12
CA ASN B 121 -6.29 13.67 -26.56
C ASN B 121 -7.48 12.95 -25.98
N PHE B 122 -7.54 11.64 -26.11
CA PHE B 122 -8.72 10.92 -25.66
C PHE B 122 -8.39 9.98 -24.54
N ILE B 123 -9.11 10.08 -23.43
CA ILE B 123 -8.93 9.12 -22.36
C ILE B 123 -10.24 8.39 -22.37
N SER B 124 -10.23 7.08 -22.60
CA SER B 124 -11.47 6.34 -22.51
C SER B 124 -11.32 5.63 -21.20
N ILE B 125 -12.20 5.93 -20.26
CA ILE B 125 -12.03 5.36 -18.95
C ILE B 125 -13.12 4.37 -18.62
N ARG B 126 -12.73 3.20 -18.14
CA ARG B 126 -13.71 2.21 -17.76
C ARG B 126 -13.82 2.20 -16.26
N MET B 127 -14.87 1.58 -15.74
CA MET B 127 -15.07 1.55 -14.31
C MET B 127 -14.02 0.68 -13.64
N SER B 128 -13.53 -0.32 -14.36
CA SER B 128 -12.55 -1.25 -13.78
C SER B 128 -11.23 -0.56 -13.52
N SER B 129 -10.89 0.45 -14.32
CA SER B 129 -9.63 1.16 -14.14
C SER B 129 -9.66 2.16 -13.01
N ILE B 130 -10.83 2.39 -12.40
CA ILE B 130 -10.98 3.34 -11.31
C ILE B 130 -11.26 2.63 -9.99
N MET B 131 -12.22 1.70 -9.99
CA MET B 131 -12.62 1.02 -8.78
C MET B 131 -11.49 0.16 -8.24
N ASP B 132 -10.88 0.61 -7.15
CA ASP B 132 -9.80 -0.09 -6.49
C ASP B 132 -10.28 -0.50 -5.10
N LYS B 133 -10.00 -1.75 -4.73
CA LYS B 133 -10.45 -2.22 -3.42
C LYS B 133 -9.69 -1.56 -2.28
N TRP B 134 -8.49 -1.05 -2.53
CA TRP B 134 -7.78 -0.32 -1.49
C TRP B 134 -8.50 0.98 -1.17
N TYR B 135 -8.44 1.39 0.10
CA TYR B 135 -9.25 2.50 0.57
C TYR B 135 -8.72 3.83 0.06
N GLY B 136 -9.59 4.64 -0.53
CA GLY B 136 -9.22 5.96 -0.97
C GLY B 136 -8.41 5.99 -2.25
N GLU B 137 -8.18 4.84 -2.88
CA GLU B 137 -7.44 4.81 -4.13
C GLU B 137 -8.30 5.23 -5.31
N SER B 138 -9.59 4.92 -5.28
CA SER B 138 -10.46 5.27 -6.40
C SER B 138 -10.62 6.77 -6.52
N ASN B 139 -10.76 7.47 -5.40
CA ASN B 139 -10.86 8.93 -5.43
C ASN B 139 -9.58 9.56 -5.95
N LYS B 140 -8.43 9.03 -5.54
CA LYS B 140 -7.16 9.53 -6.05
C LYS B 140 -7.00 9.25 -7.53
N ILE B 141 -7.53 8.12 -8.00
CA ILE B 141 -7.49 7.80 -9.42
C ILE B 141 -8.34 8.79 -10.21
N VAL B 142 -9.52 9.13 -9.70
CA VAL B 142 -10.37 10.11 -10.37
C VAL B 142 -9.71 11.48 -10.38
N ASP B 143 -9.14 11.89 -9.25
CA ASP B 143 -8.46 13.17 -9.18
C ASP B 143 -7.29 13.23 -10.16
N ALA B 144 -6.54 12.13 -10.27
CA ALA B 144 -5.42 12.11 -11.20
C ALA B 144 -5.88 12.03 -12.64
N MET B 145 -7.03 11.41 -12.90
CA MET B 145 -7.58 11.44 -14.25
C MET B 145 -7.89 12.87 -14.67
N PHE B 146 -8.52 13.64 -13.78
CA PHE B 146 -8.81 15.03 -14.11
C PHE B 146 -7.53 15.86 -14.17
N SER B 147 -6.56 15.56 -13.32
CA SER B 147 -5.28 16.27 -13.36
C SER B 147 -4.54 16.01 -14.66
N LEU B 148 -4.51 14.76 -15.10
CA LEU B 148 -3.87 14.40 -16.36
C LEU B 148 -4.60 15.01 -17.54
N ALA B 149 -5.93 15.03 -17.50
CA ALA B 149 -6.69 15.67 -18.55
C ALA B 149 -6.38 17.17 -18.61
N ASN B 150 -6.15 17.78 -17.46
CA ASN B 150 -5.77 19.19 -17.45
C ASN B 150 -4.36 19.40 -18.00
N LYS B 151 -3.46 18.45 -17.74
CA LYS B 151 -2.09 18.61 -18.23
C LYS B 151 -2.02 18.43 -19.75
N LEU B 152 -2.77 17.47 -20.29
CA LEU B 152 -2.94 17.34 -21.73
C LEU B 152 -4.13 18.21 -22.11
N GLN B 153 -3.90 19.52 -22.18
CA GLN B 153 -4.97 20.51 -22.06
C GLN B 153 -6.16 20.32 -22.98
N PRO B 154 -6.01 20.07 -24.29
CA PRO B 154 -7.23 19.72 -25.04
C PRO B 154 -7.52 18.23 -24.92
N CYS B 155 -8.07 17.82 -23.79
CA CYS B 155 -8.34 16.40 -23.52
C CYS B 155 -9.83 16.15 -23.53
N ILE B 156 -10.18 14.92 -23.89
CA ILE B 156 -11.56 14.45 -23.82
C ILE B 156 -11.56 13.19 -22.98
N ILE B 157 -12.34 13.19 -21.90
CA ILE B 157 -12.53 12.01 -21.08
C ILE B 157 -13.82 11.35 -21.53
N PHE B 158 -13.71 10.13 -22.04
CA PHE B 158 -14.86 9.40 -22.54
C PHE B 158 -15.19 8.27 -21.58
N ILE B 159 -16.44 8.23 -21.13
CA ILE B 159 -16.95 7.15 -20.30
C ILE B 159 -18.08 6.50 -21.07
N ASP B 160 -17.83 5.30 -21.60
CA ASP B 160 -18.89 4.56 -22.27
C ASP B 160 -19.85 3.97 -21.25
N GLN B 161 -21.12 3.89 -21.65
CA GLN B 161 -22.21 3.47 -20.76
C GLN B 161 -22.21 4.31 -19.49
N ILE B 162 -22.33 5.63 -19.67
CA ILE B 162 -22.16 6.55 -18.56
C ILE B 162 -23.32 6.54 -17.59
N ASP B 163 -24.42 5.86 -17.93
CA ASP B 163 -25.56 5.81 -17.02
C ASP B 163 -25.21 5.07 -15.74
N SER B 164 -24.38 4.02 -15.84
CA SER B 164 -24.00 3.29 -14.63
C SER B 164 -22.96 4.06 -13.83
N PHE B 165 -22.02 4.72 -14.51
CA PHE B 165 -21.01 5.51 -13.82
C PHE B 165 -21.64 6.67 -13.08
N LEU B 166 -22.53 7.40 -13.74
CA LEU B 166 -23.17 8.60 -13.18
C LEU B 166 -24.61 8.30 -12.78
N ARG B 167 -24.82 7.13 -12.19
CA ARG B 167 -26.16 6.74 -11.79
C ARG B 167 -26.72 7.59 -10.68
N GLU B 168 -28.04 7.74 -10.67
CA GLU B 168 -28.71 8.55 -9.65
C GLU B 168 -28.30 8.09 -8.27
N ARG B 169 -27.69 9.01 -7.51
CA ARG B 169 -27.20 8.67 -6.18
C ARG B 169 -28.35 8.29 -5.27
N SER B 170 -28.18 7.19 -4.54
CA SER B 170 -29.19 6.70 -3.64
C SER B 170 -28.55 6.40 -2.29
N SER B 171 -29.39 6.25 -1.27
CA SER B 171 -28.90 5.90 0.06
C SER B 171 -28.31 4.49 0.08
N THR B 172 -28.72 3.63 -0.85
CA THR B 172 -28.24 2.25 -0.91
C THR B 172 -26.93 2.13 -1.67
N ASP B 173 -26.39 3.22 -2.21
CA ASP B 173 -25.15 3.17 -2.94
C ASP B 173 -23.98 2.84 -2.02
N HIS B 174 -22.98 2.15 -2.57
CA HIS B 174 -21.79 1.83 -1.81
C HIS B 174 -21.03 3.11 -1.47
N GLU B 175 -20.27 3.05 -0.38
CA GLU B 175 -19.57 4.24 0.09
C GLU B 175 -18.52 4.71 -0.90
N VAL B 176 -17.73 3.77 -1.45
CA VAL B 176 -16.68 4.16 -2.39
C VAL B 176 -17.29 4.69 -3.68
N THR B 177 -18.40 4.10 -4.13
CA THR B 177 -19.09 4.62 -5.30
C THR B 177 -19.63 6.03 -5.04
N ALA B 178 -20.17 6.26 -3.85
CA ALA B 178 -20.69 7.58 -3.53
C ALA B 178 -19.59 8.62 -3.50
N THR B 179 -18.44 8.28 -2.91
CA THR B 179 -17.34 9.23 -2.88
C THR B 179 -16.74 9.42 -4.27
N LEU B 180 -16.75 8.38 -5.09
CA LEU B 180 -16.36 8.50 -6.49
C LEU B 180 -17.23 9.50 -7.23
N LYS B 181 -18.55 9.35 -7.10
CA LYS B 181 -19.46 10.25 -7.79
C LYS B 181 -19.32 11.68 -7.28
N ALA B 182 -19.17 11.85 -5.97
CA ALA B 182 -18.99 13.19 -5.42
C ALA B 182 -17.70 13.83 -5.88
N GLU B 183 -16.62 13.05 -5.93
CA GLU B 183 -15.35 13.58 -6.42
C GLU B 183 -15.43 13.95 -7.90
N PHE B 184 -16.13 13.13 -8.68
CA PHE B 184 -16.32 13.46 -10.08
C PHE B 184 -17.14 14.73 -10.27
N MET B 185 -18.18 14.91 -9.43
CA MET B 185 -18.97 16.13 -9.53
C MET B 185 -18.15 17.35 -9.10
N THR B 186 -17.27 17.17 -8.11
CA THR B 186 -16.48 18.29 -7.61
C THR B 186 -15.41 18.70 -8.61
N LEU B 187 -14.72 17.74 -9.21
CA LEU B 187 -13.68 18.09 -10.18
C LEU B 187 -14.25 18.49 -11.52
N TRP B 188 -15.37 17.89 -11.91
CA TRP B 188 -16.02 18.22 -13.19
C TRP B 188 -16.48 19.67 -13.21
N ASP B 189 -17.06 20.14 -12.11
CA ASP B 189 -17.49 21.54 -12.00
C ASP B 189 -17.45 21.91 -10.52
N GLY B 190 -16.39 22.59 -10.12
CA GLY B 190 -16.19 22.93 -8.72
C GLY B 190 -15.51 24.26 -8.59
N LEU B 191 -14.76 24.44 -7.50
CA LEU B 191 -14.07 25.70 -7.28
C LEU B 191 -12.98 25.92 -8.31
N LEU B 192 -12.17 24.89 -8.55
CA LEU B 192 -11.03 25.00 -9.45
C LEU B 192 -11.47 24.65 -10.86
N ASN B 193 -11.33 25.61 -11.77
CA ASN B 193 -11.79 25.43 -13.13
C ASN B 193 -10.91 24.44 -13.88
N ASN B 194 -11.50 23.81 -14.90
CA ASN B 194 -10.82 22.86 -15.77
C ASN B 194 -10.53 23.54 -17.10
N GLY B 195 -9.29 23.47 -17.55
CA GLY B 195 -8.92 24.13 -18.79
C GLY B 195 -9.00 23.23 -20.00
N ARG B 196 -10.04 23.43 -20.81
CA ARG B 196 -10.29 22.67 -22.04
C ARG B 196 -10.41 21.17 -21.79
N VAL B 197 -10.82 20.79 -20.59
CA VAL B 197 -11.09 19.40 -20.28
C VAL B 197 -12.58 19.17 -20.43
N MET B 198 -12.95 18.15 -21.19
CA MET B 198 -14.34 17.90 -21.52
C MET B 198 -14.63 16.42 -21.39
N ILE B 199 -15.78 16.09 -20.79
CA ILE B 199 -16.16 14.71 -20.55
C ILE B 199 -17.23 14.34 -21.58
N ILE B 200 -17.05 13.22 -22.26
CA ILE B 200 -18.04 12.72 -23.20
C ILE B 200 -18.60 11.42 -22.66
N GLY B 201 -19.90 11.27 -22.74
CA GLY B 201 -20.55 10.04 -22.34
C GLY B 201 -21.49 9.53 -23.41
N ALA B 202 -21.51 8.22 -23.57
CA ALA B 202 -22.50 7.54 -24.39
C ALA B 202 -23.36 6.68 -23.48
N THR B 203 -24.67 6.70 -23.68
CA THR B 203 -25.56 5.91 -22.86
C THR B 203 -26.84 5.61 -23.62
N ASN B 204 -27.55 4.59 -23.16
CA ASN B 204 -28.87 4.26 -23.69
C ASN B 204 -30.00 4.78 -22.83
N ARG B 205 -29.77 4.84 -21.53
CA ARG B 205 -30.78 5.34 -20.60
C ARG B 205 -30.30 6.66 -20.03
N ILE B 206 -30.77 7.77 -20.60
CA ILE B 206 -30.37 9.08 -20.09
C ILE B 206 -30.99 9.33 -18.72
N ASN B 207 -32.18 8.78 -18.45
CA ASN B 207 -32.85 9.00 -17.18
C ASN B 207 -32.13 8.35 -16.01
N ASP B 208 -31.31 7.32 -16.26
CA ASP B 208 -30.54 6.72 -15.19
C ASP B 208 -29.43 7.63 -14.68
N ILE B 209 -28.99 8.58 -15.49
CA ILE B 209 -27.96 9.52 -15.07
C ILE B 209 -28.52 10.45 -14.01
N ASP B 210 -27.71 10.76 -13.01
CA ASP B 210 -28.12 11.66 -11.94
C ASP B 210 -28.41 13.05 -12.50
N ASP B 211 -29.32 13.76 -11.84
CA ASP B 211 -29.68 15.10 -12.29
C ASP B 211 -28.48 16.05 -12.21
N ALA B 212 -27.71 15.94 -11.13
CA ALA B 212 -26.53 16.80 -11.00
C ALA B 212 -25.43 16.40 -11.96
N PHE B 213 -25.38 15.13 -12.36
CA PHE B 213 -24.43 14.71 -13.38
C PHE B 213 -24.93 15.06 -14.77
N LEU B 214 -26.23 14.92 -15.01
CA LEU B 214 -26.81 15.28 -16.30
C LEU B 214 -26.73 16.78 -16.54
N ARG B 215 -26.72 17.57 -15.46
CA ARG B 215 -26.51 19.01 -15.59
C ARG B 215 -25.12 19.30 -16.12
N ARG B 216 -24.12 18.53 -15.71
CA ARG B 216 -22.75 18.67 -16.15
C ARG B 216 -22.53 18.16 -17.56
N LEU B 217 -23.54 17.57 -18.19
CA LEU B 217 -23.51 17.20 -19.60
C LEU B 217 -24.49 18.08 -20.34
N PRO B 218 -24.16 19.34 -20.58
CA PRO B 218 -25.17 20.26 -21.13
C PRO B 218 -25.48 20.01 -22.59
N LYS B 219 -24.46 19.76 -23.41
CA LYS B 219 -24.68 19.47 -24.82
C LYS B 219 -25.01 17.99 -24.96
N ARG B 220 -26.26 17.70 -25.28
CA ARG B 220 -26.72 16.33 -25.43
C ARG B 220 -27.09 16.08 -26.89
N PHE B 221 -26.62 14.97 -27.44
CA PHE B 221 -26.91 14.59 -28.81
C PHE B 221 -27.78 13.35 -28.79
N LEU B 222 -28.94 13.44 -29.44
CA LEU B 222 -29.88 12.32 -29.52
C LEU B 222 -29.57 11.52 -30.77
N VAL B 223 -28.85 10.41 -30.59
CA VAL B 223 -28.54 9.51 -31.70
C VAL B 223 -29.69 8.52 -31.77
N SER B 224 -30.75 8.93 -32.45
CA SER B 224 -32.00 8.17 -32.48
C SER B 224 -31.97 7.13 -33.61
N LEU B 225 -33.06 6.39 -33.74
CA LEU B 225 -33.18 5.39 -34.78
C LEU B 225 -33.20 6.06 -36.15
N PRO B 226 -32.48 5.51 -37.13
CA PRO B 226 -32.34 6.20 -38.42
C PRO B 226 -33.66 6.25 -39.18
N GLY B 227 -33.83 7.34 -39.92
CA GLY B 227 -34.97 7.47 -40.81
C GLY B 227 -34.71 6.75 -42.11
N SER B 228 -35.63 6.96 -43.07
CA SER B 228 -35.50 6.31 -44.36
C SER B 228 -34.25 6.79 -45.10
N ASP B 229 -34.06 8.11 -45.13
CA ASP B 229 -32.86 8.66 -45.76
C ASP B 229 -31.64 8.29 -44.95
N GLN B 230 -31.74 8.35 -43.64
CA GLN B 230 -30.62 7.97 -42.78
C GLN B 230 -30.27 6.50 -42.96
N ARG B 231 -31.28 5.64 -43.13
CA ARG B 231 -31.01 4.24 -43.43
C ARG B 231 -30.35 4.08 -44.80
N TYR B 232 -30.75 4.90 -45.77
CA TYR B 232 -30.11 4.86 -47.07
C TYR B 232 -28.63 5.19 -46.97
N LYS B 233 -28.30 6.24 -46.22
CA LYS B 233 -26.89 6.59 -46.02
C LYS B 233 -26.16 5.54 -45.20
N ILE B 234 -26.86 4.91 -44.25
CA ILE B 234 -26.29 3.84 -43.45
C ILE B 234 -25.88 2.68 -44.35
N LEU B 235 -26.77 2.28 -45.25
CA LEU B 235 -26.49 1.19 -46.17
C LEU B 235 -25.40 1.58 -47.15
N SER B 236 -25.39 2.83 -47.61
CA SER B 236 -24.35 3.29 -48.53
C SER B 236 -22.98 3.22 -47.88
N VAL B 237 -22.88 3.57 -46.59
CA VAL B 237 -21.61 3.48 -45.88
C VAL B 237 -21.23 2.01 -45.63
N LEU B 238 -22.21 1.18 -45.25
CA LEU B 238 -21.91 -0.20 -44.87
C LEU B 238 -21.50 -1.04 -46.07
N LEU B 239 -22.19 -0.90 -47.20
CA LEU B 239 -21.87 -1.67 -48.38
C LEU B 239 -20.77 -1.04 -49.23
N LYS B 240 -19.99 -0.13 -48.66
CA LYS B 240 -18.78 0.34 -49.31
C LYS B 240 -17.77 -0.79 -49.41
N ASP B 241 -16.91 -0.71 -50.44
CA ASP B 241 -15.91 -1.73 -50.74
C ASP B 241 -16.54 -3.10 -51.01
N THR B 242 -17.69 -3.11 -51.66
CA THR B 242 -18.35 -4.32 -52.14
C THR B 242 -18.70 -4.14 -53.61
N LYS B 243 -19.31 -5.18 -54.19
CA LYS B 243 -19.68 -5.16 -55.60
C LYS B 243 -20.72 -4.09 -55.90
N LEU B 244 -21.93 -4.27 -55.37
CA LEU B 244 -23.04 -3.33 -55.50
C LEU B 244 -23.37 -3.03 -56.96
N ASP B 245 -23.85 -4.06 -57.66
CA ASP B 245 -24.22 -3.90 -59.06
C ASP B 245 -25.40 -2.92 -59.20
N GLU B 246 -25.27 -2.00 -60.15
CA GLU B 246 -26.25 -0.92 -60.29
C GLU B 246 -27.62 -1.45 -60.69
N ASP B 247 -27.67 -2.42 -61.62
CA ASP B 247 -28.95 -2.94 -62.05
C ASP B 247 -29.55 -3.86 -61.00
N GLU B 248 -28.73 -4.69 -60.36
CA GLU B 248 -29.24 -5.71 -59.45
C GLU B 248 -29.65 -5.14 -58.10
N PHE B 249 -29.16 -3.96 -57.74
CA PHE B 249 -29.38 -3.41 -56.41
C PHE B 249 -30.40 -2.27 -56.44
N ASP B 250 -31.37 -2.34 -55.51
CA ASP B 250 -32.37 -1.28 -55.32
C ASP B 250 -32.26 -0.86 -53.86
N LEU B 251 -31.38 0.12 -53.59
CA LEU B 251 -31.09 0.52 -52.23
C LEU B 251 -32.28 1.17 -51.54
N GLN B 252 -33.10 1.91 -52.28
CA GLN B 252 -34.22 2.63 -51.68
C GLN B 252 -35.25 1.67 -51.09
N LEU B 253 -35.57 0.61 -51.84
CA LEU B 253 -36.50 -0.40 -51.35
C LEU B 253 -35.95 -1.10 -50.11
N ILE B 254 -34.64 -1.37 -50.10
CA ILE B 254 -34.00 -2.00 -48.95
C ILE B 254 -34.12 -1.08 -47.72
N ALA B 255 -33.89 0.21 -47.92
CA ALA B 255 -33.96 1.16 -46.82
C ALA B 255 -35.37 1.27 -46.26
N ASP B 256 -36.38 1.32 -47.15
CA ASP B 256 -37.75 1.41 -46.66
C ASP B 256 -38.24 0.10 -46.05
N ASN B 257 -37.67 -1.03 -46.44
CA ASN B 257 -38.08 -2.29 -45.85
C ASN B 257 -37.48 -2.53 -44.46
N THR B 258 -36.51 -1.72 -44.05
CA THR B 258 -35.87 -1.86 -42.74
C THR B 258 -36.51 -0.92 -41.72
N LYS B 259 -37.80 -1.11 -41.50
CA LYS B 259 -38.51 -0.27 -40.54
C LYS B 259 -38.05 -0.56 -39.11
N GLY B 260 -37.73 0.50 -38.38
CA GLY B 260 -37.26 0.36 -37.01
C GLY B 260 -35.96 -0.40 -36.88
N PHE B 261 -35.06 -0.24 -37.83
CA PHE B 261 -33.79 -0.95 -37.85
C PHE B 261 -32.68 -0.03 -37.36
N SER B 262 -31.96 -0.48 -36.36
CA SER B 262 -30.81 0.26 -35.88
C SER B 262 -29.61 0.04 -36.79
N GLY B 263 -28.55 0.81 -36.55
CA GLY B 263 -27.35 0.68 -37.36
C GLY B 263 -26.66 -0.66 -37.17
N SER B 264 -26.65 -1.18 -35.94
CA SER B 264 -26.07 -2.50 -35.69
C SER B 264 -26.88 -3.60 -36.38
N ASP B 265 -28.21 -3.46 -36.37
CA ASP B 265 -29.05 -4.42 -37.07
C ASP B 265 -28.81 -4.37 -38.58
N LEU B 266 -28.59 -3.17 -39.12
CA LEU B 266 -28.29 -3.04 -40.54
C LEU B 266 -26.91 -3.60 -40.86
N LYS B 267 -25.96 -3.47 -39.93
CA LYS B 267 -24.67 -4.13 -40.10
C LYS B 267 -24.83 -5.65 -40.12
N GLU B 268 -25.69 -6.18 -39.24
CA GLU B 268 -25.96 -7.62 -39.23
C GLU B 268 -26.59 -8.06 -40.54
N LEU B 269 -27.53 -7.28 -41.06
CA LEU B 269 -28.17 -7.61 -42.33
C LEU B 269 -27.17 -7.59 -43.47
N CYS B 270 -26.28 -6.58 -43.49
CA CYS B 270 -25.23 -6.52 -44.49
C CYS B 270 -24.30 -7.72 -44.40
N ARG B 271 -23.91 -8.08 -43.18
CA ARG B 271 -23.01 -9.22 -43.00
C ARG B 271 -23.65 -10.51 -43.48
N GLU B 272 -24.93 -10.72 -43.12
CA GLU B 272 -25.63 -11.93 -43.54
C GLU B 272 -25.76 -12.00 -45.06
N ALA B 273 -26.14 -10.88 -45.68
CA ALA B 273 -26.29 -10.87 -47.14
C ALA B 273 -24.95 -11.09 -47.84
N ALA B 274 -23.88 -10.50 -47.31
CA ALA B 274 -22.56 -10.70 -47.90
C ALA B 274 -22.10 -12.14 -47.76
N LEU B 275 -22.37 -12.76 -46.62
CA LEU B 275 -21.97 -14.16 -46.43
C LEU B 275 -22.77 -15.08 -47.35
N ASP B 276 -24.05 -14.81 -47.51
CA ASP B 276 -24.89 -15.65 -48.35
C ASP B 276 -24.56 -15.48 -49.83
N ALA B 277 -24.25 -14.25 -50.23
CA ALA B 277 -23.98 -13.98 -51.64
C ALA B 277 -22.64 -14.52 -52.07
N ALA B 278 -21.66 -14.53 -51.17
CA ALA B 278 -20.32 -15.00 -51.48
C ALA B 278 -20.11 -16.44 -51.10
N LYS B 279 -21.18 -17.16 -50.72
CA LYS B 279 -21.04 -18.50 -50.16
C LYS B 279 -20.43 -19.48 -51.16
N GLU B 280 -20.79 -19.36 -52.44
CA GLU B 280 -20.21 -20.23 -53.45
C GLU B 280 -18.71 -19.96 -53.61
N TYR B 281 -18.34 -18.69 -53.66
CA TYR B 281 -16.93 -18.32 -53.73
C TYR B 281 -16.20 -18.73 -52.45
N ILE B 282 -16.88 -18.65 -51.30
CA ILE B 282 -16.30 -19.09 -50.05
C ILE B 282 -16.00 -20.59 -50.08
N LYS B 283 -16.95 -21.38 -50.60
CA LYS B 283 -16.73 -22.81 -50.73
C LYS B 283 -15.57 -23.11 -51.68
N GLN B 284 -15.52 -22.39 -52.80
CA GLN B 284 -14.43 -22.59 -53.76
C GLN B 284 -13.07 -22.25 -53.16
N LYS B 285 -13.01 -21.15 -52.38
CA LYS B 285 -11.75 -20.77 -51.76
C LYS B 285 -11.35 -21.74 -50.65
N ARG B 286 -12.33 -22.29 -49.94
CA ARG B 286 -12.04 -23.28 -48.91
C ARG B 286 -11.55 -24.59 -49.52
N GLN B 287 -12.12 -24.98 -50.65
CA GLN B 287 -11.64 -26.19 -51.33
C GLN B 287 -10.22 -26.02 -51.84
N LEU B 288 -9.91 -24.84 -52.38
CA LEU B 288 -8.56 -24.56 -52.87
C LEU B 288 -7.71 -23.88 -51.80
N LYS B 303 -15.16 -15.69 -57.97
CA LYS B 303 -15.41 -14.31 -57.55
C LYS B 303 -16.67 -14.20 -56.72
N ILE B 304 -16.74 -13.16 -55.89
CA ILE B 304 -17.96 -12.85 -55.16
C ILE B 304 -19.00 -12.34 -56.14
N ARG B 305 -20.18 -12.95 -56.13
CA ARG B 305 -21.25 -12.52 -57.00
C ARG B 305 -21.73 -11.12 -56.61
N PRO B 306 -22.24 -10.34 -57.56
CA PRO B 306 -22.77 -9.02 -57.21
C PRO B 306 -23.93 -9.13 -56.22
N LEU B 307 -23.98 -8.19 -55.29
CA LEU B 307 -25.04 -8.17 -54.29
C LEU B 307 -26.37 -7.86 -54.96
N LYS B 308 -27.40 -8.62 -54.62
CA LYS B 308 -28.71 -8.50 -55.24
C LYS B 308 -29.74 -8.12 -54.20
N THR B 309 -30.79 -7.43 -54.66
CA THR B 309 -31.93 -7.12 -53.80
C THR B 309 -32.63 -8.38 -53.32
N LYS B 310 -32.52 -9.47 -54.10
CA LYS B 310 -33.13 -10.74 -53.72
C LYS B 310 -32.54 -11.29 -52.44
N ASP B 311 -31.21 -11.17 -52.27
CA ASP B 311 -30.56 -11.70 -51.06
C ASP B 311 -31.03 -10.96 -49.82
N PHE B 312 -31.04 -9.62 -49.88
CA PHE B 312 -31.50 -8.83 -48.74
C PHE B 312 -32.98 -9.07 -48.46
N THR B 313 -33.80 -9.13 -49.52
CA THR B 313 -35.23 -9.35 -49.34
C THR B 313 -35.50 -10.72 -48.73
N LYS B 314 -34.71 -11.73 -49.10
CA LYS B 314 -34.80 -13.03 -48.45
C LYS B 314 -34.40 -12.92 -46.98
N LYS B 315 -33.36 -12.16 -46.67
CA LYS B 315 -32.97 -11.97 -45.28
C LYS B 315 -33.89 -10.99 -44.56
N LEU B 316 -34.57 -10.12 -45.29
CA LEU B 316 -35.49 -9.17 -44.68
C LEU B 316 -36.81 -9.85 -44.35
N ARG B 317 -37.49 -9.32 -43.32
CA ARG B 317 -38.79 -9.88 -42.95
C ARG B 317 -39.88 -9.46 -43.93
N MET B 318 -39.86 -8.20 -44.34
CA MET B 318 -40.84 -7.61 -45.27
C MET B 318 -42.27 -7.80 -44.74
N GLY C 5 4.45 12.27 9.85
CA GLY C 5 5.05 11.97 8.57
C GLY C 5 4.11 11.25 7.63
N PRO C 6 3.24 12.01 6.96
CA PRO C 6 2.29 11.39 6.02
C PRO C 6 3.00 10.75 4.84
N LEU C 7 2.44 9.63 4.38
CA LEU C 7 3.03 8.94 3.24
C LEU C 7 2.55 9.50 1.91
N SER C 8 1.54 10.36 1.93
CA SER C 8 1.06 11.05 0.74
C SER C 8 1.23 12.56 0.92
N GLY C 9 1.26 13.26 -0.20
CA GLY C 9 1.54 14.68 -0.17
C GLY C 9 3.00 15.05 -0.14
N LYS C 10 3.89 14.08 -0.29
CA LYS C 10 5.33 14.32 -0.32
C LYS C 10 5.90 14.31 -1.72
N SER C 11 5.05 14.34 -2.74
CA SER C 11 5.52 14.43 -4.12
C SER C 11 6.16 15.79 -4.36
N ARG C 12 7.09 15.83 -5.32
CA ARG C 12 7.84 17.05 -5.58
C ARG C 12 6.94 18.16 -6.11
N GLU C 13 6.04 17.83 -7.04
CA GLU C 13 5.09 18.84 -7.52
C GLU C 13 4.10 19.22 -6.44
N SER C 14 3.75 18.27 -5.57
CA SER C 14 2.89 18.59 -4.44
C SER C 14 3.59 19.53 -3.47
N LYS C 15 4.87 19.31 -3.21
CA LYS C 15 5.62 20.22 -2.35
C LYS C 15 5.75 21.60 -2.97
N ALA C 16 5.93 21.65 -4.29
CA ALA C 16 5.95 22.95 -4.97
C ALA C 16 4.62 23.67 -4.83
N LYS C 17 3.51 22.94 -4.94
CA LYS C 17 2.21 23.56 -4.76
C LYS C 17 2.01 24.05 -3.34
N GLN C 18 2.49 23.28 -2.36
CA GLN C 18 2.39 23.71 -0.97
C GLN C 18 3.19 24.99 -0.72
N SER C 19 4.41 25.05 -1.26
CA SER C 19 5.21 26.26 -1.11
C SER C 19 4.56 27.45 -1.78
N LEU C 20 4.00 27.25 -2.98
CA LEU C 20 3.34 28.36 -3.67
C LEU C 20 2.10 28.85 -2.92
N GLN C 21 1.28 27.93 -2.42
CA GLN C 21 0.09 28.32 -1.69
C GLN C 21 0.45 29.01 -0.37
N TRP C 22 1.50 28.54 0.31
CA TRP C 22 1.94 29.21 1.52
C TRP C 22 2.48 30.60 1.23
N GLU C 23 3.19 30.77 0.10
CA GLU C 23 3.65 32.10 -0.28
C GLU C 23 2.49 33.04 -0.53
N LYS C 24 1.46 32.55 -1.23
CA LYS C 24 0.28 33.37 -1.49
C LYS C 24 -0.43 33.74 -0.19
N LEU C 25 -0.55 32.78 0.74
CA LEU C 25 -1.18 33.06 2.03
C LEU C 25 -0.40 34.09 2.83
N VAL C 26 0.93 33.96 2.87
CA VAL C 26 1.75 34.89 3.63
C VAL C 26 1.70 36.28 3.01
N LYS C 27 1.68 36.37 1.68
CA LYS C 27 1.53 37.66 1.02
C LYS C 27 0.18 38.28 1.34
N ARG C 28 -0.88 37.48 1.36
CA ARG C 28 -2.21 38.00 1.69
C ARG C 28 -2.26 38.47 3.14
N SER C 29 -1.84 37.61 4.07
CA SER C 29 -1.82 37.93 5.50
C SER C 29 -0.39 37.82 6.00
N PRO C 30 0.32 38.94 6.18
CA PRO C 30 1.72 38.86 6.61
C PRO C 30 1.92 38.29 8.00
N ALA C 31 0.88 38.24 8.83
CA ALA C 31 1.01 37.69 10.17
C ALA C 31 1.25 36.19 10.17
N LEU C 32 0.98 35.50 9.05
CA LEU C 32 1.14 34.06 8.98
C LEU C 32 2.59 33.64 8.75
N ALA C 33 3.51 34.58 8.56
CA ALA C 33 4.91 34.22 8.34
C ALA C 33 5.51 33.53 9.56
N GLU C 34 5.14 33.97 10.75
CA GLU C 34 5.63 33.35 11.98
C GLU C 34 4.94 32.02 12.30
N VAL C 35 3.86 31.70 11.60
CA VAL C 35 3.11 30.48 11.87
C VAL C 35 3.89 29.29 11.34
N THR C 36 4.07 28.28 12.18
CA THR C 36 4.75 27.05 11.80
C THR C 36 3.72 25.93 11.66
N LEU C 37 4.06 24.93 10.84
CA LEU C 37 3.14 23.86 10.52
C LEU C 37 3.84 22.51 10.63
N ASP C 38 3.04 21.48 10.89
CA ASP C 38 3.47 20.10 10.84
C ASP C 38 3.38 19.62 9.40
N ALA C 39 3.86 18.39 9.15
CA ALA C 39 3.86 17.87 7.79
C ALA C 39 2.44 17.62 7.28
N TYR C 40 1.56 17.14 8.16
CA TYR C 40 0.18 16.89 7.75
C TYR C 40 -0.54 18.19 7.38
N GLU C 41 -0.29 19.27 8.13
CA GLU C 41 -0.83 20.56 7.77
C GLU C 41 -0.26 21.06 6.45
N ARG C 42 1.01 20.73 6.18
CA ARG C 42 1.58 21.08 4.87
C ARG C 42 0.87 20.34 3.75
N THR C 43 0.51 19.07 3.95
CA THR C 43 -0.25 18.39 2.90
C THR C 43 -1.65 18.99 2.76
N ILE C 44 -2.21 19.51 3.85
CA ILE C 44 -3.49 20.21 3.73
C ILE C 44 -3.33 21.51 2.94
N LEU C 45 -2.13 22.11 2.99
CA LEU C 45 -1.89 23.38 2.31
C LEU C 45 -2.12 23.32 0.80
N SER C 46 -2.09 22.14 0.20
CA SER C 46 -2.36 22.02 -1.22
C SER C 46 -3.81 22.34 -1.56
N SER C 47 -4.73 22.21 -0.60
CA SER C 47 -6.13 22.49 -0.82
C SER C 47 -6.49 23.95 -0.61
N ILE C 48 -5.52 24.79 -0.28
CA ILE C 48 -5.78 26.21 -0.07
C ILE C 48 -6.11 26.85 -1.40
N VAL C 49 -7.21 27.59 -1.45
CA VAL C 49 -7.65 28.28 -2.66
C VAL C 49 -7.49 29.78 -2.42
N THR C 50 -6.58 30.38 -3.15
CA THR C 50 -6.20 31.79 -3.09
C THR C 50 -7.04 32.58 -4.08
N PRO C 51 -7.44 33.82 -3.75
CA PRO C 51 -8.40 34.55 -4.59
C PRO C 51 -7.99 34.75 -6.05
N ASP C 52 -6.70 34.63 -6.39
CA ASP C 52 -6.33 34.79 -7.79
C ASP C 52 -6.74 33.58 -8.62
N GLU C 53 -6.89 32.41 -7.98
CA GLU C 53 -7.29 31.20 -8.68
C GLU C 53 -8.77 31.17 -9.02
N ILE C 54 -9.54 32.13 -8.52
CA ILE C 54 -10.98 32.21 -8.75
C ILE C 54 -11.25 33.42 -9.65
N ASN C 55 -12.02 33.20 -10.70
CA ASN C 55 -12.37 34.27 -11.63
C ASN C 55 -13.78 34.80 -11.40
N ILE C 56 -14.44 34.38 -10.33
CA ILE C 56 -15.85 34.67 -10.09
C ILE C 56 -15.96 35.59 -8.87
N THR C 57 -16.61 36.73 -9.06
CA THR C 57 -16.92 37.64 -7.97
C THR C 57 -18.39 37.52 -7.61
N PHE C 58 -18.81 38.30 -6.62
CA PHE C 58 -20.22 38.29 -6.24
C PHE C 58 -21.10 39.01 -7.24
N GLN C 59 -20.51 39.80 -8.14
CA GLN C 59 -21.27 40.46 -9.20
C GLN C 59 -21.57 39.53 -10.37
N ASP C 60 -20.94 38.37 -10.43
CA ASP C 60 -21.15 37.41 -11.50
C ASP C 60 -22.27 36.43 -11.20
N ILE C 61 -22.93 36.55 -10.06
CA ILE C 61 -24.05 35.69 -9.68
C ILE C 61 -25.30 36.56 -9.70
N GLY C 62 -26.22 36.25 -10.60
CA GLY C 62 -27.45 37.01 -10.74
C GLY C 62 -28.62 36.22 -10.20
N GLY C 63 -29.63 36.95 -9.71
CA GLY C 63 -30.83 36.33 -9.20
C GLY C 63 -30.72 35.82 -7.78
N LEU C 64 -29.58 36.01 -7.12
CA LEU C 64 -29.39 35.62 -5.73
C LEU C 64 -29.01 36.81 -4.85
N ASP C 65 -29.35 38.02 -5.27
CA ASP C 65 -28.94 39.21 -4.52
C ASP C 65 -29.47 39.25 -3.09
N PRO C 66 -30.75 38.93 -2.79
CA PRO C 66 -31.12 38.80 -1.38
C PRO C 66 -30.35 37.71 -0.66
N LEU C 67 -30.12 36.57 -1.32
CA LEU C 67 -29.33 35.51 -0.72
C LEU C 67 -27.89 35.95 -0.52
N ILE C 68 -27.33 36.70 -1.48
CA ILE C 68 -25.95 37.17 -1.35
C ILE C 68 -25.80 38.15 -0.21
N SER C 69 -26.76 39.09 -0.08
CA SER C 69 -26.71 40.03 1.02
C SER C 69 -26.91 39.34 2.37
N ASP C 70 -27.82 38.37 2.44
CA ASP C 70 -28.00 37.61 3.67
C ASP C 70 -26.75 36.82 4.03
N LEU C 71 -26.13 36.21 3.03
CA LEU C 71 -24.89 35.48 3.26
C LEU C 71 -23.80 36.41 3.77
N HIS C 72 -23.70 37.60 3.18
CA HIS C 72 -22.75 38.59 3.67
C HIS C 72 -22.99 38.92 5.13
N GLU C 73 -24.19 39.44 5.43
CA GLU C 73 -24.48 39.96 6.76
C GLU C 73 -24.47 38.88 7.84
N SER C 74 -24.75 37.63 7.47
CA SER C 74 -24.84 36.56 8.46
C SER C 74 -23.61 35.68 8.53
N VAL C 75 -22.70 35.76 7.55
CA VAL C 75 -21.60 34.84 7.47
C VAL C 75 -20.29 35.59 7.32
N ILE C 76 -20.20 36.46 6.30
CA ILE C 76 -18.92 37.00 5.91
C ILE C 76 -18.50 38.11 6.86
N TYR C 77 -19.41 39.05 7.12
CA TYR C 77 -19.11 40.14 8.05
C TYR C 77 -18.91 39.67 9.49
N PRO C 78 -19.72 38.78 10.08
CA PRO C 78 -19.39 38.30 11.42
C PRO C 78 -18.08 37.54 11.51
N LEU C 79 -17.63 36.94 10.41
CA LEU C 79 -16.37 36.21 10.42
C LEU C 79 -15.19 37.12 10.14
N MET C 80 -15.28 37.96 9.10
CA MET C 80 -14.14 38.76 8.69
C MET C 80 -13.97 40.04 9.50
N MET C 81 -15.09 40.57 10.02
CA MET C 81 -15.05 41.79 10.83
C MET C 81 -15.59 41.50 12.26
N PRO C 82 -14.88 40.70 13.09
CA PRO C 82 -15.44 40.37 14.41
C PRO C 82 -15.45 41.55 15.36
N GLU C 83 -14.56 42.53 15.15
CA GLU C 83 -14.49 43.68 16.06
C GLU C 83 -15.75 44.53 15.97
N VAL C 84 -16.38 44.58 14.79
CA VAL C 84 -17.64 45.27 14.65
C VAL C 84 -18.72 44.57 15.46
N TYR C 85 -18.72 43.23 15.42
CA TYR C 85 -19.73 42.42 16.09
C TYR C 85 -19.35 42.05 17.52
N SER C 86 -18.21 42.51 18.02
CA SER C 86 -17.76 42.15 19.36
C SER C 86 -18.46 43.01 20.42
N ASN C 87 -19.77 42.87 20.50
CA ASN C 87 -20.54 43.53 21.55
C ASN C 87 -21.48 42.52 22.19
N SER C 88 -21.88 41.51 21.43
CA SER C 88 -22.76 40.47 21.95
C SER C 88 -22.17 39.11 21.59
N PRO C 89 -22.29 38.12 22.47
CA PRO C 89 -21.79 36.77 22.15
C PRO C 89 -22.61 36.08 21.08
N LEU C 90 -23.83 36.53 20.83
CA LEU C 90 -24.70 35.92 19.83
C LEU C 90 -24.48 36.49 18.44
N LEU C 91 -23.55 37.42 18.27
CA LEU C 91 -23.26 38.01 16.98
C LEU C 91 -22.12 37.28 16.26
N GLN C 92 -21.74 36.13 16.79
CA GLN C 92 -20.62 35.40 16.21
C GLN C 92 -20.97 34.70 14.91
N ALA C 93 -19.98 34.41 14.08
CA ALA C 93 -20.20 33.71 12.83
C ALA C 93 -20.66 32.28 13.12
N PRO C 94 -21.45 31.69 12.21
CA PRO C 94 -21.85 30.30 12.41
C PRO C 94 -20.67 29.35 12.28
N SER C 95 -20.77 28.22 12.98
CA SER C 95 -19.73 27.21 12.88
C SER C 95 -19.76 26.51 11.52
N GLY C 96 -20.91 26.51 10.86
CA GLY C 96 -21.02 25.87 9.57
C GLY C 96 -22.07 26.57 8.72
N VAL C 97 -21.93 26.39 7.41
CA VAL C 97 -22.86 26.95 6.43
C VAL C 97 -23.15 25.87 5.40
N LEU C 98 -24.42 25.68 5.06
CA LEU C 98 -24.82 24.72 4.04
C LEU C 98 -25.51 25.46 2.91
N LEU C 99 -24.95 25.36 1.71
CA LEU C 99 -25.59 25.84 0.49
C LEU C 99 -26.18 24.62 -0.20
N TYR C 100 -27.47 24.40 -0.02
CA TYR C 100 -28.15 23.25 -0.58
C TYR C 100 -29.22 23.70 -1.56
N GLY C 101 -29.53 22.84 -2.51
CA GLY C 101 -30.55 23.13 -3.48
C GLY C 101 -30.46 22.26 -4.71
N PRO C 102 -31.31 22.54 -5.70
CA PRO C 102 -31.24 21.76 -6.94
C PRO C 102 -29.95 22.06 -7.68
N PRO C 103 -29.49 21.13 -8.52
CA PRO C 103 -28.21 21.33 -9.21
C PRO C 103 -28.26 22.49 -10.21
N GLY C 104 -27.15 23.22 -10.28
CA GLY C 104 -26.98 24.28 -11.25
C GLY C 104 -27.54 25.63 -10.88
N CYS C 105 -27.99 25.81 -9.64
CA CYS C 105 -28.63 27.06 -9.27
C CYS C 105 -27.67 28.08 -8.67
N GLY C 106 -26.41 27.70 -8.42
CA GLY C 106 -25.42 28.70 -8.05
C GLY C 106 -24.69 28.50 -6.75
N LYS C 107 -24.68 27.27 -6.23
CA LYS C 107 -23.99 27.01 -4.97
C LYS C 107 -22.48 27.09 -5.13
N THR C 108 -21.91 26.50 -6.17
CA THR C 108 -20.47 26.65 -6.38
C THR C 108 -20.15 28.08 -6.78
N MET C 109 -21.07 28.76 -7.48
CA MET C 109 -20.83 30.17 -7.75
C MET C 109 -20.65 30.95 -6.44
N LEU C 110 -21.51 30.68 -5.45
CA LEU C 110 -21.39 31.36 -4.17
C LEU C 110 -20.11 30.93 -3.45
N ALA C 111 -19.71 29.66 -3.61
CA ALA C 111 -18.45 29.22 -3.03
C ALA C 111 -17.26 29.92 -3.69
N LYS C 112 -17.30 30.08 -5.01
CA LYS C 112 -16.25 30.82 -5.71
C LYS C 112 -16.19 32.27 -5.26
N ALA C 113 -17.36 32.89 -5.10
CA ALA C 113 -17.40 34.28 -4.66
C ALA C 113 -16.94 34.41 -3.21
N LEU C 114 -17.20 33.39 -2.38
CA LEU C 114 -16.67 33.39 -1.02
C LEU C 114 -15.16 33.20 -1.02
N ALA C 115 -14.63 32.38 -1.92
CA ALA C 115 -13.20 32.18 -2.00
C ALA C 115 -12.49 33.44 -2.49
N LYS C 116 -13.15 34.20 -3.36
CA LYS C 116 -12.50 35.38 -3.94
C LYS C 116 -12.74 36.64 -3.11
N GLU C 117 -14.00 37.01 -2.91
CA GLU C 117 -14.35 38.33 -2.40
C GLU C 117 -14.45 38.41 -0.87
N SER C 118 -14.68 37.28 -0.20
CA SER C 118 -14.88 37.31 1.25
C SER C 118 -13.64 37.69 2.04
N GLY C 119 -12.47 37.31 1.55
CA GLY C 119 -11.23 37.62 2.25
C GLY C 119 -10.84 36.62 3.30
N ALA C 120 -11.62 35.56 3.45
CA ALA C 120 -11.26 34.50 4.38
C ALA C 120 -10.33 33.54 3.70
N ASN C 121 -9.37 32.99 4.44
CA ASN C 121 -8.51 31.97 3.85
C ASN C 121 -9.43 30.82 3.50
N PHE C 122 -9.23 30.20 2.35
CA PHE C 122 -10.16 29.17 1.92
C PHE C 122 -9.48 27.85 1.71
N ILE C 123 -10.01 26.78 2.31
CA ILE C 123 -9.47 25.46 2.04
C ILE C 123 -10.58 24.72 1.33
N SER C 124 -10.35 24.29 0.10
CA SER C 124 -11.35 23.49 -0.57
C SER C 124 -10.85 22.09 -0.49
N ILE C 125 -11.51 21.26 0.30
CA ILE C 125 -10.98 19.93 0.49
C ILE C 125 -11.82 18.87 -0.21
N ARG C 126 -11.16 17.99 -0.93
CA ARG C 126 -11.87 16.91 -1.59
C ARG C 126 -11.55 15.63 -0.84
N MET C 127 -12.32 14.59 -1.12
CA MET C 127 -12.15 13.39 -0.34
C MET C 127 -10.85 12.67 -0.69
N SER C 128 -10.33 12.85 -1.90
CA SER C 128 -9.08 12.21 -2.28
C SER C 128 -7.91 12.74 -1.48
N SER C 129 -8.01 13.97 -0.98
CA SER C 129 -7.00 14.49 -0.08
C SER C 129 -7.16 13.96 1.33
N ILE C 130 -8.33 13.45 1.68
CA ILE C 130 -8.61 13.02 3.05
C ILE C 130 -8.44 11.52 3.22
N MET C 131 -9.07 10.72 2.35
CA MET C 131 -8.92 9.28 2.43
C MET C 131 -7.47 8.87 2.18
N ASP C 132 -6.96 8.01 3.06
CA ASP C 132 -5.64 7.43 2.88
C ASP C 132 -5.72 5.97 3.26
N LYS C 133 -5.12 5.12 2.43
CA LYS C 133 -5.14 3.69 2.68
C LYS C 133 -4.35 3.31 3.92
N TRP C 134 -3.42 4.15 4.35
CA TRP C 134 -2.61 3.81 5.52
C TRP C 134 -3.39 4.05 6.80
N TYR C 135 -3.14 3.23 7.80
CA TYR C 135 -4.01 3.19 8.98
C TYR C 135 -3.87 4.45 9.81
N GLY C 136 -5.01 5.03 10.17
CA GLY C 136 -5.02 6.21 11.02
C GLY C 136 -4.44 7.45 10.38
N GLU C 137 -4.38 7.49 9.06
CA GLU C 137 -3.84 8.65 8.36
C GLU C 137 -4.92 9.61 7.91
N SER C 138 -6.12 9.12 7.64
CA SER C 138 -7.22 10.01 7.31
C SER C 138 -7.61 10.86 8.51
N ASN C 139 -7.59 10.27 9.71
CA ASN C 139 -7.88 11.02 10.92
C ASN C 139 -6.83 12.09 11.17
N LYS C 140 -5.56 11.76 10.96
CA LYS C 140 -4.51 12.75 11.12
C LYS C 140 -4.63 13.86 10.07
N ILE C 141 -5.07 13.50 8.86
CA ILE C 141 -5.29 14.50 7.82
C ILE C 141 -6.41 15.45 8.24
N VAL C 142 -7.50 14.92 8.77
CA VAL C 142 -8.62 15.76 9.20
C VAL C 142 -8.22 16.65 10.37
N ASP C 143 -7.50 16.08 11.33
CA ASP C 143 -7.00 16.87 12.45
C ASP C 143 -6.09 17.99 11.98
N ALA C 144 -5.25 17.70 11.00
CA ALA C 144 -4.36 18.73 10.45
C ALA C 144 -5.14 19.78 9.70
N MET C 145 -6.21 19.39 9.01
CA MET C 145 -7.04 20.36 8.31
C MET C 145 -7.66 21.34 9.29
N PHE C 146 -8.16 20.83 10.42
CA PHE C 146 -8.74 21.72 11.41
C PHE C 146 -7.67 22.55 12.12
N SER C 147 -6.50 21.97 12.37
CA SER C 147 -5.41 22.71 12.99
C SER C 147 -4.92 23.83 12.08
N LEU C 148 -4.81 23.56 10.79
CA LEU C 148 -4.40 24.58 9.83
C LEU C 148 -5.45 25.67 9.71
N ALA C 149 -6.73 25.29 9.68
CA ALA C 149 -7.78 26.31 9.63
C ALA C 149 -7.80 27.14 10.91
N ASN C 150 -7.39 26.58 12.03
CA ASN C 150 -7.28 27.37 13.25
C ASN C 150 -6.05 28.28 13.22
N LYS C 151 -4.97 27.83 12.58
CA LYS C 151 -3.78 28.67 12.49
C LYS C 151 -4.01 29.88 11.58
N LEU C 152 -4.45 29.70 10.36
CA LEU C 152 -5.01 30.78 9.50
C LEU C 152 -6.32 31.02 10.16
N GLN C 153 -6.43 32.01 11.04
CA GLN C 153 -7.56 32.11 11.95
C GLN C 153 -8.90 32.40 11.30
N PRO C 154 -9.06 33.43 10.43
CA PRO C 154 -10.32 33.48 9.65
C PRO C 154 -10.22 32.54 8.47
N CYS C 155 -10.86 31.38 8.55
CA CYS C 155 -10.70 30.35 7.55
C CYS C 155 -12.05 29.79 7.17
N ILE C 156 -12.15 29.28 5.96
CA ILE C 156 -13.33 28.56 5.50
C ILE C 156 -12.87 27.22 4.97
N ILE C 157 -13.32 26.13 5.60
CA ILE C 157 -13.09 24.79 5.10
C ILE C 157 -14.28 24.44 4.22
N PHE C 158 -14.13 24.59 2.91
CA PHE C 158 -15.20 24.28 1.98
C PHE C 158 -15.07 22.85 1.51
N ILE C 159 -16.14 22.08 1.66
CA ILE C 159 -16.21 20.73 1.14
C ILE C 159 -17.38 20.69 0.17
N ASP C 160 -17.09 20.71 -1.13
CA ASP C 160 -18.13 20.53 -2.12
C ASP C 160 -18.62 19.09 -2.08
N GLN C 161 -19.91 18.92 -2.37
CA GLN C 161 -20.61 17.63 -2.27
C GLN C 161 -20.44 17.05 -0.88
N ILE C 162 -20.79 17.85 0.13
CA ILE C 162 -20.57 17.46 1.51
C ILE C 162 -21.55 16.39 1.97
N ASP C 163 -22.57 16.09 1.17
CA ASP C 163 -23.50 15.02 1.50
C ASP C 163 -22.87 13.64 1.37
N SER C 164 -21.74 13.54 0.67
CA SER C 164 -21.04 12.25 0.59
C SER C 164 -20.03 12.11 1.72
N PHE C 165 -19.42 13.22 2.11
CA PHE C 165 -18.47 13.19 3.22
C PHE C 165 -19.26 13.05 4.52
N LEU C 166 -20.34 13.79 4.66
CA LEU C 166 -21.12 13.79 5.89
C LEU C 166 -22.38 12.97 5.75
N ARG C 167 -22.33 11.86 5.03
CA ARG C 167 -23.49 11.01 4.84
C ARG C 167 -23.91 10.38 6.15
N GLU C 168 -25.16 9.89 6.18
CA GLU C 168 -25.72 9.30 7.38
C GLU C 168 -24.89 8.10 7.82
N ARG C 169 -24.34 8.18 9.02
CA ARG C 169 -23.52 7.10 9.55
C ARG C 169 -24.34 5.84 9.74
N SER C 170 -23.74 4.70 9.42
CA SER C 170 -24.44 3.43 9.52
C SER C 170 -23.46 2.35 9.94
N SER C 171 -23.99 1.18 10.27
CA SER C 171 -23.14 0.05 10.62
C SER C 171 -22.41 -0.50 9.41
N THR C 172 -22.98 -0.34 8.21
CA THR C 172 -22.32 -0.78 7.00
C THR C 172 -21.22 0.17 6.55
N ASP C 173 -21.06 1.30 7.24
CA ASP C 173 -20.03 2.27 6.86
C ASP C 173 -18.66 1.71 7.12
N HIS C 174 -17.70 2.09 6.27
CA HIS C 174 -16.34 1.59 6.44
C HIS C 174 -15.79 2.06 7.77
N GLU C 175 -14.87 1.25 8.31
CA GLU C 175 -14.26 1.53 9.60
C GLU C 175 -13.50 2.85 9.58
N VAL C 176 -12.63 3.05 8.60
CA VAL C 176 -11.83 4.26 8.55
C VAL C 176 -12.72 5.46 8.24
N THR C 177 -13.73 5.28 7.39
CA THR C 177 -14.70 6.34 7.12
C THR C 177 -15.49 6.70 8.37
N ALA C 178 -15.89 5.69 9.15
CA ALA C 178 -16.64 5.97 10.38
C ALA C 178 -15.81 6.75 11.37
N THR C 179 -14.56 6.33 11.60
CA THR C 179 -13.72 7.07 12.54
C THR C 179 -13.34 8.44 11.99
N LEU C 180 -13.23 8.57 10.67
CA LEU C 180 -12.99 9.85 10.04
C LEU C 180 -14.15 10.81 10.30
N LYS C 181 -15.38 10.35 10.09
CA LYS C 181 -16.53 11.23 10.28
C LYS C 181 -16.74 11.55 11.75
N ALA C 182 -16.46 10.61 12.64
CA ALA C 182 -16.55 10.90 14.07
C ALA C 182 -15.49 11.90 14.50
N GLU C 183 -14.27 11.80 13.96
CA GLU C 183 -13.24 12.79 14.23
C GLU C 183 -13.63 14.15 13.70
N PHE C 184 -14.28 14.19 12.53
CA PHE C 184 -14.75 15.45 11.97
C PHE C 184 -15.81 16.09 12.88
N MET C 185 -16.73 15.28 13.41
CA MET C 185 -17.71 15.83 14.37
C MET C 185 -17.02 16.32 15.63
N THR C 186 -16.03 15.57 16.12
CA THR C 186 -15.37 15.96 17.36
C THR C 186 -14.64 17.29 17.21
N LEU C 187 -13.92 17.48 16.11
CA LEU C 187 -13.19 18.72 15.92
C LEU C 187 -14.10 19.87 15.52
N TRP C 188 -15.17 19.58 14.78
CA TRP C 188 -16.06 20.63 14.28
C TRP C 188 -16.80 21.31 15.43
N ASP C 189 -17.30 20.53 16.38
CA ASP C 189 -17.97 21.09 17.55
C ASP C 189 -17.77 20.12 18.71
N GLY C 190 -16.74 20.35 19.48
CA GLY C 190 -16.42 19.48 20.60
C GLY C 190 -15.74 20.26 21.67
N LEU C 191 -14.95 19.57 22.49
CA LEU C 191 -14.05 20.26 23.39
C LEU C 191 -12.99 21.00 22.58
N LEU C 192 -12.47 22.09 23.15
CA LEU C 192 -11.46 22.92 22.52
C LEU C 192 -11.96 23.46 21.17
N ASN C 193 -12.98 24.31 21.24
CA ASN C 193 -13.64 24.80 20.05
C ASN C 193 -12.73 25.69 19.21
N ASN C 194 -12.92 25.62 17.89
CA ASN C 194 -12.14 26.40 16.95
C ASN C 194 -12.45 27.88 17.08
N GLY C 195 -11.46 28.70 16.73
CA GLY C 195 -11.65 30.13 16.87
C GLY C 195 -12.59 30.75 15.86
N ARG C 196 -12.16 30.88 14.61
CA ARG C 196 -12.93 31.51 13.55
C ARG C 196 -12.97 30.62 12.33
N VAL C 197 -13.03 29.31 12.55
CA VAL C 197 -13.10 28.34 11.47
C VAL C 197 -14.56 28.13 11.12
N MET C 198 -14.87 28.21 9.83
CA MET C 198 -16.22 27.95 9.36
C MET C 198 -16.17 26.90 8.28
N ILE C 199 -17.02 25.89 8.36
CA ILE C 199 -17.05 24.83 7.37
C ILE C 199 -18.28 25.04 6.50
N ILE C 200 -18.05 25.29 5.21
CA ILE C 200 -19.11 25.54 4.25
C ILE C 200 -19.24 24.32 3.36
N GLY C 201 -20.46 23.87 3.15
CA GLY C 201 -20.71 22.74 2.28
C GLY C 201 -21.73 23.09 1.23
N ALA C 202 -21.68 22.36 0.12
CA ALA C 202 -22.66 22.47 -0.93
C ALA C 202 -23.20 21.10 -1.26
N THR C 203 -24.52 20.95 -1.27
CA THR C 203 -25.14 19.66 -1.57
C THR C 203 -26.27 19.85 -2.57
N ASN C 204 -26.62 18.82 -3.25
CA ASN C 204 -27.88 18.72 -3.97
C ASN C 204 -28.86 17.91 -3.13
N ARG C 205 -28.35 16.97 -2.33
CA ARG C 205 -29.19 16.11 -1.49
C ARG C 205 -28.89 16.45 -0.04
N ILE C 206 -29.68 17.36 0.54
CA ILE C 206 -29.48 17.71 1.93
C ILE C 206 -29.88 16.57 2.85
N ASN C 207 -30.89 15.78 2.45
CA ASN C 207 -31.39 14.73 3.32
C ASN C 207 -30.41 13.58 3.48
N ASP C 208 -29.35 13.54 2.68
CA ASP C 208 -28.31 12.54 2.83
C ASP C 208 -27.33 12.85 3.95
N ILE C 209 -27.31 14.09 4.44
CA ILE C 209 -26.37 14.47 5.49
C ILE C 209 -26.83 13.93 6.82
N ASP C 210 -25.89 13.55 7.67
CA ASP C 210 -26.20 13.05 9.00
C ASP C 210 -26.79 14.16 9.85
N ASP C 211 -27.63 13.76 10.82
CA ASP C 211 -28.32 14.74 11.65
C ASP C 211 -27.35 15.55 12.49
N ALA C 212 -26.28 14.92 12.93
CA ALA C 212 -25.27 15.60 13.74
C ALA C 212 -24.44 16.55 12.90
N PHE C 213 -24.08 16.13 11.71
CA PHE C 213 -23.37 17.04 10.82
C PHE C 213 -24.25 18.21 10.43
N LEU C 214 -25.53 17.93 10.19
CA LEU C 214 -26.47 19.00 9.83
C LEU C 214 -26.63 20.04 10.93
N ARG C 215 -26.62 19.58 12.17
CA ARG C 215 -26.72 20.46 13.32
C ARG C 215 -25.50 21.38 13.32
N ARG C 216 -24.35 20.84 12.91
CA ARG C 216 -23.11 21.62 12.86
C ARG C 216 -23.07 22.52 11.66
N LEU C 217 -24.15 22.57 10.89
CA LEU C 217 -24.22 23.48 9.75
C LEU C 217 -25.51 24.23 10.02
N PRO C 218 -25.49 25.11 11.01
CA PRO C 218 -26.74 25.75 11.39
C PRO C 218 -27.28 26.72 10.35
N LYS C 219 -26.39 27.40 9.63
CA LYS C 219 -26.82 28.37 8.62
C LYS C 219 -27.03 27.63 7.31
N ARG C 220 -28.27 27.67 6.82
CA ARG C 220 -28.59 26.98 5.59
C ARG C 220 -29.13 27.92 4.53
N PHE C 221 -28.55 27.88 3.35
CA PHE C 221 -28.96 28.72 2.23
C PHE C 221 -29.57 27.84 1.16
N LEU C 222 -30.88 28.01 0.94
CA LEU C 222 -31.58 27.25 -0.10
C LEU C 222 -31.41 27.99 -1.42
N VAL C 223 -30.50 27.52 -2.26
CA VAL C 223 -30.29 28.07 -3.59
C VAL C 223 -31.24 27.30 -4.51
N SER C 224 -32.48 27.79 -4.59
CA SER C 224 -33.53 27.07 -5.29
C SER C 224 -33.51 27.41 -6.77
N LEU C 225 -34.46 26.82 -7.51
CA LEU C 225 -34.56 27.08 -8.94
C LEU C 225 -34.98 28.53 -9.17
N PRO C 226 -34.45 29.17 -10.19
CA PRO C 226 -34.72 30.60 -10.39
C PRO C 226 -36.13 30.86 -10.89
N GLY C 227 -36.69 31.98 -10.45
CA GLY C 227 -37.95 32.47 -10.96
C GLY C 227 -37.74 33.31 -12.21
N SER C 228 -38.83 33.91 -12.67
CA SER C 228 -38.79 34.67 -13.92
C SER C 228 -37.86 35.86 -13.82
N ASP C 229 -38.02 36.69 -12.77
CA ASP C 229 -37.13 37.82 -12.58
C ASP C 229 -35.70 37.37 -12.29
N GLN C 230 -35.56 36.31 -11.48
CA GLN C 230 -34.23 35.77 -11.20
C GLN C 230 -33.59 35.22 -12.46
N ARG C 231 -34.37 34.54 -13.31
CA ARG C 231 -33.84 34.05 -14.59
C ARG C 231 -33.44 35.19 -15.50
N TYR C 232 -34.20 36.29 -15.49
CA TYR C 232 -33.79 37.48 -16.24
C TYR C 232 -32.46 38.01 -15.71
N LYS C 233 -32.27 37.99 -14.40
CA LYS C 233 -31.02 38.46 -13.82
C LYS C 233 -29.85 37.57 -14.23
N ILE C 234 -30.04 36.25 -14.21
CA ILE C 234 -28.99 35.34 -14.66
C ILE C 234 -28.69 35.53 -16.14
N LEU C 235 -29.72 35.71 -16.96
CA LEU C 235 -29.49 35.91 -18.38
C LEU C 235 -28.77 37.23 -18.64
N SER C 236 -29.09 38.27 -17.86
CA SER C 236 -28.40 39.55 -18.01
C SER C 236 -26.94 39.44 -17.58
N VAL C 237 -26.66 38.67 -16.53
CA VAL C 237 -25.28 38.50 -16.09
C VAL C 237 -24.49 37.67 -17.10
N LEU C 238 -25.08 36.58 -17.59
CA LEU C 238 -24.38 35.70 -18.52
C LEU C 238 -24.16 36.37 -19.87
N LEU C 239 -25.02 37.30 -20.26
CA LEU C 239 -24.90 37.98 -21.53
C LEU C 239 -24.14 39.29 -21.43
N LYS C 240 -23.51 39.56 -20.28
CA LYS C 240 -22.62 40.71 -20.18
C LYS C 240 -21.38 40.47 -21.04
N ASP C 241 -20.67 41.58 -21.32
CA ASP C 241 -19.49 41.63 -22.20
C ASP C 241 -19.73 40.96 -23.56
N THR C 242 -20.99 40.89 -23.98
CA THR C 242 -21.37 40.32 -25.27
C THR C 242 -22.27 41.32 -25.98
N LYS C 243 -22.05 41.49 -27.28
CA LYS C 243 -22.85 42.44 -28.05
C LYS C 243 -24.28 41.94 -28.17
N LEU C 244 -25.22 42.76 -27.71
CA LEU C 244 -26.63 42.43 -27.69
C LEU C 244 -27.38 43.37 -28.62
N ASP C 245 -28.45 42.86 -29.21
CA ASP C 245 -29.23 43.68 -30.14
C ASP C 245 -29.96 44.80 -29.41
N GLU C 246 -30.23 45.87 -30.12
CA GLU C 246 -30.94 47.02 -29.61
C GLU C 246 -32.32 47.08 -30.24
N ASP C 247 -33.35 47.25 -29.40
CA ASP C 247 -34.74 47.36 -29.79
C ASP C 247 -35.28 46.11 -30.49
N GLU C 248 -34.54 45.03 -30.47
CA GLU C 248 -34.97 43.75 -31.03
C GLU C 248 -34.83 42.61 -30.04
N PHE C 249 -33.78 42.62 -29.20
CA PHE C 249 -33.61 41.59 -28.20
C PHE C 249 -34.67 41.70 -27.10
N ASP C 250 -35.32 40.58 -26.80
CA ASP C 250 -36.38 40.51 -25.80
C ASP C 250 -35.93 39.52 -24.73
N LEU C 251 -35.20 40.03 -23.73
CA LEU C 251 -34.71 39.16 -22.67
C LEU C 251 -35.84 38.70 -21.76
N GLN C 252 -36.89 39.53 -21.62
CA GLN C 252 -38.01 39.16 -20.76
C GLN C 252 -38.74 37.93 -21.28
N LEU C 253 -38.92 37.85 -22.61
CA LEU C 253 -39.57 36.68 -23.19
C LEU C 253 -38.74 35.42 -22.99
N ILE C 254 -37.43 35.53 -23.15
CA ILE C 254 -36.54 34.38 -22.93
C ILE C 254 -36.60 33.93 -21.48
N ALA C 255 -36.58 34.89 -20.55
CA ALA C 255 -36.67 34.53 -19.14
C ALA C 255 -38.01 33.90 -18.80
N ASP C 256 -39.10 34.39 -19.40
CA ASP C 256 -40.41 33.83 -19.12
C ASP C 256 -40.56 32.42 -19.66
N ASN C 257 -40.04 32.16 -20.85
CA ASN C 257 -40.20 30.85 -21.47
C ASN C 257 -39.22 29.79 -20.96
N THR C 258 -38.24 30.21 -20.17
CA THR C 258 -37.29 29.26 -19.60
C THR C 258 -37.74 28.78 -18.23
N LYS C 259 -38.98 28.30 -18.13
CA LYS C 259 -39.51 27.84 -16.86
C LYS C 259 -38.81 26.55 -16.43
N GLY C 260 -38.36 26.53 -15.18
CA GLY C 260 -37.66 25.38 -14.67
C GLY C 260 -36.21 25.28 -15.07
N PHE C 261 -35.69 26.29 -15.76
CA PHE C 261 -34.30 26.29 -16.18
C PHE C 261 -33.40 26.67 -15.01
N SER C 262 -32.45 25.81 -14.68
CA SER C 262 -31.45 26.17 -13.69
C SER C 262 -30.48 27.17 -14.31
N GLY C 263 -29.55 27.67 -13.49
CA GLY C 263 -28.58 28.61 -14.01
C GLY C 263 -27.64 27.98 -15.02
N SER C 264 -27.30 26.72 -14.82
CA SER C 264 -26.44 26.01 -15.77
C SER C 264 -27.13 25.82 -17.10
N ASP C 265 -28.44 25.56 -17.09
CA ASP C 265 -29.19 25.46 -18.33
C ASP C 265 -29.18 26.78 -19.09
N LEU C 266 -29.32 27.90 -18.37
CA LEU C 266 -29.24 29.20 -19.02
C LEU C 266 -27.84 29.46 -19.56
N LYS C 267 -26.81 29.04 -18.83
CA LYS C 267 -25.44 29.20 -19.33
C LYS C 267 -25.23 28.42 -20.62
N GLU C 268 -25.73 27.19 -20.67
CA GLU C 268 -25.62 26.39 -21.88
C GLU C 268 -26.41 27.01 -23.02
N LEU C 269 -27.61 27.52 -22.73
CA LEU C 269 -28.42 28.14 -23.77
C LEU C 269 -27.75 29.39 -24.32
N CYS C 270 -27.15 30.21 -23.44
CA CYS C 270 -26.41 31.38 -23.90
C CYS C 270 -25.20 30.98 -24.73
N ARG C 271 -24.49 29.92 -24.31
CA ARG C 271 -23.33 29.46 -25.08
C ARG C 271 -23.75 28.98 -26.46
N GLU C 272 -24.85 28.23 -26.55
CA GLU C 272 -25.34 27.77 -27.84
C GLU C 272 -25.82 28.92 -28.70
N ALA C 273 -26.45 29.93 -28.09
CA ALA C 273 -26.91 31.09 -28.85
C ALA C 273 -25.73 31.88 -29.39
N ALA C 274 -24.69 32.05 -28.58
CA ALA C 274 -23.49 32.74 -29.06
C ALA C 274 -22.82 31.95 -30.17
N LEU C 275 -22.81 30.62 -30.07
CA LEU C 275 -22.23 29.79 -31.12
C LEU C 275 -23.03 29.89 -32.42
N ASP C 276 -24.37 29.97 -32.30
CA ASP C 276 -25.20 30.04 -33.49
C ASP C 276 -25.06 31.41 -34.15
N ALA C 277 -25.11 32.48 -33.36
CA ALA C 277 -25.08 33.82 -33.92
C ALA C 277 -23.74 34.15 -34.55
N ALA C 278 -22.65 33.62 -34.00
CA ALA C 278 -21.31 33.91 -34.49
C ALA C 278 -20.83 32.93 -35.54
N LYS C 279 -21.70 32.03 -36.01
CA LYS C 279 -21.27 30.94 -36.89
C LYS C 279 -20.70 31.46 -38.20
N GLU C 280 -21.32 32.49 -38.77
CA GLU C 280 -20.78 33.09 -39.99
C GLU C 280 -19.43 33.73 -39.73
N TYR C 281 -19.29 34.43 -38.60
CA TYR C 281 -17.99 34.99 -38.23
C TYR C 281 -16.96 33.89 -37.98
N ILE C 282 -17.40 32.78 -37.37
CA ILE C 282 -16.50 31.66 -37.13
C ILE C 282 -15.98 31.08 -38.44
N LYS C 283 -16.88 30.91 -39.41
CA LYS C 283 -16.47 30.42 -40.73
C LYS C 283 -15.52 31.39 -41.41
N GLN C 284 -15.81 32.69 -41.33
CA GLN C 284 -14.95 33.68 -41.96
C GLN C 284 -13.57 33.69 -41.32
N LYS C 285 -13.50 33.56 -39.99
CA LYS C 285 -12.21 33.54 -39.30
C LYS C 285 -11.45 32.26 -39.61
N ARG C 286 -12.16 31.13 -39.74
CA ARG C 286 -11.49 29.88 -40.08
C ARG C 286 -10.94 29.93 -41.51
N GLN C 287 -11.64 30.61 -42.41
CA GLN C 287 -11.10 30.84 -43.74
C GLN C 287 -9.84 31.68 -43.69
N LEU C 288 -9.83 32.71 -42.83
CA LEU C 288 -8.63 33.52 -42.64
C LEU C 288 -7.51 32.72 -41.99
N ILE C 289 -7.85 31.91 -41.00
CA ILE C 289 -6.85 31.09 -40.31
C ILE C 289 -6.57 29.82 -41.09
N LEU C 302 -18.33 40.15 -40.94
CA LEU C 302 -17.76 41.10 -39.99
C LEU C 302 -17.55 40.45 -38.63
N LYS C 303 -17.87 41.20 -37.58
CA LYS C 303 -17.71 40.71 -36.21
C LYS C 303 -18.87 39.79 -35.86
N ILE C 304 -19.01 39.46 -34.58
CA ILE C 304 -20.15 38.68 -34.13
C ILE C 304 -21.40 39.53 -34.21
N ARG C 305 -22.43 39.02 -34.90
CA ARG C 305 -23.68 39.75 -35.02
C ARG C 305 -24.35 39.85 -33.65
N PRO C 306 -25.08 40.93 -33.40
CA PRO C 306 -25.81 41.05 -32.13
C PRO C 306 -26.84 39.93 -31.98
N LEU C 307 -26.94 39.40 -30.77
CA LEU C 307 -27.79 38.26 -30.51
C LEU C 307 -29.24 38.71 -30.43
N LYS C 308 -30.09 38.13 -31.28
CA LYS C 308 -31.50 38.47 -31.33
C LYS C 308 -32.31 37.46 -30.52
N THR C 309 -33.56 37.84 -30.22
CA THR C 309 -34.45 36.96 -29.49
C THR C 309 -34.81 35.73 -30.31
N LYS C 310 -34.81 35.85 -31.63
CA LYS C 310 -35.05 34.68 -32.48
C LYS C 310 -33.91 33.69 -32.35
N ASP C 311 -32.68 34.19 -32.20
CA ASP C 311 -31.53 33.30 -32.02
C ASP C 311 -31.66 32.48 -30.74
N PHE C 312 -32.10 33.11 -29.65
CA PHE C 312 -32.27 32.40 -28.40
C PHE C 312 -33.47 31.44 -28.46
N THR C 313 -34.57 31.89 -29.07
CA THR C 313 -35.80 31.12 -29.04
C THR C 313 -35.88 30.06 -30.13
N LYS C 314 -34.91 30.01 -31.04
CA LYS C 314 -34.90 28.98 -32.07
C LYS C 314 -34.75 27.63 -31.41
N LYS C 315 -33.76 27.49 -30.53
CA LYS C 315 -33.52 26.25 -29.82
C LYS C 315 -34.22 26.17 -28.49
N LEU C 316 -34.76 27.28 -28.00
CA LEU C 316 -35.54 27.26 -26.77
C LEU C 316 -36.86 26.54 -27.00
N ARG C 317 -37.18 25.59 -26.12
CA ARG C 317 -38.39 24.80 -26.23
C ARG C 317 -39.50 25.49 -25.45
N MET C 318 -40.65 25.65 -26.09
CA MET C 318 -41.77 26.33 -25.46
C MET C 318 -42.82 25.33 -24.98
N PRO D 6 8.89 4.65 14.41
CA PRO D 6 8.86 5.96 15.08
C PRO D 6 7.59 6.16 15.90
N LEU D 7 7.59 7.20 16.74
CA LEU D 7 6.48 7.51 17.62
C LEU D 7 5.69 8.69 17.08
N SER D 8 4.41 8.74 17.43
CA SER D 8 3.54 9.84 17.03
C SER D 8 3.90 11.11 17.81
N GLY D 9 3.32 12.22 17.35
CA GLY D 9 3.59 13.50 17.99
C GLY D 9 5.04 13.94 17.87
N LYS D 10 5.60 13.86 16.67
CA LYS D 10 6.99 14.20 16.46
C LYS D 10 7.21 15.69 16.21
N SER D 11 6.16 16.51 16.29
CA SER D 11 6.30 17.93 16.05
C SER D 11 6.84 18.65 17.28
N ARG D 12 7.56 19.75 17.04
CA ARG D 12 8.05 20.59 18.14
C ARG D 12 6.90 21.30 18.82
N GLU D 13 5.86 21.67 18.06
CA GLU D 13 4.64 22.22 18.65
C GLU D 13 3.98 21.21 19.57
N SER D 14 4.05 19.92 19.23
CA SER D 14 3.52 18.89 20.11
C SER D 14 4.28 18.83 21.42
N LYS D 15 5.59 18.97 21.36
CA LYS D 15 6.38 18.99 22.58
C LYS D 15 6.05 20.22 23.41
N ALA D 16 5.85 21.37 22.76
CA ALA D 16 5.48 22.59 23.49
C ALA D 16 4.14 22.41 24.18
N LYS D 17 3.17 21.82 23.47
CA LYS D 17 1.85 21.59 24.04
C LYS D 17 1.91 20.61 25.21
N GLN D 18 2.69 19.54 25.06
CA GLN D 18 2.80 18.55 26.14
C GLN D 18 3.46 19.15 27.37
N SER D 19 4.53 19.93 27.18
CA SER D 19 5.20 20.55 28.33
C SER D 19 4.31 21.57 29.00
N LEU D 20 3.56 22.35 28.22
CA LEU D 20 2.64 23.33 28.80
C LEU D 20 1.53 22.65 29.59
N GLN D 21 0.97 21.57 29.04
CA GLN D 21 -0.09 20.86 29.76
C GLN D 21 0.45 20.19 31.02
N TRP D 22 1.68 19.67 30.97
CA TRP D 22 2.26 19.07 32.16
C TRP D 22 2.52 20.11 33.23
N GLU D 23 3.02 21.29 32.84
CA GLU D 23 3.21 22.36 33.80
C GLU D 23 1.89 22.80 34.43
N LYS D 24 0.83 22.88 33.62
CA LYS D 24 -0.49 23.19 34.15
C LYS D 24 -0.97 22.12 35.12
N LEU D 25 -0.74 20.85 34.81
CA LEU D 25 -1.19 19.77 35.68
C LEU D 25 -0.44 19.79 37.01
N VAL D 26 0.87 20.02 36.97
CA VAL D 26 1.65 20.10 38.21
C VAL D 26 1.25 21.33 39.02
N LYS D 27 0.93 22.44 38.34
CA LYS D 27 0.44 23.61 39.06
C LYS D 27 -0.88 23.33 39.74
N ARG D 28 -1.79 22.63 39.06
CA ARG D 28 -3.07 22.29 39.68
C ARG D 28 -2.88 21.31 40.84
N SER D 29 -2.03 20.31 40.66
CA SER D 29 -1.78 19.30 41.70
C SER D 29 -0.29 19.14 41.86
N PRO D 30 0.29 19.68 42.94
CA PRO D 30 1.75 19.61 43.12
C PRO D 30 2.29 18.20 43.31
N ALA D 31 1.43 17.24 43.67
CA ALA D 31 1.90 15.87 43.90
C ALA D 31 2.33 15.19 42.61
N LEU D 32 1.94 15.71 41.45
CA LEU D 32 2.27 15.09 40.17
C LEU D 32 3.70 15.40 39.73
N ALA D 33 4.41 16.27 40.43
CA ALA D 33 5.77 16.61 40.03
C ALA D 33 6.70 15.40 40.14
N GLU D 34 6.51 14.59 41.18
CA GLU D 34 7.36 13.42 41.39
C GLU D 34 7.06 12.28 40.41
N VAL D 35 5.98 12.37 39.64
CA VAL D 35 5.57 11.29 38.76
C VAL D 35 6.31 11.41 37.44
N THR D 36 7.08 10.39 37.09
CA THR D 36 7.74 10.32 35.81
C THR D 36 6.82 9.67 34.79
N LEU D 37 6.97 10.04 33.53
CA LEU D 37 6.11 9.56 32.47
C LEU D 37 6.93 8.89 31.37
N ASP D 38 6.31 7.91 30.73
CA ASP D 38 6.87 7.24 29.58
C ASP D 38 6.77 8.15 28.36
N ALA D 39 7.39 7.71 27.26
CA ALA D 39 7.31 8.48 26.02
C ALA D 39 5.89 8.48 25.47
N TYR D 40 5.21 7.34 25.53
CA TYR D 40 3.84 7.28 25.05
C TYR D 40 2.89 8.05 25.97
N GLU D 41 3.14 8.01 27.28
CA GLU D 41 2.38 8.84 28.21
C GLU D 41 2.63 10.32 27.93
N ARG D 42 3.86 10.67 27.56
CA ARG D 42 4.15 12.04 27.17
C ARG D 42 3.36 12.43 25.93
N THR D 43 3.21 11.52 24.96
CA THR D 43 2.39 11.84 23.80
C THR D 43 0.92 11.99 24.19
N ILE D 44 0.45 11.18 25.15
CA ILE D 44 -0.92 11.31 25.63
C ILE D 44 -1.12 12.65 26.35
N LEU D 45 -0.05 13.20 26.91
CA LEU D 45 -0.14 14.47 27.63
C LEU D 45 -0.65 15.61 26.76
N SER D 46 -0.50 15.50 25.44
CA SER D 46 -1.01 16.53 24.55
C SER D 46 -2.53 16.60 24.55
N SER D 47 -3.21 15.52 24.96
CA SER D 47 -4.66 15.47 24.99
C SER D 47 -5.23 15.91 26.34
N ILE D 48 -4.39 16.36 27.26
CA ILE D 48 -4.86 16.86 28.54
C ILE D 48 -5.63 18.17 28.31
N VAL D 49 -6.81 18.26 28.90
CA VAL D 49 -7.64 19.45 28.80
C VAL D 49 -7.75 20.06 30.19
N THR D 50 -7.33 21.30 30.31
CA THR D 50 -7.34 22.04 31.57
C THR D 50 -8.56 22.92 31.67
N PRO D 51 -8.99 23.29 32.89
CA PRO D 51 -10.15 24.17 33.01
C PRO D 51 -9.97 25.56 32.43
N ASP D 52 -8.74 26.00 32.19
CA ASP D 52 -8.53 27.30 31.56
C ASP D 52 -8.84 27.27 30.08
N GLU D 53 -8.80 26.10 29.45
CA GLU D 53 -9.13 25.97 28.04
C GLU D 53 -10.63 25.89 27.79
N ILE D 54 -11.45 25.82 28.84
CA ILE D 54 -12.90 25.71 28.71
C ILE D 54 -13.54 26.96 29.28
N ASN D 55 -14.52 27.51 28.57
CA ASN D 55 -15.23 28.69 29.04
C ASN D 55 -16.69 28.36 29.40
N ILE D 56 -17.05 27.09 29.34
CA ILE D 56 -18.41 26.66 29.63
C ILE D 56 -18.44 26.04 31.02
N THR D 57 -19.24 26.60 31.91
CA THR D 57 -19.44 26.04 33.24
C THR D 57 -20.75 25.27 33.26
N PHE D 58 -21.13 24.78 34.43
CA PHE D 58 -22.41 24.09 34.57
C PHE D 58 -23.59 25.05 34.59
N GLN D 59 -23.35 26.33 34.86
CA GLN D 59 -24.41 27.33 34.80
C GLN D 59 -24.74 27.75 33.38
N ASP D 60 -23.87 27.44 32.43
CA ASP D 60 -24.11 27.75 31.02
C ASP D 60 -24.96 26.70 30.33
N ILE D 61 -25.37 25.64 31.03
CA ILE D 61 -26.21 24.59 30.49
C ILE D 61 -27.57 24.70 31.13
N GLY D 62 -28.58 25.06 30.33
CA GLY D 62 -29.92 25.21 30.86
C GLY D 62 -30.82 24.06 30.49
N GLY D 63 -31.87 23.84 31.27
CA GLY D 63 -32.81 22.79 30.97
C GLY D 63 -32.31 21.40 31.28
N LEU D 64 -31.18 21.28 31.96
CA LEU D 64 -30.62 19.99 32.34
C LEU D 64 -30.26 19.96 33.81
N ASP D 65 -30.99 20.72 34.64
CA ASP D 65 -30.70 20.76 36.07
C ASP D 65 -30.87 19.41 36.76
N PRO D 66 -31.94 18.63 36.54
CA PRO D 66 -31.96 17.28 37.13
C PRO D 66 -30.83 16.39 36.64
N LEU D 67 -30.51 16.45 35.35
CA LEU D 67 -29.41 15.66 34.82
C LEU D 67 -28.08 16.11 35.40
N ILE D 68 -27.89 17.43 35.55
CA ILE D 68 -26.64 17.94 36.10
C ILE D 68 -26.48 17.53 37.55
N SER D 69 -27.55 17.61 38.34
CA SER D 69 -27.47 17.21 39.73
C SER D 69 -27.25 15.71 39.87
N ASP D 70 -27.92 14.91 39.03
CA ASP D 70 -27.69 13.46 39.04
C ASP D 70 -26.27 13.13 38.65
N LEU D 71 -25.75 13.82 37.63
CA LEU D 71 -24.36 13.62 37.20
C LEU D 71 -23.40 13.96 38.32
N HIS D 72 -23.64 15.08 39.00
CA HIS D 72 -22.81 15.46 40.14
C HIS D 72 -22.82 14.38 41.21
N GLU D 73 -24.01 14.13 41.78
CA GLU D 73 -24.12 13.24 42.94
C GLU D 73 -23.80 11.78 42.62
N SER D 74 -23.80 11.38 41.35
CA SER D 74 -23.50 10.00 41.02
C SER D 74 -22.15 9.81 40.36
N VAL D 75 -21.47 10.88 39.93
CA VAL D 75 -20.26 10.74 39.16
C VAL D 75 -19.14 11.59 39.77
N ILE D 76 -19.41 12.88 39.98
CA ILE D 76 -18.34 13.78 40.35
C ILE D 76 -18.03 13.65 41.83
N TYR D 77 -19.04 13.74 42.68
CA TYR D 77 -18.82 13.57 44.11
C TYR D 77 -18.32 12.17 44.50
N PRO D 78 -18.82 11.06 43.95
CA PRO D 78 -18.17 9.77 44.25
C PRO D 78 -16.73 9.68 43.79
N LEU D 79 -16.33 10.46 42.79
CA LEU D 79 -14.95 10.44 42.31
C LEU D 79 -14.10 11.50 42.98
N MET D 80 -14.56 12.75 43.00
CA MET D 80 -13.74 13.83 43.55
C MET D 80 -13.69 13.83 45.06
N MET D 81 -14.69 13.27 45.75
CA MET D 81 -14.72 13.24 47.21
C MET D 81 -14.91 11.80 47.67
N PRO D 82 -13.89 10.96 47.54
CA PRO D 82 -14.03 9.57 48.00
C PRO D 82 -14.01 9.44 49.51
N GLU D 83 -13.52 10.46 50.21
CA GLU D 83 -13.51 10.43 51.67
C GLU D 83 -14.94 10.30 52.16
N VAL D 84 -15.82 11.13 51.63
CA VAL D 84 -17.23 11.08 52.02
C VAL D 84 -17.82 9.72 51.70
N TYR D 85 -17.43 9.14 50.57
CA TYR D 85 -18.01 7.90 50.06
C TYR D 85 -17.21 6.67 50.46
N SER D 86 -16.17 6.81 51.29
CA SER D 86 -15.35 5.68 51.68
C SER D 86 -16.02 4.77 52.69
N ASN D 87 -17.17 5.17 53.23
CA ASN D 87 -17.85 4.35 54.23
C ASN D 87 -18.32 3.03 53.65
N SER D 88 -18.85 3.04 52.42
CA SER D 88 -19.33 1.82 51.82
C SER D 88 -18.61 1.53 50.51
N PRO D 89 -18.23 0.27 50.26
CA PRO D 89 -17.59 -0.06 48.98
C PRO D 89 -18.50 0.10 47.78
N LEU D 90 -19.82 0.11 47.97
CA LEU D 90 -20.72 0.30 46.84
C LEU D 90 -20.77 1.76 46.40
N LEU D 91 -20.58 2.70 47.33
CA LEU D 91 -20.62 4.12 47.02
C LEU D 91 -19.34 4.50 46.29
N GLN D 92 -19.31 4.21 45.00
CA GLN D 92 -18.11 4.40 44.20
C GLN D 92 -18.46 5.07 42.88
N ALA D 93 -17.45 5.67 42.26
CA ALA D 93 -17.63 6.25 40.94
C ALA D 93 -17.84 5.14 39.91
N PRO D 94 -18.59 5.42 38.85
CA PRO D 94 -18.78 4.42 37.80
C PRO D 94 -17.49 4.15 37.06
N SER D 95 -17.41 2.96 36.47
CA SER D 95 -16.29 2.65 35.59
C SER D 95 -16.34 3.47 34.31
N GLY D 96 -17.51 3.97 33.94
CA GLY D 96 -17.64 4.79 32.76
C GLY D 96 -18.97 5.50 32.76
N VAL D 97 -19.05 6.55 31.95
CA VAL D 97 -20.26 7.34 31.80
C VAL D 97 -20.53 7.54 30.32
N LEU D 98 -21.77 7.30 29.90
CA LEU D 98 -22.17 7.54 28.52
C LEU D 98 -23.17 8.68 28.50
N LEU D 99 -22.85 9.73 27.77
CA LEU D 99 -23.77 10.84 27.52
C LEU D 99 -24.30 10.65 26.11
N TYR D 100 -25.45 10.02 26.01
CA TYR D 100 -26.05 9.70 24.72
C TYR D 100 -27.38 10.45 24.58
N GLY D 101 -27.73 10.74 23.34
CA GLY D 101 -28.97 11.43 23.04
C GLY D 101 -28.99 11.99 21.64
N PRO D 102 -30.04 12.72 21.30
CA PRO D 102 -30.08 13.37 19.99
C PRO D 102 -29.00 14.42 19.88
N PRO D 103 -28.51 14.68 18.67
CA PRO D 103 -27.46 15.68 18.51
C PRO D 103 -27.93 17.08 18.88
N GLY D 104 -27.04 17.84 19.53
CA GLY D 104 -27.31 19.21 19.90
C GLY D 104 -27.99 19.41 21.23
N CYS D 105 -28.24 18.34 21.98
CA CYS D 105 -29.00 18.48 23.21
C CYS D 105 -28.15 18.83 24.42
N GLY D 106 -26.83 18.77 24.32
CA GLY D 106 -25.99 19.29 25.37
C GLY D 106 -24.96 18.35 25.96
N LYS D 107 -24.62 17.27 25.25
CA LYS D 107 -23.65 16.32 25.78
C LYS D 107 -22.24 16.91 25.82
N THR D 108 -21.84 17.62 24.77
CA THR D 108 -20.53 18.26 24.80
C THR D 108 -20.53 19.47 25.73
N MET D 109 -21.68 20.10 25.94
CA MET D 109 -21.80 21.09 27.00
C MET D 109 -21.48 20.45 28.35
N LEU D 110 -22.03 19.28 28.62
CA LEU D 110 -21.78 18.61 29.89
C LEU D 110 -20.34 18.15 29.99
N ALA D 111 -19.75 17.71 28.87
CA ALA D 111 -18.34 17.33 28.89
C ALA D 111 -17.43 18.53 29.15
N LYS D 112 -17.74 19.67 28.55
CA LYS D 112 -17.00 20.89 28.83
C LYS D 112 -17.15 21.31 30.28
N ALA D 113 -18.35 21.18 30.84
CA ALA D 113 -18.56 21.51 32.23
C ALA D 113 -17.84 20.55 33.16
N LEU D 114 -17.75 19.27 32.77
CA LEU D 114 -16.97 18.32 33.55
C LEU D 114 -15.48 18.62 33.48
N ALA D 115 -15.01 19.07 32.32
CA ALA D 115 -13.61 19.46 32.20
C ALA D 115 -13.32 20.69 33.04
N LYS D 116 -14.26 21.64 33.09
CA LYS D 116 -14.00 22.89 33.78
C LYS D 116 -14.27 22.80 35.28
N GLU D 117 -15.51 22.53 35.67
CA GLU D 117 -15.91 22.64 37.07
C GLU D 117 -15.39 21.47 37.89
N SER D 118 -15.49 20.24 37.37
CA SER D 118 -15.05 19.08 38.12
C SER D 118 -13.53 19.06 38.25
N GLY D 119 -13.04 18.63 39.41
CA GLY D 119 -11.62 18.74 39.68
C GLY D 119 -10.78 17.65 39.06
N ALA D 120 -11.40 16.73 38.33
CA ALA D 120 -10.66 15.64 37.72
C ALA D 120 -9.81 16.15 36.56
N ASN D 121 -8.61 15.58 36.43
CA ASN D 121 -7.82 15.80 35.24
C ASN D 121 -8.54 15.21 34.04
N PHE D 122 -8.57 15.96 32.95
CA PHE D 122 -9.37 15.61 31.78
C PHE D 122 -8.46 15.19 30.64
N ILE D 123 -8.72 14.03 30.07
CA ILE D 123 -8.05 13.58 28.86
C ILE D 123 -9.10 13.49 27.76
N SER D 124 -9.16 14.51 26.93
CA SER D 124 -10.05 14.51 25.77
C SER D 124 -9.27 13.92 24.60
N ILE D 125 -9.35 12.62 24.45
CA ILE D 125 -8.59 11.92 23.42
C ILE D 125 -9.40 11.88 22.14
N ARG D 126 -8.71 11.76 21.01
CA ARG D 126 -9.30 11.70 19.69
C ARG D 126 -8.65 10.55 18.94
N MET D 127 -9.34 10.09 17.89
CA MET D 127 -8.85 8.93 17.17
C MET D 127 -7.60 9.21 16.37
N SER D 128 -7.34 10.48 16.06
CA SER D 128 -6.12 10.81 15.32
C SER D 128 -4.89 10.70 16.20
N SER D 129 -5.06 10.80 17.52
CA SER D 129 -3.96 10.64 18.46
C SER D 129 -3.88 9.23 19.03
N ILE D 130 -4.74 8.32 18.58
CA ILE D 130 -4.72 6.92 19.02
C ILE D 130 -4.25 6.01 17.88
N MET D 131 -4.93 6.06 16.74
CA MET D 131 -4.55 5.23 15.61
C MET D 131 -3.18 5.60 15.06
N ASP D 132 -2.38 4.59 14.76
CA ASP D 132 -1.05 4.76 14.21
C ASP D 132 -0.81 3.70 13.15
N LYS D 133 -0.16 4.08 12.06
CA LYS D 133 0.13 3.12 11.01
C LYS D 133 1.22 2.13 11.44
N TRP D 134 2.10 2.54 12.34
CA TRP D 134 3.17 1.66 12.77
C TRP D 134 2.64 0.52 13.64
N TYR D 135 3.34 -0.60 13.61
CA TYR D 135 2.81 -1.82 14.21
C TYR D 135 2.94 -1.80 15.73
N GLY D 136 1.82 -1.99 16.41
CA GLY D 136 1.82 -2.08 17.85
C GLY D 136 1.91 -0.76 18.58
N GLU D 137 1.97 0.36 17.86
CA GLU D 137 2.05 1.65 18.52
C GLU D 137 0.72 2.09 19.07
N SER D 138 -0.38 1.73 18.41
CA SER D 138 -1.70 2.12 18.89
C SER D 138 -2.04 1.45 20.22
N ASN D 139 -1.67 0.18 20.36
CA ASN D 139 -1.90 -0.52 21.62
C ASN D 139 -1.09 0.10 22.75
N LYS D 140 0.17 0.45 22.47
CA LYS D 140 0.98 1.11 23.48
C LYS D 140 0.45 2.49 23.82
N ILE D 141 -0.15 3.17 22.84
CA ILE D 141 -0.76 4.48 23.09
C ILE D 141 -1.96 4.32 24.02
N VAL D 142 -2.81 3.31 23.77
CA VAL D 142 -3.96 3.07 24.63
C VAL D 142 -3.50 2.70 26.04
N ASP D 143 -2.49 1.82 26.13
CA ASP D 143 -1.96 1.42 27.43
C ASP D 143 -1.40 2.60 28.19
N ALA D 144 -0.68 3.49 27.50
CA ALA D 144 -0.10 4.64 28.18
C ALA D 144 -1.15 5.68 28.51
N MET D 145 -2.23 5.75 27.74
CA MET D 145 -3.36 6.59 28.11
C MET D 145 -3.92 6.14 29.46
N PHE D 146 -4.08 4.83 29.63
CA PHE D 146 -4.60 4.33 30.90
C PHE D 146 -3.56 4.47 32.02
N SER D 147 -2.28 4.30 31.70
CA SER D 147 -1.23 4.51 32.69
C SER D 147 -1.18 5.95 33.18
N LEU D 148 -1.29 6.90 32.25
CA LEU D 148 -1.28 8.31 32.64
C LEU D 148 -2.54 8.67 33.41
N ALA D 149 -3.69 8.12 33.01
CA ALA D 149 -4.91 8.37 33.76
C ALA D 149 -4.80 7.81 35.18
N ASN D 150 -4.11 6.69 35.34
CA ASN D 150 -3.90 6.16 36.69
C ASN D 150 -2.91 6.99 37.48
N LYS D 151 -1.92 7.57 36.81
CA LYS D 151 -0.94 8.41 37.51
C LYS D 151 -1.57 9.71 37.98
N LEU D 152 -2.30 10.39 37.10
CA LEU D 152 -3.11 11.55 37.49
C LEU D 152 -4.40 10.99 38.07
N GLN D 153 -4.34 10.62 39.35
CA GLN D 153 -5.25 9.62 39.91
C GLN D 153 -6.73 9.93 39.75
N PRO D 154 -7.26 11.12 40.08
CA PRO D 154 -8.62 11.43 39.66
C PRO D 154 -8.62 11.93 38.23
N CYS D 155 -9.01 11.06 37.30
CA CYS D 155 -8.88 11.38 35.88
C CYS D 155 -10.15 10.99 35.16
N ILE D 156 -10.46 11.74 34.11
CA ILE D 156 -11.56 11.44 33.21
C ILE D 156 -10.99 11.32 31.81
N ILE D 157 -11.13 10.14 31.20
CA ILE D 157 -10.76 9.94 29.80
C ILE D 157 -12.02 10.16 28.99
N PHE D 158 -12.12 11.33 28.36
CA PHE D 158 -13.28 11.66 27.55
C PHE D 158 -12.98 11.34 26.10
N ILE D 159 -13.83 10.53 25.49
CA ILE D 159 -13.73 10.22 24.07
C ILE D 159 -15.04 10.68 23.43
N ASP D 160 -14.99 11.81 22.73
CA ASP D 160 -16.14 12.30 22.01
C ASP D 160 -16.42 11.41 20.81
N GLN D 161 -17.71 11.22 20.51
CA GLN D 161 -18.17 10.29 19.49
C GLN D 161 -17.60 8.90 19.74
N ILE D 162 -17.96 8.35 20.91
CA ILE D 162 -17.39 7.10 21.35
C ILE D 162 -17.98 5.90 20.63
N ASP D 163 -19.05 6.09 19.84
CA ASP D 163 -19.63 4.97 19.12
C ASP D 163 -18.74 4.49 17.99
N SER D 164 -17.80 5.33 17.54
CA SER D 164 -16.89 4.89 16.49
C SER D 164 -15.66 4.22 17.08
N PHE D 165 -15.16 4.74 18.20
CA PHE D 165 -14.10 4.07 18.93
C PHE D 165 -14.55 2.69 19.40
N LEU D 166 -15.71 2.63 20.03
CA LEU D 166 -16.22 1.40 20.65
C LEU D 166 -17.30 0.75 19.81
N ARG D 167 -17.17 0.76 18.50
CA ARG D 167 -18.18 0.18 17.63
C ARG D 167 -18.22 -1.33 17.81
N GLU D 168 -19.35 -1.91 17.41
CA GLU D 168 -19.56 -3.34 17.53
C GLU D 168 -18.51 -4.11 16.76
N ARG D 169 -17.76 -4.94 17.46
CA ARG D 169 -16.67 -5.69 16.85
C ARG D 169 -17.23 -6.71 15.85
N SER D 170 -16.58 -6.80 14.70
CA SER D 170 -16.96 -7.76 13.68
C SER D 170 -15.70 -8.45 13.19
N SER D 171 -15.87 -9.37 12.24
CA SER D 171 -14.72 -10.01 11.62
C SER D 171 -14.07 -9.14 10.56
N THR D 172 -14.75 -8.08 10.13
CA THR D 172 -14.23 -7.21 9.08
C THR D 172 -13.35 -6.09 9.61
N ASP D 173 -13.26 -5.90 10.93
CA ASP D 173 -12.44 -4.81 11.44
C ASP D 173 -10.96 -5.11 11.24
N HIS D 174 -10.18 -4.04 11.17
CA HIS D 174 -8.74 -4.14 10.99
C HIS D 174 -8.13 -4.85 12.20
N GLU D 175 -7.00 -5.52 11.97
CA GLU D 175 -6.33 -6.20 13.06
C GLU D 175 -5.84 -5.21 14.11
N VAL D 176 -5.34 -4.05 13.66
CA VAL D 176 -4.86 -3.03 14.59
C VAL D 176 -6.01 -2.50 15.43
N THR D 177 -7.16 -2.27 14.81
CA THR D 177 -8.32 -1.81 15.56
C THR D 177 -8.88 -2.89 16.46
N ALA D 178 -8.83 -4.15 16.02
CA ALA D 178 -9.32 -5.24 16.87
C ALA D 178 -8.49 -5.36 18.13
N THR D 179 -7.16 -5.34 17.98
CA THR D 179 -6.30 -5.39 19.16
C THR D 179 -6.39 -4.11 19.98
N LEU D 180 -6.64 -2.98 19.33
CA LEU D 180 -6.85 -1.71 20.03
C LEU D 180 -8.08 -1.77 20.91
N LYS D 181 -9.20 -2.24 20.36
CA LYS D 181 -10.43 -2.38 21.13
C LYS D 181 -10.27 -3.40 22.24
N ALA D 182 -9.57 -4.50 21.97
CA ALA D 182 -9.37 -5.50 23.01
C ALA D 182 -8.48 -4.97 24.13
N GLU D 183 -7.45 -4.19 23.79
CA GLU D 183 -6.60 -3.60 24.81
C GLU D 183 -7.36 -2.57 25.65
N PHE D 184 -8.20 -1.77 25.00
CA PHE D 184 -9.05 -0.83 25.72
C PHE D 184 -10.02 -1.57 26.63
N MET D 185 -10.57 -2.67 26.15
CA MET D 185 -11.49 -3.47 26.95
C MET D 185 -10.78 -4.05 28.15
N THR D 186 -9.55 -4.54 27.94
CA THR D 186 -8.81 -5.16 29.03
C THR D 186 -8.44 -4.14 30.10
N LEU D 187 -7.93 -2.97 29.69
CA LEU D 187 -7.51 -1.99 30.67
C LEU D 187 -8.69 -1.35 31.38
N TRP D 188 -9.81 -1.19 30.65
CA TRP D 188 -11.00 -0.60 31.24
C TRP D 188 -11.57 -1.47 32.36
N ASP D 189 -11.62 -2.79 32.13
CA ASP D 189 -12.15 -3.73 33.12
C ASP D 189 -11.40 -5.05 32.93
N GLY D 190 -10.34 -5.22 33.69
CA GLY D 190 -9.52 -6.42 33.60
C GLY D 190 -8.99 -6.81 34.96
N LEU D 191 -7.84 -7.48 34.96
CA LEU D 191 -7.25 -7.90 36.22
C LEU D 191 -6.80 -6.71 37.05
N LEU D 192 -5.88 -5.92 36.52
CA LEU D 192 -5.38 -4.77 37.25
C LEU D 192 -6.44 -3.68 37.30
N ASN D 193 -6.59 -3.08 38.48
CA ASN D 193 -7.69 -2.18 38.76
C ASN D 193 -7.27 -0.73 38.57
N ASN D 194 -8.06 0.03 37.83
CA ASN D 194 -7.88 1.47 37.72
C ASN D 194 -8.42 2.12 38.99
N GLY D 195 -7.62 2.99 39.59
CA GLY D 195 -8.01 3.56 40.86
C GLY D 195 -9.19 4.51 40.78
N ARG D 196 -8.98 5.71 40.25
CA ARG D 196 -10.03 6.70 40.09
C ARG D 196 -10.06 7.20 38.67
N VAL D 197 -10.02 6.28 37.71
CA VAL D 197 -10.09 6.59 36.29
C VAL D 197 -11.50 6.29 35.82
N MET D 198 -12.15 7.26 35.21
CA MET D 198 -13.47 7.06 34.66
C MET D 198 -13.48 7.52 33.20
N ILE D 199 -14.00 6.69 32.32
CA ILE D 199 -14.04 6.98 30.90
C ILE D 199 -15.43 7.50 30.59
N ILE D 200 -15.52 8.79 30.26
CA ILE D 200 -16.78 9.42 29.91
C ILE D 200 -16.86 9.47 28.39
N GLY D 201 -17.99 9.05 27.83
CA GLY D 201 -18.18 9.08 26.40
C GLY D 201 -19.43 9.84 26.05
N ALA D 202 -19.41 10.42 24.85
CA ALA D 202 -20.57 11.07 24.27
C ALA D 202 -20.84 10.47 22.90
N THR D 203 -22.10 10.23 22.58
CA THR D 203 -22.44 9.68 21.29
C THR D 203 -23.88 10.03 20.94
N ASN D 204 -24.22 9.92 19.67
CA ASN D 204 -25.61 10.06 19.24
C ASN D 204 -26.19 8.67 19.00
N ARG D 205 -25.35 7.73 18.56
CA ARG D 205 -25.79 6.37 18.27
C ARG D 205 -25.28 5.46 19.38
N ILE D 206 -26.10 5.28 20.43
CA ILE D 206 -25.72 4.39 21.52
C ILE D 206 -25.71 2.95 21.04
N ASN D 207 -26.61 2.58 20.13
CA ASN D 207 -26.71 1.21 19.66
C ASN D 207 -25.50 0.78 18.85
N ASP D 208 -24.71 1.72 18.33
CA ASP D 208 -23.50 1.37 17.60
C ASP D 208 -22.39 0.89 18.52
N ILE D 209 -22.49 1.17 19.81
CA ILE D 209 -21.47 0.76 20.76
C ILE D 209 -21.58 -0.73 21.03
N ASP D 210 -20.44 -1.40 21.14
CA ASP D 210 -20.40 -2.82 21.46
C ASP D 210 -21.02 -3.08 22.82
N ASP D 211 -21.68 -4.22 22.96
CA ASP D 211 -22.29 -4.58 24.24
C ASP D 211 -21.23 -4.74 25.32
N ALA D 212 -20.08 -5.30 24.96
CA ALA D 212 -19.00 -5.47 25.92
C ALA D 212 -18.39 -4.14 26.32
N PHE D 213 -18.56 -3.11 25.50
CA PHE D 213 -18.15 -1.75 25.86
C PHE D 213 -19.28 -0.98 26.52
N LEU D 214 -20.53 -1.26 26.14
CA LEU D 214 -21.66 -0.63 26.79
C LEU D 214 -21.77 -1.04 28.25
N ARG D 215 -21.42 -2.28 28.56
CA ARG D 215 -21.42 -2.71 29.95
C ARG D 215 -20.31 -2.05 30.75
N ARG D 216 -19.29 -1.52 30.08
CA ARG D 216 -18.26 -0.75 30.75
C ARG D 216 -18.63 0.72 30.89
N LEU D 217 -19.74 1.14 30.30
CA LEU D 217 -20.33 2.45 30.50
C LEU D 217 -21.66 2.25 31.21
N PRO D 218 -21.65 1.96 32.51
CA PRO D 218 -22.90 1.55 33.17
C PRO D 218 -23.77 2.72 33.61
N LYS D 219 -23.16 3.88 33.82
CA LYS D 219 -23.90 5.09 34.18
C LYS D 219 -24.18 5.85 32.89
N ARG D 220 -25.37 5.67 32.34
CA ARG D 220 -25.74 6.27 31.06
C ARG D 220 -26.69 7.43 31.31
N PHE D 221 -26.37 8.58 30.74
CA PHE D 221 -27.19 9.78 30.84
C PHE D 221 -27.84 10.06 29.49
N LEU D 222 -29.16 10.15 29.47
CA LEU D 222 -29.90 10.43 28.24
C LEU D 222 -30.14 11.93 28.19
N VAL D 223 -29.39 12.61 27.33
CA VAL D 223 -29.57 14.05 27.10
C VAL D 223 -30.53 14.16 25.92
N SER D 224 -31.82 14.12 26.22
CA SER D 224 -32.85 14.04 25.19
C SER D 224 -33.22 15.43 24.68
N LEU D 225 -34.18 15.47 23.77
CA LEU D 225 -34.63 16.73 23.21
C LEU D 225 -35.34 17.54 24.30
N PRO D 226 -35.18 18.87 24.30
CA PRO D 226 -35.77 19.69 25.36
C PRO D 226 -37.29 19.72 25.28
N GLY D 227 -37.90 19.85 26.46
CA GLY D 227 -39.31 20.17 26.56
C GLY D 227 -39.51 21.67 26.54
N SER D 228 -40.77 22.08 26.71
CA SER D 228 -41.09 23.51 26.69
C SER D 228 -40.42 24.23 27.86
N ASP D 229 -40.43 23.62 29.04
CA ASP D 229 -39.72 24.19 30.19
C ASP D 229 -38.22 24.17 29.93
N GLN D 230 -37.71 23.07 29.39
CA GLN D 230 -36.28 22.98 29.07
C GLN D 230 -35.90 23.97 27.98
N ARG D 231 -36.75 24.12 26.96
CA ARG D 231 -36.46 25.08 25.90
C ARG D 231 -36.47 26.50 26.44
N TYR D 232 -37.39 26.80 27.35
CA TYR D 232 -37.42 28.11 28.01
C TYR D 232 -36.12 28.35 28.76
N LYS D 233 -35.65 27.35 29.51
CA LYS D 233 -34.41 27.50 30.27
C LYS D 233 -33.21 27.67 29.35
N ILE D 234 -33.17 26.91 28.24
CA ILE D 234 -32.07 26.99 27.30
C ILE D 234 -32.02 28.38 26.65
N LEU D 235 -33.19 28.89 26.24
CA LEU D 235 -33.25 30.22 25.64
C LEU D 235 -32.86 31.28 26.66
N SER D 236 -33.29 31.13 27.91
CA SER D 236 -32.91 32.08 28.94
C SER D 236 -31.41 32.08 29.18
N VAL D 237 -30.78 30.91 29.09
CA VAL D 237 -29.33 30.83 29.26
C VAL D 237 -28.61 31.46 28.07
N LEU D 238 -29.08 31.16 26.85
CA LEU D 238 -28.43 31.70 25.65
C LEU D 238 -28.59 33.21 25.57
N LEU D 239 -29.76 33.73 25.96
CA LEU D 239 -30.04 35.14 25.86
C LEU D 239 -29.55 35.93 27.06
N LYS D 240 -28.84 35.30 27.99
CA LYS D 240 -28.25 36.04 29.09
C LYS D 240 -27.17 36.98 28.56
N ASP D 241 -26.89 38.03 29.35
CA ASP D 241 -26.02 39.16 28.99
C ASP D 241 -26.32 39.72 27.58
N THR D 242 -27.59 39.63 27.18
CA THR D 242 -28.08 40.21 25.94
C THR D 242 -29.28 41.09 26.27
N LYS D 243 -29.28 42.31 25.74
CA LYS D 243 -30.36 43.25 26.03
C LYS D 243 -31.66 42.75 25.42
N LEU D 244 -32.69 42.60 26.25
CA LEU D 244 -33.99 42.10 25.82
C LEU D 244 -35.06 43.10 26.21
N ASP D 245 -36.15 43.10 25.44
CA ASP D 245 -37.26 44.00 25.72
C ASP D 245 -37.94 43.62 27.02
N GLU D 246 -38.34 44.64 27.78
CA GLU D 246 -39.00 44.38 29.06
C GLU D 246 -40.45 43.97 28.89
N ASP D 247 -41.13 44.48 27.85
CA ASP D 247 -42.55 44.27 27.69
C ASP D 247 -42.90 43.47 26.43
N GLU D 248 -42.35 43.85 25.28
CA GLU D 248 -42.71 43.19 24.03
C GLU D 248 -42.16 41.77 23.95
N PHE D 249 -41.06 41.51 24.66
CA PHE D 249 -40.44 40.18 24.63
C PHE D 249 -41.23 39.15 25.42
N ASP D 250 -41.51 38.01 24.80
CA ASP D 250 -42.26 36.93 25.44
C ASP D 250 -41.53 35.63 25.16
N LEU D 251 -40.64 35.21 26.06
CA LEU D 251 -39.89 33.99 25.84
C LEU D 251 -40.78 32.76 25.86
N GLN D 252 -41.85 32.79 26.64
CA GLN D 252 -42.68 31.60 26.75
C GLN D 252 -43.29 31.21 25.41
N LEU D 253 -43.72 32.21 24.63
CA LEU D 253 -44.30 31.93 23.33
C LEU D 253 -43.27 31.32 22.38
N ILE D 254 -42.03 31.82 22.42
CA ILE D 254 -40.97 31.26 21.58
C ILE D 254 -40.62 29.85 22.02
N ALA D 255 -40.59 29.61 23.33
CA ALA D 255 -40.31 28.27 23.84
C ALA D 255 -41.40 27.29 23.40
N ASP D 256 -42.66 27.72 23.45
CA ASP D 256 -43.76 26.86 23.03
C ASP D 256 -43.72 26.61 21.53
N ASN D 257 -43.29 27.60 20.75
CA ASN D 257 -43.26 27.43 19.30
C ASN D 257 -42.04 26.69 18.78
N THR D 258 -41.00 26.55 19.59
CA THR D 258 -39.79 25.83 19.15
C THR D 258 -39.88 24.34 19.48
N LYS D 259 -40.94 23.68 19.03
CA LYS D 259 -41.11 22.27 19.30
C LYS D 259 -40.08 21.46 18.53
N GLY D 260 -39.48 20.48 19.21
CA GLY D 260 -38.49 19.65 18.57
C GLY D 260 -37.16 20.32 18.33
N PHE D 261 -36.96 21.53 18.84
CA PHE D 261 -35.73 22.27 18.66
C PHE D 261 -34.71 21.78 19.66
N SER D 262 -33.53 21.42 19.16
CA SER D 262 -32.44 21.06 20.05
C SER D 262 -31.82 22.33 20.63
N GLY D 263 -30.81 22.16 21.47
CA GLY D 263 -30.10 23.32 21.98
C GLY D 263 -29.34 24.07 20.90
N SER D 264 -28.79 23.34 19.94
CA SER D 264 -28.07 23.97 18.83
C SER D 264 -29.02 24.75 17.93
N ASP D 265 -30.22 24.20 17.70
CA ASP D 265 -31.21 24.93 16.90
C ASP D 265 -31.61 26.22 17.58
N LEU D 266 -31.78 26.19 18.91
CA LEU D 266 -32.09 27.41 19.64
C LEU D 266 -30.91 28.39 19.65
N LYS D 267 -29.68 27.87 19.72
CA LYS D 267 -28.52 28.75 19.64
C LYS D 267 -28.47 29.46 18.30
N GLU D 268 -28.70 28.74 17.21
CA GLU D 268 -28.72 29.36 15.89
C GLU D 268 -29.87 30.35 15.76
N LEU D 269 -31.04 30.01 16.32
CA LEU D 269 -32.16 30.94 16.31
C LEU D 269 -31.82 32.23 17.05
N CYS D 270 -31.19 32.11 18.23
CA CYS D 270 -30.79 33.29 18.98
C CYS D 270 -29.73 34.09 18.23
N ARG D 271 -28.80 33.41 17.57
CA ARG D 271 -27.74 34.11 16.83
C ARG D 271 -28.32 34.90 15.67
N GLU D 272 -29.20 34.29 14.88
CA GLU D 272 -29.78 35.02 13.77
C GLU D 272 -30.78 36.07 14.24
N ALA D 273 -31.44 35.85 15.37
CA ALA D 273 -32.32 36.87 15.92
C ALA D 273 -31.53 38.08 16.39
N ALA D 274 -30.38 37.85 17.02
CA ALA D 274 -29.55 38.97 17.44
C ALA D 274 -28.92 39.67 16.25
N LEU D 275 -28.63 38.92 15.18
CA LEU D 275 -28.09 39.54 13.97
C LEU D 275 -29.12 40.43 13.29
N ASP D 276 -30.33 39.91 13.08
CA ASP D 276 -31.35 40.68 12.37
C ASP D 276 -31.93 41.80 13.22
N ALA D 277 -32.02 41.59 14.54
CA ALA D 277 -32.57 42.61 15.42
C ALA D 277 -31.66 43.83 15.50
N ALA D 278 -30.34 43.60 15.52
CA ALA D 278 -29.38 44.69 15.67
C ALA D 278 -28.90 45.25 14.35
N LYS D 279 -29.45 44.78 13.23
CA LYS D 279 -28.86 44.98 11.90
C LYS D 279 -28.62 46.46 11.58
N GLU D 280 -29.43 47.36 12.14
CA GLU D 280 -29.20 48.78 11.94
C GLU D 280 -27.94 49.24 12.66
N TYR D 281 -27.59 48.63 13.78
CA TYR D 281 -26.38 49.03 14.51
C TYR D 281 -25.12 48.62 13.76
N ILE D 282 -25.08 47.38 13.27
CA ILE D 282 -23.89 46.94 12.52
C ILE D 282 -23.75 47.72 11.22
N LYS D 283 -24.86 48.06 10.57
CA LYS D 283 -24.76 48.85 9.35
C LYS D 283 -24.14 50.22 9.61
N GLN D 284 -24.56 50.87 10.69
CA GLN D 284 -23.96 52.15 11.05
C GLN D 284 -22.49 51.97 11.41
N LYS D 285 -22.17 50.95 12.19
CA LYS D 285 -20.79 50.72 12.60
C LYS D 285 -19.89 50.45 11.39
N ARG D 286 -20.39 49.68 10.43
CA ARG D 286 -19.63 49.41 9.21
C ARG D 286 -19.48 50.65 8.36
N GLN D 287 -20.50 51.52 8.37
CA GLN D 287 -20.35 52.81 7.71
C GLN D 287 -19.26 53.64 8.39
N LEU D 288 -19.21 53.61 9.72
CA LEU D 288 -18.12 54.25 10.44
C LEU D 288 -16.79 53.55 10.18
N ILE D 289 -16.80 52.22 10.20
CA ILE D 289 -15.59 51.44 10.02
C ILE D 289 -15.43 51.04 8.55
N LEU D 302 -24.94 53.12 17.85
CA LEU D 302 -24.52 53.49 19.19
C LEU D 302 -24.88 52.39 20.19
N LYS D 303 -26.14 51.98 20.19
CA LYS D 303 -26.65 50.98 21.12
C LYS D 303 -27.39 49.90 20.34
N ILE D 304 -27.19 48.65 20.74
CA ILE D 304 -27.96 47.54 20.17
C ILE D 304 -29.39 47.64 20.66
N ARG D 305 -30.34 47.59 19.73
CA ARG D 305 -31.75 47.61 20.09
C ARG D 305 -32.10 46.36 20.89
N PRO D 306 -32.83 46.47 21.99
CA PRO D 306 -33.24 45.29 22.76
C PRO D 306 -34.00 44.30 21.91
N LEU D 307 -33.70 43.02 22.10
CA LEU D 307 -34.34 41.97 21.31
C LEU D 307 -35.82 41.87 21.64
N LYS D 308 -36.63 41.66 20.61
CA LYS D 308 -38.08 41.56 20.76
C LYS D 308 -38.55 40.18 20.33
N THR D 309 -39.82 39.89 20.64
CA THR D 309 -40.42 38.62 20.26
C THR D 309 -40.48 38.47 18.74
N LYS D 310 -40.74 39.54 18.01
CA LYS D 310 -40.84 39.50 16.56
C LYS D 310 -39.53 39.04 15.91
N ASP D 311 -38.39 39.37 16.53
CA ASP D 311 -37.10 38.96 15.97
C ASP D 311 -36.96 37.45 15.92
N PHE D 312 -37.43 36.75 16.96
CA PHE D 312 -37.47 35.30 16.92
C PHE D 312 -38.64 34.79 16.09
N THR D 313 -39.74 35.54 16.06
CA THR D 313 -40.92 35.13 15.30
C THR D 313 -40.63 35.11 13.80
N LYS D 314 -39.91 36.12 13.31
CA LYS D 314 -39.61 36.19 11.88
C LYS D 314 -38.65 35.08 11.43
N LYS D 315 -37.92 34.47 12.35
CA LYS D 315 -37.04 33.35 12.03
C LYS D 315 -37.63 32.01 12.42
N LEU D 316 -38.89 31.98 12.86
CA LEU D 316 -39.57 30.76 13.27
C LEU D 316 -40.61 30.35 12.24
N ARG D 317 -41.02 29.08 12.33
CA ARG D 317 -42.04 28.56 11.43
C ARG D 317 -43.45 29.02 11.81
N MET D 318 -43.69 29.23 13.11
CA MET D 318 -44.97 29.69 13.64
C MET D 318 -46.14 28.79 13.24
N LEU E 7 15.99 -6.74 24.83
CA LEU E 7 14.89 -6.03 24.18
C LEU E 7 15.23 -4.54 24.09
N SER E 8 14.95 -3.95 22.93
CA SER E 8 15.32 -2.55 22.70
C SER E 8 14.47 -1.61 23.54
N GLY E 9 13.17 -1.89 23.67
CA GLY E 9 12.28 -1.01 24.39
C GLY E 9 12.20 -1.27 25.87
N LYS E 10 12.83 -0.42 26.67
CA LYS E 10 12.81 -0.52 28.12
C LYS E 10 12.72 0.87 28.73
N SER E 11 12.24 0.93 29.97
CA SER E 11 12.20 2.17 30.73
C SER E 11 12.56 1.88 32.18
N ARG E 12 13.02 2.90 32.89
CA ARG E 12 13.52 2.71 34.26
C ARG E 12 12.40 2.37 35.22
N GLU E 13 11.22 2.96 35.03
CA GLU E 13 10.06 2.58 35.82
C GLU E 13 9.69 1.13 35.57
N SER E 14 9.73 0.70 34.32
CA SER E 14 9.46 -0.70 34.00
C SER E 14 10.53 -1.61 34.59
N LYS E 15 11.79 -1.17 34.59
CA LYS E 15 12.86 -1.96 35.20
C LYS E 15 12.64 -2.12 36.70
N ALA E 16 12.23 -1.05 37.38
CA ALA E 16 11.93 -1.15 38.80
C ALA E 16 10.73 -2.07 39.06
N LYS E 17 9.72 -2.00 38.19
CA LYS E 17 8.57 -2.91 38.31
C LYS E 17 8.99 -4.36 38.12
N GLN E 18 9.87 -4.62 37.15
CA GLN E 18 10.35 -5.99 36.93
C GLN E 18 11.13 -6.50 38.12
N SER E 19 11.98 -5.64 38.69
CA SER E 19 12.74 -6.04 39.87
C SER E 19 11.83 -6.31 41.06
N LEU E 20 10.79 -5.49 41.24
CA LEU E 20 9.82 -5.71 42.30
C LEU E 20 9.07 -7.02 42.10
N GLN E 21 8.66 -7.31 40.88
CA GLN E 21 7.95 -8.56 40.62
C GLN E 21 8.87 -9.75 40.83
N TRP E 22 10.16 -9.61 40.50
CA TRP E 22 11.09 -10.71 40.70
C TRP E 22 11.32 -10.97 42.19
N GLU E 23 11.47 -9.92 42.99
CA GLU E 23 11.65 -10.11 44.42
C GLU E 23 10.39 -10.70 45.04
N LYS E 24 9.22 -10.29 44.56
CA LYS E 24 7.97 -10.87 45.03
C LYS E 24 7.87 -12.35 44.69
N LEU E 25 8.28 -12.73 43.48
CA LEU E 25 8.25 -14.13 43.08
C LEU E 25 9.24 -14.97 43.88
N VAL E 26 10.42 -14.41 44.15
CA VAL E 26 11.41 -15.12 44.95
C VAL E 26 10.91 -15.31 46.38
N LYS E 27 10.32 -14.26 46.96
CA LYS E 27 9.78 -14.38 48.32
C LYS E 27 8.64 -15.38 48.38
N ARG E 28 7.79 -15.41 47.35
CA ARG E 28 6.70 -16.37 47.34
C ARG E 28 7.22 -17.80 47.18
N SER E 29 8.13 -18.02 46.24
CA SER E 29 8.71 -19.34 45.99
C SER E 29 10.23 -19.25 46.15
N PRO E 30 10.79 -19.73 47.26
CA PRO E 30 12.24 -19.63 47.46
C PRO E 30 13.05 -20.39 46.43
N ALA E 31 12.49 -21.42 45.81
CA ALA E 31 13.21 -22.18 44.79
C ALA E 31 13.38 -21.40 43.50
N LEU E 32 12.59 -20.34 43.30
CA LEU E 32 12.66 -19.55 42.08
C LEU E 32 13.95 -18.76 41.97
N ALA E 33 14.65 -18.54 43.07
CA ALA E 33 15.89 -17.79 43.04
C ALA E 33 17.00 -18.61 42.38
N GLU E 34 18.14 -17.95 42.15
CA GLU E 34 19.31 -18.54 41.53
C GLU E 34 19.02 -19.10 40.14
N VAL E 35 18.06 -18.51 39.45
CA VAL E 35 17.75 -18.87 38.07
C VAL E 35 18.03 -17.66 37.19
N THR E 36 18.38 -17.94 35.93
CA THR E 36 18.83 -16.92 35.00
C THR E 36 17.67 -16.52 34.10
N LEU E 37 17.39 -15.23 34.04
CA LEU E 37 16.34 -14.69 33.18
C LEU E 37 16.96 -13.92 32.03
N ASP E 38 16.48 -14.19 30.83
CA ASP E 38 16.86 -13.44 29.65
C ASP E 38 16.29 -12.03 29.71
N ALA E 39 16.81 -11.15 28.85
CA ALA E 39 16.31 -9.78 28.81
C ALA E 39 14.84 -9.74 28.39
N TYR E 40 14.48 -10.54 27.40
CA TYR E 40 13.08 -10.62 26.97
C TYR E 40 12.20 -11.22 28.06
N GLU E 41 12.70 -12.25 28.75
CA GLU E 41 11.97 -12.80 29.89
C GLU E 41 11.82 -11.77 31.00
N ARG E 42 12.85 -10.94 31.19
CA ARG E 42 12.75 -9.87 32.17
CA ARG E 42 12.75 -9.87 32.17
C ARG E 42 11.66 -8.87 31.79
N THR E 43 11.56 -8.54 30.50
CA THR E 43 10.50 -7.64 30.07
C THR E 43 9.12 -8.28 30.26
N ILE E 44 9.03 -9.59 30.06
CA ILE E 44 7.78 -10.31 30.33
C ILE E 44 7.45 -10.27 31.82
N LEU E 45 8.48 -10.22 32.67
CA LEU E 45 8.29 -10.27 34.12
C LEU E 45 7.50 -9.09 34.67
N SER E 46 7.37 -7.99 33.90
CA SER E 46 6.53 -6.89 34.34
C SER E 46 5.04 -7.19 34.22
N SER E 47 4.67 -8.31 33.61
CA SER E 47 3.28 -8.71 33.47
C SER E 47 2.85 -9.72 34.53
N ILE E 48 3.69 -9.98 35.53
CA ILE E 48 3.34 -10.92 36.59
C ILE E 48 2.31 -10.28 37.51
N VAL E 49 1.24 -11.01 37.81
CA VAL E 49 0.17 -10.53 38.67
C VAL E 49 0.26 -11.35 39.97
N THR E 50 0.84 -10.75 40.99
CA THR E 50 0.91 -11.36 42.31
C THR E 50 -0.45 -11.31 42.99
N PRO E 51 -0.68 -12.16 44.00
CA PRO E 51 -1.95 -12.09 44.73
C PRO E 51 -2.17 -10.78 45.47
N ASP E 52 -1.12 -10.00 45.68
CA ASP E 52 -1.24 -8.71 46.36
C ASP E 52 -1.99 -7.74 45.48
N GLU E 53 -1.74 -7.78 44.18
CA GLU E 53 -2.36 -6.86 43.24
C GLU E 53 -3.84 -7.16 43.00
N ILE E 54 -4.32 -8.32 43.43
CA ILE E 54 -5.71 -8.71 43.25
C ILE E 54 -6.43 -8.60 44.58
N ASN E 55 -7.58 -7.93 44.57
CA ASN E 55 -8.38 -7.76 45.79
C ASN E 55 -9.62 -8.64 45.81
N ILE E 56 -9.72 -9.60 44.90
CA ILE E 56 -10.91 -10.44 44.74
C ILE E 56 -10.52 -11.90 44.90
N THR E 57 -11.22 -12.60 45.80
CA THR E 57 -11.05 -14.02 46.01
C THR E 57 -12.18 -14.78 45.34
N PHE E 58 -12.21 -16.10 45.55
CA PHE E 58 -13.28 -16.92 44.99
C PHE E 58 -14.59 -16.74 45.73
N GLN E 59 -14.55 -16.23 46.96
CA GLN E 59 -15.76 -15.97 47.73
C GLN E 59 -16.45 -14.68 47.33
N ASP E 60 -15.80 -13.85 46.53
CA ASP E 60 -16.39 -12.62 46.00
C ASP E 60 -17.15 -12.84 44.71
N ILE E 61 -17.24 -14.09 44.24
CA ILE E 61 -17.99 -14.44 43.04
C ILE E 61 -19.17 -15.29 43.46
N GLY E 62 -20.37 -14.86 43.07
CA GLY E 62 -21.57 -15.58 43.41
C GLY E 62 -22.28 -16.09 42.17
N GLY E 63 -23.15 -17.08 42.35
CA GLY E 63 -23.92 -17.60 41.23
C GLY E 63 -23.15 -18.47 40.28
N LEU E 64 -21.91 -18.83 40.61
CA LEU E 64 -21.09 -19.68 39.75
C LEU E 64 -20.52 -20.87 40.50
N ASP E 65 -21.16 -21.29 41.60
CA ASP E 65 -20.60 -22.35 42.44
C ASP E 65 -20.36 -23.67 41.72
N PRO E 66 -21.24 -24.19 40.87
CA PRO E 66 -20.85 -25.35 40.06
C PRO E 66 -19.66 -25.06 39.16
N LEU E 67 -19.56 -23.85 38.60
CA LEU E 67 -18.41 -23.52 37.77
C LEU E 67 -17.15 -23.39 38.60
N ILE E 68 -17.24 -22.84 39.81
CA ILE E 68 -16.08 -22.77 40.69
C ILE E 68 -15.60 -24.17 41.03
N SER E 69 -16.53 -25.07 41.36
CA SER E 69 -16.15 -26.45 41.69
C SER E 69 -15.54 -27.16 40.51
N ASP E 70 -16.13 -26.99 39.31
CA ASP E 70 -15.59 -27.64 38.12
C ASP E 70 -14.21 -27.10 37.78
N LEU E 71 -14.02 -25.78 37.89
CA LEU E 71 -12.72 -25.18 37.67
C LEU E 71 -11.70 -25.71 38.66
N HIS E 72 -12.07 -25.82 39.93
CA HIS E 72 -11.13 -26.32 40.93
C HIS E 72 -10.77 -27.78 40.68
N GLU E 73 -11.76 -28.60 40.31
CA GLU E 73 -11.50 -30.02 40.14
C GLU E 73 -10.84 -30.36 38.82
N SER E 74 -10.90 -29.47 37.83
CA SER E 74 -10.36 -29.77 36.51
C SER E 74 -9.18 -28.91 36.11
N VAL E 75 -8.87 -27.84 36.83
CA VAL E 75 -7.86 -26.88 36.39
C VAL E 75 -6.84 -26.63 37.48
N ILE E 76 -7.31 -26.17 38.64
CA ILE E 76 -6.38 -25.70 39.67
C ILE E 76 -5.70 -26.89 40.34
N TYR E 77 -6.49 -27.79 40.91
CA TYR E 77 -5.93 -28.96 41.59
C TYR E 77 -5.10 -29.86 40.69
N PRO E 78 -5.49 -30.20 39.45
CA PRO E 78 -4.56 -30.95 38.59
C PRO E 78 -3.26 -30.23 38.32
N LEU E 79 -3.27 -28.91 38.26
CA LEU E 79 -2.05 -28.15 38.01
C LEU E 79 -1.25 -27.90 39.27
N MET E 80 -1.91 -27.54 40.37
CA MET E 80 -1.21 -27.19 41.60
C MET E 80 -0.86 -28.39 42.46
N MET E 81 -1.56 -29.51 42.31
CA MET E 81 -1.30 -30.71 43.10
C MET E 81 -1.06 -31.87 42.15
N PRO E 82 0.12 -31.92 41.53
CA PRO E 82 0.39 -33.01 40.58
C PRO E 82 0.60 -34.35 41.26
N GLU E 83 0.96 -34.36 42.54
CA GLU E 83 1.21 -35.63 43.22
C GLU E 83 -0.07 -36.37 43.55
N VAL E 84 -1.18 -35.67 43.68
CA VAL E 84 -2.48 -36.34 43.81
C VAL E 84 -2.86 -36.98 42.49
N TYR E 85 -2.60 -36.29 41.39
CA TYR E 85 -3.06 -36.69 40.07
C TYR E 85 -1.99 -37.46 39.29
N SER E 86 -0.90 -37.86 39.94
CA SER E 86 0.17 -38.56 39.26
C SER E 86 -0.14 -40.03 39.01
N ASN E 87 -1.25 -40.54 39.54
CA ASN E 87 -1.58 -41.95 39.37
C ASN E 87 -1.86 -42.29 37.91
N SER E 88 -2.51 -41.38 37.19
CA SER E 88 -2.79 -41.56 35.76
C SER E 88 -2.31 -40.33 35.00
N PRO E 89 -1.46 -40.49 33.98
CA PRO E 89 -1.11 -39.37 33.12
C PRO E 89 -2.29 -38.62 32.53
N LEU E 90 -3.44 -39.28 32.34
CA LEU E 90 -4.64 -38.62 31.85
C LEU E 90 -5.24 -37.62 32.81
N LEU E 91 -4.78 -37.61 34.07
CA LEU E 91 -5.31 -36.70 35.09
C LEU E 91 -4.57 -35.37 35.15
N GLN E 92 -3.68 -35.11 34.19
CA GLN E 92 -2.90 -33.87 34.22
C GLN E 92 -3.76 -32.68 33.82
N ALA E 93 -3.23 -31.48 34.08
CA ALA E 93 -3.95 -30.25 33.82
C ALA E 93 -4.12 -30.01 32.32
N PRO E 94 -5.16 -29.29 31.91
CA PRO E 94 -5.33 -28.99 30.50
C PRO E 94 -4.27 -28.02 29.99
N SER E 95 -4.03 -28.08 28.68
CA SER E 95 -3.05 -27.20 28.06
C SER E 95 -3.49 -25.75 28.16
N GLY E 96 -4.78 -25.49 27.96
CA GLY E 96 -5.31 -24.14 28.07
C GLY E 96 -6.75 -24.19 28.53
N VAL E 97 -7.23 -23.04 28.98
CA VAL E 97 -8.59 -22.91 29.50
C VAL E 97 -9.22 -21.68 28.87
N LEU E 98 -10.44 -21.82 28.36
CA LEU E 98 -11.17 -20.70 27.80
C LEU E 98 -12.35 -20.37 28.70
N LEU E 99 -12.44 -19.13 29.13
CA LEU E 99 -13.60 -18.60 29.83
C LEU E 99 -14.34 -17.71 28.85
N TYR E 100 -15.42 -18.22 28.28
CA TYR E 100 -16.19 -17.48 27.30
C TYR E 100 -17.62 -17.33 27.77
N GLY E 101 -18.31 -16.33 27.23
CA GLY E 101 -19.67 -16.06 27.59
C GLY E 101 -20.06 -14.63 27.26
N PRO E 102 -21.31 -14.27 27.53
CA PRO E 102 -21.74 -12.91 27.27
C PRO E 102 -21.02 -11.94 28.19
N PRO E 103 -20.83 -10.71 27.76
CA PRO E 103 -20.16 -9.73 28.62
C PRO E 103 -20.99 -9.40 29.84
N GLY E 104 -20.30 -9.14 30.95
CA GLY E 104 -20.92 -8.80 32.21
C GLY E 104 -20.91 -9.91 33.24
N CYS E 105 -20.72 -11.14 32.80
CA CYS E 105 -20.66 -12.27 33.72
C CYS E 105 -19.28 -12.28 34.39
N GLY E 106 -18.95 -13.34 35.11
CA GLY E 106 -17.74 -13.29 35.91
C GLY E 106 -16.47 -13.89 35.34
N LYS E 107 -16.15 -13.62 34.06
CA LYS E 107 -14.94 -14.21 33.49
C LYS E 107 -13.68 -13.59 34.09
N THR E 108 -13.61 -12.25 34.14
CA THR E 108 -12.46 -11.63 34.78
C THR E 108 -12.52 -11.78 36.29
N MET E 109 -13.73 -11.94 36.84
CA MET E 109 -13.84 -12.31 38.26
C MET E 109 -13.17 -13.65 38.51
N LEU E 110 -13.44 -14.63 37.64
CA LEU E 110 -12.80 -15.93 37.76
C LEU E 110 -11.30 -15.83 37.56
N ALA E 111 -10.86 -14.99 36.62
CA ALA E 111 -9.44 -14.83 36.37
C ALA E 111 -8.73 -14.19 37.55
N LYS E 112 -9.36 -13.20 38.19
CA LYS E 112 -8.76 -12.55 39.34
C LYS E 112 -8.74 -13.49 40.54
N ALA E 113 -9.78 -14.30 40.70
CA ALA E 113 -9.77 -15.31 41.75
C ALA E 113 -8.66 -16.33 41.53
N LEU E 114 -8.44 -16.72 40.27
CA LEU E 114 -7.33 -17.60 39.94
C LEU E 114 -5.99 -16.93 40.22
N ALA E 115 -5.88 -15.64 39.91
CA ALA E 115 -4.65 -14.92 40.17
C ALA E 115 -4.39 -14.76 41.66
N LYS E 116 -5.42 -14.82 42.49
CA LYS E 116 -5.26 -14.65 43.93
C LYS E 116 -5.24 -15.97 44.69
N GLU E 117 -6.10 -16.92 44.34
CA GLU E 117 -6.32 -18.09 45.20
C GLU E 117 -5.80 -19.40 44.63
N SER E 118 -5.36 -19.44 43.38
CA SER E 118 -4.89 -20.71 42.82
C SER E 118 -3.51 -21.08 43.34
N GLY E 119 -2.66 -20.10 43.57
CA GLY E 119 -1.29 -20.35 43.99
C GLY E 119 -0.30 -20.47 42.86
N ALA E 120 -0.76 -20.49 41.61
CA ALA E 120 0.13 -20.52 40.46
C ALA E 120 0.73 -19.14 40.22
N ASN E 121 1.89 -19.13 39.59
CA ASN E 121 2.41 -17.89 39.05
C ASN E 121 1.50 -17.42 37.93
N PHE E 122 1.25 -16.11 37.88
CA PHE E 122 0.27 -15.55 36.97
C PHE E 122 0.93 -14.54 36.06
N ILE E 123 0.71 -14.69 34.75
CA ILE E 123 1.18 -13.73 33.75
C ILE E 123 -0.04 -13.27 32.98
N SER E 124 -0.55 -12.09 33.32
CA SER E 124 -1.64 -11.47 32.57
C SER E 124 -1.01 -10.54 31.55
N ILE E 125 -0.85 -11.03 30.33
CA ILE E 125 -0.15 -10.31 29.29
C ILE E 125 -1.18 -9.65 28.38
N ARG E 126 -0.99 -8.37 28.12
CA ARG E 126 -1.83 -7.65 27.19
C ARG E 126 -1.13 -7.57 25.84
N MET E 127 -1.92 -7.33 24.80
CA MET E 127 -1.36 -7.44 23.46
C MET E 127 -0.45 -6.26 23.12
N SER E 128 -0.46 -5.21 23.94
CA SER E 128 0.50 -4.12 23.76
C SER E 128 1.90 -4.54 24.17
N SER E 129 2.01 -5.35 25.22
CA SER E 129 3.31 -5.83 25.67
C SER E 129 3.92 -6.83 24.70
N ILE E 130 3.14 -7.39 23.79
CA ILE E 130 3.63 -8.37 22.83
C ILE E 130 4.03 -7.74 21.52
N MET E 131 3.14 -6.95 20.90
CA MET E 131 3.50 -6.29 19.66
C MET E 131 4.65 -5.31 19.84
N ASP E 132 5.59 -5.38 18.92
CA ASP E 132 6.74 -4.48 18.85
C ASP E 132 6.90 -4.06 17.40
N LYS E 133 7.22 -2.78 17.19
CA LYS E 133 7.40 -2.30 15.82
C LYS E 133 8.66 -2.87 15.19
N TRP E 134 9.63 -3.28 16.00
CA TRP E 134 10.87 -3.81 15.47
C TRP E 134 10.69 -5.23 14.96
N TYR E 135 11.53 -5.61 14.01
CA TYR E 135 11.34 -6.88 13.32
C TYR E 135 11.78 -8.04 14.19
N GLY E 136 10.90 -9.03 14.33
CA GLY E 136 11.21 -10.24 15.05
C GLY E 136 11.26 -10.10 16.55
N GLU E 137 10.95 -8.92 17.10
CA GLU E 137 10.96 -8.73 18.55
C GLU E 137 9.72 -9.32 19.20
N SER E 138 8.57 -9.31 18.51
CA SER E 138 7.35 -9.80 19.12
C SER E 138 7.37 -11.34 19.22
N ASN E 139 7.96 -12.01 18.25
CA ASN E 139 8.14 -13.46 18.37
C ASN E 139 9.07 -13.81 19.52
N LYS E 140 10.13 -13.03 19.70
CA LYS E 140 11.01 -13.26 20.84
C LYS E 140 10.31 -12.96 22.16
N ILE E 141 9.37 -12.00 22.15
CA ILE E 141 8.57 -11.72 23.34
C ILE E 141 7.67 -12.91 23.67
N VAL E 142 7.01 -13.48 22.66
CA VAL E 142 6.15 -14.65 22.88
C VAL E 142 6.98 -15.84 23.36
N ASP E 143 8.13 -16.06 22.73
CA ASP E 143 9.02 -17.14 23.13
C ASP E 143 9.49 -16.97 24.57
N ALA E 144 9.83 -15.74 24.95
CA ALA E 144 10.25 -15.49 26.33
C ALA E 144 9.10 -15.61 27.30
N MET E 145 7.88 -15.27 26.88
CA MET E 145 6.73 -15.46 27.75
C MET E 145 6.52 -16.93 28.06
N PHE E 146 6.65 -17.79 27.05
CA PHE E 146 6.51 -19.21 27.28
C PHE E 146 7.70 -19.77 28.07
N SER E 147 8.91 -19.27 27.81
CA SER E 147 10.08 -19.70 28.56
C SER E 147 9.98 -19.32 30.02
N LEU E 148 9.51 -18.11 30.30
CA LEU E 148 9.32 -17.68 31.68
C LEU E 148 8.22 -18.47 32.37
N ALA E 149 7.13 -18.76 31.65
CA ALA E 149 6.09 -19.60 32.22
C ALA E 149 6.63 -20.98 32.56
N ASN E 150 7.53 -21.51 31.73
CA ASN E 150 8.12 -22.81 32.02
C ASN E 150 9.13 -22.73 33.16
N LYS E 151 9.77 -21.57 33.35
CA LYS E 151 10.72 -21.44 34.45
C LYS E 151 10.00 -21.36 35.79
N LEU E 152 8.91 -20.58 35.86
CA LEU E 152 8.06 -20.56 37.03
C LEU E 152 7.04 -21.68 36.85
N GLN E 153 7.44 -22.88 37.26
CA GLN E 153 6.87 -24.11 36.71
C GLN E 153 5.34 -24.23 36.80
N PRO E 154 4.66 -24.00 37.94
CA PRO E 154 3.21 -23.89 37.88
C PRO E 154 2.82 -22.46 37.53
N CYS E 155 2.40 -22.26 36.28
CA CYS E 155 2.18 -20.91 35.78
C CYS E 155 0.89 -20.85 35.00
N ILE E 156 0.27 -19.68 34.99
CA ILE E 156 -0.94 -19.42 34.23
C ILE E 156 -0.70 -18.18 33.39
N ILE E 157 -0.74 -18.33 32.08
CA ILE E 157 -0.64 -17.19 31.17
C ILE E 157 -2.06 -16.77 30.84
N PHE E 158 -2.50 -15.65 31.40
CA PHE E 158 -3.85 -15.15 31.16
C PHE E 158 -3.81 -14.09 30.07
N ILE E 159 -4.67 -14.26 29.07
CA ILE E 159 -4.81 -13.30 27.99
C ILE E 159 -6.27 -12.88 27.96
N ASP E 160 -6.56 -11.73 28.56
CA ASP E 160 -7.88 -11.17 28.52
C ASP E 160 -8.22 -10.74 27.11
N GLN E 161 -9.48 -10.93 26.72
CA GLN E 161 -9.95 -10.67 25.36
C GLN E 161 -9.09 -11.41 24.34
N ILE E 162 -9.06 -12.73 24.50
CA ILE E 162 -8.17 -13.58 23.71
C ILE E 162 -8.62 -13.75 22.28
N ASP E 163 -9.84 -13.29 21.94
CA ASP E 163 -10.30 -13.41 20.56
C ASP E 163 -9.54 -12.48 19.63
N SER E 164 -8.83 -11.49 20.16
CA SER E 164 -8.06 -10.60 19.30
C SER E 164 -6.65 -11.12 19.07
N PHE E 165 -6.04 -11.71 20.09
CA PHE E 165 -4.72 -12.30 19.90
C PHE E 165 -4.87 -13.56 19.07
N LEU E 166 -5.82 -14.41 19.42
CA LEU E 166 -5.97 -15.69 18.74
C LEU E 166 -7.02 -15.64 17.65
N ARG E 167 -7.16 -14.50 16.98
CA ARG E 167 -8.16 -14.38 15.93
C ARG E 167 -7.81 -15.29 14.76
N GLU E 168 -8.84 -15.63 13.98
CA GLU E 168 -8.65 -16.52 12.85
C GLU E 168 -7.60 -16.00 11.92
N ARG E 169 -6.71 -16.88 11.49
CA ARG E 169 -5.63 -16.49 10.60
C ARG E 169 -6.17 -16.24 9.20
N SER E 170 -5.57 -15.24 8.53
CA SER E 170 -5.94 -14.92 7.17
C SER E 170 -4.70 -14.45 6.43
N SER E 171 -4.77 -14.51 5.10
CA SER E 171 -3.71 -13.96 4.28
C SER E 171 -3.68 -12.44 4.37
N THR E 172 -4.83 -11.81 4.66
CA THR E 172 -4.91 -10.37 4.83
C THR E 172 -4.34 -9.90 6.16
N ASP E 173 -4.00 -10.82 7.05
CA ASP E 173 -3.39 -10.44 8.33
C ASP E 173 -1.94 -9.99 8.10
N HIS E 174 -1.45 -9.19 9.05
CA HIS E 174 -0.08 -8.72 8.99
C HIS E 174 0.88 -9.89 9.13
N GLU E 175 2.07 -9.75 8.55
CA GLU E 175 3.05 -10.82 8.64
C GLU E 175 3.54 -10.98 10.08
N VAL E 176 3.60 -9.90 10.84
CA VAL E 176 4.03 -9.99 12.23
C VAL E 176 2.97 -10.69 13.08
N THR E 177 1.69 -10.39 12.84
CA THR E 177 0.64 -11.08 13.58
C THR E 177 0.57 -12.54 13.21
N ALA E 178 0.73 -12.86 11.92
CA ALA E 178 0.71 -14.26 11.49
C ALA E 178 1.86 -15.03 12.09
N THR E 179 3.05 -14.43 12.11
CA THR E 179 4.20 -15.09 12.72
C THR E 179 4.04 -15.20 14.22
N LEU E 180 3.43 -14.20 14.85
CA LEU E 180 3.11 -14.25 16.27
C LEU E 180 2.18 -15.41 16.60
N LYS E 181 1.13 -15.57 15.81
CA LYS E 181 0.18 -16.66 16.03
C LYS E 181 0.84 -18.02 15.80
N ALA E 182 1.68 -18.13 14.78
CA ALA E 182 2.40 -19.37 14.54
C ALA E 182 3.36 -19.70 15.68
N GLU E 183 4.05 -18.68 16.20
CA GLU E 183 4.94 -18.89 17.33
C GLU E 183 4.20 -19.31 18.58
N PHE E 184 3.04 -18.68 18.83
CA PHE E 184 2.21 -19.07 19.96
C PHE E 184 1.71 -20.50 19.81
N MET E 185 1.34 -20.90 18.60
CA MET E 185 0.92 -22.27 18.36
C MET E 185 2.05 -23.25 18.60
N THR E 186 3.24 -22.95 18.08
CA THR E 186 4.37 -23.85 18.21
C THR E 186 4.78 -24.04 19.66
N LEU E 187 4.83 -22.94 20.42
CA LEU E 187 5.22 -23.06 21.82
C LEU E 187 4.11 -23.64 22.68
N TRP E 188 2.86 -23.32 22.37
CA TRP E 188 1.73 -23.77 23.17
C TRP E 188 1.57 -25.28 23.11
N ASP E 189 1.58 -25.84 21.90
CA ASP E 189 1.43 -27.28 21.71
C ASP E 189 2.26 -27.66 20.49
N GLY E 190 3.48 -28.09 20.73
CA GLY E 190 4.35 -28.50 19.66
C GLY E 190 5.37 -29.48 20.17
N LEU E 191 6.51 -29.53 19.47
CA LEU E 191 7.65 -30.24 20.01
C LEU E 191 8.14 -29.52 21.26
N LEU E 192 8.77 -30.29 22.15
CA LEU E 192 9.26 -29.79 23.43
C LEU E 192 8.10 -29.18 24.23
N ASN E 193 7.17 -30.05 24.62
CA ASN E 193 5.96 -29.62 25.27
C ASN E 193 6.26 -28.98 26.62
N ASN E 194 5.41 -28.03 27.00
CA ASN E 194 5.61 -27.24 28.19
C ASN E 194 5.45 -28.08 29.45
N GLY E 195 5.86 -27.51 30.57
CA GLY E 195 5.70 -28.17 31.85
C GLY E 195 4.30 -27.94 32.37
N ARG E 196 4.18 -27.44 33.59
CA ARG E 196 2.87 -27.11 34.15
C ARG E 196 2.47 -25.69 33.80
N VAL E 197 2.44 -25.41 32.50
CA VAL E 197 2.07 -24.10 31.97
C VAL E 197 0.67 -24.22 31.39
N MET E 198 -0.22 -23.30 31.80
CA MET E 198 -1.58 -23.30 31.30
C MET E 198 -1.94 -21.91 30.79
N ILE E 199 -2.50 -21.83 29.60
CA ILE E 199 -2.86 -20.55 29.00
C ILE E 199 -4.37 -20.39 29.18
N ILE E 200 -4.77 -19.63 30.19
CA ILE E 200 -6.16 -19.34 30.45
C ILE E 200 -6.55 -18.11 29.62
N GLY E 201 -7.67 -18.19 28.93
CA GLY E 201 -8.12 -17.07 28.12
C GLY E 201 -9.57 -16.73 28.40
N ALA E 202 -9.84 -15.43 28.42
CA ALA E 202 -11.19 -14.92 28.60
C ALA E 202 -11.62 -14.20 27.34
N THR E 203 -12.85 -14.42 26.91
CA THR E 203 -13.35 -13.77 25.71
C THR E 203 -14.87 -13.70 25.79
N ASN E 204 -15.45 -12.84 24.96
CA ASN E 204 -16.88 -12.84 24.72
C ASN E 204 -17.22 -13.10 23.27
N ARG E 205 -16.22 -13.32 22.43
CA ARG E 205 -16.41 -13.72 21.03
C ARG E 205 -15.61 -15.01 20.84
N ILE E 206 -16.23 -16.15 21.16
CA ILE E 206 -15.54 -17.42 21.04
C ILE E 206 -15.36 -17.80 19.57
N ASN E 207 -16.33 -17.43 18.72
CA ASN E 207 -16.27 -17.80 17.32
C ASN E 207 -15.14 -17.09 16.57
N ASP E 208 -14.60 -16.01 17.12
CA ASP E 208 -13.51 -15.30 16.47
C ASP E 208 -12.15 -15.96 16.70
N ILE E 209 -12.07 -16.93 17.58
CA ILE E 209 -10.81 -17.61 17.85
C ILE E 209 -10.53 -18.61 16.74
N ASP E 210 -9.26 -18.77 16.40
CA ASP E 210 -8.85 -19.72 15.38
C ASP E 210 -9.14 -21.15 15.82
N ASP E 211 -9.36 -22.03 14.85
CA ASP E 211 -9.71 -23.41 15.15
C ASP E 211 -8.56 -24.12 15.87
N ALA E 212 -7.32 -23.86 15.45
CA ALA E 212 -6.17 -24.47 16.12
C ALA E 212 -5.97 -23.88 17.50
N PHE E 213 -6.19 -22.57 17.65
CA PHE E 213 -6.10 -21.97 18.97
C PHE E 213 -7.25 -22.44 19.85
N LEU E 214 -8.41 -22.70 19.26
CA LEU E 214 -9.52 -23.24 20.03
C LEU E 214 -9.23 -24.67 20.49
N ARG E 215 -8.55 -25.44 19.67
CA ARG E 215 -8.19 -26.79 20.06
C ARG E 215 -7.11 -26.75 21.11
N ARG E 216 -6.32 -25.67 21.13
CA ARG E 216 -5.32 -25.54 22.18
C ARG E 216 -5.94 -25.07 23.50
N LEU E 217 -7.21 -24.69 23.50
CA LEU E 217 -7.97 -24.40 24.71
C LEU E 217 -9.06 -25.46 24.84
N PRO E 218 -8.72 -26.66 25.33
CA PRO E 218 -9.71 -27.75 25.30
C PRO E 218 -10.72 -27.66 26.42
N LYS E 219 -10.34 -27.05 27.54
CA LYS E 219 -11.23 -26.89 28.69
C LYS E 219 -11.91 -25.53 28.58
N ARG E 220 -13.18 -25.53 28.19
CA ARG E 220 -13.93 -24.31 27.96
C ARG E 220 -15.04 -24.18 28.99
N PHE E 221 -15.06 -23.04 29.68
CA PHE E 221 -16.08 -22.73 30.67
C PHE E 221 -16.99 -21.67 30.07
N LEU E 222 -18.28 -21.97 29.99
CA LEU E 222 -19.28 -21.01 29.51
C LEU E 222 -19.84 -20.27 30.70
N VAL E 223 -19.49 -18.99 30.84
CA VAL E 223 -19.99 -18.15 31.92
C VAL E 223 -21.17 -17.39 31.34
N SER E 224 -22.35 -17.99 31.42
CA SER E 224 -23.54 -17.46 30.78
C SER E 224 -24.21 -16.42 31.67
N LEU E 225 -25.27 -15.82 31.14
CA LEU E 225 -26.03 -14.84 31.90
C LEU E 225 -26.70 -15.51 33.09
N PRO E 226 -26.78 -14.84 34.24
CA PRO E 226 -27.32 -15.48 35.43
C PRO E 226 -28.81 -15.76 35.31
N GLY E 227 -29.23 -16.86 35.94
CA GLY E 227 -30.62 -17.15 36.16
C GLY E 227 -31.11 -16.47 37.42
N SER E 228 -32.33 -16.84 37.83
CA SER E 228 -32.94 -16.22 39.00
C SER E 228 -32.17 -16.51 40.27
N ASP E 229 -31.85 -17.78 40.52
CA ASP E 229 -31.07 -18.14 41.70
C ASP E 229 -29.65 -17.57 41.61
N GLN E 230 -29.06 -17.61 40.42
CA GLN E 230 -27.72 -17.04 40.24
C GLN E 230 -27.75 -15.53 40.43
N ARG E 231 -28.80 -14.86 39.96
CA ARG E 231 -28.92 -13.42 40.19
C ARG E 231 -29.08 -13.11 41.67
N TYR E 232 -29.85 -13.94 42.39
CA TYR E 232 -29.97 -13.77 43.83
C TYR E 232 -28.62 -13.92 44.52
N LYS E 233 -27.84 -14.92 44.11
CA LYS E 233 -26.54 -15.13 44.73
C LYS E 233 -25.58 -13.98 44.41
N ILE E 234 -25.62 -13.48 43.18
CA ILE E 234 -24.77 -12.36 42.79
C ILE E 234 -25.14 -11.11 43.58
N LEU E 235 -26.45 -10.84 43.73
CA LEU E 235 -26.88 -9.69 44.52
C LEU E 235 -26.47 -9.84 45.98
N SER E 236 -26.59 -11.06 46.54
CA SER E 236 -26.20 -11.29 47.92
C SER E 236 -24.70 -11.08 48.12
N VAL E 237 -23.90 -11.50 47.14
CA VAL E 237 -22.46 -11.25 47.22
C VAL E 237 -22.16 -9.76 47.10
N LEU E 238 -22.84 -9.06 46.19
CA LEU E 238 -22.61 -7.64 46.02
C LEU E 238 -23.07 -6.84 47.24
N LEU E 239 -24.20 -7.21 47.82
CA LEU E 239 -24.74 -6.49 48.96
C LEU E 239 -24.15 -6.94 50.29
N LYS E 240 -23.10 -7.75 50.27
CA LYS E 240 -22.35 -8.03 51.49
C LYS E 240 -21.64 -6.77 51.96
N ASP E 241 -21.28 -6.76 53.25
CA ASP E 241 -20.62 -5.63 53.91
C ASP E 241 -21.44 -4.35 53.79
N THR E 242 -22.76 -4.48 53.69
CA THR E 242 -23.66 -3.35 53.52
C THR E 242 -24.87 -3.58 54.41
N LYS E 243 -25.28 -2.53 55.13
CA LYS E 243 -26.41 -2.64 56.05
C LYS E 243 -27.68 -2.88 55.25
N LEU E 244 -28.40 -3.94 55.61
CA LEU E 244 -29.58 -4.39 54.88
C LEU E 244 -30.81 -4.30 55.78
N ASP E 245 -31.92 -3.85 55.21
CA ASP E 245 -33.16 -3.76 55.98
C ASP E 245 -33.71 -5.15 56.25
N GLU E 246 -34.14 -5.38 57.50
CA GLU E 246 -34.57 -6.72 57.89
C GLU E 246 -35.96 -7.05 57.36
N ASP E 247 -36.83 -6.06 57.22
CA ASP E 247 -38.20 -6.30 56.78
C ASP E 247 -38.56 -5.58 55.50
N GLU E 248 -38.10 -4.34 55.31
CA GLU E 248 -38.42 -3.59 54.11
C GLU E 248 -37.67 -4.09 52.88
N PHE E 249 -36.71 -4.98 53.05
CA PHE E 249 -35.86 -5.44 51.96
C PHE E 249 -36.13 -6.91 51.66
N ASP E 250 -36.31 -7.22 50.38
CA ASP E 250 -36.30 -8.60 49.91
C ASP E 250 -35.48 -8.70 48.63
N LEU E 251 -34.95 -9.89 48.37
CA LEU E 251 -34.06 -10.10 47.24
C LEU E 251 -34.66 -10.95 46.13
N GLN E 252 -35.68 -11.76 46.43
CA GLN E 252 -36.31 -12.57 45.39
C GLN E 252 -37.02 -11.69 44.37
N LEU E 253 -37.63 -10.60 44.82
CA LEU E 253 -38.30 -9.69 43.90
C LEU E 253 -37.29 -9.03 42.96
N ILE E 254 -36.13 -8.63 43.49
CA ILE E 254 -35.09 -8.05 42.64
C ILE E 254 -34.53 -9.10 41.68
N ALA E 255 -34.32 -10.33 42.16
CA ALA E 255 -33.80 -11.38 41.32
C ALA E 255 -34.74 -11.69 40.17
N ASP E 256 -36.04 -11.71 40.44
CA ASP E 256 -37.00 -11.96 39.36
C ASP E 256 -37.15 -10.75 38.45
N ASN E 257 -37.01 -9.54 39.00
CA ASN E 257 -37.20 -8.34 38.20
C ASN E 257 -36.02 -8.08 37.27
N THR E 258 -34.82 -8.48 37.68
CA THR E 258 -33.62 -8.26 36.87
C THR E 258 -33.45 -9.38 35.84
N LYS E 259 -34.45 -9.52 34.99
CA LYS E 259 -34.40 -10.54 33.94
C LYS E 259 -33.40 -10.13 32.87
N GLY E 260 -32.53 -11.05 32.49
CA GLY E 260 -31.51 -10.76 31.50
C GLY E 260 -30.49 -9.73 31.96
N PHE E 261 -30.17 -9.74 33.24
CA PHE E 261 -29.20 -8.81 33.82
C PHE E 261 -27.90 -9.53 34.05
N SER E 262 -26.80 -8.95 33.58
CA SER E 262 -25.49 -9.54 33.82
C SER E 262 -25.03 -9.21 35.23
N GLY E 263 -23.83 -9.67 35.58
CA GLY E 263 -23.28 -9.34 36.88
C GLY E 263 -22.94 -7.87 37.01
N SER E 264 -22.39 -7.28 35.95
CA SER E 264 -22.01 -5.87 36.00
C SER E 264 -23.24 -4.97 36.04
N ASP E 265 -24.31 -5.37 35.35
CA ASP E 265 -25.56 -4.62 35.44
C ASP E 265 -26.12 -4.64 36.86
N LEU E 266 -26.04 -5.80 37.52
CA LEU E 266 -26.47 -5.88 38.91
C LEU E 266 -25.57 -5.05 39.82
N LYS E 267 -24.26 -5.01 39.53
CA LYS E 267 -23.35 -4.20 40.32
C LYS E 267 -23.69 -2.72 40.20
N GLU E 268 -23.97 -2.26 38.97
CA GLU E 268 -24.34 -0.86 38.77
C GLU E 268 -25.68 -0.54 39.42
N LEU E 269 -26.64 -1.46 39.32
CA LEU E 269 -27.94 -1.25 39.94
C LEU E 269 -27.82 -1.19 41.46
N CYS E 270 -26.98 -2.04 42.04
CA CYS E 270 -26.72 -1.99 43.48
C CYS E 270 -26.04 -0.68 43.87
N ARG E 271 -25.09 -0.22 43.06
CA ARG E 271 -24.42 1.05 43.35
C ARG E 271 -25.39 2.22 43.28
N GLU E 272 -26.27 2.21 42.27
CA GLU E 272 -27.26 3.27 42.14
C GLU E 272 -28.24 3.27 43.31
N ALA E 273 -28.72 2.08 43.69
CA ALA E 273 -29.64 1.99 44.82
C ALA E 273 -28.98 2.42 46.12
N ALA E 274 -27.72 2.02 46.31
CA ALA E 274 -26.99 2.40 47.51
C ALA E 274 -26.76 3.91 47.58
N LEU E 275 -26.43 4.52 46.44
CA LEU E 275 -26.28 5.97 46.40
C LEU E 275 -27.59 6.68 46.66
N ASP E 276 -28.68 6.17 46.09
CA ASP E 276 -29.99 6.76 46.34
C ASP E 276 -30.31 6.69 47.82
N ALA E 277 -30.00 5.56 48.45
CA ALA E 277 -30.34 5.38 49.86
C ALA E 277 -29.45 6.22 50.76
N ALA E 278 -28.19 6.41 50.39
CA ALA E 278 -27.24 7.14 51.21
C ALA E 278 -27.13 8.61 50.83
N LYS E 279 -27.98 9.08 49.92
CA LYS E 279 -27.93 10.48 49.47
C LYS E 279 -28.07 11.46 50.63
N GLU E 280 -28.97 11.19 51.57
CA GLU E 280 -29.18 12.09 52.69
C GLU E 280 -27.94 12.19 53.57
N TYR E 281 -27.32 11.03 53.88
CA TYR E 281 -26.10 11.03 54.66
C TYR E 281 -24.95 11.70 53.92
N ILE E 282 -24.88 11.51 52.61
CA ILE E 282 -23.83 12.14 51.81
C ILE E 282 -23.98 13.65 51.83
N LYS E 283 -25.21 14.14 51.68
CA LYS E 283 -25.46 15.57 51.73
C LYS E 283 -25.14 16.13 53.12
N GLN E 284 -25.46 15.37 54.17
CA GLN E 284 -25.10 15.81 55.53
C GLN E 284 -23.59 15.90 55.70
N LYS E 285 -22.85 14.92 55.18
CA LYS E 285 -21.39 14.95 55.25
C LYS E 285 -20.82 16.11 54.45
N ARG E 286 -21.35 16.35 53.25
CA ARG E 286 -20.81 17.40 52.38
C ARG E 286 -21.11 18.78 52.94
N GLN E 287 -22.31 18.98 53.49
CA GLN E 287 -22.64 20.24 54.14
C GLN E 287 -21.76 20.48 55.36
N LEU E 288 -21.55 19.43 56.16
CA LEU E 288 -20.68 19.53 57.33
C LEU E 288 -19.24 19.19 56.93
N LEU E 302 -26.50 10.56 59.81
CA LEU E 302 -25.76 9.87 60.86
C LEU E 302 -25.35 8.48 60.41
N LYS E 303 -26.26 7.52 60.55
CA LYS E 303 -26.02 6.16 60.10
C LYS E 303 -26.50 6.01 58.65
N ILE E 304 -25.98 4.98 57.98
CA ILE E 304 -26.43 4.68 56.62
C ILE E 304 -27.85 4.15 56.67
N ARG E 305 -28.71 4.72 55.84
CA ARG E 305 -30.06 4.23 55.74
C ARG E 305 -29.98 2.86 55.05
N PRO E 306 -30.56 1.79 55.69
CA PRO E 306 -30.42 0.47 55.07
C PRO E 306 -31.15 0.40 53.75
N LEU E 307 -30.68 -0.43 52.85
CA LEU E 307 -31.23 -0.50 51.51
C LEU E 307 -32.52 -1.31 51.49
N LYS E 308 -33.58 -0.67 51.00
CA LYS E 308 -34.91 -1.27 50.92
C LYS E 308 -35.19 -1.73 49.51
N THR E 309 -36.30 -2.46 49.37
CA THR E 309 -36.76 -2.86 48.05
C THR E 309 -37.14 -1.65 47.22
N LYS E 310 -37.60 -0.59 47.87
CA LYS E 310 -38.04 0.60 47.16
C LYS E 310 -36.89 1.22 46.39
N ASP E 311 -35.74 1.37 47.04
CA ASP E 311 -34.58 1.98 46.40
C ASP E 311 -34.04 1.14 45.24
N PHE E 312 -34.35 -0.15 45.22
CA PHE E 312 -33.85 -1.02 44.16
C PHE E 312 -34.82 -1.12 42.99
N THR E 313 -36.13 -1.18 43.25
CA THR E 313 -37.10 -1.21 42.17
C THR E 313 -37.43 0.18 41.64
N LYS E 314 -37.03 1.26 42.32
CA LYS E 314 -37.17 2.57 41.71
C LYS E 314 -36.11 2.77 40.63
N LYS E 315 -34.93 2.15 40.80
CA LYS E 315 -33.91 2.21 39.77
C LYS E 315 -34.25 1.29 38.61
N LEU E 316 -34.91 0.18 38.90
CA LEU E 316 -35.35 -0.73 37.85
C LEU E 316 -36.51 -0.13 37.08
N ARG E 317 -36.62 -0.52 35.81
CA ARG E 317 -37.75 -0.13 34.98
C ARG E 317 -38.78 -1.24 34.85
N MET E 318 -38.66 -2.29 35.67
CA MET E 318 -39.59 -3.42 35.71
C MET E 318 -39.76 -4.09 34.35
N LEU F 7 24.45 -7.98 17.92
CA LEU F 7 24.92 -7.93 19.30
C LEU F 7 24.01 -8.72 20.23
N SER F 8 24.56 -9.16 21.37
CA SER F 8 23.86 -9.92 22.39
C SER F 8 23.26 -11.22 21.83
N GLY F 9 23.96 -11.84 20.87
CA GLY F 9 23.45 -13.05 20.26
C GLY F 9 23.53 -14.26 21.16
N LYS F 10 24.45 -14.25 22.12
CA LYS F 10 24.66 -15.38 23.02
C LYS F 10 24.56 -14.94 24.47
N SER F 11 24.05 -15.83 25.31
CA SER F 11 23.98 -15.65 26.74
C SER F 11 24.51 -16.89 27.42
N ARG F 12 24.80 -16.76 28.73
CA ARG F 12 25.46 -17.85 29.44
C ARG F 12 24.58 -19.09 29.52
N GLU F 13 23.28 -18.92 29.79
CA GLU F 13 22.37 -20.05 29.78
C GLU F 13 22.23 -20.64 28.39
N SER F 14 22.13 -19.78 27.37
CA SER F 14 22.04 -20.28 26.00
C SER F 14 23.33 -20.99 25.59
N LYS F 15 24.48 -20.44 25.99
CA LYS F 15 25.75 -21.09 25.70
C LYS F 15 25.84 -22.46 26.37
N ALA F 16 25.36 -22.56 27.61
CA ALA F 16 25.33 -23.85 28.28
C ALA F 16 24.40 -24.83 27.56
N LYS F 17 23.26 -24.34 27.06
CA LYS F 17 22.36 -25.19 26.30
C LYS F 17 23.02 -25.71 25.04
N GLN F 18 23.71 -24.83 24.30
CA GLN F 18 24.40 -25.27 23.09
C GLN F 18 25.52 -26.26 23.40
N SER F 19 26.24 -26.03 24.50
CA SER F 19 27.29 -26.97 24.90
C SER F 19 26.70 -28.33 25.24
N LEU F 20 25.58 -28.36 25.96
CA LEU F 20 24.93 -29.63 26.28
C LEU F 20 24.45 -30.34 25.03
N GLN F 21 23.87 -29.60 24.09
CA GLN F 21 23.38 -30.21 22.86
C GLN F 21 24.53 -30.75 22.02
N TRP F 22 25.63 -30.02 21.97
CA TRP F 22 26.80 -30.50 21.22
C TRP F 22 27.40 -31.73 21.87
N GLU F 23 27.44 -31.76 23.21
CA GLU F 23 27.91 -32.96 23.90
C GLU F 23 27.03 -34.16 23.60
N LYS F 24 25.71 -33.95 23.61
CA LYS F 24 24.79 -35.05 23.29
C LYS F 24 24.94 -35.51 21.86
N LEU F 25 25.13 -34.58 20.93
CA LEU F 25 25.29 -34.94 19.52
C LEU F 25 26.60 -35.70 19.30
N VAL F 26 27.67 -35.30 19.99
CA VAL F 26 28.93 -36.02 19.90
C VAL F 26 28.78 -37.41 20.52
N LYS F 27 27.99 -37.53 21.59
CA LYS F 27 27.73 -38.84 22.19
C LYS F 27 26.96 -39.74 21.22
N ARG F 28 25.97 -39.19 20.53
CA ARG F 28 25.19 -40.00 19.58
C ARG F 28 26.03 -40.41 18.38
N SER F 29 26.91 -39.53 17.91
CA SER F 29 27.77 -39.81 16.76
C SER F 29 29.21 -39.46 17.13
N PRO F 30 30.05 -40.46 17.39
CA PRO F 30 31.44 -40.16 17.77
C PRO F 30 32.24 -39.44 16.69
N ALA F 31 31.89 -39.62 15.42
CA ALA F 31 32.57 -38.94 14.33
C ALA F 31 32.24 -37.46 14.26
N LEU F 32 31.25 -37.00 15.02
CA LEU F 32 30.83 -35.60 15.01
C LEU F 32 31.70 -34.70 15.88
N ALA F 33 32.89 -35.16 16.26
CA ALA F 33 33.83 -34.36 17.02
C ALA F 33 34.91 -33.82 16.10
N GLU F 34 35.62 -32.81 16.61
CA GLU F 34 36.70 -32.13 15.88
C GLU F 34 36.21 -31.55 14.55
N VAL F 35 34.99 -31.02 14.55
CA VAL F 35 34.43 -30.31 13.41
C VAL F 35 34.10 -28.90 13.85
N THR F 36 34.63 -27.91 13.11
CA THR F 36 34.47 -26.52 13.49
C THR F 36 33.03 -26.07 13.28
N LEU F 37 32.54 -25.23 14.19
CA LEU F 37 31.21 -24.66 14.07
C LEU F 37 31.30 -23.15 14.14
N ASP F 38 30.67 -22.48 13.19
CA ASP F 38 30.56 -21.03 13.23
C ASP F 38 29.64 -20.60 14.38
N ALA F 39 29.75 -19.33 14.75
CA ALA F 39 28.96 -18.82 15.87
C ALA F 39 27.46 -18.93 15.61
N TYR F 40 27.05 -18.63 14.38
CA TYR F 40 25.64 -18.77 14.02
C TYR F 40 25.20 -20.23 14.06
N GLU F 41 26.10 -21.14 13.68
CA GLU F 41 25.81 -22.56 13.81
C GLU F 41 25.66 -22.97 15.27
N ARG F 42 26.44 -22.38 16.15
CA ARG F 42 26.27 -22.66 17.56
C ARG F 42 24.93 -22.13 18.06
N THR F 43 24.50 -20.98 17.56
CA THR F 43 23.18 -20.49 17.95
C THR F 43 22.08 -21.42 17.46
N ILE F 44 22.24 -21.97 16.26
CA ILE F 44 21.28 -22.95 15.75
C ILE F 44 21.30 -24.22 16.59
N LEU F 45 22.45 -24.54 17.19
CA LEU F 45 22.59 -25.76 17.97
C LEU F 45 21.66 -25.85 19.17
N SER F 46 21.13 -24.72 19.65
CA SER F 46 20.16 -24.79 20.74
C SER F 46 18.79 -25.28 20.29
N SER F 47 18.58 -25.44 18.98
CA SER F 47 17.33 -25.97 18.44
C SER F 47 17.38 -27.48 18.23
N ILE F 48 18.46 -28.14 18.63
CA ILE F 48 18.58 -29.58 18.43
C ILE F 48 17.67 -30.31 19.41
N VAL F 49 16.86 -31.23 18.90
CA VAL F 49 15.96 -32.03 19.71
C VAL F 49 16.55 -33.42 19.82
N THR F 50 17.23 -33.70 20.92
CA THR F 50 17.73 -35.02 21.20
C THR F 50 16.56 -35.96 21.49
N PRO F 51 16.74 -37.27 21.31
CA PRO F 51 15.63 -38.21 21.55
C PRO F 51 15.11 -38.19 22.98
N ASP F 52 15.95 -37.85 23.95
CA ASP F 52 15.51 -37.85 25.34
C ASP F 52 14.49 -36.75 25.63
N GLU F 53 14.53 -35.66 24.85
CA GLU F 53 13.61 -34.55 25.08
C GLU F 53 12.19 -34.87 24.64
N ILE F 54 11.99 -35.97 23.91
CA ILE F 54 10.70 -36.34 23.36
C ILE F 54 10.21 -37.59 24.07
N ASN F 55 8.99 -37.54 24.59
CA ASN F 55 8.40 -38.66 25.31
C ASN F 55 7.45 -39.47 24.44
N ILE F 56 7.42 -39.21 23.14
CA ILE F 56 6.46 -39.80 22.22
C ILE F 56 7.20 -40.68 21.22
N THR F 57 6.74 -41.92 21.07
CA THR F 57 7.23 -42.83 20.04
C THR F 57 6.16 -42.98 18.96
N PHE F 58 6.48 -43.79 17.94
CA PHE F 58 5.52 -44.06 16.89
C PHE F 58 4.37 -44.94 17.38
N GLN F 59 4.58 -45.72 18.43
CA GLN F 59 3.53 -46.55 19.00
C GLN F 59 2.56 -45.76 19.87
N ASP F 60 2.87 -44.51 20.18
CA ASP F 60 1.97 -43.64 20.91
C ASP F 60 0.98 -42.93 20.01
N ILE F 61 1.05 -43.17 18.70
CA ILE F 61 0.15 -42.56 17.73
C ILE F 61 -0.75 -43.64 17.17
N GLY F 62 -2.06 -43.45 17.28
CA GLY F 62 -3.00 -44.41 16.76
C GLY F 62 -3.80 -43.88 15.59
N GLY F 63 -4.41 -44.77 14.83
CA GLY F 63 -5.28 -44.37 13.75
C GLY F 63 -4.57 -43.86 12.52
N LEU F 64 -3.24 -43.96 12.47
CA LEU F 64 -2.46 -43.45 11.34
C LEU F 64 -1.54 -44.50 10.77
N ASP F 65 -1.76 -45.77 11.08
CA ASP F 65 -0.85 -46.84 10.64
C ASP F 65 -0.49 -46.79 9.15
N PRO F 66 -1.48 -46.76 8.22
CA PRO F 66 -1.03 -46.60 6.82
C PRO F 66 -0.16 -45.37 6.60
N LEU F 67 -0.47 -44.26 7.26
CA LEU F 67 0.35 -43.06 7.13
C LEU F 67 1.71 -43.27 7.78
N ILE F 68 1.75 -43.97 8.92
CA ILE F 68 3.02 -44.26 9.58
C ILE F 68 3.90 -45.12 8.69
N SER F 69 3.31 -46.16 8.09
CA SER F 69 4.07 -47.03 7.20
C SER F 69 4.56 -46.29 5.96
N ASP F 70 3.69 -45.48 5.35
CA ASP F 70 4.08 -44.71 4.19
C ASP F 70 5.21 -43.73 4.52
N LEU F 71 5.08 -43.04 5.66
CA LEU F 71 6.12 -42.12 6.10
C LEU F 71 7.43 -42.84 6.32
N HIS F 72 7.37 -44.03 6.93
CA HIS F 72 8.59 -44.80 7.15
C HIS F 72 9.27 -45.14 5.83
N GLU F 73 8.58 -45.91 4.98
CA GLU F 73 9.22 -46.42 3.76
C GLU F 73 9.46 -45.34 2.70
N SER F 74 8.92 -44.14 2.85
CA SER F 74 9.20 -43.08 1.89
C SER F 74 10.06 -41.96 2.44
N VAL F 75 10.31 -41.91 3.74
CA VAL F 75 11.02 -40.80 4.34
C VAL F 75 12.18 -41.28 5.18
N ILE F 76 11.92 -42.19 6.12
CA ILE F 76 12.91 -42.50 7.15
C ILE F 76 13.98 -43.44 6.60
N TYR F 77 13.56 -44.60 6.14
CA TYR F 77 14.51 -45.57 5.60
C TYR F 77 15.29 -45.04 4.39
N PRO F 78 14.71 -44.32 3.41
CA PRO F 78 15.56 -43.71 2.39
C PRO F 78 16.57 -42.72 2.94
N LEU F 79 16.28 -42.07 4.06
CA LEU F 79 17.19 -41.07 4.62
C LEU F 79 18.19 -41.68 5.59
N MET F 80 17.75 -42.62 6.43
CA MET F 80 18.63 -43.20 7.45
C MET F 80 19.40 -44.42 6.97
N MET F 81 18.95 -45.07 5.90
CA MET F 81 19.61 -46.26 5.37
C MET F 81 19.88 -46.04 3.89
N PRO F 82 20.85 -45.20 3.54
CA PRO F 82 21.11 -44.94 2.12
C PRO F 82 21.79 -46.10 1.43
N GLU F 83 22.45 -46.99 2.15
CA GLU F 83 23.14 -48.12 1.52
C GLU F 83 22.14 -49.14 1.00
N VAL F 84 21.00 -49.28 1.68
CA VAL F 84 19.94 -50.15 1.16
C VAL F 84 19.38 -49.57 -0.14
N TYR F 85 19.27 -48.25 -0.21
CA TYR F 85 18.72 -47.57 -1.37
C TYR F 85 19.80 -47.05 -2.31
N SER F 86 21.03 -47.55 -2.20
CA SER F 86 22.13 -47.05 -3.02
C SER F 86 22.15 -47.61 -4.43
N ASN F 87 21.31 -48.60 -4.72
CA ASN F 87 21.35 -49.22 -6.04
C ASN F 87 20.85 -48.28 -7.13
N SER F 88 19.95 -47.36 -6.80
CA SER F 88 19.40 -46.41 -7.76
C SER F 88 19.46 -45.01 -7.19
N PRO F 89 19.68 -44.00 -8.03
CA PRO F 89 19.65 -42.62 -7.55
C PRO F 89 18.25 -42.04 -7.42
N LEU F 90 17.22 -42.77 -7.83
CA LEU F 90 15.84 -42.33 -7.68
C LEU F 90 15.25 -42.73 -6.34
N LEU F 91 15.99 -43.44 -5.51
CA LEU F 91 15.49 -43.92 -4.23
C LEU F 91 15.89 -43.02 -3.07
N GLN F 92 16.40 -41.82 -3.35
CA GLN F 92 16.83 -40.92 -2.30
C GLN F 92 15.61 -40.35 -1.56
N ALA F 93 15.87 -39.88 -0.35
CA ALA F 93 14.82 -39.29 0.46
C ALA F 93 14.40 -37.94 -0.12
N PRO F 94 13.15 -37.54 0.07
CA PRO F 94 12.71 -36.23 -0.45
C PRO F 94 13.42 -35.08 0.24
N SER F 95 13.56 -33.98 -0.49
CA SER F 95 14.18 -32.79 0.06
C SER F 95 13.34 -32.16 1.15
N GLY F 96 12.03 -32.34 1.08
CA GLY F 96 11.13 -31.81 2.09
C GLY F 96 9.93 -32.71 2.28
N VAL F 97 9.32 -32.60 3.44
CA VAL F 97 8.12 -33.36 3.78
C VAL F 97 7.14 -32.41 4.45
N LEU F 98 5.88 -32.45 4.04
CA LEU F 98 4.85 -31.60 4.62
C LEU F 98 3.79 -32.46 5.28
N LEU F 99 3.51 -32.18 6.54
CA LEU F 99 2.42 -32.82 7.28
C LEU F 99 1.34 -31.76 7.45
N TYR F 100 0.36 -31.76 6.55
CA TYR F 100 -0.72 -30.81 6.61
C TYR F 100 -2.02 -31.53 6.98
N GLY F 101 -2.98 -30.75 7.46
CA GLY F 101 -4.27 -31.29 7.84
C GLY F 101 -4.96 -30.39 8.84
N PRO F 102 -6.20 -30.73 9.20
CA PRO F 102 -6.92 -29.95 10.19
C PRO F 102 -6.26 -30.10 11.55
N PRO F 103 -6.38 -29.08 12.41
CA PRO F 103 -5.74 -29.15 13.73
C PRO F 103 -6.35 -30.23 14.60
N GLY F 104 -5.50 -30.88 15.39
CA GLY F 104 -5.95 -31.93 16.27
C GLY F 104 -5.40 -33.29 15.91
N CYS F 105 -5.32 -33.57 14.61
CA CYS F 105 -4.78 -34.84 14.14
C CYS F 105 -3.32 -34.86 14.48
N GLY F 106 -2.66 -36.00 14.40
CA GLY F 106 -1.29 -36.01 14.87
C GLY F 106 -0.13 -35.55 14.01
N LYS F 107 -0.18 -34.33 13.48
CA LYS F 107 0.95 -33.80 12.71
C LYS F 107 2.18 -33.58 13.57
N THR F 108 1.98 -33.07 14.79
CA THR F 108 3.10 -32.84 15.69
C THR F 108 3.42 -34.16 16.35
N MET F 109 2.41 -34.97 16.65
CA MET F 109 2.69 -36.31 17.15
C MET F 109 3.62 -37.06 16.19
N LEU F 110 3.35 -36.95 14.89
CA LEU F 110 4.24 -37.54 13.89
C LEU F 110 5.62 -36.92 13.94
N ALA F 111 5.69 -35.60 14.12
CA ALA F 111 6.98 -34.93 14.19
C ALA F 111 7.75 -35.33 15.45
N LYS F 112 7.06 -35.50 16.57
CA LYS F 112 7.72 -35.95 17.80
C LYS F 112 8.23 -37.38 17.66
N ALA F 113 7.43 -38.25 17.03
CA ALA F 113 7.89 -39.61 16.79
C ALA F 113 9.10 -39.63 15.85
N LEU F 114 9.09 -38.76 14.84
CA LEU F 114 10.26 -38.62 13.96
C LEU F 114 11.45 -38.09 14.73
N ALA F 115 11.22 -37.19 15.68
CA ALA F 115 12.32 -36.65 16.47
C ALA F 115 12.91 -37.71 17.38
N LYS F 116 12.11 -38.66 17.84
CA LYS F 116 12.62 -39.66 18.77
C LYS F 116 13.08 -40.93 18.07
N GLU F 117 12.24 -41.51 17.21
CA GLU F 117 12.47 -42.87 16.73
C GLU F 117 13.17 -42.94 15.38
N SER F 118 13.22 -41.86 14.61
CA SER F 118 13.80 -41.95 13.27
C SER F 118 15.32 -42.06 13.31
N GLY F 119 15.97 -41.53 14.33
CA GLY F 119 17.41 -41.60 14.43
C GLY F 119 18.16 -40.49 13.73
N ALA F 120 17.45 -39.57 13.07
CA ALA F 120 18.09 -38.42 12.46
C ALA F 120 18.44 -37.38 13.53
N ASN F 121 19.45 -36.58 13.25
CA ASN F 121 19.66 -35.38 14.04
C ASN F 121 18.54 -34.40 13.72
N PHE F 122 17.93 -33.84 14.76
CA PHE F 122 16.70 -33.08 14.61
C PHE F 122 16.97 -31.62 14.92
N ILE F 123 16.37 -30.72 14.12
CA ILE F 123 16.44 -29.29 14.34
C ILE F 123 15.02 -28.75 14.28
N SER F 124 14.42 -28.50 15.44
CA SER F 124 13.10 -27.89 15.51
C SER F 124 13.32 -26.40 15.69
N ILE F 125 13.54 -25.69 14.59
CA ILE F 125 13.88 -24.28 14.63
C ILE F 125 12.58 -23.49 14.66
N ARG F 126 12.47 -22.58 15.61
CA ARG F 126 11.31 -21.72 15.73
C ARG F 126 11.59 -20.38 15.07
N MET F 127 10.53 -19.69 14.66
CA MET F 127 10.71 -18.45 13.92
C MET F 127 11.27 -17.33 14.79
N SER F 128 11.13 -17.43 16.12
CA SER F 128 11.76 -16.46 16.99
C SER F 128 13.28 -16.59 16.96
N SER F 129 13.79 -17.80 16.69
CA SER F 129 15.22 -17.98 16.54
C SER F 129 15.72 -17.50 15.18
N ILE F 130 14.87 -17.54 14.15
CA ILE F 130 15.29 -17.16 12.80
C ILE F 130 15.29 -15.64 12.65
N MET F 131 14.14 -15.01 12.89
CA MET F 131 14.06 -13.55 12.78
C MET F 131 14.97 -12.86 13.78
N ASP F 132 15.73 -11.90 13.29
CA ASP F 132 16.60 -11.08 14.13
C ASP F 132 16.34 -9.62 13.78
N LYS F 133 16.45 -8.76 14.79
CA LYS F 133 16.18 -7.34 14.58
C LYS F 133 17.26 -6.70 13.73
N TRP F 134 18.51 -7.14 13.88
CA TRP F 134 19.62 -6.54 13.17
C TRP F 134 19.57 -6.88 11.69
N TYR F 135 20.39 -6.16 10.91
CA TYR F 135 20.34 -6.27 9.46
C TYR F 135 21.19 -7.44 8.99
N GLY F 136 20.59 -8.32 8.22
CA GLY F 136 21.30 -9.43 7.61
C GLY F 136 21.57 -10.59 8.53
N GLU F 137 21.14 -10.52 9.79
CA GLU F 137 21.41 -11.60 10.73
C GLU F 137 20.51 -12.80 10.52
N SER F 138 19.27 -12.59 10.09
CA SER F 138 18.35 -13.71 9.89
C SER F 138 18.76 -14.55 8.70
N ASN F 139 19.27 -13.92 7.63
CA ASN F 139 19.79 -14.67 6.50
C ASN F 139 20.98 -15.51 6.90
N LYS F 140 21.88 -14.95 7.71
CA LYS F 140 23.01 -15.71 8.21
C LYS F 140 22.56 -16.85 9.13
N ILE F 141 21.48 -16.63 9.87
CA ILE F 141 20.94 -17.66 10.75
C ILE F 141 20.40 -18.83 9.94
N VAL F 142 19.65 -18.53 8.86
CA VAL F 142 19.14 -19.58 7.99
C VAL F 142 20.27 -20.30 7.28
N ASP F 143 21.26 -19.55 6.79
CA ASP F 143 22.42 -20.15 6.14
C ASP F 143 23.16 -21.08 7.09
N ALA F 144 23.33 -20.66 8.35
CA ALA F 144 24.02 -21.50 9.31
C ALA F 144 23.17 -22.70 9.74
N MET F 145 21.85 -22.55 9.74
CA MET F 145 20.98 -23.68 9.99
C MET F 145 21.18 -24.75 8.94
N PHE F 146 21.24 -24.34 7.67
CA PHE F 146 21.45 -25.32 6.60
C PHE F 146 22.85 -25.89 6.63
N SER F 147 23.85 -25.06 6.93
CA SER F 147 25.23 -25.55 7.00
C SER F 147 25.42 -26.54 8.14
N LEU F 148 24.82 -26.25 9.31
CA LEU F 148 24.88 -27.19 10.43
C LEU F 148 24.13 -28.47 10.11
N ALA F 149 22.96 -28.36 9.47
CA ALA F 149 22.22 -29.56 9.11
C ALA F 149 23.01 -30.42 8.14
N ASN F 150 23.76 -29.80 7.24
CA ASN F 150 24.62 -30.57 6.36
C ASN F 150 25.80 -31.17 7.12
N LYS F 151 26.27 -30.49 8.17
CA LYS F 151 27.36 -31.05 8.97
C LYS F 151 26.91 -32.29 9.74
N LEU F 152 25.76 -32.26 10.40
CA LEU F 152 25.12 -33.46 11.00
C LEU F 152 24.42 -33.99 9.79
N GLN F 153 25.01 -34.89 9.04
CA GLN F 153 24.55 -35.21 7.69
C GLN F 153 23.15 -35.82 7.60
N PRO F 154 22.77 -36.85 8.38
CA PRO F 154 21.35 -37.22 8.32
C PRO F 154 20.52 -36.35 9.26
N CYS F 155 20.23 -35.14 8.82
CA CYS F 155 19.51 -34.16 9.63
C CYS F 155 18.08 -33.99 9.12
N ILE F 156 17.16 -33.75 10.03
CA ILE F 156 15.80 -33.35 9.72
C ILE F 156 15.56 -31.99 10.36
N ILE F 157 15.18 -31.01 9.56
CA ILE F 157 14.87 -29.68 10.06
C ILE F 157 13.35 -29.57 10.13
N PHE F 158 12.82 -29.45 11.34
CA PHE F 158 11.39 -29.34 11.52
C PHE F 158 11.02 -27.88 11.77
N ILE F 159 10.05 -27.39 11.03
CA ILE F 159 9.56 -26.03 11.19
C ILE F 159 8.06 -26.15 11.41
N ASP F 160 7.65 -26.14 12.67
CA ASP F 160 6.24 -26.22 13.01
C ASP F 160 5.54 -24.95 12.60
N GLN F 161 4.29 -25.09 12.15
CA GLN F 161 3.51 -23.99 11.59
C GLN F 161 4.28 -23.31 10.47
N ILE F 162 4.65 -24.11 9.46
CA ILE F 162 5.48 -23.64 8.36
C ILE F 162 4.73 -22.72 7.41
N ASP F 163 3.41 -22.63 7.52
CA ASP F 163 2.64 -21.76 6.64
C ASP F 163 2.97 -20.29 6.86
N SER F 164 3.35 -19.92 8.08
CA SER F 164 3.73 -18.53 8.35
C SER F 164 5.11 -18.22 7.81
N PHE F 165 6.06 -19.13 8.00
CA PHE F 165 7.41 -18.92 7.49
C PHE F 165 7.42 -18.93 5.97
N LEU F 166 6.81 -19.95 5.36
CA LEU F 166 6.85 -20.11 3.92
C LEU F 166 5.60 -19.57 3.25
N ARG F 167 5.05 -18.48 3.77
CA ARG F 167 3.85 -17.89 3.21
C ARG F 167 4.11 -17.38 1.80
N GLU F 168 3.02 -17.14 1.07
CA GLU F 168 3.15 -16.66 -0.30
C GLU F 168 3.87 -15.34 -0.33
N ARG F 169 4.85 -15.23 -1.20
CA ARG F 169 5.63 -14.01 -1.29
C ARG F 169 4.80 -12.90 -1.90
N SER F 170 5.00 -11.68 -1.42
CA SER F 170 4.25 -10.54 -1.91
C SER F 170 5.13 -9.31 -1.85
N SER F 171 4.71 -8.26 -2.55
CA SER F 171 5.44 -7.00 -2.51
C SER F 171 5.32 -6.32 -1.15
N THR F 172 4.25 -6.61 -0.41
CA THR F 172 4.07 -6.03 0.91
C THR F 172 4.94 -6.71 1.96
N ASP F 173 5.62 -7.79 1.61
CA ASP F 173 6.48 -8.48 2.57
C ASP F 173 7.62 -7.57 2.98
N HIS F 174 8.04 -7.70 4.24
CA HIS F 174 9.20 -6.96 4.72
C HIS F 174 10.44 -7.38 3.94
N GLU F 175 11.37 -6.45 3.78
CA GLU F 175 12.59 -6.76 3.02
C GLU F 175 13.37 -7.87 3.69
N VAL F 176 13.44 -7.86 5.03
CA VAL F 176 14.13 -8.93 5.75
C VAL F 176 13.40 -10.25 5.57
N THR F 177 12.07 -10.23 5.61
CA THR F 177 11.29 -11.45 5.44
C THR F 177 11.43 -12.01 4.03
N ALA F 178 11.34 -11.15 3.01
CA ALA F 178 11.49 -11.60 1.64
C ALA F 178 12.89 -12.13 1.37
N THR F 179 13.90 -11.48 1.95
CA THR F 179 15.26 -11.97 1.83
C THR F 179 15.42 -13.32 2.53
N LEU F 180 14.77 -13.49 3.68
CA LEU F 180 14.80 -14.77 4.38
C LEU F 180 14.20 -15.87 3.53
N LYS F 181 13.05 -15.59 2.92
CA LYS F 181 12.40 -16.60 2.08
C LYS F 181 13.24 -16.93 0.86
N ALA F 182 13.85 -15.93 0.24
CA ALA F 182 14.70 -16.19 -0.92
C ALA F 182 15.92 -17.00 -0.55
N GLU F 183 16.53 -16.67 0.60
CA GLU F 183 17.69 -17.43 1.07
C GLU F 183 17.30 -18.87 1.39
N PHE F 184 16.11 -19.07 1.97
CA PHE F 184 15.63 -20.42 2.25
C PHE F 184 15.39 -21.20 0.96
N MET F 185 14.85 -20.55 -0.07
CA MET F 185 14.65 -21.26 -1.34
C MET F 185 15.97 -21.56 -2.01
N THR F 186 16.95 -20.66 -1.87
CA THR F 186 18.26 -20.90 -2.47
C THR F 186 18.96 -22.07 -1.81
N LEU F 187 19.01 -22.09 -0.48
CA LEU F 187 19.73 -23.17 0.20
C LEU F 187 18.98 -24.48 0.13
N TRP F 188 17.65 -24.43 0.17
CA TRP F 188 16.85 -25.64 0.19
C TRP F 188 17.03 -26.46 -1.09
N ASP F 189 16.97 -25.79 -2.23
CA ASP F 189 17.15 -26.45 -3.52
C ASP F 189 17.77 -25.42 -4.47
N GLY F 190 19.08 -25.45 -4.60
CA GLY F 190 19.78 -24.55 -5.47
C GLY F 190 21.05 -25.19 -5.94
N LEU F 191 22.02 -24.38 -6.31
CA LEU F 191 23.37 -24.89 -6.49
C LEU F 191 23.90 -25.36 -5.14
N LEU F 192 24.84 -26.32 -5.20
CA LEU F 192 25.44 -26.92 -4.01
C LEU F 192 24.35 -27.52 -3.12
N ASN F 193 23.72 -28.57 -3.65
CA ASN F 193 22.59 -29.18 -2.97
C ASN F 193 23.04 -29.86 -1.68
N ASN F 194 22.12 -29.92 -0.72
CA ASN F 194 22.39 -30.48 0.59
C ASN F 194 22.56 -32.00 0.50
N GLY F 195 23.36 -32.54 1.42
CA GLY F 195 23.64 -33.95 1.40
C GLY F 195 22.46 -34.82 1.76
N ARG F 196 22.11 -34.85 3.04
CA ARG F 196 20.97 -35.64 3.52
C ARG F 196 20.14 -34.81 4.49
N VAL F 197 19.90 -33.56 4.14
CA VAL F 197 19.09 -32.66 4.95
C VAL F 197 17.66 -32.72 4.42
N MET F 198 16.71 -32.95 5.33
CA MET F 198 15.30 -32.96 4.99
C MET F 198 14.60 -31.89 5.81
N ILE F 199 13.75 -31.10 5.16
CA ILE F 199 13.01 -30.04 5.82
C ILE F 199 11.57 -30.54 5.97
N ILE F 200 11.23 -30.98 7.16
CA ILE F 200 9.87 -31.42 7.46
C ILE F 200 9.10 -30.26 8.04
N GLY F 201 7.89 -30.05 7.55
CA GLY F 201 7.05 -28.95 8.04
C GLY F 201 5.66 -29.42 8.33
N ALA F 202 5.05 -28.83 9.35
CA ALA F 202 3.67 -29.10 9.72
C ALA F 202 2.87 -27.82 9.58
N THR F 203 1.61 -27.94 9.14
CA THR F 203 0.78 -26.78 8.96
C THR F 203 -0.69 -27.19 8.98
N ASN F 204 -1.56 -26.20 9.18
CA ASN F 204 -2.98 -26.36 8.95
C ASN F 204 -3.45 -25.72 7.66
N ARG F 205 -2.77 -24.68 7.19
CA ARG F 205 -3.14 -23.93 6.00
C ARG F 205 -2.09 -24.20 4.94
N ILE F 206 -2.31 -25.23 4.13
CA ILE F 206 -1.37 -25.54 3.05
C ILE F 206 -1.49 -24.53 1.92
N ASN F 207 -2.65 -23.86 1.81
CA ASN F 207 -2.84 -22.91 0.73
C ASN F 207 -2.07 -21.62 0.95
N ASP F 208 -1.64 -21.34 2.18
CA ASP F 208 -0.86 -20.15 2.45
C ASP F 208 0.57 -20.30 1.99
N ILE F 209 1.08 -21.53 1.90
CA ILE F 209 2.48 -21.76 1.56
C ILE F 209 2.73 -21.37 0.11
N ASP F 210 3.89 -20.77 -0.13
CA ASP F 210 4.28 -20.33 -1.47
C ASP F 210 4.42 -21.54 -2.40
N ASP F 211 4.19 -21.31 -3.70
CA ASP F 211 4.21 -22.40 -4.65
C ASP F 211 5.62 -22.97 -4.79
N ALA F 212 6.64 -22.13 -4.73
CA ALA F 212 8.02 -22.62 -4.79
C ALA F 212 8.36 -23.42 -3.54
N PHE F 213 7.90 -22.97 -2.39
CA PHE F 213 8.14 -23.70 -1.15
C PHE F 213 7.41 -25.04 -1.15
N LEU F 214 6.15 -25.05 -1.61
CA LEU F 214 5.44 -26.32 -1.74
C LEU F 214 6.10 -27.23 -2.74
N ARG F 215 6.72 -26.66 -3.78
CA ARG F 215 7.51 -27.46 -4.71
C ARG F 215 8.69 -28.09 -3.98
N ARG F 216 9.32 -27.36 -3.06
CA ARG F 216 10.43 -27.92 -2.30
C ARG F 216 9.98 -28.90 -1.23
N LEU F 217 8.68 -29.03 -1.00
CA LEU F 217 8.14 -30.06 -0.11
C LEU F 217 7.38 -31.07 -0.97
N PRO F 218 8.07 -31.98 -1.65
CA PRO F 218 7.39 -32.85 -2.60
C PRO F 218 6.53 -33.91 -1.94
N LYS F 219 7.06 -34.56 -0.91
CA LYS F 219 6.31 -35.57 -0.17
C LYS F 219 5.39 -34.86 0.82
N ARG F 220 4.09 -35.06 0.67
CA ARG F 220 3.10 -34.42 1.53
C ARG F 220 2.21 -35.48 2.14
N PHE F 221 2.02 -35.41 3.45
CA PHE F 221 1.13 -36.32 4.17
C PHE F 221 -0.05 -35.53 4.68
N LEU F 222 -1.24 -35.94 4.30
CA LEU F 222 -2.47 -35.32 4.80
C LEU F 222 -2.94 -36.09 6.02
N VAL F 223 -2.85 -35.45 7.18
CA VAL F 223 -3.31 -36.04 8.43
C VAL F 223 -4.70 -35.46 8.69
N SER F 224 -5.72 -36.16 8.20
CA SER F 224 -7.09 -35.67 8.26
C SER F 224 -7.77 -36.13 9.55
N LEU F 225 -9.01 -35.72 9.72
CA LEU F 225 -9.77 -36.08 10.91
C LEU F 225 -10.01 -37.58 10.94
N PRO F 226 -9.96 -38.20 12.12
CA PRO F 226 -10.05 -39.66 12.19
C PRO F 226 -11.42 -40.17 11.79
N GLY F 227 -11.45 -41.35 11.19
CA GLY F 227 -12.67 -42.07 10.96
C GLY F 227 -13.07 -42.86 12.19
N SER F 228 -14.11 -43.68 12.04
CA SER F 228 -14.62 -44.47 13.16
C SER F 228 -13.57 -45.46 13.66
N ASP F 229 -12.94 -46.16 12.73
CA ASP F 229 -11.88 -47.10 13.10
C ASP F 229 -10.69 -46.32 13.63
N GLN F 230 -10.36 -45.21 12.98
CA GLN F 230 -9.25 -44.38 13.41
C GLN F 230 -9.51 -43.78 14.79
N ARG F 231 -10.74 -43.33 15.03
CA ARG F 231 -11.08 -42.81 16.36
C ARG F 231 -11.00 -43.91 17.41
N TYR F 232 -11.42 -45.12 17.07
CA TYR F 232 -11.31 -46.24 18.00
C TYR F 232 -9.86 -46.53 18.33
N LYS F 233 -8.98 -46.50 17.33
CA LYS F 233 -7.56 -46.73 17.58
C LYS F 233 -6.94 -45.63 18.41
N ILE F 234 -7.31 -44.37 18.14
CA ILE F 234 -6.79 -43.24 18.90
C ILE F 234 -7.25 -43.33 20.35
N LEU F 235 -8.52 -43.67 20.57
CA LEU F 235 -9.02 -43.80 21.94
C LEU F 235 -8.39 -44.99 22.65
N SER F 236 -8.11 -46.07 21.92
CA SER F 236 -7.41 -47.21 22.52
C SER F 236 -6.00 -46.83 22.94
N VAL F 237 -5.32 -46.04 22.11
CA VAL F 237 -3.96 -45.60 22.45
C VAL F 237 -4.00 -44.65 23.64
N LEU F 238 -4.95 -43.71 23.65
CA LEU F 238 -5.01 -42.71 24.71
C LEU F 238 -5.38 -43.33 26.05
N LEU F 239 -6.23 -44.36 26.04
CA LEU F 239 -6.68 -45.00 27.25
C LEU F 239 -5.75 -46.11 27.73
N LYS F 240 -4.54 -46.21 27.17
CA LYS F 240 -3.56 -47.15 27.68
C LYS F 240 -3.04 -46.66 29.03
N ASP F 241 -2.38 -47.58 29.75
CA ASP F 241 -1.93 -47.43 31.15
C ASP F 241 -2.98 -46.76 32.03
N THR F 242 -4.26 -47.06 31.76
CA THR F 242 -5.38 -46.53 32.50
C THR F 242 -6.34 -47.68 32.80
N LYS F 243 -6.75 -47.80 34.06
CA LYS F 243 -7.67 -48.86 34.45
C LYS F 243 -9.00 -48.71 33.73
N LEU F 244 -9.43 -49.79 33.09
CA LEU F 244 -10.64 -49.80 32.28
C LEU F 244 -11.49 -51.01 32.66
N ASP F 245 -12.79 -50.86 32.52
CA ASP F 245 -13.73 -51.95 32.80
C ASP F 245 -13.80 -52.89 31.60
N GLU F 246 -14.15 -54.15 31.89
CA GLU F 246 -14.19 -55.19 30.87
C GLU F 246 -15.60 -55.51 30.39
N ASP F 247 -16.62 -55.11 31.14
CA ASP F 247 -18.02 -55.43 30.79
C ASP F 247 -18.81 -54.19 30.42
N GLU F 248 -18.87 -53.20 31.32
CA GLU F 248 -19.68 -52.01 31.04
C GLU F 248 -19.05 -51.14 29.97
N PHE F 249 -17.73 -51.11 29.89
CA PHE F 249 -17.06 -50.23 28.93
C PHE F 249 -17.22 -50.74 27.50
N ASP F 250 -17.34 -49.79 26.57
CA ASP F 250 -17.48 -50.11 25.15
C ASP F 250 -16.81 -48.99 24.36
N LEU F 251 -15.56 -49.24 23.94
CA LEU F 251 -14.83 -48.23 23.17
C LEU F 251 -15.45 -47.99 21.80
N GLN F 252 -16.15 -48.98 21.26
CA GLN F 252 -16.71 -48.86 19.91
C GLN F 252 -17.77 -47.77 19.87
N LEU F 253 -18.83 -47.93 20.68
CA LEU F 253 -19.91 -46.93 20.74
C LEU F 253 -19.37 -45.55 21.09
N ILE F 254 -18.30 -45.48 21.88
CA ILE F 254 -17.60 -44.23 22.13
C ILE F 254 -17.08 -43.65 20.83
N ALA F 255 -16.47 -44.50 20.00
CA ALA F 255 -15.87 -44.02 18.75
C ALA F 255 -16.92 -43.54 17.76
N ASP F 256 -18.01 -44.28 17.62
CA ASP F 256 -19.06 -43.84 16.72
C ASP F 256 -19.68 -42.57 17.24
N ASN F 257 -19.90 -42.48 18.54
CA ASN F 257 -20.61 -41.34 19.10
C ASN F 257 -19.82 -40.04 19.00
N THR F 258 -18.50 -40.11 18.85
CA THR F 258 -17.67 -38.91 18.72
C THR F 258 -17.50 -38.56 17.24
N LYS F 259 -18.61 -38.16 16.63
CA LYS F 259 -18.60 -37.83 15.21
C LYS F 259 -17.84 -36.53 14.98
N GLY F 260 -16.89 -36.57 14.05
CA GLY F 260 -16.12 -35.38 13.71
C GLY F 260 -15.22 -34.89 14.82
N PHE F 261 -14.62 -35.81 15.57
CA PHE F 261 -13.73 -35.48 16.67
C PHE F 261 -12.30 -35.67 16.23
N SER F 262 -11.45 -34.68 16.49
CA SER F 262 -10.03 -34.81 16.18
C SER F 262 -9.33 -35.58 17.29
N GLY F 263 -8.02 -35.73 17.16
CA GLY F 263 -7.24 -36.40 18.19
C GLY F 263 -7.20 -35.63 19.49
N SER F 264 -7.10 -34.30 19.40
CA SER F 264 -7.08 -33.47 20.60
C SER F 264 -8.44 -33.48 21.29
N ASP F 265 -9.52 -33.54 20.52
CA ASP F 265 -10.85 -33.62 21.10
C ASP F 265 -11.00 -34.92 21.86
N LEU F 266 -10.52 -36.03 21.28
CA LEU F 266 -10.58 -37.31 21.96
C LEU F 266 -9.70 -37.31 23.20
N LYS F 267 -8.53 -36.67 23.14
CA LYS F 267 -7.66 -36.59 24.31
C LYS F 267 -8.33 -35.82 25.43
N GLU F 268 -8.97 -34.69 25.12
CA GLU F 268 -9.64 -33.92 26.15
C GLU F 268 -10.84 -34.67 26.71
N LEU F 269 -11.58 -35.38 25.85
CA LEU F 269 -12.71 -36.19 26.32
C LEU F 269 -12.25 -37.30 27.25
N CYS F 270 -11.12 -37.94 26.90
CA CYS F 270 -10.53 -38.95 27.79
C CYS F 270 -10.10 -38.34 29.11
N ARG F 271 -9.51 -37.14 29.07
CA ARG F 271 -9.07 -36.49 30.30
C ARG F 271 -10.24 -36.14 31.21
N GLU F 272 -11.31 -35.59 30.62
CA GLU F 272 -12.51 -35.29 31.41
C GLU F 272 -13.13 -36.54 32.00
N ALA F 273 -13.22 -37.61 31.21
CA ALA F 273 -13.82 -38.85 31.71
C ALA F 273 -12.97 -39.44 32.83
N ALA F 274 -11.64 -39.42 32.67
CA ALA F 274 -10.76 -39.94 33.71
C ALA F 274 -10.87 -39.11 34.99
N LEU F 275 -10.91 -37.79 34.86
CA LEU F 275 -11.05 -36.93 36.03
C LEU F 275 -12.38 -37.16 36.73
N ASP F 276 -13.45 -37.29 35.97
CA ASP F 276 -14.75 -37.56 36.56
C ASP F 276 -14.73 -38.89 37.29
N ALA F 277 -14.18 -39.92 36.65
CA ALA F 277 -14.18 -41.24 37.25
C ALA F 277 -13.33 -41.29 38.50
N ALA F 278 -12.24 -40.51 38.53
CA ALA F 278 -11.30 -40.55 39.64
C ALA F 278 -11.53 -39.42 40.64
N LYS F 279 -12.62 -38.66 40.50
CA LYS F 279 -12.88 -37.55 41.42
C LYS F 279 -12.95 -38.01 42.87
N GLU F 280 -13.63 -39.13 43.14
CA GLU F 280 -13.76 -39.60 44.52
C GLU F 280 -12.41 -40.04 45.10
N TYR F 281 -11.60 -40.75 44.33
CA TYR F 281 -10.27 -41.14 44.79
C TYR F 281 -9.38 -39.92 45.01
N ILE F 282 -9.49 -38.93 44.12
CA ILE F 282 -8.68 -37.72 44.24
C ILE F 282 -9.08 -36.93 45.48
N LYS F 283 -10.39 -36.83 45.74
CA LYS F 283 -10.86 -36.19 46.96
C LYS F 283 -10.37 -36.92 48.20
N GLN F 284 -10.40 -38.26 48.16
CA GLN F 284 -9.90 -39.04 49.29
C GLN F 284 -8.42 -38.80 49.53
N LYS F 285 -7.62 -38.75 48.45
CA LYS F 285 -6.19 -38.54 48.59
C LYS F 285 -5.88 -37.13 49.11
N ARG F 286 -6.56 -36.12 48.56
CA ARG F 286 -6.32 -34.74 48.99
C ARG F 286 -6.80 -34.49 50.41
N GLN F 287 -7.87 -35.16 50.82
CA GLN F 287 -8.38 -35.00 52.19
C GLN F 287 -7.37 -35.52 53.20
N LEU F 288 -6.72 -36.65 52.91
CA LEU F 288 -5.72 -37.20 53.81
C LEU F 288 -4.37 -36.55 53.59
N ILE F 304 -8.31 -45.35 42.12
CA ILE F 304 -8.74 -45.18 40.74
C ILE F 304 -9.66 -46.33 40.33
N ARG F 305 -10.95 -46.03 40.27
CA ARG F 305 -11.91 -47.01 39.79
C ARG F 305 -11.75 -47.22 38.29
N PRO F 306 -12.11 -48.40 37.78
CA PRO F 306 -12.08 -48.60 36.32
C PRO F 306 -13.07 -47.68 35.61
N LEU F 307 -12.68 -47.26 34.41
CA LEU F 307 -13.50 -46.33 33.63
C LEU F 307 -14.72 -47.04 33.07
N LYS F 308 -15.80 -46.28 32.91
CA LYS F 308 -17.08 -46.81 32.43
C LYS F 308 -17.55 -45.97 31.26
N THR F 309 -18.24 -46.61 30.31
CA THR F 309 -18.68 -45.90 29.10
C THR F 309 -19.70 -44.82 29.43
N LYS F 310 -20.42 -44.95 30.55
CA LYS F 310 -21.37 -43.90 30.92
C LYS F 310 -20.64 -42.67 31.44
N ASP F 311 -19.45 -42.85 32.00
CA ASP F 311 -18.63 -41.69 32.36
C ASP F 311 -18.27 -40.87 31.13
N PHE F 312 -17.97 -41.55 30.02
CA PHE F 312 -17.66 -40.83 28.80
C PHE F 312 -18.91 -40.21 28.18
N THR F 313 -20.01 -40.96 28.10
CA THR F 313 -21.20 -40.43 27.46
C THR F 313 -21.86 -39.32 28.28
N LYS F 314 -21.55 -39.26 29.58
CA LYS F 314 -21.99 -38.12 30.38
C LYS F 314 -21.31 -36.84 29.93
N LYS F 315 -20.00 -36.91 29.67
CA LYS F 315 -19.29 -35.76 29.11
C LYS F 315 -19.55 -35.59 27.63
N LEU F 316 -19.79 -36.68 26.91
CA LEU F 316 -19.90 -36.63 25.46
C LEU F 316 -21.21 -35.96 25.07
N ARG F 317 -21.14 -35.15 24.01
CA ARG F 317 -22.27 -34.35 23.56
C ARG F 317 -23.19 -35.10 22.59
N MET F 318 -22.93 -36.39 22.38
CA MET F 318 -23.64 -37.22 21.41
C MET F 318 -23.63 -36.61 20.01
N GLY G 9 33.17 -15.37 6.88
CA GLY G 9 34.51 -14.81 6.75
C GLY G 9 35.27 -14.76 8.07
N LYS G 10 36.60 -14.65 7.96
CA LYS G 10 37.51 -14.54 9.10
C LYS G 10 37.37 -15.72 10.05
N SER G 11 37.17 -16.91 9.49
CA SER G 11 37.03 -18.15 10.24
C SER G 11 38.01 -19.18 9.70
N ARG G 12 38.32 -20.17 10.53
CA ARG G 12 39.27 -21.20 10.12
C ARG G 12 38.71 -22.04 8.97
N GLU G 13 37.48 -22.52 9.12
CA GLU G 13 36.84 -23.27 8.04
C GLU G 13 36.62 -22.40 6.82
N SER G 14 36.23 -21.14 7.03
CA SER G 14 36.03 -20.22 5.92
C SER G 14 37.32 -19.96 5.17
N LYS G 15 38.42 -19.70 5.90
CA LYS G 15 39.69 -19.46 5.24
C LYS G 15 40.21 -20.70 4.53
N ALA G 16 39.97 -21.89 5.11
CA ALA G 16 40.34 -23.12 4.44
C ALA G 16 39.58 -23.29 3.13
N LYS G 17 38.27 -23.00 3.14
CA LYS G 17 37.47 -23.11 1.93
C LYS G 17 37.91 -22.09 0.88
N GLN G 18 38.21 -20.86 1.32
CA GLN G 18 38.67 -19.83 0.39
C GLN G 18 40.01 -20.22 -0.24
N SER G 19 40.92 -20.75 0.57
CA SER G 19 42.20 -21.20 0.04
C SER G 19 42.01 -22.35 -0.95
N LEU G 20 41.13 -23.31 -0.62
CA LEU G 20 40.91 -24.43 -1.52
C LEU G 20 40.32 -23.96 -2.85
N GLN G 21 39.36 -23.04 -2.80
CA GLN G 21 38.78 -22.50 -4.03
C GLN G 21 39.83 -21.72 -4.83
N TRP G 22 40.74 -21.03 -4.14
CA TRP G 22 41.79 -20.31 -4.84
C TRP G 22 42.75 -21.26 -5.55
N GLU G 23 43.15 -22.35 -4.88
CA GLU G 23 43.99 -23.33 -5.56
C GLU G 23 43.27 -23.97 -6.73
N LYS G 24 41.95 -24.21 -6.59
CA LYS G 24 41.19 -24.76 -7.72
C LYS G 24 41.16 -23.78 -8.90
N LEU G 25 41.00 -22.49 -8.60
CA LEU G 25 40.98 -21.49 -9.67
C LEU G 25 42.33 -21.38 -10.36
N VAL G 26 43.42 -21.36 -9.59
CA VAL G 26 44.74 -21.27 -10.19
C VAL G 26 45.06 -22.54 -10.98
N LYS G 27 44.61 -23.70 -10.49
CA LYS G 27 44.82 -24.94 -11.23
C LYS G 27 44.08 -24.93 -12.55
N ARG G 28 42.82 -24.46 -12.55
CA ARG G 28 42.06 -24.43 -13.80
C ARG G 28 42.61 -23.36 -14.76
N SER G 29 42.88 -22.16 -14.24
CA SER G 29 43.41 -21.07 -15.05
C SER G 29 44.76 -20.65 -14.50
N PRO G 30 45.86 -21.04 -15.15
CA PRO G 30 47.19 -20.72 -14.60
C PRO G 30 47.50 -19.24 -14.54
N ALA G 31 46.83 -18.40 -15.35
CA ALA G 31 47.13 -16.98 -15.36
C ALA G 31 46.62 -16.26 -14.12
N LEU G 32 45.77 -16.92 -13.31
CA LEU G 32 45.26 -16.31 -12.09
C LEU G 32 46.30 -16.23 -10.99
N ALA G 33 47.46 -16.86 -11.16
CA ALA G 33 48.50 -16.81 -10.16
C ALA G 33 49.12 -15.42 -10.09
N GLU G 34 49.74 -15.14 -8.94
CA GLU G 34 50.37 -13.85 -8.64
C GLU G 34 49.39 -12.68 -8.73
N VAL G 35 48.13 -12.95 -8.41
CA VAL G 35 47.08 -11.94 -8.39
C VAL G 35 46.68 -11.71 -6.94
N THR G 36 46.84 -10.47 -6.48
CA THR G 36 46.54 -10.15 -5.10
C THR G 36 45.06 -9.85 -4.92
N LEU G 37 44.47 -10.43 -3.88
CA LEU G 37 43.07 -10.23 -3.57
C LEU G 37 42.94 -9.53 -2.22
N ASP G 38 42.02 -8.58 -2.15
CA ASP G 38 41.72 -7.89 -0.90
C ASP G 38 41.02 -8.85 0.07
N ALA G 39 40.87 -8.40 1.32
CA ALA G 39 40.22 -9.23 2.33
C ALA G 39 38.77 -9.52 1.96
N TYR G 40 38.05 -8.52 1.46
CA TYR G 40 36.68 -8.74 1.02
C TYR G 40 36.64 -9.60 -0.23
N GLU G 41 37.65 -9.50 -1.09
CA GLU G 41 37.74 -10.38 -2.25
C GLU G 41 37.96 -11.83 -1.82
N ARG G 42 38.82 -12.04 -0.81
CA ARG G 42 39.00 -13.38 -0.27
C ARG G 42 37.71 -13.90 0.34
N THR G 43 36.96 -13.01 1.00
CA THR G 43 35.65 -13.40 1.53
C THR G 43 34.71 -13.85 0.43
N ILE G 44 34.68 -13.12 -0.68
CA ILE G 44 33.84 -13.49 -1.81
C ILE G 44 34.29 -14.82 -2.42
N LEU G 45 35.60 -15.11 -2.33
CA LEU G 45 36.15 -16.32 -2.93
C LEU G 45 35.54 -17.60 -2.37
N SER G 46 34.94 -17.55 -1.19
CA SER G 46 34.27 -18.74 -0.65
C SER G 46 32.99 -19.07 -1.40
N SER G 47 32.41 -18.11 -2.11
CA SER G 47 31.21 -18.36 -2.90
C SER G 47 31.52 -18.89 -4.29
N ILE G 48 32.79 -19.02 -4.65
CA ILE G 48 33.16 -19.57 -5.95
C ILE G 48 32.82 -21.06 -5.97
N VAL G 49 32.04 -21.47 -6.97
CA VAL G 49 31.76 -22.89 -7.15
C VAL G 49 32.56 -23.37 -8.35
N THR G 50 32.87 -24.66 -8.29
CA THR G 50 33.68 -25.26 -9.32
C THR G 50 32.94 -26.44 -10.00
N PRO G 51 33.40 -26.89 -11.19
CA PRO G 51 32.75 -28.03 -11.85
C PRO G 51 32.78 -29.31 -11.04
N ASP G 52 33.64 -29.39 -10.03
CA ASP G 52 33.72 -30.57 -9.19
C ASP G 52 32.52 -30.61 -8.25
N GLU G 53 32.10 -29.45 -7.76
CA GLU G 53 31.00 -29.38 -6.81
C GLU G 53 29.65 -29.62 -7.47
N ILE G 54 29.55 -29.37 -8.77
CA ILE G 54 28.31 -29.51 -9.51
C ILE G 54 28.37 -30.79 -10.32
N ASN G 55 27.42 -31.68 -10.11
CA ASN G 55 27.40 -32.97 -10.79
C ASN G 55 26.21 -33.08 -11.73
N ILE G 56 25.89 -31.98 -12.41
CA ILE G 56 24.76 -31.91 -13.33
C ILE G 56 25.27 -31.44 -14.68
N THR G 57 25.02 -32.25 -15.70
CA THR G 57 25.40 -32.00 -17.08
C THR G 57 24.27 -31.26 -17.79
N PHE G 58 24.60 -30.56 -18.87
CA PHE G 58 23.58 -30.01 -19.74
C PHE G 58 22.71 -31.09 -20.35
N GLN G 59 23.26 -32.31 -20.51
CA GLN G 59 22.47 -33.45 -20.96
C GLN G 59 21.46 -33.90 -19.92
N ASP G 60 21.66 -33.54 -18.65
CA ASP G 60 20.73 -33.88 -17.59
C ASP G 60 19.55 -32.93 -17.51
N ILE G 61 19.45 -31.96 -18.41
CA ILE G 61 18.29 -31.10 -18.54
C ILE G 61 17.55 -31.52 -19.81
N GLY G 62 16.35 -32.06 -19.64
CA GLY G 62 15.57 -32.55 -20.76
C GLY G 62 14.50 -31.56 -21.16
N GLY G 63 14.14 -31.59 -22.43
CA GLY G 63 13.03 -30.78 -22.91
C GLY G 63 13.38 -29.37 -23.31
N LEU G 64 14.37 -28.78 -22.65
CA LEU G 64 14.73 -27.39 -22.87
C LEU G 64 15.71 -27.19 -24.02
N ASP G 65 15.79 -28.15 -24.96
CA ASP G 65 16.81 -28.12 -26.00
C ASP G 65 16.86 -26.84 -26.82
N PRO G 66 15.74 -26.26 -27.30
CA PRO G 66 15.85 -24.94 -27.93
C PRO G 66 16.37 -23.87 -26.98
N LEU G 67 15.94 -23.90 -25.72
CA LEU G 67 16.47 -22.96 -24.74
C LEU G 67 17.93 -23.21 -24.46
N ILE G 68 18.34 -24.48 -24.42
CA ILE G 68 19.75 -24.81 -24.21
C ILE G 68 20.60 -24.24 -25.34
N SER G 69 20.16 -24.43 -26.58
CA SER G 69 20.94 -23.93 -27.72
C SER G 69 20.95 -22.40 -27.76
N ASP G 70 19.82 -21.77 -27.45
CA ASP G 70 19.77 -20.32 -27.42
C ASP G 70 20.69 -19.75 -26.34
N LEU G 71 20.66 -20.37 -25.15
CA LEU G 71 21.53 -19.95 -24.06
C LEU G 71 22.99 -20.10 -24.46
N HIS G 72 23.34 -21.23 -25.08
CA HIS G 72 24.69 -21.43 -25.56
C HIS G 72 25.10 -20.33 -26.53
N GLU G 73 24.43 -20.25 -27.68
CA GLU G 73 24.83 -19.40 -28.78
C GLU G 73 24.64 -17.90 -28.50
N SER G 74 23.91 -17.52 -27.47
CA SER G 74 23.77 -16.10 -27.15
C SER G 74 24.42 -15.70 -25.83
N VAL G 75 24.92 -16.65 -25.04
CA VAL G 75 25.44 -16.34 -23.72
C VAL G 75 26.83 -16.93 -23.55
N ILE G 76 26.95 -18.24 -23.75
CA ILE G 76 28.18 -18.94 -23.38
C ILE G 76 29.26 -18.72 -24.42
N TYR G 77 28.92 -18.96 -25.69
CA TYR G 77 29.88 -18.75 -26.77
C TYR G 77 30.32 -17.30 -26.92
N PRO G 78 29.44 -16.29 -26.89
CA PRO G 78 29.96 -14.90 -26.90
C PRO G 78 30.81 -14.56 -25.70
N LEU G 79 30.62 -15.22 -24.56
CA LEU G 79 31.38 -14.90 -23.37
C LEU G 79 32.70 -15.66 -23.29
N MET G 80 32.69 -16.95 -23.62
CA MET G 80 33.88 -17.77 -23.47
C MET G 80 34.70 -17.90 -24.75
N MET G 81 34.14 -17.57 -25.90
CA MET G 81 34.85 -17.61 -27.17
C MET G 81 34.77 -16.24 -27.80
N PRO G 82 35.54 -15.27 -27.30
CA PRO G 82 35.51 -13.93 -27.88
C PRO G 82 36.30 -13.82 -29.17
N GLU G 83 37.16 -14.80 -29.47
CA GLU G 83 37.92 -14.75 -30.72
C GLU G 83 37.01 -14.98 -31.92
N VAL G 84 35.98 -15.80 -31.75
CA VAL G 84 35.03 -16.05 -32.84
C VAL G 84 34.19 -14.81 -33.10
N TYR G 85 33.74 -14.15 -32.05
CA TYR G 85 32.87 -12.99 -32.14
C TYR G 85 33.65 -11.68 -32.14
N SER G 86 34.92 -11.72 -32.54
CA SER G 86 35.79 -10.56 -32.40
C SER G 86 35.53 -9.49 -33.46
N ASN G 87 35.18 -9.90 -34.68
CA ASN G 87 35.16 -8.95 -35.79
C ASN G 87 34.10 -7.87 -35.60
N SER G 88 32.92 -8.23 -35.12
CA SER G 88 31.84 -7.27 -34.93
C SER G 88 31.73 -6.91 -33.46
N PRO G 89 31.82 -5.62 -33.10
CA PRO G 89 31.71 -5.25 -31.67
C PRO G 89 30.35 -5.50 -31.07
N LEU G 90 29.30 -5.67 -31.88
CA LEU G 90 27.96 -5.90 -31.36
C LEU G 90 27.72 -7.35 -30.95
N LEU G 91 28.67 -8.25 -31.20
CA LEU G 91 28.51 -9.66 -30.89
C LEU G 91 28.99 -10.01 -29.49
N GLN G 92 28.96 -9.06 -28.56
CA GLN G 92 29.43 -9.32 -27.21
C GLN G 92 28.41 -10.10 -26.41
N ALA G 93 28.87 -10.67 -25.30
CA ALA G 93 27.97 -11.37 -24.40
C ALA G 93 27.09 -10.36 -23.66
N PRO G 94 25.90 -10.78 -23.20
CA PRO G 94 25.05 -9.87 -22.43
C PRO G 94 25.70 -9.51 -21.10
N SER G 95 25.36 -8.32 -20.60
CA SER G 95 25.80 -7.93 -19.28
C SER G 95 25.09 -8.72 -18.19
N GLY G 96 23.90 -9.23 -18.49
CA GLY G 96 23.16 -10.01 -17.51
C GLY G 96 22.20 -10.95 -18.21
N VAL G 97 21.85 -12.01 -17.51
CA VAL G 97 20.89 -13.01 -18.00
C VAL G 97 19.91 -13.31 -16.90
N LEU G 98 18.62 -13.34 -17.22
CA LEU G 98 17.59 -13.69 -16.26
C LEU G 98 16.89 -14.96 -16.72
N LEU G 99 16.85 -15.94 -15.84
CA LEU G 99 16.09 -17.17 -16.05
C LEU G 99 14.85 -17.06 -15.16
N TYR G 100 13.70 -16.84 -15.76
CA TYR G 100 12.48 -16.64 -14.99
C TYR G 100 11.41 -17.59 -15.46
N GLY G 101 10.48 -17.90 -14.56
CA GLY G 101 9.40 -18.80 -14.87
C GLY G 101 8.81 -19.39 -13.61
N PRO G 102 7.82 -20.27 -13.76
CA PRO G 102 7.22 -20.91 -12.59
C PRO G 102 8.22 -21.82 -11.91
N PRO G 103 8.08 -22.03 -10.61
CA PRO G 103 9.00 -22.93 -9.91
C PRO G 103 8.83 -24.38 -10.36
N GLY G 104 9.93 -25.12 -10.39
CA GLY G 104 9.88 -26.52 -10.77
C GLY G 104 10.60 -26.80 -12.06
N CYS G 105 10.75 -25.79 -12.89
CA CYS G 105 11.38 -25.95 -14.19
C CYS G 105 12.88 -25.90 -14.06
N GLY G 106 13.60 -25.95 -15.16
CA GLY G 106 15.05 -26.02 -15.03
C GLY G 106 15.91 -24.79 -14.79
N LYS G 107 15.47 -23.80 -14.02
CA LYS G 107 16.26 -22.58 -13.86
C LYS G 107 17.56 -22.85 -13.11
N THR G 108 17.48 -23.48 -11.96
CA THR G 108 18.70 -23.83 -11.24
C THR G 108 19.38 -24.95 -11.99
N MET G 109 18.63 -25.87 -12.59
CA MET G 109 19.25 -26.87 -13.44
C MET G 109 20.12 -26.23 -14.50
N LEU G 110 19.60 -25.18 -15.16
CA LEU G 110 20.39 -24.45 -16.14
C LEU G 110 21.59 -23.76 -15.48
N ALA G 111 21.40 -23.22 -14.28
CA ALA G 111 22.50 -22.58 -13.58
C ALA G 111 23.58 -23.57 -13.20
N LYS G 112 23.19 -24.76 -12.74
CA LYS G 112 24.16 -25.80 -12.41
C LYS G 112 24.92 -26.27 -13.66
N ALA G 113 24.20 -26.44 -14.77
CA ALA G 113 24.85 -26.84 -16.01
C ALA G 113 25.80 -25.76 -16.51
N LEU G 114 25.43 -24.49 -16.31
CA LEU G 114 26.34 -23.39 -16.63
C LEU G 114 27.56 -23.40 -15.72
N ALA G 115 27.35 -23.71 -14.44
CA ALA G 115 28.47 -23.73 -13.51
C ALA G 115 29.44 -24.85 -13.82
N LYS G 116 28.95 -25.97 -14.34
CA LYS G 116 29.83 -27.10 -14.63
C LYS G 116 30.62 -26.92 -15.91
N GLU G 117 29.93 -26.75 -17.05
CA GLU G 117 30.57 -26.91 -18.35
C GLU G 117 30.46 -25.70 -19.26
N SER G 118 30.14 -24.51 -18.74
CA SER G 118 30.32 -23.32 -19.57
C SER G 118 31.77 -22.89 -19.61
N GLY G 119 32.60 -23.36 -18.69
CA GLY G 119 33.98 -22.96 -18.64
C GLY G 119 34.25 -21.67 -17.92
N ALA G 120 33.22 -21.00 -17.43
CA ALA G 120 33.36 -19.72 -16.75
C ALA G 120 33.60 -19.93 -15.27
N ASN G 121 34.39 -19.05 -14.66
CA ASN G 121 34.44 -18.99 -13.21
C ASN G 121 33.07 -18.57 -12.70
N PHE G 122 32.61 -19.25 -11.66
CA PHE G 122 31.24 -19.10 -11.19
C PHE G 122 31.24 -18.55 -9.77
N ILE G 123 30.45 -17.51 -9.54
CA ILE G 123 30.25 -16.95 -8.20
C ILE G 123 28.78 -17.10 -7.89
N SER G 124 28.41 -18.17 -7.21
CA SER G 124 27.02 -18.39 -6.80
C SER G 124 26.83 -17.74 -5.44
N ILE G 125 26.46 -16.47 -5.45
CA ILE G 125 26.37 -15.71 -4.21
C ILE G 125 24.99 -15.88 -3.58
N ARG G 126 24.96 -15.75 -2.26
CA ARG G 126 23.72 -15.83 -1.50
C ARG G 126 23.63 -14.59 -0.62
N MET G 127 22.42 -14.35 -0.11
CA MET G 127 22.18 -13.10 0.61
C MET G 127 22.82 -13.08 1.98
N SER G 128 23.17 -14.24 2.54
CA SER G 128 23.93 -14.26 3.78
C SER G 128 25.33 -13.72 3.59
N SER G 129 25.92 -13.96 2.41
CA SER G 129 27.27 -13.48 2.15
C SER G 129 27.30 -11.98 1.95
N ILE G 130 26.31 -11.44 1.24
CA ILE G 130 26.34 -10.03 0.87
C ILE G 130 25.89 -9.15 2.04
N MET G 131 24.71 -9.41 2.58
CA MET G 131 24.17 -8.57 3.64
C MET G 131 24.97 -8.70 4.92
N ASP G 132 25.36 -7.57 5.49
CA ASP G 132 26.14 -7.55 6.70
C ASP G 132 25.55 -6.52 7.67
N LYS G 133 25.72 -6.76 8.97
CA LYS G 133 25.16 -5.87 9.98
C LYS G 133 25.98 -4.60 10.13
N TRP G 134 27.28 -4.69 9.94
CA TRP G 134 28.15 -3.55 10.17
C TRP G 134 27.99 -2.51 9.06
N TYR G 135 28.45 -1.30 9.34
CA TYR G 135 28.29 -0.18 8.41
C TYR G 135 29.17 -0.35 7.18
N GLY G 136 28.56 -0.19 6.01
CA GLY G 136 29.27 -0.15 4.75
C GLY G 136 29.92 -1.45 4.34
N GLU G 137 29.67 -2.54 5.06
CA GLU G 137 30.33 -3.80 4.74
C GLU G 137 29.71 -4.47 3.53
N SER G 138 28.39 -4.31 3.33
CA SER G 138 27.74 -4.97 2.22
C SER G 138 28.11 -4.32 0.89
N ASN G 139 28.23 -2.99 0.86
CA ASN G 139 28.70 -2.33 -0.36
C ASN G 139 30.13 -2.72 -0.69
N LYS G 140 30.99 -2.84 0.32
CA LYS G 140 32.36 -3.27 0.08
C LYS G 140 32.40 -4.72 -0.38
N ILE G 141 31.48 -5.54 0.12
CA ILE G 141 31.38 -6.93 -0.32
C ILE G 141 30.96 -7.00 -1.78
N VAL G 142 30.00 -6.17 -2.19
CA VAL G 142 29.58 -6.14 -3.60
C VAL G 142 30.70 -5.61 -4.49
N ASP G 143 31.40 -4.56 -4.04
CA ASP G 143 32.53 -4.04 -4.80
C ASP G 143 33.61 -5.08 -4.97
N ALA G 144 33.91 -5.83 -3.91
CA ALA G 144 34.91 -6.88 -4.02
C ALA G 144 34.43 -8.05 -4.85
N MET G 145 33.12 -8.32 -4.85
CA MET G 145 32.57 -9.35 -5.72
C MET G 145 32.80 -8.99 -7.18
N PHE G 146 32.57 -7.72 -7.52
CA PHE G 146 32.78 -7.31 -8.91
C PHE G 146 34.26 -7.21 -9.25
N SER G 147 35.10 -6.82 -8.28
CA SER G 147 36.54 -6.79 -8.52
C SER G 147 37.08 -8.20 -8.74
N LEU G 148 36.62 -9.17 -7.96
CA LEU G 148 37.03 -10.54 -8.15
C LEU G 148 36.51 -11.09 -9.46
N ALA G 149 35.26 -10.78 -9.82
CA ALA G 149 34.73 -11.26 -11.09
C ALA G 149 35.50 -10.69 -12.27
N ASN G 150 35.91 -9.42 -12.18
CA ASN G 150 36.73 -8.84 -13.24
C ASN G 150 38.13 -9.44 -13.25
N LYS G 151 38.64 -9.84 -12.08
CA LYS G 151 39.95 -10.47 -12.02
C LYS G 151 39.94 -11.85 -12.67
N LEU G 152 38.89 -12.64 -12.40
CA LEU G 152 38.69 -13.92 -13.08
C LEU G 152 37.86 -13.62 -14.32
N GLN G 153 38.53 -13.20 -15.39
CA GLN G 153 37.89 -12.39 -16.43
C GLN G 153 36.64 -13.01 -17.05
N PRO G 154 36.61 -14.29 -17.46
CA PRO G 154 35.30 -14.82 -17.89
C PRO G 154 34.52 -15.40 -16.72
N CYS G 155 33.93 -14.50 -15.92
CA CYS G 155 33.23 -14.89 -14.71
C CYS G 155 31.72 -14.78 -14.90
N ILE G 156 30.99 -15.56 -14.12
CA ILE G 156 29.54 -15.49 -14.05
C ILE G 156 29.14 -15.35 -12.59
N ILE G 157 28.40 -14.31 -12.27
CA ILE G 157 27.91 -14.08 -10.91
C ILE G 157 26.46 -14.52 -10.88
N PHE G 158 26.19 -15.68 -10.30
CA PHE G 158 24.83 -16.21 -10.23
C PHE G 158 24.21 -15.85 -8.89
N ILE G 159 23.05 -15.22 -8.93
CA ILE G 159 22.29 -14.87 -7.75
C ILE G 159 20.94 -15.59 -7.86
N ASP G 160 20.82 -16.73 -7.20
CA ASP G 160 19.55 -17.44 -7.17
C ASP G 160 18.55 -16.62 -6.38
N GLN G 161 17.29 -16.63 -6.86
CA GLN G 161 16.21 -15.82 -6.30
C GLN G 161 16.60 -14.34 -6.32
N ILE G 162 16.84 -13.84 -7.53
CA ILE G 162 17.31 -12.47 -7.70
C ILE G 162 16.19 -11.46 -7.55
N ASP G 163 14.94 -11.89 -7.46
CA ASP G 163 13.84 -10.96 -7.28
C ASP G 163 13.91 -10.25 -5.94
N SER G 164 14.39 -10.96 -4.91
CA SER G 164 14.49 -10.35 -3.59
C SER G 164 15.65 -9.37 -3.51
N PHE G 165 16.78 -9.71 -4.12
CA PHE G 165 17.94 -8.82 -4.10
C PHE G 165 17.67 -7.58 -4.95
N LEU G 166 17.19 -7.77 -6.17
CA LEU G 166 16.98 -6.67 -7.10
C LEU G 166 15.54 -6.19 -7.07
N ARG G 167 14.89 -6.22 -5.91
CA ARG G 167 13.51 -5.83 -5.79
C ARG G 167 13.33 -4.35 -6.13
N GLU G 168 12.10 -3.96 -6.39
CA GLU G 168 11.81 -2.58 -6.76
C GLU G 168 12.19 -1.65 -5.64
N ARG G 169 13.07 -0.69 -5.95
CA ARG G 169 13.53 0.25 -4.95
C ARG G 169 12.39 1.12 -4.46
N SER G 170 12.37 1.38 -3.15
CA SER G 170 11.36 2.24 -2.56
C SER G 170 12.01 3.01 -1.43
N SER G 171 11.40 4.14 -1.08
CA SER G 171 11.90 4.93 0.04
C SER G 171 11.63 4.25 1.38
N THR G 172 10.73 3.26 1.42
CA THR G 172 10.51 2.47 2.62
C THR G 172 11.49 1.34 2.79
N ASP G 173 12.41 1.16 1.85
CA ASP G 173 13.47 0.17 2.01
C ASP G 173 14.50 0.66 3.02
N HIS G 174 15.19 -0.29 3.64
CA HIS G 174 16.27 0.05 4.56
C HIS G 174 17.39 0.76 3.80
N GLU G 175 18.11 1.63 4.50
CA GLU G 175 19.14 2.42 3.84
C GLU G 175 20.25 1.54 3.30
N VAL G 176 20.55 0.44 4.00
CA VAL G 176 21.61 -0.45 3.53
C VAL G 176 21.15 -1.22 2.29
N THR G 177 19.89 -1.63 2.22
CA THR G 177 19.42 -2.30 1.00
C THR G 177 19.41 -1.34 -0.18
N ALA G 178 18.99 -0.09 0.05
CA ALA G 178 18.99 0.90 -1.03
C ALA G 178 20.40 1.21 -1.50
N THR G 179 21.34 1.36 -0.56
CA THR G 179 22.73 1.61 -0.91
C THR G 179 23.34 0.39 -1.62
N LEU G 180 22.96 -0.81 -1.17
CA LEU G 180 23.45 -2.04 -1.80
C LEU G 180 22.97 -2.14 -3.23
N LYS G 181 21.68 -1.86 -3.46
CA LYS G 181 21.13 -1.90 -4.80
C LYS G 181 21.76 -0.85 -5.69
N ALA G 182 21.99 0.36 -5.16
CA ALA G 182 22.61 1.40 -5.96
C ALA G 182 24.05 1.04 -6.31
N GLU G 183 24.78 0.43 -5.36
CA GLU G 183 26.14 0.00 -5.65
C GLU G 183 26.16 -1.10 -6.69
N PHE G 184 25.20 -2.02 -6.63
CA PHE G 184 25.11 -3.07 -7.63
C PHE G 184 24.77 -2.50 -9.00
N MET G 185 23.89 -1.50 -9.06
CA MET G 185 23.57 -0.86 -10.34
C MET G 185 24.78 -0.12 -10.88
N THR G 186 25.53 0.56 -10.01
CA THR G 186 26.68 1.33 -10.45
C THR G 186 27.78 0.43 -11.00
N LEU G 187 28.07 -0.67 -10.30
CA LEU G 187 29.12 -1.56 -10.76
C LEU G 187 28.67 -2.41 -11.95
N TRP G 188 27.39 -2.77 -11.98
CA TRP G 188 26.86 -3.62 -13.04
C TRP G 188 26.94 -2.93 -14.39
N ASP G 189 26.56 -1.64 -14.44
CA ASP G 189 26.64 -0.86 -15.68
C ASP G 189 26.85 0.59 -15.28
N GLY G 190 28.10 1.03 -15.26
CA GLY G 190 28.42 2.39 -14.92
C GLY G 190 29.72 2.80 -15.57
N LEU G 191 30.35 3.82 -14.99
CA LEU G 191 31.71 4.15 -15.39
C LEU G 191 32.66 3.02 -15.00
N LEU G 192 33.74 2.90 -15.77
CA LEU G 192 34.70 1.79 -15.64
C LEU G 192 33.97 0.45 -15.74
N ASN G 193 33.46 0.19 -16.93
CA ASN G 193 32.64 -1.00 -17.14
C ASN G 193 33.46 -2.28 -16.97
N ASN G 194 32.76 -3.34 -16.60
CA ASN G 194 33.39 -4.63 -16.34
C ASN G 194 33.86 -5.28 -17.63
N GLY G 195 34.67 -6.31 -17.49
CA GLY G 195 35.14 -7.04 -18.64
C GLY G 195 34.14 -8.10 -19.03
N ARG G 196 34.56 -9.36 -19.08
CA ARG G 196 33.66 -10.45 -19.43
C ARG G 196 32.95 -11.00 -18.20
N VAL G 197 32.32 -10.11 -17.45
CA VAL G 197 31.55 -10.47 -16.26
C VAL G 197 30.07 -10.46 -16.63
N MET G 198 29.40 -11.56 -16.32
CA MET G 198 27.98 -11.66 -16.59
C MET G 198 27.24 -11.97 -15.30
N ILE G 199 26.10 -11.34 -15.09
CA ILE G 199 25.31 -11.54 -13.89
C ILE G 199 24.10 -12.36 -14.31
N ILE G 200 24.12 -13.66 -14.00
CA ILE G 200 23.01 -14.54 -14.29
C ILE G 200 22.13 -14.62 -13.05
N GLY G 201 20.83 -14.51 -13.24
CA GLY G 201 19.90 -14.56 -12.11
C GLY G 201 18.70 -15.43 -12.43
N ALA G 202 18.27 -16.19 -11.43
CA ALA G 202 17.09 -17.02 -11.54
C ALA G 202 16.02 -16.48 -10.61
N THR G 203 14.76 -16.53 -11.04
CA THR G 203 13.68 -16.01 -10.23
C THR G 203 12.36 -16.64 -10.67
N ASN G 204 11.34 -16.44 -9.87
CA ASN G 204 9.97 -16.83 -10.23
C ASN G 204 9.15 -15.54 -10.39
N ARG G 205 9.58 -14.44 -9.76
CA ARG G 205 8.84 -13.18 -9.80
C ARG G 205 9.70 -12.16 -10.54
N ILE G 206 9.57 -12.13 -11.87
CA ILE G 206 10.28 -11.12 -12.65
C ILE G 206 9.68 -9.74 -12.40
N ASN G 207 8.37 -9.67 -12.14
CA ASN G 207 7.72 -8.38 -11.91
C ASN G 207 8.19 -7.70 -10.64
N ASP G 208 8.79 -8.44 -9.71
CA ASP G 208 9.34 -7.84 -8.51
C ASP G 208 10.65 -7.11 -8.75
N ILE G 209 11.37 -7.45 -9.82
CA ILE G 209 12.67 -6.85 -10.09
C ILE G 209 12.49 -5.40 -10.52
N ASP G 210 13.43 -4.55 -10.10
CA ASP G 210 13.40 -3.14 -10.46
C ASP G 210 13.58 -2.95 -11.96
N ASP G 211 13.07 -1.85 -12.49
CA ASP G 211 13.19 -1.58 -13.91
C ASP G 211 14.63 -1.34 -14.33
N ALA G 212 15.42 -0.70 -13.49
CA ALA G 212 16.83 -0.52 -13.82
C ALA G 212 17.59 -1.84 -13.76
N PHE G 213 17.30 -2.65 -12.75
CA PHE G 213 17.92 -3.96 -12.64
C PHE G 213 17.51 -4.87 -13.78
N LEU G 214 16.23 -4.85 -14.15
CA LEU G 214 15.75 -5.63 -15.29
C LEU G 214 16.36 -5.13 -16.58
N ARG G 215 16.60 -3.83 -16.67
CA ARG G 215 17.32 -3.27 -17.80
C ARG G 215 18.73 -3.84 -17.87
N ARG G 216 19.37 -3.99 -16.71
CA ARG G 216 20.71 -4.57 -16.66
C ARG G 216 20.72 -6.07 -16.96
N LEU G 217 19.56 -6.71 -17.03
CA LEU G 217 19.44 -8.10 -17.45
C LEU G 217 18.78 -8.14 -18.83
N PRO G 218 19.54 -7.90 -19.90
CA PRO G 218 18.92 -7.79 -21.23
C PRO G 218 18.43 -9.11 -21.77
N LYS G 219 19.27 -10.15 -21.66
CA LYS G 219 18.90 -11.47 -22.13
C LYS G 219 18.03 -12.14 -21.07
N ARG G 220 16.83 -12.55 -21.45
CA ARG G 220 15.89 -13.16 -20.51
C ARG G 220 15.36 -14.45 -21.10
N PHE G 221 15.42 -15.52 -20.33
CA PHE G 221 14.92 -16.84 -20.73
C PHE G 221 13.71 -17.19 -19.89
N LEU G 222 12.58 -17.45 -20.54
CA LEU G 222 11.38 -17.89 -19.85
C LEU G 222 11.41 -19.41 -19.81
N VAL G 223 11.73 -19.96 -18.64
CA VAL G 223 11.72 -21.41 -18.44
C VAL G 223 10.33 -21.75 -17.91
N SER G 224 9.40 -21.96 -18.83
CA SER G 224 8.00 -22.16 -18.48
C SER G 224 7.72 -23.62 -18.17
N LEU G 225 6.48 -23.90 -17.79
CA LEU G 225 6.09 -25.26 -17.42
C LEU G 225 6.19 -26.18 -18.64
N PRO G 226 6.64 -27.41 -18.46
CA PRO G 226 6.87 -28.30 -19.62
C PRO G 226 5.58 -28.67 -20.33
N GLY G 227 5.68 -28.82 -21.64
CA GLY G 227 4.63 -29.40 -22.44
C GLY G 227 4.71 -30.91 -22.45
N SER G 228 3.84 -31.53 -23.25
CA SER G 228 3.78 -32.98 -23.30
C SER G 228 5.08 -33.58 -23.83
N ASP G 229 5.61 -33.01 -24.92
CA ASP G 229 6.91 -33.45 -25.42
C ASP G 229 8.02 -33.13 -24.43
N GLN G 230 7.96 -31.96 -23.81
CA GLN G 230 8.97 -31.62 -22.82
C GLN G 230 8.84 -32.53 -21.60
N ARG G 231 7.61 -32.86 -21.20
CA ARG G 231 7.44 -33.79 -20.09
C ARG G 231 8.00 -35.16 -20.43
N TYR G 232 7.81 -35.60 -21.68
CA TYR G 232 8.39 -36.87 -22.11
C TYR G 232 9.92 -36.83 -22.03
N LYS G 233 10.51 -35.72 -22.48
CA LYS G 233 11.96 -35.61 -22.45
C LYS G 233 12.50 -35.55 -21.03
N ILE G 234 11.81 -34.83 -20.14
CA ILE G 234 12.24 -34.75 -18.75
C ILE G 234 12.10 -36.11 -18.08
N LEU G 235 11.02 -36.84 -18.36
CA LEU G 235 10.86 -38.18 -17.80
C LEU G 235 11.93 -39.13 -18.32
N SER G 236 12.29 -39.00 -19.60
CA SER G 236 13.36 -39.83 -20.15
C SER G 236 14.70 -39.52 -19.48
N VAL G 237 14.97 -38.24 -19.21
CA VAL G 237 16.22 -37.86 -18.58
C VAL G 237 16.25 -38.33 -17.12
N LEU G 238 15.14 -38.16 -16.40
CA LEU G 238 15.08 -38.55 -15.00
C LEU G 238 15.19 -40.06 -14.83
N LEU G 239 14.59 -40.82 -15.74
CA LEU G 239 14.64 -42.27 -15.69
C LEU G 239 15.86 -42.85 -16.40
N LYS G 240 16.90 -42.04 -16.62
CA LYS G 240 18.15 -42.59 -17.08
C LYS G 240 18.88 -43.28 -15.93
N ASP G 241 19.75 -44.21 -16.28
CA ASP G 241 20.51 -45.02 -15.31
C ASP G 241 19.59 -45.77 -14.36
N THR G 242 18.42 -46.17 -14.85
CA THR G 242 17.50 -47.02 -14.10
C THR G 242 16.88 -48.01 -15.08
N LYS G 243 16.36 -49.11 -14.53
CA LYS G 243 15.83 -50.20 -15.35
C LYS G 243 14.35 -49.99 -15.59
N LEU G 244 13.96 -49.97 -16.86
CA LEU G 244 12.57 -49.83 -17.28
C LEU G 244 12.17 -51.05 -18.10
N ASP G 245 10.91 -51.48 -17.92
CA ASP G 245 10.42 -52.66 -18.61
C ASP G 245 10.36 -52.43 -20.11
N GLU G 246 10.65 -53.47 -20.88
CA GLU G 246 10.65 -53.34 -22.33
C GLU G 246 9.23 -53.32 -22.89
N ASP G 247 8.32 -54.07 -22.27
CA ASP G 247 6.97 -54.23 -22.79
C ASP G 247 5.92 -53.46 -21.99
N GLU G 248 5.94 -53.56 -20.66
CA GLU G 248 4.90 -52.94 -19.85
C GLU G 248 5.06 -51.42 -19.80
N PHE G 249 6.28 -50.91 -19.94
CA PHE G 249 6.56 -49.50 -19.70
C PHE G 249 6.39 -48.69 -20.97
N ASP G 250 5.57 -47.63 -20.89
CA ASP G 250 5.40 -46.67 -21.97
C ASP G 250 5.45 -45.28 -21.40
N LEU G 251 6.43 -44.49 -21.83
CA LEU G 251 6.62 -43.15 -21.28
C LEU G 251 5.61 -42.14 -21.79
N GLN G 252 5.04 -42.36 -22.99
CA GLN G 252 4.14 -41.38 -23.55
C GLN G 252 2.84 -41.28 -22.76
N LEU G 253 2.36 -42.40 -22.23
CA LEU G 253 1.16 -42.36 -21.39
C LEU G 253 1.41 -41.56 -20.12
N ILE G 254 2.56 -41.77 -19.48
CA ILE G 254 2.88 -41.04 -18.26
C ILE G 254 3.06 -39.56 -18.57
N ALA G 255 3.68 -39.24 -19.70
CA ALA G 255 3.84 -37.83 -20.10
C ALA G 255 2.49 -37.20 -20.40
N ASP G 256 1.54 -37.98 -20.91
CA ASP G 256 0.22 -37.43 -21.18
C ASP G 256 -0.57 -37.18 -19.90
N ASN G 257 -0.53 -38.12 -18.95
CA ASN G 257 -1.30 -37.95 -17.71
C ASN G 257 -0.62 -37.04 -16.71
N THR G 258 0.64 -36.66 -16.92
CA THR G 258 1.27 -35.71 -16.02
C THR G 258 1.01 -34.29 -16.50
N LYS G 259 -0.26 -33.94 -16.69
CA LYS G 259 -0.62 -32.63 -17.19
C LYS G 259 -0.42 -31.57 -16.12
N GLY G 260 0.18 -30.44 -16.51
CA GLY G 260 0.42 -29.37 -15.58
C GLY G 260 1.56 -29.61 -14.61
N PHE G 261 2.31 -30.69 -14.79
CA PHE G 261 3.42 -31.04 -13.91
C PHE G 261 4.64 -30.24 -14.32
N SER G 262 5.46 -29.89 -13.34
CA SER G 262 6.76 -29.30 -13.59
C SER G 262 7.82 -30.39 -13.55
N GLY G 263 9.08 -30.00 -13.73
CA GLY G 263 10.15 -30.97 -13.63
C GLY G 263 10.32 -31.53 -12.23
N SER G 264 10.12 -30.69 -11.21
CA SER G 264 10.19 -31.15 -9.83
C SER G 264 9.08 -32.14 -9.52
N ASP G 265 7.88 -31.87 -10.02
CA ASP G 265 6.77 -32.80 -9.83
C ASP G 265 7.10 -34.15 -10.47
N LEU G 266 7.70 -34.12 -11.66
CA LEU G 266 8.09 -35.36 -12.32
C LEU G 266 9.18 -36.08 -11.56
N LYS G 267 10.13 -35.33 -10.99
CA LYS G 267 11.19 -35.97 -10.21
C LYS G 267 10.61 -36.66 -8.98
N GLU G 268 9.68 -35.99 -8.28
CA GLU G 268 9.06 -36.61 -7.12
C GLU G 268 8.21 -37.81 -7.51
N LEU G 269 7.50 -37.71 -8.64
CA LEU G 269 6.69 -38.83 -9.11
C LEU G 269 7.59 -40.00 -9.41
N CYS G 270 8.68 -39.75 -10.14
CA CYS G 270 9.60 -40.82 -10.47
C CYS G 270 10.18 -41.46 -9.23
N ARG G 271 10.51 -40.65 -8.22
CA ARG G 271 11.05 -41.18 -6.97
C ARG G 271 10.02 -42.04 -6.26
N GLU G 272 8.77 -41.59 -6.20
CA GLU G 272 7.71 -42.37 -5.58
C GLU G 272 7.47 -43.67 -6.33
N ALA G 273 7.45 -43.62 -7.67
CA ALA G 273 7.24 -44.82 -8.46
C ALA G 273 8.38 -45.80 -8.28
N ALA G 274 9.62 -45.31 -8.23
CA ALA G 274 10.76 -46.18 -8.00
C ALA G 274 10.71 -46.83 -6.63
N LEU G 275 10.32 -46.06 -5.61
CA LEU G 275 10.19 -46.62 -4.26
C LEU G 275 9.11 -47.70 -4.21
N ASP G 276 7.95 -47.44 -4.80
CA ASP G 276 6.87 -48.41 -4.74
C ASP G 276 7.17 -49.64 -5.59
N ALA G 277 7.95 -49.48 -6.66
CA ALA G 277 8.33 -50.63 -7.48
C ALA G 277 9.44 -51.45 -6.84
N ALA G 278 10.30 -50.82 -6.04
CA ALA G 278 11.37 -51.53 -5.37
C ALA G 278 11.08 -51.81 -3.90
N LYS G 279 9.83 -51.61 -3.47
CA LYS G 279 9.47 -51.81 -2.07
C LYS G 279 9.73 -53.23 -1.60
N GLU G 280 9.35 -54.23 -2.41
CA GLU G 280 9.53 -55.61 -1.95
C GLU G 280 11.01 -56.00 -1.94
N TYR G 281 11.79 -55.50 -2.90
CA TYR G 281 13.23 -55.75 -2.89
C TYR G 281 13.89 -55.07 -1.70
N ILE G 282 13.45 -53.87 -1.35
CA ILE G 282 14.01 -53.16 -0.20
C ILE G 282 13.63 -53.88 1.09
N LYS G 283 12.41 -54.41 1.16
CA LYS G 283 12.00 -55.18 2.33
C LYS G 283 12.83 -56.46 2.45
N GLN G 284 13.12 -57.11 1.32
CA GLN G 284 13.98 -58.29 1.34
C GLN G 284 15.39 -57.93 1.81
N LYS G 285 15.93 -56.81 1.34
CA LYS G 285 17.26 -56.39 1.76
C LYS G 285 17.30 -56.02 3.24
N ARG G 286 16.23 -55.38 3.73
CA ARG G 286 16.15 -55.02 5.14
C ARG G 286 16.03 -56.25 6.01
N GLN G 287 15.30 -57.27 5.54
CA GLN G 287 15.22 -58.54 6.27
C GLN G 287 16.58 -59.21 6.35
N LEU G 288 17.35 -59.16 5.26
CA LEU G 288 18.71 -59.70 5.25
C LEU G 288 19.68 -58.72 5.90
N LYS G 303 17.10 -58.30 -7.29
CA LYS G 303 17.59 -56.98 -7.65
C LYS G 303 16.42 -56.00 -7.79
N ILE G 304 16.69 -54.87 -8.45
CA ILE G 304 15.64 -53.87 -8.67
C ILE G 304 14.68 -54.38 -9.73
N ARG G 305 13.40 -54.40 -9.40
CA ARG G 305 12.39 -54.77 -10.37
C ARG G 305 12.32 -53.72 -11.47
N PRO G 306 12.29 -54.11 -12.74
CA PRO G 306 12.20 -53.12 -13.82
C PRO G 306 10.93 -52.29 -13.73
N LEU G 307 11.07 -51.00 -14.04
CA LEU G 307 9.98 -50.05 -13.85
C LEU G 307 8.87 -50.29 -14.87
N LYS G 308 7.64 -50.37 -14.39
CA LYS G 308 6.48 -50.55 -15.23
C LYS G 308 5.58 -49.31 -15.13
N THR G 309 4.62 -49.23 -16.05
CA THR G 309 3.71 -48.09 -16.07
C THR G 309 2.74 -48.10 -14.90
N LYS G 310 2.59 -49.24 -14.25
CA LYS G 310 1.63 -49.33 -13.15
C LYS G 310 2.09 -48.49 -11.98
N ASP G 311 3.40 -48.44 -11.73
CA ASP G 311 3.93 -47.65 -10.63
C ASP G 311 3.70 -46.16 -10.85
N PHE G 312 3.88 -45.69 -12.08
CA PHE G 312 3.72 -44.27 -12.35
C PHE G 312 2.25 -43.87 -12.40
N THR G 313 1.41 -44.69 -13.02
CA THR G 313 0.00 -44.35 -13.10
C THR G 313 -0.76 -44.64 -11.81
N LYS G 314 -0.15 -45.39 -10.88
CA LYS G 314 -0.77 -45.60 -9.58
C LYS G 314 -0.81 -44.31 -8.77
N LYS G 315 0.28 -43.56 -8.75
CA LYS G 315 0.30 -42.28 -8.07
C LYS G 315 -0.38 -41.19 -8.88
N LEU G 316 -0.51 -41.40 -10.19
CA LEU G 316 -1.08 -40.38 -11.05
C LEU G 316 -2.59 -40.32 -10.87
N ARG G 317 -3.12 -39.12 -10.72
CA ARG G 317 -4.54 -38.90 -10.55
C ARG G 317 -5.26 -38.64 -11.86
N MET G 318 -4.55 -38.75 -12.99
CA MET G 318 -5.11 -38.54 -14.34
C MET G 318 -5.77 -37.18 -14.48
N GLY H 9 40.51 1.96 3.98
CA GLY H 9 40.60 1.28 2.70
C GLY H 9 41.99 1.31 2.11
N LYS H 10 42.88 0.47 2.63
CA LYS H 10 44.27 0.41 2.19
C LYS H 10 44.63 -1.02 1.85
N SER H 11 45.19 -1.23 0.66
CA SER H 11 45.66 -2.53 0.22
C SER H 11 46.68 -2.30 -0.89
N ARG H 12 47.42 -3.37 -1.21
CA ARG H 12 48.52 -3.25 -2.17
C ARG H 12 48.02 -2.89 -3.56
N GLU H 13 46.97 -3.58 -4.02
CA GLU H 13 46.39 -3.27 -5.32
C GLU H 13 45.78 -1.86 -5.32
N SER H 14 45.11 -1.49 -4.24
CA SER H 14 44.54 -0.15 -4.14
C SER H 14 45.64 0.91 -4.12
N LYS H 15 46.73 0.65 -3.40
CA LYS H 15 47.84 1.61 -3.36
C LYS H 15 48.49 1.76 -4.74
N ALA H 16 48.63 0.65 -5.46
CA ALA H 16 49.16 0.73 -6.82
C ALA H 16 48.24 1.51 -7.74
N LYS H 17 46.92 1.32 -7.59
CA LYS H 17 45.96 2.07 -8.39
C LYS H 17 46.02 3.55 -8.07
N GLN H 18 46.14 3.89 -6.78
CA GLN H 18 46.26 5.29 -6.38
C GLN H 18 47.51 5.93 -6.97
N SER H 19 48.64 5.22 -6.91
CA SER H 19 49.87 5.75 -7.48
C SER H 19 49.75 5.94 -8.98
N LEU H 20 49.14 4.96 -9.67
CA LEU H 20 49.01 5.05 -11.11
C LEU H 20 48.12 6.23 -11.50
N GLN H 21 47.01 6.42 -10.80
CA GLN H 21 46.14 7.56 -11.07
C GLN H 21 46.84 8.87 -10.76
N TRP H 22 47.68 8.90 -9.72
CA TRP H 22 48.37 10.14 -9.39
C TRP H 22 49.40 10.52 -10.44
N GLU H 23 50.17 9.54 -10.94
CA GLU H 23 51.09 9.86 -12.03
C GLU H 23 50.35 10.24 -13.30
N LYS H 24 49.19 9.63 -13.54
CA LYS H 24 48.37 10.04 -14.69
C LYS H 24 47.92 11.48 -14.56
N LEU H 25 47.46 11.87 -13.37
CA LEU H 25 47.01 13.24 -13.16
C LEU H 25 48.16 14.23 -13.26
N VAL H 26 49.33 13.87 -12.72
CA VAL H 26 50.49 14.75 -12.77
C VAL H 26 50.97 14.94 -14.21
N LYS H 27 51.02 13.85 -14.98
CA LYS H 27 51.41 13.95 -16.38
C LYS H 27 50.37 14.73 -17.19
N ARG H 28 49.10 14.62 -16.82
CA ARG H 28 48.06 15.35 -17.53
C ARG H 28 48.18 16.86 -17.28
N SER H 29 48.42 17.24 -16.04
CA SER H 29 48.52 18.65 -15.67
C SER H 29 49.74 18.85 -14.77
N PRO H 30 50.78 19.55 -15.24
CA PRO H 30 51.98 19.72 -14.40
C PRO H 30 51.75 20.55 -13.15
N ALA H 31 50.68 21.35 -13.11
CA ALA H 31 50.38 22.13 -11.92
C ALA H 31 49.97 21.24 -10.76
N LEU H 32 49.36 20.10 -11.06
CA LEU H 32 48.93 19.17 -10.01
C LEU H 32 50.09 18.49 -9.33
N ALA H 33 51.29 18.55 -9.90
CA ALA H 33 52.46 17.99 -9.26
C ALA H 33 52.86 18.85 -8.06
N GLU H 34 53.70 18.26 -7.20
CA GLU H 34 54.23 18.94 -6.00
C GLU H 34 53.11 19.40 -5.07
N VAL H 35 52.04 18.62 -5.01
CA VAL H 35 50.88 18.92 -4.16
C VAL H 35 50.76 17.81 -3.13
N THR H 36 50.78 18.19 -1.85
CA THR H 36 50.74 17.21 -0.78
C THR H 36 49.33 16.68 -0.60
N LEU H 37 49.21 15.35 -0.50
CA LEU H 37 47.91 14.74 -0.32
C LEU H 37 47.83 13.98 0.99
N ASP H 38 46.69 14.05 1.65
CA ASP H 38 46.45 13.34 2.89
C ASP H 38 46.24 11.85 2.63
N ALA H 39 46.23 11.06 3.70
CA ALA H 39 45.98 9.63 3.57
C ALA H 39 44.57 9.36 3.05
N TYR H 40 43.58 10.09 3.59
CA TYR H 40 42.22 9.96 3.10
C TYR H 40 42.09 10.48 1.68
N GLU H 41 42.79 11.57 1.36
CA GLU H 41 42.83 12.06 -0.02
C GLU H 41 43.48 11.04 -0.94
N ARG H 42 44.52 10.36 -0.45
CA ARG H 42 45.14 9.29 -1.22
C ARG H 42 44.16 8.16 -1.48
N THR H 43 43.34 7.80 -0.48
CA THR H 43 42.34 6.77 -0.70
C THR H 43 41.29 7.21 -1.71
N ILE H 44 40.91 8.50 -1.68
CA ILE H 44 39.96 9.01 -2.66
C ILE H 44 40.55 9.01 -4.05
N LEU H 45 41.88 9.14 -4.16
CA LEU H 45 42.56 9.15 -5.45
C LEU H 45 42.36 7.86 -6.24
N SER H 46 41.99 6.76 -5.59
CA SER H 46 41.75 5.51 -6.30
C SER H 46 40.49 5.57 -7.16
N SER H 47 39.59 6.51 -6.89
CA SER H 47 38.36 6.66 -7.65
C SER H 47 38.48 7.67 -8.80
N ILE H 48 39.68 8.19 -9.05
CA ILE H 48 39.88 9.12 -10.15
C ILE H 48 39.76 8.36 -11.47
N VAL H 49 38.93 8.88 -12.38
CA VAL H 49 38.72 8.30 -13.69
C VAL H 49 39.47 9.13 -14.72
N THR H 50 40.32 8.48 -15.48
CA THR H 50 41.13 9.11 -16.50
C THR H 50 40.52 8.89 -17.88
N PRO H 51 40.84 9.74 -18.86
CA PRO H 51 40.21 9.60 -20.19
C PRO H 51 40.45 8.26 -20.88
N ASP H 52 41.62 7.64 -20.68
CA ASP H 52 41.89 6.37 -21.35
C ASP H 52 41.11 5.22 -20.74
N GLU H 53 40.61 5.38 -19.51
CA GLU H 53 39.77 4.36 -18.89
C GLU H 53 38.36 4.34 -19.45
N ILE H 54 38.00 5.33 -20.26
CA ILE H 54 36.67 5.47 -20.83
C ILE H 54 36.78 5.37 -22.34
N ASN H 55 35.94 4.53 -22.94
CA ASN H 55 35.95 4.31 -24.38
C ASN H 55 34.73 4.91 -25.08
N ILE H 56 34.07 5.87 -24.45
CA ILE H 56 32.84 6.44 -24.99
C ILE H 56 33.11 7.89 -25.40
N THR H 57 33.01 8.15 -26.69
CA THR H 57 33.02 9.47 -27.29
C THR H 57 31.69 10.16 -27.03
N PHE H 58 31.68 11.49 -27.15
CA PHE H 58 30.41 12.19 -27.18
C PHE H 58 29.63 11.87 -28.45
N GLN H 59 30.33 11.48 -29.51
CA GLN H 59 29.68 11.06 -30.75
C GLN H 59 29.08 9.67 -30.64
N ASP H 60 29.39 8.92 -29.59
CA ASP H 60 28.82 7.60 -29.39
C ASP H 60 27.48 7.64 -28.67
N ILE H 61 26.98 8.83 -28.34
CA ILE H 61 25.66 9.01 -27.76
C ILE H 61 24.79 9.67 -28.82
N GLY H 62 23.80 8.95 -29.31
CA GLY H 62 22.90 9.50 -30.31
C GLY H 62 21.57 9.90 -29.72
N GLY H 63 20.84 10.78 -30.40
CA GLY H 63 19.52 11.15 -29.97
C GLY H 63 19.47 12.12 -28.82
N LEU H 64 20.61 12.62 -28.35
CA LEU H 64 20.65 13.58 -27.25
C LEU H 64 21.37 14.86 -27.65
N ASP H 65 21.45 15.15 -28.95
CA ASP H 65 22.24 16.29 -29.41
C ASP H 65 21.82 17.64 -28.83
N PRO H 66 20.53 17.98 -28.68
CA PRO H 66 20.21 19.19 -27.89
C PRO H 66 20.69 19.10 -26.45
N LEU H 67 20.62 17.92 -25.83
CA LEU H 67 21.11 17.79 -24.46
C LEU H 67 22.63 17.90 -24.41
N ILE H 68 23.32 17.32 -25.41
CA ILE H 68 24.78 17.45 -25.46
C ILE H 68 25.17 18.91 -25.62
N SER H 69 24.46 19.63 -26.50
CA SER H 69 24.75 21.04 -26.72
C SER H 69 24.47 21.87 -25.47
N ASP H 70 23.36 21.61 -24.79
CA ASP H 70 23.03 22.34 -23.57
C ASP H 70 24.05 22.04 -22.49
N LEU H 71 24.48 20.78 -22.37
CA LEU H 71 25.50 20.41 -21.39
C LEU H 71 26.80 21.14 -21.68
N HIS H 72 27.21 21.19 -22.94
CA HIS H 72 28.46 21.88 -23.28
C HIS H 72 28.35 23.37 -23.01
N GLU H 73 27.22 23.98 -23.37
CA GLU H 73 27.10 25.43 -23.26
C GLU H 73 26.87 25.89 -21.83
N SER H 74 26.35 25.03 -20.95
CA SER H 74 26.01 25.44 -19.61
C SER H 74 26.85 24.80 -18.52
N VAL H 75 27.61 23.76 -18.81
CA VAL H 75 28.27 22.97 -17.77
C VAL H 75 29.75 22.83 -18.08
N ILE H 76 30.07 22.30 -19.26
CA ILE H 76 31.45 21.95 -19.58
C ILE H 76 32.27 23.21 -19.83
N TYR H 77 31.84 24.02 -20.80
CA TYR H 77 32.59 25.23 -21.16
C TYR H 77 32.69 26.25 -20.03
N PRO H 78 31.63 26.56 -19.26
CA PRO H 78 31.84 27.47 -18.11
C PRO H 78 32.82 26.93 -17.08
N LEU H 79 32.82 25.62 -16.85
CA LEU H 79 33.73 25.04 -15.89
C LEU H 79 35.15 24.94 -16.45
N MET H 80 35.27 24.52 -17.71
CA MET H 80 36.59 24.22 -18.24
C MET H 80 37.33 25.47 -18.72
N MET H 81 36.57 26.42 -19.27
CA MET H 81 37.14 27.67 -19.79
C MET H 81 36.59 28.91 -19.02
N PRO H 82 37.03 29.16 -17.76
CA PRO H 82 36.54 30.36 -17.07
C PRO H 82 36.98 31.65 -17.71
N GLU H 83 38.07 31.62 -18.49
CA GLU H 83 38.61 32.84 -19.08
C GLU H 83 37.64 33.46 -20.07
N VAL H 84 36.93 32.63 -20.83
CA VAL H 84 35.93 33.14 -21.76
C VAL H 84 34.77 33.77 -21.00
N TYR H 85 34.40 33.17 -19.88
CA TYR H 85 33.25 33.58 -19.09
C TYR H 85 33.63 34.51 -17.93
N SER H 86 34.88 34.96 -17.89
CA SER H 86 35.35 35.73 -16.73
C SER H 86 34.78 37.14 -16.68
N ASN H 87 34.27 37.65 -17.81
CA ASN H 87 33.83 39.04 -17.86
C ASN H 87 32.63 39.28 -16.95
N SER H 88 31.67 38.37 -16.95
CA SER H 88 30.49 38.49 -16.12
C SER H 88 30.54 37.49 -14.97
N PRO H 89 30.35 37.93 -13.73
CA PRO H 89 30.40 36.98 -12.60
C PRO H 89 29.26 35.97 -12.60
N LEU H 90 28.20 36.21 -13.36
CA LEU H 90 27.04 35.34 -13.39
C LEU H 90 27.21 34.14 -14.31
N LEU H 91 28.32 34.04 -15.03
CA LEU H 91 28.55 32.96 -15.98
C LEU H 91 29.35 31.81 -15.38
N GLN H 92 29.25 31.60 -14.08
CA GLN H 92 30.05 30.58 -13.41
C GLN H 92 29.48 29.20 -13.70
N ALA H 93 30.28 28.19 -13.36
CA ALA H 93 29.83 26.81 -13.51
C ALA H 93 28.79 26.48 -12.44
N PRO H 94 27.90 25.53 -12.70
CA PRO H 94 26.94 25.13 -11.66
C PRO H 94 27.64 24.45 -10.49
N SER H 95 27.00 24.54 -9.32
CA SER H 95 27.49 23.82 -8.15
C SER H 95 27.34 22.31 -8.36
N GLY H 96 26.26 21.90 -9.01
CA GLY H 96 26.03 20.48 -9.27
C GLY H 96 25.20 20.31 -10.52
N VAL H 97 25.16 19.07 -11.00
CA VAL H 97 24.38 18.71 -12.19
C VAL H 97 23.71 17.39 -11.92
N LEU H 98 22.42 17.29 -12.20
CA LEU H 98 21.68 16.05 -12.06
C LEU H 98 21.24 15.56 -13.44
N LEU H 99 21.61 14.33 -13.76
CA LEU H 99 21.16 13.65 -14.98
C LEU H 99 20.15 12.60 -14.53
N TYR H 100 18.89 12.99 -14.45
CA TYR H 100 17.83 12.07 -14.04
C TYR H 100 17.01 11.64 -15.25
N GLY H 101 16.26 10.56 -15.07
CA GLY H 101 15.43 10.04 -16.12
C GLY H 101 15.14 8.56 -15.92
N PRO H 102 14.35 7.97 -16.82
CA PRO H 102 14.07 6.55 -16.74
C PRO H 102 15.32 5.75 -17.08
N PRO H 103 15.44 4.54 -16.55
CA PRO H 103 16.63 3.73 -16.85
C PRO H 103 16.67 3.31 -18.31
N GLY H 104 17.88 3.25 -18.85
CA GLY H 104 18.09 2.86 -20.23
C GLY H 104 18.65 3.96 -21.09
N CYS H 105 18.16 5.18 -20.89
CA CYS H 105 18.65 6.34 -21.61
C CYS H 105 20.05 6.69 -21.13
N GLY H 106 20.72 7.55 -21.90
CA GLY H 106 22.16 7.68 -21.75
C GLY H 106 22.71 8.57 -20.63
N LYS H 107 22.29 8.35 -19.38
CA LYS H 107 22.88 9.12 -18.28
C LYS H 107 24.32 8.71 -18.04
N THR H 108 24.58 7.40 -17.97
CA THR H 108 25.96 6.94 -17.83
C THR H 108 26.76 7.17 -19.11
N MET H 109 26.10 7.20 -20.26
CA MET H 109 26.82 7.54 -21.46
C MET H 109 27.25 9.00 -21.38
N LEU H 110 26.37 9.88 -20.92
CA LEU H 110 26.73 11.28 -20.75
C LEU H 110 27.85 11.43 -19.74
N ALA H 111 27.80 10.67 -18.64
CA ALA H 111 28.85 10.76 -17.64
C ALA H 111 30.18 10.23 -18.15
N LYS H 112 30.15 9.15 -18.93
CA LYS H 112 31.37 8.62 -19.52
C LYS H 112 31.98 9.61 -20.50
N ALA H 113 31.14 10.24 -21.33
CA ALA H 113 31.65 11.24 -22.27
C ALA H 113 32.18 12.46 -21.54
N LEU H 114 31.57 12.83 -20.42
CA LEU H 114 32.11 13.89 -19.59
C LEU H 114 33.45 13.50 -18.99
N ALA H 115 33.60 12.24 -18.58
CA ALA H 115 34.86 11.78 -18.03
C ALA H 115 35.95 11.72 -19.10
N LYS H 116 35.56 11.53 -20.36
CA LYS H 116 36.55 11.40 -21.43
C LYS H 116 36.80 12.71 -22.17
N GLU H 117 35.76 13.48 -22.46
CA GLU H 117 35.89 14.60 -23.39
C GLU H 117 35.70 15.98 -22.78
N SER H 118 35.19 16.09 -21.55
CA SER H 118 35.11 17.41 -20.95
C SER H 118 36.50 17.97 -20.63
N GLY H 119 37.44 17.11 -20.27
CA GLY H 119 38.76 17.55 -19.91
C GLY H 119 38.95 17.83 -18.45
N ALA H 120 37.88 17.81 -17.66
CA ALA H 120 37.96 17.98 -16.22
C ALA H 120 38.54 16.73 -15.57
N ASN H 121 39.16 16.92 -14.41
CA ASN H 121 39.48 15.77 -13.57
C ASN H 121 38.20 15.17 -13.06
N PHE H 122 38.11 13.84 -13.10
CA PHE H 122 36.88 13.14 -12.81
C PHE H 122 37.06 12.27 -11.58
N ILE H 123 36.13 12.38 -10.63
CA ILE H 123 36.08 11.51 -9.47
C ILE H 123 34.76 10.76 -9.53
N SER H 124 34.80 9.51 -9.96
CA SER H 124 33.64 8.63 -9.94
C SER H 124 33.70 7.86 -8.62
N ILE H 125 33.00 8.36 -7.62
CA ILE H 125 33.02 7.78 -6.29
C ILE H 125 31.84 6.83 -6.15
N ARG H 126 32.03 5.77 -5.37
CA ARG H 126 31.00 4.81 -5.08
C ARG H 126 30.79 4.72 -3.58
N MET H 127 29.71 4.06 -3.18
CA MET H 127 29.36 3.96 -1.77
C MET H 127 30.33 3.10 -0.99
N SER H 128 31.05 2.19 -1.64
CA SER H 128 32.02 1.38 -0.94
C SER H 128 33.19 2.22 -0.44
N SER H 129 33.61 3.21 -1.23
CA SER H 129 34.72 4.05 -0.83
C SER H 129 34.31 5.07 0.22
N ILE H 130 33.05 5.50 0.23
CA ILE H 130 32.62 6.51 1.18
C ILE H 130 32.26 5.89 2.52
N MET H 131 31.36 4.91 2.51
CA MET H 131 30.91 4.30 3.76
C MET H 131 32.03 3.50 4.40
N ASP H 132 32.26 3.74 5.69
CA ASP H 132 33.30 3.05 6.43
C ASP H 132 32.74 2.62 7.78
N LYS H 133 33.10 1.41 8.19
CA LYS H 133 32.56 0.82 9.41
C LYS H 133 33.02 1.57 10.66
N TRP H 134 34.28 2.00 10.68
CA TRP H 134 34.86 2.62 11.85
C TRP H 134 34.25 4.00 12.12
N TYR H 135 34.57 4.55 13.28
CA TYR H 135 33.92 5.77 13.72
C TYR H 135 34.53 6.99 13.06
N GLY H 136 33.68 7.81 12.45
CA GLY H 136 34.10 9.07 11.87
C GLY H 136 34.95 8.95 10.63
N GLU H 137 35.13 7.76 10.08
CA GLU H 137 35.97 7.60 8.90
C GLU H 137 35.27 8.04 7.63
N SER H 138 33.95 7.86 7.56
CA SER H 138 33.22 8.21 6.34
C SER H 138 33.15 9.73 6.16
N ASN H 139 32.94 10.48 7.24
CA ASN H 139 32.94 11.93 7.14
C ASN H 139 34.32 12.46 6.74
N LYS H 140 35.38 11.88 7.29
CA LYS H 140 36.72 12.27 6.88
C LYS H 140 36.98 11.91 5.43
N ILE H 141 36.39 10.81 4.95
CA ILE H 141 36.53 10.42 3.56
C ILE H 141 35.83 11.43 2.65
N VAL H 142 34.64 11.88 3.03
CA VAL H 142 33.92 12.87 2.23
C VAL H 142 34.66 14.20 2.25
N ASP H 143 35.18 14.59 3.41
CA ASP H 143 35.98 15.81 3.53
C ASP H 143 37.20 15.74 2.63
N ALA H 144 37.88 14.60 2.61
CA ALA H 144 39.04 14.43 1.74
C ALA H 144 38.65 14.40 0.27
N MET H 145 37.48 13.86 -0.04
CA MET H 145 36.98 13.89 -1.41
C MET H 145 36.84 15.33 -1.90
N PHE H 146 36.24 16.18 -1.07
CA PHE H 146 36.07 17.58 -1.45
C PHE H 146 37.39 18.33 -1.46
N SER H 147 38.29 18.00 -0.53
CA SER H 147 39.61 18.64 -0.51
C SER H 147 40.42 18.28 -1.75
N LEU H 148 40.39 17.01 -2.15
CA LEU H 148 41.09 16.59 -3.36
C LEU H 148 40.45 17.22 -4.59
N ALA H 149 39.12 17.30 -4.63
CA ALA H 149 38.46 17.95 -5.76
C ALA H 149 38.84 19.41 -5.86
N ASN H 150 38.99 20.09 -4.72
CA ASN H 150 39.44 21.48 -4.74
C ASN H 150 40.90 21.57 -5.18
N LYS H 151 41.72 20.59 -4.82
CA LYS H 151 43.13 20.63 -5.20
C LYS H 151 43.32 20.48 -6.71
N LEU H 152 42.60 19.54 -7.34
CA LEU H 152 42.54 19.43 -8.82
C LEU H 152 41.44 20.39 -9.14
N GLN H 153 41.74 21.61 -9.53
CA GLN H 153 40.73 22.68 -9.57
C GLN H 153 39.56 22.44 -10.51
N PRO H 154 39.74 22.06 -11.79
CA PRO H 154 38.53 21.76 -12.59
C PRO H 154 38.12 20.30 -12.41
N CYS H 155 37.48 20.00 -11.29
CA CYS H 155 37.14 18.63 -10.93
C CYS H 155 35.65 18.40 -11.05
N ILE H 156 35.29 17.17 -11.40
CA ILE H 156 33.92 16.70 -11.39
C ILE H 156 33.83 15.52 -10.44
N ILE H 157 32.89 15.58 -9.50
CA ILE H 157 32.62 14.48 -8.60
C ILE H 157 31.34 13.80 -9.09
N PHE H 158 31.47 12.63 -9.68
CA PHE H 158 30.31 11.91 -10.21
C PHE H 158 29.92 10.80 -9.26
N ILE H 159 28.69 10.85 -8.77
CA ILE H 159 28.13 9.82 -7.90
C ILE H 159 26.96 9.20 -8.66
N ASP H 160 27.19 8.05 -9.28
CA ASP H 160 26.13 7.35 -9.98
C ASP H 160 25.12 6.81 -9.00
N GLN H 161 23.85 6.83 -9.39
CA GLN H 161 22.72 6.51 -8.52
C GLN H 161 22.79 7.33 -7.24
N ILE H 162 22.77 8.65 -7.44
CA ILE H 162 22.94 9.59 -6.34
C ILE H 162 21.73 9.67 -5.42
N ASP H 163 20.61 9.05 -5.80
CA ASP H 163 19.45 9.05 -4.92
C ASP H 163 19.70 8.26 -3.65
N SER H 164 20.61 7.27 -3.69
CA SER H 164 20.91 6.51 -2.49
C SER H 164 21.77 7.31 -1.53
N PHE H 165 22.78 8.02 -2.05
CA PHE H 165 23.60 8.86 -1.19
C PHE H 165 22.82 10.05 -0.67
N LEU H 166 22.11 10.74 -1.54
CA LEU H 166 21.39 11.96 -1.19
C LEU H 166 19.93 11.70 -0.90
N ARG H 167 19.61 10.53 -0.35
CA ARG H 167 18.22 10.22 -0.02
C ARG H 167 17.70 11.18 1.04
N GLU H 168 16.37 11.31 1.09
CA GLU H 168 15.74 12.23 2.02
C GLU H 168 16.08 11.86 3.45
N ARG H 169 16.55 12.84 4.21
CA ARG H 169 16.97 12.60 5.58
C ARG H 169 15.78 12.23 6.44
N SER H 170 15.99 11.29 7.36
CA SER H 170 14.91 10.79 8.19
C SER H 170 15.50 10.33 9.52
N SER H 171 14.62 10.08 10.48
CA SER H 171 15.04 9.57 11.77
C SER H 171 15.49 8.12 11.70
N THR H 172 14.95 7.36 10.74
CA THR H 172 15.32 5.96 10.58
C THR H 172 16.72 5.79 10.04
N ASP H 173 17.31 6.85 9.49
CA ASP H 173 18.69 6.79 9.01
C ASP H 173 19.66 6.62 10.17
N HIS H 174 20.79 5.98 9.90
CA HIS H 174 21.83 5.82 10.90
C HIS H 174 22.40 7.16 11.31
N GLU H 175 23.06 7.18 12.46
CA GLU H 175 23.77 8.38 12.88
C GLU H 175 24.87 8.73 11.89
N VAL H 176 25.59 7.72 11.41
CA VAL H 176 26.70 7.97 10.49
C VAL H 176 26.19 8.38 9.11
N THR H 177 25.04 7.85 8.67
CA THR H 177 24.49 8.28 7.39
C THR H 177 24.01 9.73 7.46
N ALA H 178 23.35 10.10 8.54
CA ALA H 178 22.91 11.49 8.71
C ALA H 178 24.10 12.43 8.80
N THR H 179 25.15 12.02 9.52
CA THR H 179 26.35 12.83 9.60
C THR H 179 27.03 12.95 8.25
N LEU H 180 27.03 11.87 7.47
CA LEU H 180 27.60 11.91 6.13
C LEU H 180 26.84 12.87 5.24
N LYS H 181 25.51 12.79 5.26
CA LYS H 181 24.69 13.67 4.43
C LYS H 181 24.86 15.12 4.83
N ALA H 182 24.92 15.40 6.14
CA ALA H 182 25.10 16.77 6.58
C ALA H 182 26.48 17.30 6.26
N GLU H 183 27.50 16.44 6.33
CA GLU H 183 28.86 16.84 5.99
C GLU H 183 28.95 17.13 4.50
N PHE H 184 28.30 16.31 3.69
CA PHE H 184 28.26 16.55 2.25
C PHE H 184 27.52 17.84 1.92
N MET H 185 26.41 18.12 2.63
CA MET H 185 25.70 19.37 2.41
C MET H 185 26.52 20.57 2.82
N THR H 186 27.30 20.42 3.90
CA THR H 186 28.14 21.52 4.37
C THR H 186 29.26 21.82 3.38
N LEU H 187 29.96 20.79 2.91
CA LEU H 187 31.06 21.05 1.99
C LEU H 187 30.59 21.41 0.59
N TRP H 188 29.43 20.91 0.18
CA TRP H 188 28.93 21.18 -1.15
C TRP H 188 28.63 22.66 -1.33
N ASP H 189 27.96 23.26 -0.35
CA ASP H 189 27.67 24.70 -0.37
C ASP H 189 27.62 25.17 1.08
N GLY H 190 28.73 25.71 1.54
CA GLY H 190 28.82 26.23 2.89
C GLY H 190 29.83 27.34 2.95
N LEU H 191 30.34 27.57 4.15
CA LEU H 191 31.50 28.43 4.29
C LEU H 191 32.71 27.78 3.62
N LEU H 192 33.66 28.62 3.19
CA LEU H 192 34.84 28.19 2.45
C LEU H 192 34.43 27.41 1.20
N ASN H 193 33.81 28.13 0.27
CA ASN H 193 33.24 27.51 -0.92
C ASN H 193 34.31 26.90 -1.81
N ASN H 194 33.88 25.94 -2.63
CA ASN H 194 34.78 25.18 -3.48
C ASN H 194 35.26 26.03 -4.64
N GLY H 195 36.22 25.49 -5.38
CA GLY H 195 36.71 26.15 -6.58
C GLY H 195 35.85 25.79 -7.76
N ARG H 196 36.47 25.30 -8.83
CA ARG H 196 35.72 24.83 -9.99
C ARG H 196 35.34 23.37 -9.79
N VAL H 197 34.68 23.06 -8.68
CA VAL H 197 34.28 21.71 -8.33
C VAL H 197 32.78 21.59 -8.57
N MET H 198 32.39 20.60 -9.35
CA MET H 198 30.99 20.36 -9.66
C MET H 198 30.67 18.90 -9.36
N ILE H 199 29.59 18.67 -8.63
CA ILE H 199 29.15 17.32 -8.30
C ILE H 199 28.08 16.95 -9.32
N ILE H 200 28.42 16.05 -10.23
CA ILE H 200 27.48 15.58 -11.23
C ILE H 200 26.82 14.32 -10.69
N GLY H 201 25.50 14.28 -10.73
CA GLY H 201 24.75 13.14 -10.26
C GLY H 201 23.94 12.53 -11.38
N ALA H 202 23.80 11.22 -11.34
CA ALA H 202 22.91 10.51 -12.25
C ALA H 202 21.99 9.64 -11.41
N THR H 203 20.71 9.61 -11.75
CA THR H 203 19.76 8.86 -10.95
C THR H 203 18.55 8.50 -11.77
N ASN H 204 17.77 7.56 -11.26
CA ASN H 204 16.46 7.23 -11.80
C ASN H 204 15.32 7.75 -10.93
N ARG H 205 15.55 7.88 -9.63
CA ARG H 205 14.56 8.33 -8.69
C ARG H 205 14.97 9.70 -8.17
N ILE H 206 14.59 10.75 -8.91
CA ILE H 206 14.90 12.11 -8.50
C ILE H 206 14.12 12.48 -7.25
N ASN H 207 12.89 11.97 -7.12
CA ASN H 207 12.05 12.31 -5.98
C ASN H 207 12.63 11.78 -4.68
N ASP H 208 13.48 10.76 -4.75
CA ASP H 208 14.10 10.22 -3.54
C ASP H 208 15.19 11.13 -3.01
N ILE H 209 15.68 12.07 -3.80
CA ILE H 209 16.75 12.96 -3.36
C ILE H 209 16.20 13.99 -2.39
N ASP H 210 17.00 14.31 -1.37
CA ASP H 210 16.62 15.30 -0.37
C ASP H 210 16.44 16.67 -1.01
N ASP H 211 15.58 17.48 -0.37
CA ASP H 211 15.24 18.79 -0.94
C ASP H 211 16.45 19.70 -1.01
N ALA H 212 17.27 19.72 0.04
CA ALA H 212 18.47 20.55 0.04
C ALA H 212 19.50 20.02 -0.93
N PHE H 213 19.60 18.70 -1.04
CA PHE H 213 20.51 18.10 -2.02
C PHE H 213 20.07 18.42 -3.44
N LEU H 214 18.77 18.39 -3.71
CA LEU H 214 18.25 18.82 -5.00
C LEU H 214 18.53 20.30 -5.24
N ARG H 215 18.47 21.10 -4.18
CA ARG H 215 18.81 22.51 -4.30
C ARG H 215 20.26 22.70 -4.72
N ARG H 216 21.15 21.84 -4.21
CA ARG H 216 22.55 21.90 -4.57
C ARG H 216 22.84 21.34 -5.95
N LEU H 217 21.85 20.74 -6.61
CA LEU H 217 21.98 20.31 -8.00
C LEU H 217 21.09 21.20 -8.86
N PRO H 218 21.53 22.41 -9.20
CA PRO H 218 20.63 23.36 -9.86
C PRO H 218 20.36 23.00 -11.31
N LYS H 219 21.40 22.64 -12.05
CA LYS H 219 21.28 22.31 -13.46
C LYS H 219 20.88 20.84 -13.59
N ARG H 220 19.63 20.59 -13.94
CA ARG H 220 19.11 19.24 -14.05
C ARG H 220 18.81 18.93 -15.50
N PHE H 221 19.27 17.77 -15.97
CA PHE H 221 19.02 17.29 -17.31
C PHE H 221 18.11 16.09 -17.23
N LEU H 222 16.99 16.13 -17.93
CA LEU H 222 16.06 15.01 -17.99
C LEU H 222 16.40 14.20 -19.24
N VAL H 223 17.06 13.07 -19.03
CA VAL H 223 17.37 12.14 -20.14
C VAL H 223 16.19 11.19 -20.21
N SER H 224 15.16 11.62 -20.93
CA SER H 224 13.92 10.85 -21.02
C SER H 224 14.05 9.76 -22.07
N LEU H 225 12.99 8.97 -22.21
CA LEU H 225 12.98 7.88 -23.17
C LEU H 225 13.05 8.46 -24.59
N PRO H 226 13.76 7.81 -25.51
CA PRO H 226 13.91 8.37 -26.85
C PRO H 226 12.61 8.41 -27.63
N GLY H 227 12.48 9.46 -28.44
CA GLY H 227 11.41 9.54 -29.41
C GLY H 227 11.77 8.74 -30.65
N SER H 228 10.94 8.89 -31.68
CA SER H 228 11.16 8.13 -32.91
C SER H 228 12.45 8.54 -33.60
N ASP H 229 12.67 9.86 -33.74
CA ASP H 229 13.89 10.33 -34.38
C ASP H 229 15.11 10.10 -33.50
N GLN H 230 14.94 10.24 -32.17
CA GLN H 230 16.02 9.91 -31.26
C GLN H 230 16.33 8.43 -31.30
N ARG H 231 15.32 7.58 -31.46
CA ARG H 231 15.58 6.15 -31.60
C ARG H 231 16.34 5.90 -32.89
N TYR H 232 15.93 6.58 -33.96
CA TYR H 232 16.65 6.42 -35.23
C TYR H 232 18.11 6.79 -35.07
N LYS H 233 18.40 7.89 -34.36
CA LYS H 233 19.78 8.31 -34.17
C LYS H 233 20.54 7.31 -33.29
N ILE H 234 19.90 6.78 -32.25
CA ILE H 234 20.55 5.80 -31.38
C ILE H 234 20.85 4.53 -32.15
N LEU H 235 19.89 4.06 -32.95
CA LEU H 235 20.11 2.85 -33.75
C LEU H 235 21.21 3.09 -34.79
N SER H 236 21.27 4.29 -35.36
CA SER H 236 22.34 4.61 -36.30
C SER H 236 23.70 4.59 -35.61
N VAL H 237 23.76 5.09 -34.37
CA VAL H 237 25.03 5.11 -33.64
C VAL H 237 25.45 3.70 -33.25
N LEU H 238 24.50 2.90 -32.73
CA LEU H 238 24.82 1.54 -32.30
C LEU H 238 25.21 0.65 -33.46
N LEU H 239 24.74 0.94 -34.66
CA LEU H 239 25.04 0.16 -35.84
C LEU H 239 26.15 0.76 -36.67
N LYS H 240 26.95 1.62 -36.04
CA LYS H 240 28.11 2.17 -36.73
C LYS H 240 29.07 1.03 -36.95
N ASP H 241 30.02 1.21 -37.86
CA ASP H 241 30.99 0.18 -38.25
C ASP H 241 30.39 -1.23 -38.23
N THR H 242 29.15 -1.33 -38.69
CA THR H 242 28.47 -2.62 -38.83
C THR H 242 27.88 -2.68 -40.23
N LYS H 243 28.10 -3.79 -40.92
CA LYS H 243 27.65 -3.91 -42.31
C LYS H 243 26.13 -4.00 -42.36
N LEU H 244 25.53 -3.13 -43.17
CA LEU H 244 24.10 -3.07 -43.34
C LEU H 244 23.75 -3.17 -44.82
N ASP H 245 22.65 -3.86 -45.11
CA ASP H 245 22.24 -4.04 -46.51
C ASP H 245 21.83 -2.70 -47.12
N GLU H 246 22.19 -2.51 -48.38
CA GLU H 246 21.94 -1.23 -49.04
C GLU H 246 20.46 -1.01 -49.29
N ASP H 247 19.73 -2.07 -49.64
CA ASP H 247 18.31 -1.96 -49.95
C ASP H 247 17.42 -2.65 -48.94
N GLU H 248 17.87 -3.76 -48.34
CA GLU H 248 17.03 -4.50 -47.42
C GLU H 248 16.90 -3.80 -46.07
N PHE H 249 17.96 -3.15 -45.60
CA PHE H 249 17.95 -2.55 -44.28
C PHE H 249 17.16 -1.24 -44.28
N ASP H 250 16.14 -1.17 -43.42
CA ASP H 250 15.29 0.01 -43.28
C ASP H 250 15.35 0.43 -41.81
N LEU H 251 16.22 1.41 -41.52
CA LEU H 251 16.41 1.83 -40.13
C LEU H 251 15.21 2.59 -39.60
N GLN H 252 14.50 3.32 -40.46
CA GLN H 252 13.34 4.08 -40.00
C GLN H 252 12.22 3.15 -39.55
N LEU H 253 12.07 2.01 -40.22
CA LEU H 253 11.08 1.03 -39.78
C LEU H 253 11.40 0.47 -38.41
N ILE H 254 12.67 0.18 -38.15
CA ILE H 254 13.08 -0.34 -36.86
C ILE H 254 12.94 0.72 -35.78
N ALA H 255 13.23 1.98 -36.11
CA ALA H 255 13.04 3.06 -35.16
C ALA H 255 11.57 3.27 -34.82
N ASP H 256 10.70 3.19 -35.83
CA ASP H 256 9.28 3.41 -35.59
C ASP H 256 8.62 2.22 -34.88
N ASN H 257 9.13 1.02 -35.08
CA ASN H 257 8.54 -0.17 -34.48
C ASN H 257 9.11 -0.50 -33.10
N THR H 258 10.15 0.20 -32.67
CA THR H 258 10.69 0.01 -31.32
C THR H 258 10.11 1.05 -30.35
N LYS H 259 8.79 1.06 -30.25
CA LYS H 259 8.12 2.01 -29.39
C LYS H 259 8.39 1.69 -27.92
N GLY H 260 8.67 2.72 -27.13
CA GLY H 260 8.95 2.54 -25.73
C GLY H 260 10.30 1.95 -25.41
N PHE H 261 11.15 1.80 -26.41
CA PHE H 261 12.47 1.20 -26.24
C PHE H 261 13.43 2.27 -25.72
N SER H 262 14.24 1.90 -24.75
CA SER H 262 15.32 2.75 -24.28
C SER H 262 16.58 2.47 -25.10
N GLY H 263 17.64 3.21 -24.84
CA GLY H 263 18.89 2.98 -25.55
C GLY H 263 19.50 1.63 -25.22
N SER H 264 19.36 1.18 -23.98
CA SER H 264 19.84 -0.14 -23.60
C SER H 264 19.03 -1.24 -24.29
N ASP H 265 17.71 -1.05 -24.39
CA ASP H 265 16.88 -2.00 -25.10
C ASP H 265 17.27 -2.06 -26.57
N LEU H 266 17.61 -0.91 -27.16
CA LEU H 266 18.07 -0.91 -28.54
C LEU H 266 19.43 -1.59 -28.67
N LYS H 267 20.28 -1.45 -27.67
CA LYS H 267 21.59 -2.10 -27.69
C LYS H 267 21.40 -3.60 -27.67
N GLU H 268 20.54 -4.07 -26.79
CA GLU H 268 20.28 -5.51 -26.69
C GLU H 268 19.63 -6.03 -27.97
N LEU H 269 18.70 -5.26 -28.54
CA LEU H 269 18.09 -5.66 -29.81
C LEU H 269 19.11 -5.74 -30.92
N CYS H 270 20.02 -4.76 -30.99
CA CYS H 270 21.06 -4.77 -32.01
C CYS H 270 22.01 -5.94 -31.82
N ARG H 271 22.36 -6.24 -30.57
CA ARG H 271 23.23 -7.38 -30.30
C ARG H 271 22.57 -8.69 -30.71
N GLU H 272 21.29 -8.86 -30.35
CA GLU H 272 20.57 -10.08 -30.71
C GLU H 272 20.40 -10.20 -32.21
N ALA H 273 20.10 -9.09 -32.89
CA ALA H 273 19.93 -9.12 -34.33
C ALA H 273 21.24 -9.44 -35.03
N ALA H 274 22.34 -8.85 -34.56
CA ALA H 274 23.64 -9.17 -35.14
C ALA H 274 23.97 -10.64 -34.93
N LEU H 275 23.69 -11.17 -33.74
CA LEU H 275 23.97 -12.58 -33.46
C LEU H 275 23.15 -13.49 -34.37
N ASP H 276 21.85 -13.20 -34.52
CA ASP H 276 20.99 -14.02 -35.38
C ASP H 276 21.42 -13.92 -36.83
N ALA H 277 21.81 -12.73 -37.29
CA ALA H 277 22.24 -12.57 -38.67
C ALA H 277 23.56 -13.27 -38.94
N ALA H 278 24.47 -13.27 -37.96
CA ALA H 278 25.80 -13.82 -38.15
C ALA H 278 25.94 -15.22 -37.59
N LYS H 279 24.82 -15.86 -37.25
CA LYS H 279 24.85 -17.20 -36.66
C LYS H 279 25.50 -18.19 -37.62
N GLU H 280 25.13 -18.12 -38.88
CA GLU H 280 25.68 -19.06 -39.88
C GLU H 280 27.19 -18.89 -40.00
N TYR H 281 27.66 -17.65 -40.08
CA TYR H 281 29.10 -17.39 -40.17
C TYR H 281 29.81 -17.83 -38.90
N ILE H 282 29.19 -17.61 -37.74
CA ILE H 282 29.82 -17.95 -36.47
C ILE H 282 29.93 -19.47 -36.32
N LYS H 283 28.88 -20.20 -36.72
CA LYS H 283 28.95 -21.65 -36.71
C LYS H 283 30.00 -22.17 -37.69
N GLN H 284 30.09 -21.53 -38.86
CA GLN H 284 31.11 -21.92 -39.83
C GLN H 284 32.52 -21.69 -39.28
N LYS H 285 32.72 -20.58 -38.58
CA LYS H 285 34.03 -20.30 -37.99
C LYS H 285 34.33 -21.26 -36.85
N ARG H 286 33.33 -21.57 -36.04
CA ARG H 286 33.52 -22.50 -34.92
C ARG H 286 33.87 -23.90 -35.40
N GLN H 287 33.18 -24.38 -36.45
CA GLN H 287 33.45 -25.71 -36.98
C GLN H 287 34.74 -25.78 -37.79
N LEU H 288 35.36 -24.64 -38.11
CA LEU H 288 36.60 -24.63 -38.87
C LEU H 288 37.78 -24.27 -37.98
N LEU H 302 33.54 -16.44 -44.48
CA LEU H 302 34.09 -15.26 -45.13
C LEU H 302 33.99 -14.05 -44.23
N LYS H 303 32.78 -13.48 -44.17
CA LYS H 303 32.52 -12.31 -43.35
C LYS H 303 31.11 -12.39 -42.80
N ILE H 304 30.80 -11.49 -41.86
CA ILE H 304 29.46 -11.41 -41.31
C ILE H 304 28.51 -10.94 -42.39
N ARG H 305 27.33 -11.56 -42.43
CA ARG H 305 26.33 -11.15 -43.40
C ARG H 305 25.85 -9.74 -43.06
N PRO H 306 25.69 -8.85 -44.05
CA PRO H 306 25.17 -7.52 -43.75
C PRO H 306 23.78 -7.60 -43.16
N LEU H 307 23.51 -6.73 -42.19
CA LEU H 307 22.27 -6.78 -41.44
C LEU H 307 21.12 -6.29 -42.29
N LYS H 308 19.99 -6.99 -42.23
CA LYS H 308 18.78 -6.60 -42.93
C LYS H 308 17.73 -6.09 -41.94
N THR H 309 16.64 -5.56 -42.50
CA THR H 309 15.49 -5.21 -41.68
C THR H 309 14.87 -6.47 -41.06
N LYS H 310 14.86 -7.55 -41.83
CA LYS H 310 14.24 -8.80 -41.39
C LYS H 310 14.88 -9.32 -40.10
N ASP H 311 16.21 -9.21 -39.99
CA ASP H 311 16.89 -9.69 -38.79
C ASP H 311 16.40 -8.98 -37.55
N PHE H 312 16.19 -7.67 -37.64
CA PHE H 312 15.66 -6.92 -36.50
C PHE H 312 14.18 -7.21 -36.28
N THR H 313 13.43 -7.47 -37.35
CA THR H 313 12.00 -7.71 -37.18
C THR H 313 11.68 -9.11 -36.66
N LYS H 314 12.62 -10.07 -36.72
CA LYS H 314 12.39 -11.33 -36.01
C LYS H 314 12.30 -11.10 -34.51
N LYS H 315 13.24 -10.35 -33.95
CA LYS H 315 13.24 -10.10 -32.52
C LYS H 315 12.16 -9.11 -32.11
N LEU H 316 11.65 -8.33 -33.06
CA LEU H 316 10.73 -7.27 -32.74
C LEU H 316 9.33 -7.83 -32.47
N ARG H 317 8.63 -7.18 -31.56
CA ARG H 317 7.27 -7.55 -31.21
C ARG H 317 6.23 -6.70 -31.91
N MET H 318 6.66 -5.88 -32.87
CA MET H 318 5.80 -4.94 -33.60
C MET H 318 4.99 -4.05 -32.68
N GLY I 9 44.59 15.96 12.78
CA GLY I 9 45.21 16.80 11.77
C GLY I 9 46.73 16.80 11.84
N LYS I 10 47.32 15.64 11.58
CA LYS I 10 48.77 15.47 11.62
C LYS I 10 49.42 15.69 10.26
N SER I 11 48.66 15.92 9.21
CA SER I 11 49.22 16.11 7.89
C SER I 11 49.92 17.47 7.79
N ARG I 12 50.83 17.59 6.81
CA ARG I 12 51.58 18.82 6.64
C ARG I 12 50.68 19.97 6.19
N GLU I 13 49.69 19.67 5.34
CA GLU I 13 48.74 20.71 4.92
C GLU I 13 47.93 21.22 6.10
N SER I 14 47.53 20.32 7.01
CA SER I 14 46.82 20.73 8.20
C SER I 14 47.67 21.62 9.09
N LYS I 15 48.95 21.28 9.23
CA LYS I 15 49.86 22.09 10.05
C LYS I 15 50.08 23.46 9.41
N ALA I 16 50.20 23.51 8.08
CA ALA I 16 50.34 24.79 7.40
C ALA I 16 49.09 25.65 7.57
N LYS I 17 47.91 25.03 7.47
CA LYS I 17 46.67 25.76 7.69
C LYS I 17 46.58 26.27 9.12
N GLN I 18 47.02 25.46 10.10
CA GLN I 18 47.04 25.91 11.49
C GLN I 18 47.97 27.09 11.68
N SER I 19 49.16 27.04 11.07
CA SER I 19 50.09 28.16 11.17
C SER I 19 49.51 29.42 10.55
N LEU I 20 48.86 29.29 9.39
CA LEU I 20 48.26 30.45 8.73
C LEU I 20 47.12 31.02 9.55
N GLN I 21 46.28 30.16 10.13
CA GLN I 21 45.17 30.65 10.95
C GLN I 21 45.67 31.34 12.20
N TRP I 22 46.71 30.78 12.83
CA TRP I 22 47.27 31.42 14.01
C TRP I 22 47.91 32.76 13.67
N GLU I 23 48.58 32.85 12.52
CA GLU I 23 49.15 34.12 12.08
C GLU I 23 48.06 35.15 11.84
N LYS I 24 46.97 34.75 11.18
CA LYS I 24 45.88 35.68 10.92
C LYS I 24 45.20 36.13 12.21
N LEU I 25 45.00 35.21 13.15
CA LEU I 25 44.38 35.56 14.42
C LEU I 25 45.27 36.50 15.23
N VAL I 26 46.59 36.28 15.21
CA VAL I 26 47.51 37.15 15.92
C VAL I 26 47.53 38.54 15.27
N LYS I 27 47.52 38.59 13.94
CA LYS I 27 47.50 39.88 13.25
C LYS I 27 46.21 40.65 13.54
N ARG I 28 45.08 39.94 13.60
CA ARG I 28 43.82 40.59 13.95
C ARG I 28 43.81 41.05 15.40
N SER I 29 44.17 40.16 16.31
CA SER I 29 44.19 40.47 17.74
C SER I 29 45.60 40.28 18.28
N PRO I 30 46.34 41.36 18.52
CA PRO I 30 47.73 41.22 18.98
C PRO I 30 47.88 40.53 20.33
N ALA I 31 46.89 40.66 21.23
CA ALA I 31 46.99 40.08 22.56
C ALA I 31 46.92 38.56 22.55
N LEU I 32 46.56 37.94 21.43
CA LEU I 32 46.49 36.49 21.33
C LEU I 32 47.86 35.83 21.35
N ALA I 33 48.93 36.59 21.20
CA ALA I 33 50.27 36.02 21.23
C ALA I 33 50.61 35.57 22.65
N GLU I 34 51.62 34.70 22.73
CA GLU I 34 52.11 34.13 23.99
C GLU I 34 50.99 33.40 24.74
N VAL I 35 50.16 32.67 23.99
CA VAL I 35 49.08 31.87 24.55
C VAL I 35 49.31 30.42 24.13
N THR I 36 49.36 29.52 25.11
CA THR I 36 49.55 28.11 24.82
C THR I 36 48.30 27.50 24.21
N LEU I 37 48.50 26.54 23.31
CA LEU I 37 47.39 25.81 22.70
C LEU I 37 47.66 24.32 22.76
N ASP I 38 46.64 23.55 23.09
CA ASP I 38 46.70 22.09 23.08
C ASP I 38 46.87 21.58 21.66
N ALA I 39 47.30 20.32 21.55
CA ALA I 39 47.37 19.67 20.25
C ALA I 39 46.00 19.56 19.62
N TYR I 40 44.99 19.17 20.40
CA TYR I 40 43.62 19.20 19.91
C TYR I 40 43.13 20.64 19.71
N GLU I 41 43.66 21.58 20.49
CA GLU I 41 43.32 22.99 20.26
C GLU I 41 43.86 23.47 18.93
N ARG I 42 45.07 23.06 18.57
CA ARG I 42 45.56 23.37 17.22
C ARG I 42 44.75 22.64 16.16
N THR I 43 44.32 21.41 16.45
CA THR I 43 43.52 20.65 15.50
C THR I 43 42.20 21.35 15.22
N ILE I 44 41.57 21.94 16.23
CA ILE I 44 40.31 22.61 15.98
C ILE I 44 40.57 24.02 15.44
N LEU I 45 41.72 24.61 15.76
CA LEU I 45 42.08 25.89 15.15
C LEU I 45 42.29 25.75 13.65
N SER I 46 42.59 24.54 13.19
CA SER I 46 42.63 24.27 11.75
C SER I 46 41.27 24.53 11.10
N SER I 47 40.18 24.50 11.87
CA SER I 47 38.83 24.72 11.36
C SER I 47 38.38 26.17 11.47
N ILE I 48 39.27 27.09 11.82
CA ILE I 48 38.91 28.49 12.02
C ILE I 48 38.96 29.22 10.68
N VAL I 49 37.89 29.96 10.37
CA VAL I 49 37.85 30.78 9.17
C VAL I 49 38.16 32.22 9.55
N THR I 50 38.54 33.00 8.55
CA THR I 50 38.94 34.39 8.71
C THR I 50 38.15 35.23 7.72
N PRO I 51 38.01 36.54 7.98
CA PRO I 51 37.31 37.40 7.02
C PRO I 51 37.97 37.45 5.65
N ASP I 52 39.26 37.16 5.56
CA ASP I 52 39.95 37.16 4.27
C ASP I 52 39.44 36.03 3.37
N GLU I 53 39.17 34.86 3.96
CA GLU I 53 38.71 33.72 3.17
C GLU I 53 37.31 33.95 2.63
N ILE I 54 36.41 34.49 3.45
CA ILE I 54 35.03 34.68 3.05
C ILE I 54 34.91 35.93 2.19
N ASN I 55 34.25 35.79 1.04
CA ASN I 55 34.09 36.91 0.10
C ASN I 55 32.64 37.37 0.00
N ILE I 56 31.81 37.07 1.00
CA ILE I 56 30.42 37.49 1.02
C ILE I 56 30.25 38.54 2.11
N THR I 57 29.75 39.72 1.77
CA THR I 57 29.48 40.72 2.81
C THR I 57 28.00 40.73 3.13
N PHE I 58 27.60 41.46 4.16
CA PHE I 58 26.17 41.57 4.51
C PHE I 58 25.39 42.22 3.38
N GLN I 59 26.00 43.22 2.74
CA GLN I 59 25.33 43.92 1.65
C GLN I 59 25.04 43.00 0.46
N ASP I 60 25.78 41.90 0.36
CA ASP I 60 25.54 40.95 -0.73
C ASP I 60 24.35 40.05 -0.46
N ILE I 61 23.62 40.27 0.62
CA ILE I 61 22.41 39.53 0.96
C ILE I 61 21.23 40.46 0.77
N GLY I 62 20.30 40.06 -0.08
CA GLY I 62 19.11 40.85 -0.36
C GLY I 62 17.87 40.16 0.17
N GLY I 63 16.83 40.94 0.44
CA GLY I 63 15.56 40.41 0.87
C GLY I 63 15.51 39.98 2.31
N LEU I 64 16.57 40.23 3.09
CA LEU I 64 16.59 39.84 4.49
C LEU I 64 16.98 41.00 5.40
N ASP I 65 16.89 42.23 4.90
CA ASP I 65 17.36 43.39 5.65
C ASP I 65 16.72 43.57 7.03
N PRO I 66 15.40 43.37 7.22
CA PRO I 66 14.91 43.32 8.61
C PRO I 66 15.56 42.24 9.44
N LEU I 67 15.78 41.07 8.87
CA LEU I 67 16.48 40.00 9.60
C LEU I 67 17.94 40.40 9.80
N ILE I 68 18.54 41.02 8.80
CA ILE I 68 19.93 41.47 8.95
C ILE I 68 20.06 42.40 10.15
N SER I 69 19.15 43.37 10.26
CA SER I 69 19.20 44.31 11.38
C SER I 69 18.86 43.64 12.70
N ASP I 70 17.91 42.71 12.69
CA ASP I 70 17.59 41.96 13.90
C ASP I 70 18.79 41.15 14.37
N LEU I 71 19.45 40.46 13.45
CA LEU I 71 20.64 39.68 13.78
C LEU I 71 21.75 40.59 14.29
N HIS I 72 21.94 41.74 13.64
CA HIS I 72 22.92 42.73 14.07
C HIS I 72 22.68 43.13 15.52
N GLU I 73 21.53 43.77 15.77
CA GLU I 73 21.24 44.34 17.08
C GLU I 73 21.08 43.29 18.17
N SER I 74 20.78 42.04 17.83
CA SER I 74 20.57 41.02 18.84
C SER I 74 21.74 40.07 19.03
N VAL I 75 22.70 40.04 18.11
CA VAL I 75 23.79 39.07 18.19
C VAL I 75 25.13 39.78 18.10
N ILE I 76 25.32 40.60 17.06
CA ILE I 76 26.67 41.06 16.74
C ILE I 76 27.08 42.20 17.65
N TYR I 77 26.26 43.24 17.73
CA TYR I 77 26.54 44.35 18.64
C TYR I 77 26.61 43.93 20.10
N PRO I 78 25.72 43.08 20.63
CA PRO I 78 25.94 42.58 22.00
C PRO I 78 27.22 41.78 22.15
N LEU I 79 27.66 41.09 21.10
CA LEU I 79 28.87 40.27 21.21
C LEU I 79 30.13 41.13 21.31
N MET I 80 30.25 42.15 20.45
CA MET I 80 31.45 42.98 20.43
C MET I 80 31.34 44.22 21.28
N MET I 81 30.13 44.71 21.55
CA MET I 81 29.97 45.79 22.51
C MET I 81 29.26 45.23 23.75
N PRO I 82 29.97 44.55 24.65
CA PRO I 82 29.28 43.96 25.80
C PRO I 82 28.96 44.97 26.88
N GLU I 83 29.76 46.03 26.99
CA GLU I 83 29.53 47.05 28.01
C GLU I 83 28.27 47.84 27.73
N VAL I 84 27.92 47.98 26.46
CA VAL I 84 26.71 48.71 26.07
C VAL I 84 25.46 47.92 26.46
N TYR I 85 25.48 46.61 26.26
CA TYR I 85 24.33 45.76 26.51
C TYR I 85 24.42 44.99 27.82
N SER I 86 25.37 45.36 28.70
CA SER I 86 25.49 44.66 29.97
C SER I 86 24.41 45.07 30.95
N ASN I 87 23.81 46.24 30.76
CA ASN I 87 22.79 46.73 31.69
C ASN I 87 21.55 45.85 31.66
N SER I 88 21.10 45.46 30.46
CA SER I 88 19.93 44.62 30.32
C SER I 88 20.34 43.23 29.87
N PRO I 89 20.07 42.19 30.65
CA PRO I 89 20.46 40.83 30.22
C PRO I 89 19.68 40.33 29.01
N LEU I 90 18.49 40.88 28.77
CA LEU I 90 17.67 40.40 27.66
C LEU I 90 18.21 40.87 26.32
N LEU I 91 18.92 42.01 26.30
CA LEU I 91 19.54 42.51 25.09
C LEU I 91 20.95 41.98 24.88
N GLN I 92 21.42 41.09 25.75
CA GLN I 92 22.76 40.54 25.62
C GLN I 92 22.80 39.47 24.54
N ALA I 93 24.02 39.06 24.19
CA ALA I 93 24.23 38.09 23.12
C ALA I 93 23.81 36.70 23.57
N PRO I 94 22.89 36.04 22.88
CA PRO I 94 22.46 34.71 23.29
C PRO I 94 23.58 33.69 23.13
N SER I 95 23.56 32.68 24.00
CA SER I 95 24.52 31.59 23.87
C SER I 95 24.25 30.75 22.64
N GLY I 96 22.98 30.44 22.38
CA GLY I 96 22.62 29.67 21.22
C GLY I 96 21.82 30.47 20.21
N VAL I 97 22.30 30.51 18.97
CA VAL I 97 21.61 31.20 17.90
C VAL I 97 21.39 30.20 16.77
N LEU I 98 20.14 30.10 16.31
CA LEU I 98 19.79 29.18 15.25
C LEU I 98 19.32 29.96 14.04
N LEU I 99 19.84 29.61 12.87
CA LEU I 99 19.39 30.14 11.59
C LEU I 99 18.72 28.98 10.86
N TYR I 100 17.44 28.77 11.12
CA TYR I 100 16.69 27.67 10.53
C TYR I 100 15.73 28.19 9.47
N GLY I 101 15.50 27.37 8.46
CA GLY I 101 14.62 27.74 7.38
C GLY I 101 14.72 26.75 6.23
N PRO I 102 13.87 26.91 5.22
CA PRO I 102 13.95 26.01 4.07
C PRO I 102 15.26 26.20 3.33
N PRO I 103 15.75 25.15 2.68
CA PRO I 103 17.01 25.28 1.93
C PRO I 103 16.87 26.23 0.75
N GLY I 104 17.91 27.03 0.51
CA GLY I 104 17.88 27.97 -0.59
C GLY I 104 17.94 29.40 -0.10
N CYS I 105 17.21 29.69 0.97
CA CYS I 105 17.23 31.02 1.56
C CYS I 105 18.59 31.19 2.15
N GLY I 106 19.08 32.42 2.27
CA GLY I 106 20.46 32.56 2.69
C GLY I 106 20.86 32.44 4.14
N LYS I 107 20.80 31.21 4.67
CA LYS I 107 21.24 30.98 6.03
C LYS I 107 22.74 30.94 6.09
N THR I 108 23.39 30.18 5.21
CA THR I 108 24.86 30.19 5.18
C THR I 108 25.36 31.50 4.63
N MET I 109 24.62 32.13 3.73
CA MET I 109 24.99 33.47 3.30
C MET I 109 25.07 34.32 4.55
N LEU I 110 24.04 34.30 5.38
CA LEU I 110 24.07 35.00 6.64
C LEU I 110 25.28 34.59 7.47
N ALA I 111 25.58 33.29 7.50
CA ALA I 111 26.74 32.81 8.24
C ALA I 111 28.05 33.35 7.68
N LYS I 112 28.18 33.38 6.35
CA LYS I 112 29.39 33.90 5.74
C LYS I 112 29.56 35.39 5.98
N ALA I 113 28.49 36.16 5.83
CA ALA I 113 28.55 37.60 6.08
C ALA I 113 28.84 37.88 7.55
N LEU I 114 28.30 37.05 8.43
CA LEU I 114 28.59 37.16 9.86
C LEU I 114 30.04 36.83 10.15
N ALA I 115 30.59 35.84 9.44
CA ALA I 115 32.01 35.52 9.59
C ALA I 115 32.91 36.62 9.04
N LYS I 116 32.40 37.40 8.09
CA LYS I 116 33.22 38.46 7.49
C LYS I 116 33.00 39.81 8.16
N GLU I 117 31.75 40.27 8.22
CA GLU I 117 31.48 41.63 8.68
C GLU I 117 31.59 41.79 10.18
N SER I 118 31.15 40.79 10.97
CA SER I 118 31.18 40.94 12.41
C SER I 118 32.60 41.03 12.94
N GLY I 119 33.50 40.21 12.41
CA GLY I 119 34.88 40.22 12.83
C GLY I 119 35.21 39.35 14.01
N ALA I 120 34.26 38.57 14.51
CA ALA I 120 34.52 37.65 15.61
C ALA I 120 35.35 36.48 15.11
N ASN I 121 36.07 35.85 16.04
CA ASN I 121 36.81 34.64 15.73
C ASN I 121 35.81 33.54 15.39
N PHE I 122 35.74 33.19 14.12
CA PHE I 122 34.71 32.29 13.60
C PHE I 122 35.26 30.88 13.53
N ILE I 123 34.74 29.99 14.37
CA ILE I 123 35.13 28.59 14.37
C ILE I 123 34.05 27.83 13.62
N SER I 124 34.23 27.67 12.32
CA SER I 124 33.30 26.86 11.53
C SER I 124 33.53 25.39 11.82
N ILE I 125 32.47 24.66 12.12
CA ILE I 125 32.55 23.28 12.55
C ILE I 125 32.08 22.36 11.44
N ARG I 126 32.90 21.39 11.10
CA ARG I 126 32.50 20.25 10.29
C ARG I 126 32.68 19.01 11.14
N MET I 127 31.71 18.11 11.10
CA MET I 127 31.69 16.98 12.02
C MET I 127 32.81 15.98 11.75
N SER I 128 33.44 16.04 10.58
CA SER I 128 34.57 15.16 10.31
C SER I 128 35.74 15.47 11.24
N SER I 129 35.94 16.74 11.58
CA SER I 129 37.00 17.09 12.52
C SER I 129 36.70 16.57 13.91
N ILE I 130 35.44 16.63 14.33
CA ILE I 130 35.09 16.27 15.70
C ILE I 130 35.16 14.76 15.90
N MET I 131 34.56 13.99 15.00
CA MET I 131 34.60 12.54 15.10
C MET I 131 36.00 12.02 14.86
N ASP I 132 36.49 11.18 15.76
CA ASP I 132 37.76 10.50 15.58
C ASP I 132 37.60 9.04 15.91
N LYS I 133 38.34 8.19 15.20
CA LYS I 133 38.16 6.75 15.32
C LYS I 133 38.56 6.24 16.70
N TRP I 134 39.66 6.76 17.24
CA TRP I 134 40.15 6.30 18.54
C TRP I 134 39.18 6.70 19.64
N TYR I 135 39.08 5.84 20.64
CA TYR I 135 38.15 6.07 21.74
C TYR I 135 38.65 7.20 22.63
N GLY I 136 37.76 8.12 22.97
CA GLY I 136 38.08 9.23 23.83
C GLY I 136 38.66 10.44 23.15
N GLU I 137 38.98 10.35 21.85
CA GLU I 137 39.59 11.47 21.16
C GLU I 137 38.59 12.54 20.79
N SER I 138 37.36 12.16 20.44
CA SER I 138 36.34 13.15 20.06
C SER I 138 35.97 14.04 21.24
N ASN I 139 35.88 13.46 22.44
CA ASN I 139 35.59 14.24 23.63
C ASN I 139 36.70 15.24 23.92
N LYS I 140 37.96 14.82 23.75
CA LYS I 140 39.07 15.75 23.93
C LYS I 140 39.05 16.84 22.87
N ILE I 141 38.66 16.49 21.64
CA ILE I 141 38.58 17.47 20.56
C ILE I 141 37.52 18.53 20.88
N VAL I 142 36.36 18.09 21.37
CA VAL I 142 35.29 19.02 21.72
C VAL I 142 35.69 19.90 22.90
N ASP I 143 36.35 19.30 23.90
CA ASP I 143 36.84 20.08 25.04
C ASP I 143 37.85 21.13 24.60
N ALA I 144 38.76 20.76 23.70
CA ALA I 144 39.72 21.73 23.19
C ALA I 144 39.06 22.77 22.31
N MET I 145 37.99 22.41 21.61
CA MET I 145 37.26 23.38 20.80
C MET I 145 36.63 24.45 21.67
N PHE I 146 35.99 24.03 22.76
CA PHE I 146 35.41 25.01 23.68
C PHE I 146 36.49 25.79 24.41
N SER I 147 37.62 25.15 24.69
CA SER I 147 38.74 25.87 25.32
C SER I 147 39.29 26.95 24.39
N LEU I 148 39.43 26.64 23.10
CA LEU I 148 39.89 27.63 22.13
C LEU I 148 38.87 28.73 21.95
N ALA I 149 37.58 28.38 21.98
CA ALA I 149 36.52 29.39 21.92
C ALA I 149 36.60 30.33 23.12
N ASN I 150 36.88 29.78 24.31
CA ASN I 150 37.04 30.62 25.49
C ASN I 150 38.30 31.49 25.39
N LYS I 151 39.36 30.95 24.78
CA LYS I 151 40.62 31.69 24.69
C LYS I 151 40.48 32.91 23.79
N LEU I 152 39.95 32.72 22.60
CA LEU I 152 39.65 33.84 21.69
C LEU I 152 38.35 34.45 22.18
N GLN I 153 38.44 35.55 22.92
CA GLN I 153 37.29 36.00 23.71
C GLN I 153 36.06 36.34 22.88
N PRO I 154 36.10 37.20 21.82
CA PRO I 154 34.92 37.30 20.97
C PRO I 154 34.91 36.16 19.96
N CYS I 155 34.11 35.14 20.25
CA CYS I 155 34.11 33.97 19.38
C CYS I 155 32.75 33.43 19.00
N ILE I 156 32.63 33.02 17.75
CA ILE I 156 31.41 32.43 17.24
C ILE I 156 31.74 31.02 16.77
N ILE I 157 31.14 30.03 17.41
CA ILE I 157 31.25 28.65 16.96
C ILE I 157 30.07 28.39 16.05
N PHE I 158 30.33 28.05 14.80
CA PHE I 158 29.28 27.82 13.83
C PHE I 158 29.25 26.35 13.47
N ILE I 159 28.16 25.68 13.80
CA ILE I 159 27.96 24.30 13.37
C ILE I 159 26.98 24.34 12.21
N ASP I 160 27.51 24.32 10.99
CA ASP I 160 26.65 24.20 9.83
C ASP I 160 26.03 22.80 9.83
N GLN I 161 24.75 22.75 9.46
CA GLN I 161 23.95 21.53 9.53
C GLN I 161 23.97 20.95 10.94
N ILE I 162 23.44 21.74 11.87
CA ILE I 162 23.41 21.36 13.28
C ILE I 162 22.38 20.28 13.57
N ASP I 163 21.52 19.96 12.59
CA ASP I 163 20.53 18.91 12.79
C ASP I 163 21.18 17.56 13.03
N SER I 164 22.25 17.25 12.29
CA SER I 164 22.89 15.94 12.44
C SER I 164 23.77 15.88 13.69
N PHE I 165 24.45 16.96 14.04
CA PHE I 165 25.26 16.99 15.26
C PHE I 165 24.36 16.94 16.47
N LEU I 166 23.26 17.69 16.45
CA LEU I 166 22.40 17.83 17.62
C LEU I 166 21.09 17.07 17.44
N ARG I 167 21.15 15.91 16.81
CA ARG I 167 19.95 15.13 16.55
C ARG I 167 19.39 14.56 17.85
N GLU I 168 18.16 14.06 17.77
CA GLU I 168 17.50 13.52 18.95
C GLU I 168 18.24 12.28 19.44
N ARG I 169 18.27 12.11 20.76
CA ARG I 169 19.01 11.00 21.35
C ARG I 169 18.17 9.73 21.31
N SER I 170 18.81 8.62 20.95
CA SER I 170 18.15 7.34 20.88
C SER I 170 19.15 6.24 21.19
N SER I 171 18.63 5.10 21.65
CA SER I 171 19.48 3.98 22.00
C SER I 171 20.19 3.37 20.80
N THR I 172 19.66 3.57 19.59
CA THR I 172 20.32 3.08 18.39
C THR I 172 21.58 3.87 18.07
N ASP I 173 21.73 5.07 18.63
CA ASP I 173 22.94 5.85 18.42
C ASP I 173 24.13 5.20 19.14
N HIS I 174 25.32 5.44 18.60
CA HIS I 174 26.54 4.86 19.16
C HIS I 174 26.82 5.45 20.55
N GLU I 175 27.51 4.66 21.37
CA GLU I 175 27.86 5.11 22.71
C GLU I 175 28.78 6.32 22.66
N VAL I 176 29.70 6.34 21.70
CA VAL I 176 30.62 7.47 21.55
C VAL I 176 29.83 8.74 21.21
N THR I 177 28.83 8.63 20.33
CA THR I 177 28.02 9.79 19.99
C THR I 177 27.20 10.28 21.19
N ALA I 178 26.67 9.34 21.98
CA ALA I 178 25.89 9.73 23.16
C ALA I 178 26.75 10.45 24.17
N THR I 179 27.96 9.93 24.42
CA THR I 179 28.87 10.59 25.34
C THR I 179 29.31 11.94 24.80
N LEU I 180 29.57 12.03 23.49
CA LEU I 180 29.97 13.30 22.88
C LEU I 180 28.87 14.35 23.02
N LYS I 181 27.62 13.95 22.78
CA LYS I 181 26.51 14.88 22.96
C LYS I 181 26.36 15.27 24.42
N ALA I 182 26.65 14.34 25.34
CA ALA I 182 26.58 14.67 26.77
C ALA I 182 27.61 15.72 27.15
N GLU I 183 28.86 15.56 26.70
CA GLU I 183 29.87 16.56 27.03
C GLU I 183 29.61 17.87 26.30
N PHE I 184 29.00 17.82 25.13
CA PHE I 184 28.62 19.06 24.45
C PHE I 184 27.52 19.79 25.22
N MET I 185 26.55 19.04 25.76
CA MET I 185 25.53 19.63 26.62
C MET I 185 26.16 20.24 27.85
N THR I 186 27.13 19.55 28.45
CA THR I 186 27.78 20.03 29.66
C THR I 186 28.58 21.30 29.39
N LEU I 187 29.38 21.31 28.32
CA LEU I 187 30.24 22.45 28.03
C LEU I 187 29.43 23.63 27.51
N TRP I 188 28.32 23.37 26.82
CA TRP I 188 27.43 24.45 26.40
C TRP I 188 26.84 25.15 27.61
N ASP I 189 26.44 24.39 28.62
CA ASP I 189 26.02 24.97 29.88
C ASP I 189 27.21 25.61 30.57
N GLY I 190 26.98 26.74 31.23
CA GLY I 190 28.05 27.51 31.81
C GLY I 190 28.74 28.44 30.84
N LEU I 191 28.35 28.42 29.57
CA LEU I 191 28.83 29.39 28.60
C LEU I 191 27.95 30.62 28.53
N LEU I 192 26.84 30.65 29.28
CA LEU I 192 25.98 31.82 29.29
C LEU I 192 26.66 33.01 29.98
N ASN I 193 27.44 32.74 31.03
CA ASN I 193 28.21 33.80 31.66
C ASN I 193 29.27 34.34 30.70
N ASN I 194 29.90 33.46 29.93
CA ASN I 194 30.84 33.88 28.88
C ASN I 194 30.01 34.38 27.71
N GLY I 195 29.53 35.62 27.83
CA GLY I 195 28.65 36.20 26.83
C GLY I 195 29.33 36.51 25.52
N ARG I 196 30.65 36.47 25.48
CA ARG I 196 31.40 36.72 24.26
C ARG I 196 31.70 35.45 23.47
N VAL I 197 31.27 34.29 23.95
CA VAL I 197 31.38 33.04 23.21
C VAL I 197 29.97 32.52 22.95
N MET I 198 29.66 32.26 21.69
CA MET I 198 28.31 31.92 21.29
C MET I 198 28.33 30.82 20.25
N ILE I 199 27.45 29.85 20.42
CA ILE I 199 27.26 28.76 19.46
C ILE I 199 26.17 29.16 18.50
N ILE I 200 26.46 29.07 17.20
CA ILE I 200 25.52 29.43 16.15
C ILE I 200 25.31 28.20 15.27
N GLY I 201 24.07 27.87 15.00
CA GLY I 201 23.74 26.74 14.15
C GLY I 201 22.83 27.14 13.02
N ALA I 202 22.98 26.44 11.90
CA ALA I 202 22.15 26.63 10.73
C ALA I 202 21.67 25.27 10.26
N THR I 203 20.37 25.15 10.03
CA THR I 203 19.80 23.88 9.65
C THR I 203 18.49 24.00 8.89
N ASN I 204 18.26 23.14 7.91
CA ASN I 204 17.00 23.17 7.21
C ASN I 204 15.98 22.26 7.86
N ARG I 205 16.40 21.52 8.87
CA ARG I 205 15.50 20.65 9.62
C ARG I 205 15.67 20.98 11.09
N ILE I 206 14.87 21.93 11.58
CA ILE I 206 14.89 22.24 13.01
C ILE I 206 14.15 21.16 13.80
N ASN I 207 13.22 20.44 13.15
CA ASN I 207 12.48 19.40 13.83
C ASN I 207 13.35 18.19 14.18
N ASP I 208 14.47 18.01 13.48
CA ASP I 208 15.37 16.90 13.78
C ASP I 208 16.32 17.20 14.93
N ILE I 209 16.40 18.46 15.38
CA ILE I 209 17.26 18.79 16.49
C ILE I 209 16.65 18.26 17.79
N ASP I 210 17.51 17.84 18.71
CA ASP I 210 17.06 17.34 20.00
C ASP I 210 16.40 18.47 20.79
N ASP I 211 15.40 18.10 21.59
CA ASP I 211 14.61 19.09 22.32
C ASP I 211 15.47 19.82 23.34
N ALA I 212 16.35 19.10 24.03
CA ALA I 212 17.25 19.75 24.97
C ALA I 212 18.23 20.68 24.27
N PHE I 213 18.79 20.22 23.14
CA PHE I 213 19.69 21.06 22.38
C PHE I 213 18.96 22.25 21.78
N LEU I 214 17.68 22.06 21.42
CA LEU I 214 16.87 23.18 20.96
C LEU I 214 16.63 24.18 22.08
N ARG I 215 16.52 23.69 23.31
CA ARG I 215 16.36 24.59 24.45
C ARG I 215 17.64 25.40 24.56
N ARG I 216 18.78 24.75 24.35
CA ARG I 216 20.06 25.44 24.41
C ARG I 216 20.19 26.54 23.36
N LEU I 217 19.31 26.60 22.36
CA LEU I 217 19.30 27.65 21.34
C LEU I 217 18.07 28.51 21.53
N PRO I 218 18.14 29.58 22.32
CA PRO I 218 16.94 30.41 22.56
C PRO I 218 16.63 31.36 21.41
N LYS I 219 17.68 31.87 20.75
CA LYS I 219 17.52 32.80 19.65
C LYS I 219 17.38 32.01 18.35
N ARG I 220 16.28 32.23 17.64
CA ARG I 220 16.03 31.52 16.40
C ARG I 220 15.62 32.45 15.25
N PHE I 221 16.46 32.56 14.23
CA PHE I 221 16.18 33.39 13.07
C PHE I 221 15.59 32.51 11.98
N LEU I 222 14.33 32.74 11.65
CA LEU I 222 13.63 31.96 10.64
C LEU I 222 13.86 32.65 9.30
N VAL I 223 14.67 32.02 8.45
CA VAL I 223 14.98 32.53 7.12
C VAL I 223 14.11 31.74 6.16
N SER I 224 12.89 32.23 5.93
CA SER I 224 11.92 31.51 5.12
C SER I 224 12.11 31.84 3.64
N LEU I 225 11.25 31.27 2.81
CA LEU I 225 11.33 31.51 1.37
C LEU I 225 11.02 32.98 1.08
N PRO I 226 11.64 33.57 0.06
CA PRO I 226 11.45 35.00 -0.19
C PRO I 226 10.04 35.32 -0.63
N GLY I 227 9.57 36.50 -0.23
CA GLY I 227 8.37 37.06 -0.80
C GLY I 227 8.67 37.74 -2.11
N SER I 228 7.62 38.30 -2.72
CA SER I 228 7.78 38.96 -4.01
C SER I 228 8.71 40.16 -3.92
N ASP I 229 8.51 40.99 -2.89
CA ASP I 229 9.43 42.09 -2.65
C ASP I 229 10.83 41.59 -2.31
N GLN I 230 10.91 40.56 -1.46
CA GLN I 230 12.20 39.96 -1.16
C GLN I 230 12.82 39.31 -2.39
N ARG I 231 12.00 38.73 -3.26
CA ARG I 231 12.52 38.17 -4.50
C ARG I 231 13.09 39.25 -5.40
N TYR I 232 12.43 40.41 -5.46
CA TYR I 232 12.98 41.52 -6.22
C TYR I 232 14.31 41.98 -5.62
N LYS I 233 14.40 42.02 -4.29
CA LYS I 233 15.64 42.44 -3.64
C LYS I 233 16.78 41.44 -3.93
N ILE I 234 16.48 40.15 -3.87
CA ILE I 234 17.47 39.12 -4.18
C ILE I 234 17.89 39.22 -5.63
N LEU I 235 16.95 39.49 -6.53
CA LEU I 235 17.27 39.62 -7.95
C LEU I 235 18.14 40.84 -8.19
N SER I 236 17.86 41.96 -7.52
CA SER I 236 18.69 43.15 -7.65
C SER I 236 20.10 42.90 -7.11
N VAL I 237 20.20 42.12 -6.04
CA VAL I 237 21.52 41.77 -5.51
C VAL I 237 22.26 40.84 -6.48
N LEU I 238 21.56 39.87 -7.06
CA LEU I 238 22.21 38.89 -7.92
C LEU I 238 22.69 39.53 -9.22
N LEU I 239 21.84 40.32 -9.87
CA LEU I 239 22.23 41.00 -11.10
C LEU I 239 23.00 42.29 -10.86
N LYS I 240 23.50 42.51 -9.64
CA LYS I 240 24.49 43.54 -9.41
C LYS I 240 25.77 43.19 -10.16
N ASP I 241 26.48 44.21 -10.64
CA ASP I 241 27.65 44.08 -11.49
C ASP I 241 27.35 43.33 -12.78
N THR I 242 26.10 43.35 -13.22
CA THR I 242 25.67 42.71 -14.45
C THR I 242 24.89 43.73 -15.28
N LYS I 243 25.25 43.85 -16.56
CA LYS I 243 24.63 44.86 -17.41
C LYS I 243 23.18 44.50 -17.70
N LEU I 244 22.28 45.44 -17.44
CA LEU I 244 20.86 45.27 -17.68
C LEU I 244 20.37 46.39 -18.58
N ASP I 245 19.48 46.06 -19.51
CA ASP I 245 18.93 47.05 -20.41
C ASP I 245 18.01 48.00 -19.64
N GLU I 246 18.19 49.30 -19.85
CA GLU I 246 17.39 50.27 -19.11
C GLU I 246 15.94 50.29 -19.59
N ASP I 247 15.73 50.10 -20.88
CA ASP I 247 14.39 50.23 -21.45
C ASP I 247 13.66 48.90 -21.60
N GLU I 248 14.33 47.77 -21.42
CA GLU I 248 13.71 46.46 -21.64
C GLU I 248 13.69 45.58 -20.41
N PHE I 249 14.74 45.61 -19.59
CA PHE I 249 14.79 44.78 -18.39
C PHE I 249 13.95 45.39 -17.28
N ASP I 250 13.04 44.60 -16.74
CA ASP I 250 12.26 44.97 -15.56
C ASP I 250 12.28 43.82 -14.59
N LEU I 251 12.36 44.13 -13.30
CA LEU I 251 12.56 43.11 -12.28
C LEU I 251 11.28 42.71 -11.56
N GLN I 252 10.26 43.58 -11.54
CA GLN I 252 9.03 43.25 -10.85
C GLN I 252 8.31 42.08 -11.50
N LEU I 253 8.32 42.04 -12.84
CA LEU I 253 7.68 40.93 -13.55
C LEU I 253 8.40 39.62 -13.26
N ILE I 254 9.73 39.65 -13.19
CA ILE I 254 10.50 38.45 -12.88
C ILE I 254 10.23 38.00 -11.44
N ALA I 255 10.17 38.95 -10.50
CA ALA I 255 9.91 38.61 -9.11
C ALA I 255 8.51 38.01 -8.93
N ASP I 256 7.52 38.56 -9.64
CA ASP I 256 6.19 37.98 -9.60
C ASP I 256 6.13 36.65 -10.35
N ASN I 257 7.04 36.44 -11.30
CA ASN I 257 7.07 35.20 -12.06
C ASN I 257 7.62 34.05 -11.22
N THR I 258 8.67 34.31 -10.44
CA THR I 258 9.36 33.27 -9.68
C THR I 258 8.59 32.98 -8.39
N LYS I 259 7.49 32.27 -8.53
CA LYS I 259 6.68 31.92 -7.38
C LYS I 259 7.33 30.79 -6.59
N GLY I 260 7.53 31.01 -5.30
CA GLY I 260 8.11 29.99 -4.44
C GLY I 260 9.54 29.63 -4.77
N PHE I 261 10.30 30.60 -5.28
CA PHE I 261 11.68 30.38 -5.68
C PHE I 261 12.59 30.73 -4.51
N SER I 262 13.44 29.78 -4.13
CA SER I 262 14.44 30.08 -3.11
C SER I 262 15.53 30.95 -3.72
N GLY I 263 16.40 31.48 -2.86
CA GLY I 263 17.48 32.34 -3.33
C GLY I 263 18.43 31.62 -4.27
N SER I 264 18.72 30.34 -4.00
CA SER I 264 19.56 29.55 -4.89
C SER I 264 18.86 29.29 -6.21
N ASP I 265 17.54 29.10 -6.19
CA ASP I 265 16.81 28.95 -7.44
C ASP I 265 16.93 30.20 -8.29
N LEU I 266 16.84 31.37 -7.66
CA LEU I 266 17.02 32.63 -8.40
C LEU I 266 18.45 32.78 -8.90
N LYS I 267 19.43 32.31 -8.12
CA LYS I 267 20.81 32.37 -8.58
C LYS I 267 21.02 31.51 -9.82
N GLU I 268 20.44 30.30 -9.82
CA GLU I 268 20.54 29.45 -11.00
C GLU I 268 19.79 30.03 -12.18
N LEU I 269 18.62 30.63 -11.94
CA LEU I 269 17.87 31.28 -13.01
C LEU I 269 18.66 32.43 -13.61
N CYS I 270 19.30 33.25 -12.75
CA CYS I 270 20.12 34.35 -13.25
C CYS I 270 21.31 33.83 -14.04
N ARG I 271 21.96 32.76 -13.57
CA ARG I 271 23.10 32.20 -14.27
C ARG I 271 22.69 31.66 -15.64
N GLU I 272 21.58 30.91 -15.70
CA GLU I 272 21.10 30.38 -16.96
C GLU I 272 20.69 31.49 -17.92
N ALA I 273 19.99 32.51 -17.42
CA ALA I 273 19.56 33.61 -18.26
C ALA I 273 20.75 34.37 -18.81
N ALA I 274 21.76 34.62 -17.98
CA ALA I 274 22.95 35.33 -18.43
C ALA I 274 23.69 34.51 -19.47
N LEU I 275 23.79 33.19 -19.26
CA LEU I 275 24.47 32.33 -20.24
C LEU I 275 23.73 32.32 -21.57
N ASP I 276 22.40 32.20 -21.54
CA ASP I 276 21.63 32.15 -22.77
C ASP I 276 21.64 33.49 -23.48
N ALA I 277 21.68 34.60 -22.73
CA ALA I 277 21.72 35.90 -23.35
C ALA I 277 23.09 36.19 -23.95
N ALA I 278 24.16 35.74 -23.31
CA ALA I 278 25.50 36.03 -23.77
C ALA I 278 26.07 34.96 -24.69
N LYS I 279 25.31 33.90 -24.97
CA LYS I 279 25.81 32.80 -25.80
C LYS I 279 26.35 33.26 -27.14
N GLU I 280 25.80 34.35 -27.68
CA GLU I 280 26.40 34.97 -28.86
C GLU I 280 27.82 35.42 -28.58
N TYR I 281 28.05 36.07 -27.43
CA TYR I 281 29.37 36.58 -27.11
C TYR I 281 30.36 35.45 -26.86
N ILE I 282 29.95 34.42 -26.12
CA ILE I 282 30.82 33.25 -25.94
C ILE I 282 31.11 32.54 -27.25
N LYS I 283 30.12 32.37 -28.13
CA LYS I 283 30.45 31.67 -29.37
C LYS I 283 31.35 32.53 -30.25
N GLN I 284 31.20 33.84 -30.18
CA GLN I 284 32.12 34.71 -30.91
C GLN I 284 33.54 34.61 -30.33
N LYS I 285 33.65 34.50 -29.01
CA LYS I 285 34.96 34.37 -28.38
C LYS I 285 35.61 33.03 -28.73
N ARG I 286 34.82 31.98 -28.78
CA ARG I 286 35.35 30.67 -29.17
C ARG I 286 35.79 30.72 -30.63
N GLN I 287 34.95 31.29 -31.50
CA GLN I 287 35.31 31.40 -32.91
C GLN I 287 36.54 32.26 -33.11
N LEU I 288 36.63 33.37 -32.36
CA LEU I 288 37.76 34.27 -32.48
C LEU I 288 38.78 34.02 -31.38
N LEU I 302 31.64 41.08 -29.53
CA LEU I 302 32.54 42.11 -29.04
C LEU I 302 32.27 42.43 -27.58
N LYS I 303 31.02 42.76 -27.26
CA LYS I 303 30.66 43.10 -25.89
C LYS I 303 29.56 42.17 -25.38
N ILE I 304 29.37 42.21 -24.06
CA ILE I 304 28.27 41.45 -23.45
C ILE I 304 26.96 42.09 -23.83
N ARG I 305 26.05 41.28 -24.37
CA ARG I 305 24.71 41.77 -24.66
C ARG I 305 24.00 42.10 -23.35
N PRO I 306 23.37 43.27 -23.23
CA PRO I 306 22.66 43.60 -22.00
C PRO I 306 21.50 42.64 -21.76
N LEU I 307 21.24 42.37 -20.48
CA LEU I 307 20.20 41.41 -20.12
C LEU I 307 18.83 41.97 -20.44
N LYS I 308 18.00 41.16 -21.08
CA LYS I 308 16.64 41.53 -21.44
C LYS I 308 15.65 40.78 -20.56
N THR I 309 14.41 41.26 -20.56
CA THR I 309 13.35 40.57 -19.85
C THR I 309 13.06 39.21 -20.47
N LYS I 310 13.17 39.11 -21.81
CA LYS I 310 12.85 37.87 -22.49
C LYS I 310 13.78 36.74 -22.08
N ASP I 311 15.03 37.06 -21.69
CA ASP I 311 15.98 36.03 -21.31
C ASP I 311 15.54 35.31 -20.04
N PHE I 312 14.99 36.05 -19.09
CA PHE I 312 14.39 35.42 -17.92
C PHE I 312 13.02 34.85 -18.23
N THR I 313 12.33 35.41 -19.23
CA THR I 313 10.96 34.99 -19.53
C THR I 313 10.94 33.58 -20.14
N LYS I 314 11.81 33.32 -21.12
CA LYS I 314 11.79 31.99 -21.74
C LYS I 314 12.38 30.94 -20.82
N LYS I 315 13.24 31.35 -19.89
CA LYS I 315 13.86 30.40 -18.96
C LYS I 315 12.88 30.03 -17.86
N LEU I 316 11.98 30.94 -17.53
CA LEU I 316 10.97 30.68 -16.51
C LEU I 316 9.78 29.91 -17.09
N ARG I 317 8.95 29.39 -16.19
CA ARG I 317 7.83 28.55 -16.57
C ARG I 317 6.47 29.23 -16.38
N MET I 318 6.45 30.56 -16.22
CA MET I 318 5.22 31.33 -16.08
C MET I 318 4.34 30.89 -14.92
N UNK J 1 -22.57 -6.72 -1.55
CA UNK J 1 -21.78 -5.80 -0.74
C UNK J 1 -20.36 -5.65 -1.27
N UNK J 2 -19.61 -4.72 -0.70
CA UNK J 2 -18.24 -4.49 -1.14
C UNK J 2 -17.34 -4.11 0.03
N UNK J 3 -16.02 -4.30 -0.14
CA UNK J 3 -15.09 -3.97 0.93
C UNK J 3 -13.81 -3.28 0.47
N UNK J 4 -13.16 -2.55 1.38
CA UNK J 4 -11.91 -1.86 1.06
C UNK J 4 -10.95 -2.10 2.22
N UNK J 5 -9.65 -1.92 2.01
CA UNK J 5 -8.69 -2.27 3.07
C UNK J 5 -7.62 -1.24 3.48
N UNK J 6 -7.05 -1.41 4.67
CA UNK J 6 -6.04 -0.47 5.18
C UNK J 6 -4.78 -1.26 5.61
N UNK J 7 -3.63 -0.60 5.77
CA UNK J 7 -2.39 -1.34 6.08
C UNK J 7 -1.44 -0.82 7.20
N UNK J 8 -0.56 -1.68 7.71
CA UNK J 8 0.38 -1.30 8.79
C UNK J 8 1.85 -1.71 8.52
N UNK J 9 2.83 -1.10 9.20
CA UNK J 9 4.27 -1.37 8.89
C UNK J 9 5.26 -1.70 10.04
N UNK J 10 6.39 -2.34 9.72
CA UNK J 10 7.42 -2.70 10.73
C UNK J 10 8.85 -2.32 10.32
N UNK J 11 9.81 -2.26 11.27
CA UNK J 11 11.17 -1.78 10.95
C UNK J 11 12.42 -2.60 11.41
N UNK J 12 13.58 -2.38 10.80
CA UNK J 12 14.82 -3.13 11.14
C UNK J 12 16.03 -2.24 11.42
N UNK J 13 17.09 -2.77 12.05
CA UNK J 13 18.24 -1.93 12.45
C UNK J 13 19.66 -2.38 12.04
N UNK J 14 20.62 -1.47 12.04
CA UNK J 14 22.03 -1.77 11.67
C UNK J 14 23.03 -1.19 12.66
N UNK J 15 24.28 -1.68 12.67
CA UNK J 15 25.25 -1.22 13.67
C UNK J 15 26.61 -0.73 13.14
N UNK J 16 27.30 0.09 13.92
CA UNK J 16 28.62 0.62 13.53
C UNK J 16 29.62 0.43 14.65
N UNK J 17 30.91 0.47 14.35
CA UNK J 17 31.92 0.20 15.37
C UNK J 17 33.00 1.25 15.53
N UNK J 18 33.51 1.43 16.75
CA UNK J 18 34.60 2.37 16.99
C UNK J 18 35.80 1.62 17.50
N UNK J 19 36.98 1.91 16.95
CA UNK J 19 38.18 1.17 17.33
C UNK J 19 39.08 1.96 18.27
N UNK J 20 39.40 1.37 19.42
CA UNK J 20 40.26 2.05 20.38
C UNK J 20 41.74 1.98 20.00
PG ATP K . -31.89 -25.03 -21.06
O1G ATP K . -31.77 -23.61 -21.51
O2G ATP K . -33.12 -25.30 -20.21
O3G ATP K . -30.65 -25.54 -20.32
PB ATP K . -31.17 -26.56 -23.52
O1B ATP K . -31.95 -26.61 -24.77
O2B ATP K . -29.88 -25.75 -23.56
O3B ATP K . -32.03 -26.00 -22.31
PA ATP K . -30.34 -29.38 -23.63
O1A ATP K . -28.95 -29.32 -24.14
O2A ATP K . -31.39 -29.73 -24.67
O3A ATP K . -30.78 -28.01 -22.99
O5' ATP K . -30.50 -30.38 -22.42
C5' ATP K . -31.76 -31.07 -22.18
C4' ATP K . -31.70 -32.44 -22.79
O4' ATP K . -32.34 -32.41 -24.07
C3' ATP K . -30.28 -32.96 -23.07
O3' ATP K . -29.71 -33.62 -21.94
C2' ATP K . -30.48 -33.89 -24.27
O2' ATP K . -30.53 -35.26 -23.91
C1' ATP K . -31.84 -33.46 -24.87
N9 ATP K . -31.77 -32.99 -26.25
C8 ATP K . -32.23 -31.78 -26.71
N7 ATP K . -32.05 -31.59 -27.99
C5 ATP K . -31.43 -32.75 -28.41
C6 ATP K . -30.98 -33.19 -29.67
N6 ATP K . -31.07 -32.46 -30.78
N1 ATP K . -30.40 -34.41 -29.75
C2 ATP K . -30.31 -35.15 -28.63
N3 ATP K . -30.70 -34.85 -27.40
C4 ATP K . -31.26 -33.62 -27.34
MG MG L . -29.03 -25.99 -21.05
PG ATP M . -24.62 0.84 -27.64
O1G ATP M . -25.80 0.04 -27.25
O2G ATP M . -23.30 0.07 -27.64
O3G ATP M . -24.43 2.09 -26.78
PB ATP M . -24.09 2.42 -30.09
O1B ATP M . -25.08 3.33 -30.71
O2B ATP M . -22.97 3.09 -29.32
O3B ATP M . -24.77 1.38 -29.12
PA ATP M . -21.95 1.26 -31.72
O1A ATP M . -21.03 0.82 -30.67
O2A ATP M . -21.56 2.57 -32.40
O3A ATP M . -23.40 1.49 -31.17
O5' ATP M . -22.10 0.14 -32.82
C5' ATP M . -23.20 0.14 -33.75
C4' ATP M . -22.71 -0.46 -35.05
O4' ATP M . -23.72 -0.29 -36.06
C3' ATP M . -21.44 0.18 -35.59
O3' ATP M . -20.30 -0.57 -35.22
C2' ATP M . -21.67 0.15 -37.11
O2' ATP M . -21.28 -1.09 -37.67
C1' ATP M . -23.18 0.35 -37.20
N9 ATP M . -23.60 1.75 -37.17
C8 ATP M . -24.41 2.35 -36.24
N7 ATP M . -24.61 3.63 -36.45
C5 ATP M . -23.87 3.90 -37.58
C6 ATP M . -23.65 5.07 -38.32
N6 ATP M . -24.21 6.24 -38.01
N1 ATP M . -22.88 4.99 -39.42
C2 ATP M . -22.34 3.82 -39.74
N3 ATP M . -22.46 2.64 -39.12
C4 ATP M . -23.25 2.75 -38.05
MG MG N . -21.89 1.78 -27.19
PG ATP O . -24.00 21.46 -8.51
O1G ATP O . -24.32 21.25 -7.06
O2G ATP O . -24.67 20.46 -9.42
O3G ATP O . -22.54 21.71 -8.80
PB ATP O . -24.09 24.27 -8.48
O1B ATP O . -25.25 25.21 -8.35
O2B ATP O . -23.22 24.05 -7.27
O3B ATP O . -24.69 22.85 -8.92
PA ATP O . -23.19 26.24 -10.25
O1A ATP O . -22.73 27.11 -9.12
O2A ATP O . -24.53 26.48 -10.88
O3A ATP O . -23.17 24.71 -9.73
O5' ATP O . -22.10 26.36 -11.42
C5' ATP O . -22.40 25.93 -12.75
C4' ATP O . -22.61 27.06 -13.75
O4' ATP O . -23.95 27.56 -13.73
C3' ATP O . -21.69 28.24 -13.52
O3' ATP O . -20.58 28.20 -14.42
C2' ATP O . -22.54 29.46 -13.80
O2' ATP O . -22.08 30.13 -14.97
C1' ATP O . -23.96 28.96 -14.01
N9 ATP O . -24.85 29.65 -13.04
C8 ATP O . -25.58 29.02 -12.12
N7 ATP O . -26.29 29.88 -11.36
C5 ATP O . -26.01 31.12 -11.80
C6 ATP O . -26.42 32.49 -11.43
N6 ATP O . -27.30 32.66 -10.42
N1 ATP O . -25.90 33.52 -12.12
C2 ATP O . -25.03 33.31 -13.13
N3 ATP O . -24.61 32.09 -13.52
C4 ATP O . -25.06 30.97 -12.91
MG MG P . -21.12 22.66 -7.47
PG ATP Q . -23.23 16.23 19.28
O1G ATP Q . -22.92 14.96 20.04
O2G ATP Q . -23.79 15.99 17.91
O3G ATP Q . -22.13 17.27 19.32
PB ATP Q . -24.27 17.62 21.52
O1B ATP Q . -25.51 17.33 22.30
O2B ATP Q . -22.95 17.21 22.09
O3B ATP Q . -24.45 16.91 20.08
PA ATP Q . -23.40 20.26 21.98
O1A ATP Q . -22.06 20.42 21.31
O2A ATP Q . -23.46 19.91 23.45
O3A ATP Q . -24.26 19.18 21.15
O5' ATP Q . -24.21 21.62 21.77
C5' ATP Q . -23.73 22.57 20.83
C4' ATP Q . -24.24 23.97 21.15
O4' ATP Q . -25.65 23.96 21.40
C3' ATP Q . -23.58 24.54 22.39
O3' ATP Q . -22.51 25.42 22.04
C2' ATP Q . -24.68 25.28 23.11
O2' ATP Q . -24.53 26.70 22.95
C1' ATP Q . -25.99 24.82 22.49
N9 ATP Q . -26.70 24.04 23.52
C8 ATP Q . -26.94 22.73 23.44
N7 ATP Q . -27.60 22.27 24.53
C5 ATP Q . -27.77 23.33 25.35
C6 ATP Q . -28.38 23.54 26.67
N6 ATP Q . -28.96 22.51 27.34
N1 ATP Q . -28.36 24.79 27.19
C2 ATP Q . -27.80 25.81 26.52
N3 ATP Q . -27.22 25.69 25.31
C4 ATP Q . -27.18 24.49 24.68
MG MG R . -20.72 16.55 20.86
PG ATP S . -16.43 -8.75 29.50
O1G ATP S . -14.93 -8.65 29.59
O2G ATP S . -16.91 -10.02 28.85
O3G ATP S . -17.10 -7.54 28.94
PB ATP S . -16.27 -9.55 32.23
O1B ATP S . -14.84 -9.08 32.28
O2B ATP S . -16.58 -11.02 32.16
O3B ATP S . -17.01 -8.82 31.01
PA ATP S . -16.26 -8.94 34.96
O1A ATP S . -15.18 -7.90 34.94
O2A ATP S . -15.91 -10.36 35.34
O3A ATP S . -17.00 -8.96 33.52
O5' ATP S . -17.41 -8.41 35.94
C5' ATP S . -17.55 -7.02 36.12
C4' ATP S . -18.26 -6.70 37.42
O4' ATP S . -19.48 -7.43 37.50
C3' ATP S . -17.42 -7.09 38.62
O3' ATP S . -16.85 -5.94 39.25
C2' ATP S . -18.39 -7.78 39.57
O2' ATP S . -18.63 -6.95 40.71
C1' ATP S . -19.67 -8.00 38.79
N9 ATP S . -19.88 -9.45 38.63
C8 ATP S . -19.84 -10.09 37.45
N7 ATP S . -20.08 -11.42 37.61
C5 ATP S . -20.28 -11.63 38.91
C6 ATP S . -20.57 -12.81 39.75
N6 ATP S . -20.70 -14.03 39.18
N1 ATP S . -20.70 -12.62 41.08
C2 ATP S . -20.57 -11.40 41.64
N3 ATP S . -20.31 -10.29 40.93
C4 ATP S . -20.15 -10.33 39.60
MG MG T . -12.97 -8.96 31.37
PG ATP U . -1.68 -28.21 15.03
O1G ATP U . -1.43 -28.51 13.58
O2G ATP U . -0.38 -27.85 15.71
O3G ATP U . -2.80 -27.26 15.29
PB ATP U . -1.18 -30.78 16.09
O1B ATP U . -0.78 -31.53 14.86
O2B ATP U . -0.15 -30.19 17.01
O3B ATP U . -2.20 -29.60 15.66
PA ATP U . -1.34 -32.77 18.02
O1A ATP U . -0.55 -32.01 19.05
O2A ATP U . -0.66 -33.84 17.21
O3A ATP U . -2.08 -31.76 16.99
O5' ATP U . -2.57 -33.43 18.82
C5' ATP U . -2.93 -32.89 20.09
C4' ATP U . -3.09 -34.02 21.11
O4' ATP U . -4.03 -34.98 20.63
C3' ATP U . -1.80 -34.75 21.35
O3' ATP U . -1.23 -34.39 22.61
C2' ATP U . -2.16 -36.23 21.35
O2' ATP U . -2.11 -36.74 22.68
C1' ATP U . -3.58 -36.31 20.81
N9 ATP U . -3.53 -36.99 19.51
C8 ATP U . -3.60 -36.37 18.32
N7 ATP U . -3.52 -37.24 17.29
C5 ATP U . -3.39 -38.46 17.82
C6 ATP U . -3.25 -39.82 17.29
N6 ATP U . -3.24 -40.03 15.95
N1 ATP U . -3.13 -40.84 18.17
C2 ATP U . -3.14 -40.62 19.50
N3 ATP U . -3.26 -39.40 20.06
C4 ATP U . -3.39 -38.30 19.28
MG MG V . 1.56 -28.75 15.82
PG ATP W . 12.78 -22.35 -8.06
O1G ATP W . 11.68 -22.38 -7.03
O2G ATP W . 14.19 -22.23 -7.55
O3G ATP W . 12.47 -21.41 -9.18
PB ATP W . 13.41 -24.13 -10.14
O1B ATP W . 12.43 -23.76 -11.21
O2B ATP W . 14.80 -23.53 -10.15
O3B ATP W . 12.72 -23.82 -8.72
PA ATP W . 14.96 -26.47 -9.99
O1A ATP W . 15.59 -26.08 -8.68
O2A ATP W . 15.71 -26.30 -11.28
O3A ATP W . 13.53 -25.73 -10.10
O5' ATP W . 14.52 -28.00 -9.87
C5' ATP W . 15.54 -28.98 -9.68
C4' ATP W . 14.97 -30.38 -9.77
O4' ATP W . 13.89 -30.44 -10.70
C3' ATP W . 16.05 -31.32 -10.23
O3' ATP W . 16.41 -32.23 -9.20
C2' ATP W . 15.47 -32.06 -11.42
O2' ATP W . 15.39 -33.45 -11.13
C1' ATP W . 14.09 -31.49 -11.66
N9 ATP W . 14.02 -30.89 -13.02
C8 ATP W . 13.55 -29.65 -13.26
N7 ATP W . 13.60 -29.35 -14.58
C5 ATP W . 14.13 -30.42 -15.21
C6 ATP W . 14.46 -30.75 -16.61
N6 ATP W . 14.23 -29.87 -17.59
N1 ATP W . 14.98 -31.97 -16.86
C2 ATP W . 15.22 -32.86 -15.87
N3 ATP W . 14.94 -32.62 -14.58
C4 ATP W . 14.40 -31.44 -14.17
MG MG X . 16.13 -22.57 -8.14
PG ATP Y . 20.44 3.59 -15.48
O1G ATP Y . 19.63 4.84 -15.57
O2G ATP Y . 19.64 2.38 -15.11
O3G ATP Y . 21.72 3.76 -14.70
PB ATP Y . 22.20 4.00 -17.61
O1B ATP Y . 22.03 5.50 -17.58
O2B ATP Y . 23.37 3.34 -16.93
O3B ATP Y . 20.87 3.33 -17.01
PA ATP Y . 23.51 3.69 -20.06
O1A ATP Y . 23.66 5.14 -20.39
O2A ATP Y . 24.66 2.95 -19.44
O3A ATP Y . 22.19 3.53 -19.15
O5' ATP Y . 23.12 2.90 -21.40
C5' ATP Y . 23.38 1.50 -21.47
C4' ATP Y . 23.70 1.10 -22.89
O4' ATP Y . 22.67 1.55 -23.77
C3' ATP Y . 24.99 1.71 -23.38
O3' ATP Y . 26.03 0.72 -23.43
C2' ATP Y . 24.70 2.23 -24.76
O2' ATP Y . 25.34 1.41 -25.75
C1' ATP Y . 23.20 2.17 -24.93
N9 ATP Y . 22.65 3.54 -25.01
C8 ATP Y . 21.87 4.11 -24.06
N7 ATP Y . 21.53 5.37 -24.40
C5 ATP Y . 22.09 5.63 -25.60
C6 ATP Y . 22.12 6.77 -26.52
N6 ATP Y . 21.46 7.92 -26.21
N1 ATP Y . 22.82 6.63 -27.67
C2 ATP Y . 23.47 5.51 -27.97
N3 ATP Y . 23.48 4.42 -27.18
C4 ATP Y . 22.82 4.42 -25.99
MG MG Z . 23.90 4.48 -14.90
PG ATP AA . 20.87 25.14 3.28
O1G ATP AA . 19.53 24.71 3.81
O2G ATP AA . 21.40 24.22 2.22
O3G ATP AA . 21.84 25.48 4.38
PB ATP AA . 21.86 27.53 2.32
O1B ATP AA . 21.69 28.58 3.37
O2B ATP AA . 23.13 26.70 2.23
O3B ATP AA . 20.64 26.50 2.46
PA ATP AA . 22.79 29.36 0.44
O1A ATP AA . 24.17 29.01 0.95
O2A ATP AA . 22.22 30.72 0.73
O3A ATP AA . 21.71 28.26 0.89
O5' ATP AA . 22.88 29.20 -1.15
C5' ATP AA . 22.00 29.97 -1.94
C4' ATP AA . 22.70 30.68 -3.08
O4' ATP AA . 21.77 31.61 -3.65
C3' ATP AA . 23.91 31.49 -2.61
O3' ATP AA . 25.07 31.06 -3.31
C2' ATP AA . 23.59 32.93 -2.94
O2' ATP AA . 24.46 33.39 -3.99
C1' ATP AA . 22.15 32.97 -3.43
N9 ATP AA . 21.30 33.57 -2.36
C8 ATP AA . 20.52 32.88 -1.50
N7 ATP AA . 19.87 33.72 -0.65
C5 ATP AA . 20.23 34.96 -0.98
C6 ATP AA . 19.91 36.31 -0.48
N6 ATP AA . 19.05 36.46 0.54
N1 ATP AA . 20.50 37.36 -1.10
C2 ATP AA . 21.35 37.20 -2.12
N3 ATP AA . 21.68 36.00 -2.62
C4 ATP AA . 21.17 34.86 -2.10
MG MG BA . 23.65 26.29 3.97
#